data_7N9C
#
_entry.id   7N9C
#
_cell.length_a   1.00
_cell.length_b   1.00
_cell.length_c   1.00
_cell.angle_alpha   90.00
_cell.angle_beta   90.00
_cell.angle_gamma   90.00
#
_symmetry.space_group_name_H-M   'P 1'
#
loop_
_entity.id
_entity.type
_entity.pdbx_description
1 polymer 'Spike glycoprotein'
2 polymer 'Nanobody NB95'
#
loop_
_entity_poly.entity_id
_entity_poly.type
_entity_poly.pdbx_seq_one_letter_code
_entity_poly.pdbx_strand_id
1 'polypeptide(L)'
;MGGEGLRASPRRRPLLPLQPRGCPRGDGCLRGGRGRAGFGFWRVTGGSSASANHVHAFFFFLQLLGNVLVVVLSHHFGKE
LRPSQAEFGTATMFVFLVLLPLVSSQCVNLTTRTQLPPAYTNSFTRGVYYPDKVFRSSVLHSTQDLFLPFFSNVTWFHAI
HVSGTNGTKRFDNPVLPFNDGVYFASTEKSNIIRGWIFGTTLDSKTQSLLIVNNATNVVIKVCEFQFCNDPFLGVYYHKN
NKSWMESEFRVYSSANNCTFEYVSQPFLMDLEGKQGNFKNLREFVFKNIDGYFKIYSKHTPINLVRDLPQGFSALEPLVD
LPIGINITRFQTLLALHRSYLTPGDSSSGWTAGAAAYYVGYLQPRTFLLKYNENGTITDAVDCALDPLSETKCTLKSFTV
EKGIYQTSNFRVQPTESIVRFPNITNLCPFGEVFNATRFASVYAWNRKRISNCVADYSVLYNSASFSTFKCYGVSPTKLN
DLCFTNVYADSFVIRGDEVRQIAPGQTGKIADYNYKLPDDFTGCVIAWNSNNLDSKVGGNYNYLYRLFRKSNLKPFERDI
STEIYQAGSTPCNGVEGFNCYFPLQSYGFQPTNGVGYQPYRVVVLSFELLHAPATVCGPKKSTNLVKNKCVNFNFNGLTG
TGVLTESNKKFLPFQQFGRDIADTTDAVRDPQTLEILDITPCSFGGVSVITPGTNTSNQVAVLYQDVNCTEVPVAIHADQ
LTPTWRVYSTGSNVFQTRAGCLIGAEHVNNSYECDIPIGAGICASYQTQTNSPGSASSVASQSIIAYTMSLGAENSVAYS
NNSIAIPTNFTISVTTEILPVSMTKTSVDCTMYICGDSTECSNLLLQYGSFCTQLNRALTGIAVEQDKNTQEVFAQVKQI
YKTPPIKDFGGFNFSQILPDPSKPSKRSPIEDLLFNKVTLADAGFIKQYGDCLGDIAARDLICAQKFNGLTVLPPLLTDE
MIAQYTSALLAGTITSGWTFGAGPALQIPFPMQMAYRFNGIGVTQNVLYENQKLIANQFNSAIGKIQDSLSSTPSALGKL
QDVVNQNAQALNTLVKQLSSNFGAISSVLNDILSRLDPPEAEVQIDRLITGRLQSLQTYVTQQLIRAAEIRASANLAATK
MSECVLGQSKRVDFCGKGYHLMSFPQSAPHGVVFLHVTYVPAQEKNFTTAPAICHDGKAHFPREGVFVSNGTHWFVTQRN
FYEPQIITTDNTFVSGNCDVVIGIVNNTVYDPLQPELDSFKEELDKYFKNHTSPDVDLGDISGINASVVNIQKEIDRLNE
VAKNLNESLIDLQELGKYEQGSGYIPEAPRDGQAYVRKDGEWVLLSTFLGRSLEVLFQGPGHHHHHHHHSAWSHPQFEKG
GGSGGGGSGGSAWSHPQFEK
;
A,B,C
2 'polypeptide(L)'
;MASMTGGQQMGRDPNSQVQLVESGGGLVQAGGSLRLSCAASGRTFSSYSMGWFRQAQGKEREFVATINGNGRDTYYTNSV
KGRFTISRDDATNTVYLQMNSLKPEDTAIYYCAADKDVYYGYTSFPNEYEYWGQGTQVTVSSKLAAALEHHHHHH
;
D,E
#
# COMPACT_ATOMS: atom_id res chain seq x y z
N GLN A 115 0.83 -62.26 26.50
CA GLN A 115 0.68 -61.02 25.69
C GLN A 115 1.33 -59.85 26.42
N LEU A 116 1.49 -58.71 25.75
CA LEU A 116 2.06 -57.51 26.44
C LEU A 116 1.16 -56.31 26.16
N PRO A 117 1.01 -55.36 27.12
CA PRO A 117 0.25 -54.15 26.85
C PRO A 117 1.09 -53.09 26.14
N PRO A 118 0.48 -52.21 25.32
CA PRO A 118 1.24 -51.14 24.68
C PRO A 118 1.86 -50.18 25.70
N ALA A 119 3.08 -49.71 25.43
CA ALA A 119 3.77 -48.80 26.37
C ALA A 119 3.97 -47.42 25.72
N TYR A 120 4.10 -46.38 26.53
CA TYR A 120 4.22 -45.01 25.98
C TYR A 120 5.56 -44.40 26.41
N THR A 121 6.16 -43.59 25.53
CA THR A 121 7.47 -42.96 25.85
C THR A 121 7.51 -41.54 25.30
N ASN A 122 8.54 -40.77 25.66
CA ASN A 122 8.63 -39.35 25.26
C ASN A 122 9.66 -39.19 24.15
N SER A 123 9.23 -38.71 22.98
CA SER A 123 10.16 -38.48 21.84
C SER A 123 10.66 -37.06 22.00
N PHE A 124 11.85 -36.91 22.57
CA PHE A 124 12.29 -35.55 22.94
C PHE A 124 12.46 -34.63 21.73
N THR A 125 13.30 -34.98 20.77
CA THR A 125 13.57 -34.05 19.64
C THR A 125 13.78 -34.90 18.40
N ARG A 126 12.94 -35.89 18.21
CA ARG A 126 13.21 -36.83 17.11
C ARG A 126 12.34 -36.52 15.89
N GLY A 127 12.72 -37.04 14.73
CA GLY A 127 11.79 -36.94 13.61
C GLY A 127 11.89 -35.72 12.75
N VAL A 128 13.09 -35.23 12.51
CA VAL A 128 13.24 -34.10 11.55
C VAL A 128 13.92 -34.62 10.28
N TYR A 129 13.35 -34.31 9.13
CA TYR A 129 13.87 -34.80 7.85
C TYR A 129 14.02 -33.62 6.91
N TYR A 130 14.77 -33.82 5.83
CA TYR A 130 15.00 -32.73 4.87
C TYR A 130 13.72 -32.60 4.05
N PRO A 131 12.98 -31.48 4.16
CA PRO A 131 11.70 -31.36 3.50
C PRO A 131 11.85 -31.17 2.00
N ASP A 132 13.08 -30.98 1.55
CA ASP A 132 13.35 -30.76 0.12
C ASP A 132 14.84 -30.95 -0.08
N LYS A 133 15.28 -31.04 -1.32
CA LYS A 133 16.69 -31.38 -1.56
C LYS A 133 17.47 -30.08 -1.76
N VAL A 134 16.97 -29.00 -1.17
CA VAL A 134 17.61 -27.67 -1.33
C VAL A 134 18.80 -27.53 -0.39
N PHE A 135 19.91 -27.03 -0.91
CA PHE A 135 21.10 -26.83 -0.08
C PHE A 135 21.04 -25.42 0.47
N ARG A 136 20.89 -25.32 1.77
CA ARG A 136 20.82 -24.01 2.43
C ARG A 136 21.90 -23.99 3.48
N SER A 137 22.84 -23.06 3.35
CA SER A 137 24.00 -23.04 4.26
C SER A 137 23.98 -21.82 5.17
N SER A 138 24.17 -22.04 6.46
CA SER A 138 24.19 -20.92 7.44
C SER A 138 22.94 -20.08 7.28
N VAL A 139 21.78 -20.74 7.29
CA VAL A 139 20.52 -19.97 7.24
C VAL A 139 19.49 -20.64 8.15
N LEU A 140 18.63 -19.85 8.78
CA LEU A 140 17.54 -20.44 9.57
C LEU A 140 16.28 -20.37 8.72
N HIS A 141 15.76 -21.53 8.31
CA HIS A 141 14.56 -21.57 7.47
C HIS A 141 13.40 -22.21 8.23
N SER A 142 12.21 -21.64 8.08
CA SER A 142 11.02 -22.18 8.76
C SER A 142 10.17 -22.90 7.73
N THR A 143 9.62 -24.04 8.11
CA THR A 143 8.86 -24.86 7.18
C THR A 143 7.45 -25.13 7.66
N GLN A 144 6.50 -25.16 6.73
CA GLN A 144 5.14 -25.61 7.09
C GLN A 144 4.99 -26.97 6.40
N ASP A 145 5.01 -28.05 7.17
CA ASP A 145 5.00 -29.39 6.56
C ASP A 145 4.71 -30.41 7.66
N LEU A 146 4.43 -31.65 7.27
CA LEU A 146 4.11 -32.71 8.24
C LEU A 146 5.41 -33.09 8.96
N PHE A 147 5.37 -33.05 10.27
CA PHE A 147 6.55 -33.43 11.07
C PHE A 147 6.07 -34.16 12.32
N LEU A 148 7.00 -34.80 13.01
CA LEU A 148 6.65 -35.46 14.28
C LEU A 148 6.85 -34.41 15.36
N PRO A 149 5.78 -34.02 16.06
CA PRO A 149 5.91 -32.98 17.07
C PRO A 149 6.93 -33.34 18.17
N PHE A 150 7.62 -32.33 18.68
CA PHE A 150 8.63 -32.57 19.72
C PHE A 150 7.94 -32.97 21.02
N PHE A 151 8.64 -33.74 21.85
CA PHE A 151 8.10 -34.16 23.17
C PHE A 151 6.78 -34.90 22.96
N SER A 152 6.69 -35.64 21.87
CA SER A 152 5.48 -36.42 21.55
C SER A 152 5.51 -37.76 22.27
N ASN A 153 4.47 -38.55 22.07
CA ASN A 153 4.48 -39.93 22.62
C ASN A 153 4.55 -40.90 21.45
N VAL A 154 5.69 -41.56 21.30
CA VAL A 154 5.80 -42.59 20.23
C VAL A 154 5.52 -43.95 20.90
N THR A 155 4.72 -44.78 20.24
CA THR A 155 4.30 -46.06 20.87
C THR A 155 5.48 -47.01 21.05
N TRP A 156 5.50 -47.73 22.16
CA TRP A 156 6.58 -48.72 22.42
C TRP A 156 6.04 -50.12 22.11
N PHE A 157 6.65 -50.81 21.15
CA PHE A 157 6.23 -52.21 20.86
C PHE A 157 7.43 -53.15 20.94
N HIS A 158 7.21 -54.32 21.56
CA HIS A 158 8.29 -55.35 21.57
C HIS A 158 7.77 -56.60 20.88
N ASN A 173 4.33 -55.80 15.15
CA ASN A 173 3.47 -56.95 15.48
C ASN A 173 2.05 -56.70 14.98
N PRO A 174 1.30 -55.74 15.54
CA PRO A 174 -0.10 -55.59 15.22
C PRO A 174 -0.40 -54.69 14.03
N VAL A 175 -1.69 -54.43 13.80
CA VAL A 175 -2.07 -53.50 12.70
C VAL A 175 -2.09 -52.06 13.24
N LEU A 176 -1.28 -51.19 12.64
CA LEU A 176 -1.15 -49.81 13.14
C LEU A 176 -1.63 -48.87 12.04
N PRO A 177 -2.47 -47.87 12.37
CA PRO A 177 -3.02 -47.01 11.35
C PRO A 177 -1.97 -46.07 10.77
N PHE A 178 -1.99 -45.89 9.45
CA PHE A 178 -1.06 -44.94 8.78
C PHE A 178 -1.87 -43.67 8.50
N ASN A 179 -1.88 -42.76 9.47
CA ASN A 179 -2.74 -41.57 9.29
C ASN A 179 -2.29 -40.69 8.13
N ASP A 180 -1.03 -40.26 8.14
CA ASP A 180 -0.50 -39.36 7.08
C ASP A 180 0.95 -39.72 6.86
N GLY A 181 1.56 -40.39 7.84
CA GLY A 181 2.96 -40.80 7.73
C GLY A 181 3.35 -41.56 8.95
N VAL A 182 4.61 -42.00 9.01
CA VAL A 182 5.04 -42.70 10.25
C VAL A 182 6.49 -42.38 10.55
N TYR A 183 6.80 -42.20 11.82
CA TYR A 183 8.23 -42.10 12.20
C TYR A 183 8.52 -43.47 12.80
N PHE A 184 9.39 -44.23 12.18
CA PHE A 184 9.67 -45.61 12.62
C PHE A 184 11.07 -45.70 13.20
N ALA A 185 11.14 -46.00 14.50
CA ALA A 185 12.47 -46.09 15.14
C ALA A 185 12.68 -47.48 15.69
N SER A 186 13.88 -48.03 15.52
CA SER A 186 14.17 -49.36 16.09
C SER A 186 15.64 -49.47 16.47
N THR A 187 15.92 -50.07 17.63
CA THR A 187 17.32 -50.33 18.01
C THR A 187 17.49 -51.84 18.04
N GLU A 188 18.54 -52.35 17.41
CA GLU A 188 18.68 -53.83 17.32
C GLU A 188 20.15 -54.22 17.25
N LYS A 189 20.43 -55.46 17.63
CA LYS A 189 21.81 -55.98 17.52
C LYS A 189 21.81 -57.21 16.60
N SER A 190 20.63 -57.60 16.07
CA SER A 190 20.59 -58.84 15.25
C SER A 190 19.80 -58.67 13.95
N ASN A 191 19.41 -57.45 13.57
CA ASN A 191 18.55 -57.24 12.37
C ASN A 191 17.26 -58.06 12.52
N ILE A 192 16.71 -58.14 13.72
CA ILE A 192 15.52 -58.98 14.00
C ILE A 192 14.31 -58.48 13.22
N ILE A 193 14.33 -57.22 12.78
CA ILE A 193 13.18 -56.64 12.05
C ILE A 193 13.63 -56.46 10.60
N ARG A 194 12.80 -56.91 9.66
CA ARG A 194 13.27 -56.88 8.26
C ARG A 194 12.52 -55.86 7.40
N GLY A 195 11.19 -55.89 7.40
CA GLY A 195 10.51 -55.01 6.43
C GLY A 195 9.14 -54.49 6.85
N TRP A 196 8.43 -53.92 5.89
CA TRP A 196 7.09 -53.37 6.16
C TRP A 196 6.09 -53.74 5.07
N ILE A 197 4.82 -53.74 5.42
CA ILE A 197 3.75 -53.97 4.41
C ILE A 197 2.74 -52.85 4.58
N PHE A 198 2.33 -52.23 3.48
CA PHE A 198 1.44 -51.05 3.58
C PHE A 198 0.17 -51.31 2.79
N GLY A 199 -0.77 -50.39 2.88
CA GLY A 199 -2.02 -50.52 2.13
C GLY A 199 -3.19 -50.13 3.00
N THR A 200 -4.38 -50.55 2.60
CA THR A 200 -5.59 -50.28 3.41
C THR A 200 -6.11 -51.60 3.94
N THR A 201 -6.21 -52.61 3.07
CA THR A 201 -6.68 -53.95 3.50
C THR A 201 -5.57 -54.93 3.18
N LEU A 202 -5.47 -56.03 3.93
CA LEU A 202 -4.30 -56.93 3.75
C LEU A 202 -4.72 -58.16 2.95
N ASP A 203 -5.76 -58.02 2.14
CA ASP A 203 -6.13 -59.14 1.23
C ASP A 203 -5.80 -58.73 -0.20
N SER A 204 -6.18 -59.57 -1.16
CA SER A 204 -5.94 -59.24 -2.58
C SER A 204 -6.90 -58.15 -3.08
N LYS A 205 -7.86 -57.75 -2.26
CA LYS A 205 -8.85 -56.76 -2.72
C LYS A 205 -8.16 -55.43 -3.03
N THR A 206 -7.21 -55.02 -2.20
CA THR A 206 -6.60 -53.67 -2.38
C THR A 206 -5.09 -53.74 -2.62
N GLN A 207 -4.60 -52.84 -3.45
CA GLN A 207 -3.15 -52.80 -3.72
C GLN A 207 -2.45 -52.52 -2.40
N SER A 208 -1.34 -53.22 -2.17
CA SER A 208 -0.63 -53.06 -0.88
C SER A 208 0.88 -52.94 -1.14
N LEU A 209 1.55 -52.07 -0.39
CA LEU A 209 3.01 -51.91 -0.56
C LEU A 209 3.79 -52.95 0.24
N LEU A 210 4.70 -53.65 -0.42
CA LEU A 210 5.52 -54.66 0.28
C LEU A 210 6.95 -54.15 0.37
N ILE A 211 7.44 -53.96 1.59
CA ILE A 211 8.85 -53.54 1.77
C ILE A 211 9.56 -54.60 2.59
N VAL A 212 10.56 -55.23 2.01
CA VAL A 212 11.27 -56.33 2.71
C VAL A 212 12.75 -56.28 2.35
N ASN A 213 13.59 -56.84 3.20
CA ASN A 213 15.04 -56.89 2.92
C ASN A 213 15.52 -58.34 3.03
N ASN A 214 16.51 -58.72 2.23
CA ASN A 214 17.14 -60.05 2.41
C ASN A 214 18.52 -60.07 1.75
N ALA A 215 19.51 -60.64 2.42
CA ALA A 215 20.84 -60.84 1.80
C ALA A 215 21.45 -59.57 1.19
N THR A 216 21.56 -58.50 1.98
CA THR A 216 22.27 -57.28 1.54
C THR A 216 21.48 -56.59 0.43
N ASN A 217 20.19 -56.88 0.28
CA ASN A 217 19.43 -56.14 -0.76
C ASN A 217 17.97 -56.06 -0.35
N VAL A 218 17.36 -54.89 -0.56
CA VAL A 218 15.95 -54.70 -0.16
C VAL A 218 15.06 -55.18 -1.29
N VAL A 219 13.79 -55.40 -0.99
CA VAL A 219 12.82 -55.81 -2.04
C VAL A 219 11.55 -55.00 -1.86
N ILE A 220 11.08 -54.41 -2.95
CA ILE A 220 9.85 -53.58 -2.88
C ILE A 220 8.88 -54.10 -3.93
N LYS A 221 7.66 -54.40 -3.50
CA LYS A 221 6.63 -54.86 -4.46
C LYS A 221 5.27 -54.31 -4.03
N VAL A 222 4.33 -54.25 -4.97
CA VAL A 222 2.96 -53.78 -4.65
C VAL A 222 1.93 -54.82 -5.11
N CYS A 223 2.37 -56.05 -5.36
CA CYS A 223 1.44 -57.13 -5.80
C CYS A 223 0.39 -57.33 -4.71
N GLU A 224 -0.89 -57.31 -5.07
CA GLU A 224 -1.97 -57.33 -4.04
C GLU A 224 -2.11 -58.76 -3.57
N PHE A 225 -1.24 -59.19 -2.65
CA PHE A 225 -1.21 -60.59 -2.19
C PHE A 225 -2.27 -60.85 -1.12
N GLN A 226 -2.63 -62.13 -0.92
CA GLN A 226 -3.54 -62.48 0.21
C GLN A 226 -2.63 -62.64 1.42
N PHE A 227 -2.46 -61.57 2.18
CA PHE A 227 -1.47 -61.60 3.26
C PHE A 227 -1.91 -62.41 4.47
N CYS A 228 -0.94 -62.77 5.32
CA CYS A 228 -1.24 -63.54 6.55
C CYS A 228 -1.68 -62.60 7.66
N ASN A 229 -2.17 -63.16 8.77
CA ASN A 229 -2.53 -62.35 9.96
C ASN A 229 -1.32 -62.08 10.88
N ASP A 230 -0.30 -62.95 10.85
CA ASP A 230 0.89 -62.80 11.73
C ASP A 230 2.13 -63.20 10.93
N PRO A 231 2.47 -62.53 9.81
CA PRO A 231 3.60 -62.96 8.99
C PRO A 231 4.95 -62.44 9.45
N PHE A 232 5.98 -63.28 9.34
CA PHE A 232 7.35 -62.83 9.68
C PHE A 232 8.38 -63.70 8.94
N ASN A 256 -1.16 -62.02 -7.61
CA ASN A 256 -2.26 -61.22 -8.22
C ASN A 256 -1.70 -60.25 -9.27
N ASN A 257 -2.48 -59.21 -9.59
CA ASN A 257 -2.05 -58.26 -10.65
C ASN A 257 -0.95 -57.39 -10.07
N CYS A 258 0.30 -57.65 -10.49
CA CYS A 258 1.45 -56.87 -9.96
C CYS A 258 1.51 -55.51 -10.65
N THR A 259 2.00 -54.49 -9.94
CA THR A 259 2.05 -53.13 -10.53
C THR A 259 3.45 -52.55 -10.43
N PHE A 260 4.21 -52.97 -9.42
CA PHE A 260 5.60 -52.48 -9.30
C PHE A 260 6.45 -53.45 -8.50
N GLU A 261 7.67 -53.68 -8.97
CA GLU A 261 8.60 -54.57 -8.24
C GLU A 261 9.96 -53.88 -8.18
N TYR A 262 10.15 -53.01 -7.19
CA TYR A 262 11.45 -52.35 -6.99
C TYR A 262 12.28 -53.26 -6.09
N VAL A 263 12.56 -54.45 -6.58
CA VAL A 263 13.22 -55.47 -5.71
C VAL A 263 14.72 -55.20 -5.59
N SER A 264 15.22 -54.18 -6.26
CA SER A 264 16.65 -53.81 -6.14
C SER A 264 17.52 -55.01 -6.57
N LYS A 279 24.37 -50.43 20.88
CA LYS A 279 23.62 -51.14 19.83
C LYS A 279 23.69 -50.38 18.51
N ASN A 280 22.61 -50.48 17.73
CA ASN A 280 22.53 -49.74 16.45
C ASN A 280 21.10 -49.23 16.30
N LEU A 281 20.94 -47.93 16.00
CA LEU A 281 19.59 -47.34 15.90
C LEU A 281 19.31 -46.93 14.47
N ARG A 282 18.19 -47.41 13.93
CA ARG A 282 17.78 -46.97 12.58
C ARG A 282 16.44 -46.25 12.72
N GLU A 283 16.40 -45.01 12.26
CA GLU A 283 15.16 -44.22 12.37
C GLU A 283 14.61 -44.04 10.97
N PHE A 284 13.30 -44.22 10.84
CA PHE A 284 12.71 -44.16 9.49
C PHE A 284 11.48 -43.29 9.53
N VAL A 285 11.30 -42.48 8.51
CA VAL A 285 10.09 -41.65 8.40
C VAL A 285 9.39 -42.06 7.12
N PHE A 286 8.13 -42.42 7.25
CA PHE A 286 7.37 -42.84 6.06
C PHE A 286 6.41 -41.72 5.71
N LYS A 287 6.40 -41.32 4.45
CA LYS A 287 5.39 -40.32 4.05
C LYS A 287 4.82 -40.71 2.71
N ASN A 288 3.49 -40.78 2.64
CA ASN A 288 2.83 -41.05 1.35
C ASN A 288 2.22 -39.72 0.93
N ILE A 289 2.74 -39.16 -0.16
CA ILE A 289 2.21 -37.86 -0.66
C ILE A 289 1.48 -38.14 -1.96
N ASP A 290 0.89 -37.13 -2.55
CA ASP A 290 0.08 -37.35 -3.76
C ASP A 290 0.94 -37.96 -4.86
N GLY A 291 0.55 -39.16 -5.32
CA GLY A 291 1.29 -39.84 -6.38
C GLY A 291 2.66 -40.32 -5.97
N TYR A 292 2.96 -40.45 -4.67
CA TYR A 292 4.33 -40.85 -4.28
C TYR A 292 4.34 -41.46 -2.88
N PHE A 293 5.37 -42.24 -2.59
CA PHE A 293 5.56 -42.75 -1.21
C PHE A 293 7.04 -42.54 -0.96
N LYS A 294 7.35 -41.69 0.03
CA LYS A 294 8.78 -41.37 0.25
C LYS A 294 9.24 -41.91 1.59
N ILE A 295 10.48 -42.38 1.61
CA ILE A 295 11.03 -42.92 2.87
C ILE A 295 12.22 -42.07 3.28
N TYR A 296 12.22 -41.63 4.54
CA TYR A 296 13.36 -40.84 5.05
C TYR A 296 14.03 -41.73 6.08
N SER A 297 15.34 -41.84 6.00
CA SER A 297 16.02 -42.82 6.84
C SER A 297 17.30 -42.31 7.45
N LYS A 298 17.73 -42.94 8.52
CA LYS A 298 19.05 -42.60 9.08
C LYS A 298 19.49 -43.75 9.96
N HIS A 299 20.78 -44.11 9.89
CA HIS A 299 21.32 -45.14 10.81
C HIS A 299 22.49 -44.50 11.54
N THR A 300 22.48 -44.59 12.86
CA THR A 300 23.54 -43.91 13.64
C THR A 300 24.03 -44.85 14.73
N PRO A 301 25.31 -44.75 15.13
CA PRO A 301 25.80 -45.56 16.23
C PRO A 301 25.28 -45.07 17.58
N ILE A 302 24.85 -46.01 18.43
CA ILE A 302 24.46 -45.62 19.82
C ILE A 302 24.61 -46.86 20.70
N ASN A 303 24.97 -46.68 21.96
CA ASN A 303 25.07 -47.84 22.89
C ASN A 303 24.21 -47.54 24.12
N LEU A 304 22.91 -47.81 24.04
CA LEU A 304 22.06 -47.67 25.24
C LEU A 304 20.90 -48.64 25.16
N VAL A 305 20.26 -48.92 26.30
CA VAL A 305 19.18 -49.94 26.30
C VAL A 305 17.96 -49.47 27.09
N ARG A 306 16.75 -49.86 26.65
CA ARG A 306 15.50 -49.63 27.40
C ARG A 306 14.91 -48.22 27.27
N ASP A 307 15.56 -47.30 26.55
CA ASP A 307 15.02 -45.92 26.56
C ASP A 307 15.38 -45.16 25.28
N LEU A 308 14.62 -44.12 24.95
CA LEU A 308 14.85 -43.38 23.69
C LEU A 308 16.10 -42.52 23.80
N PRO A 309 17.00 -42.56 22.80
CA PRO A 309 18.22 -41.79 22.87
C PRO A 309 17.99 -40.30 22.68
N GLN A 310 18.78 -39.49 23.37
CA GLN A 310 18.64 -38.03 23.26
C GLN A 310 19.40 -37.56 22.02
N GLY A 311 19.51 -36.26 21.81
CA GLY A 311 20.33 -35.81 20.68
C GLY A 311 19.52 -35.56 19.43
N PHE A 312 20.10 -34.83 18.48
CA PHE A 312 19.34 -34.45 17.28
C PHE A 312 19.88 -35.27 16.12
N SER A 313 18.98 -35.73 15.26
CA SER A 313 19.44 -36.47 14.07
C SER A 313 18.53 -36.16 12.88
N ALA A 314 19.07 -35.46 11.87
CA ALA A 314 18.31 -35.23 10.63
C ALA A 314 18.17 -36.53 9.86
N LEU A 315 17.10 -36.65 9.09
CA LEU A 315 16.85 -37.91 8.34
C LEU A 315 16.86 -37.59 6.85
N GLU A 316 17.90 -38.05 6.14
CA GLU A 316 18.09 -37.71 4.72
C GLU A 316 17.08 -38.45 3.86
N PRO A 317 16.81 -38.01 2.63
CA PRO A 317 15.92 -38.74 1.76
C PRO A 317 16.53 -40.09 1.35
N LEU A 318 15.71 -41.13 1.26
CA LEU A 318 16.27 -42.46 0.94
C LEU A 318 15.66 -42.96 -0.38
N VAL A 319 14.33 -42.94 -0.44
CA VAL A 319 13.66 -43.42 -1.67
C VAL A 319 12.29 -42.77 -1.77
N ASP A 320 11.89 -42.41 -2.99
CA ASP A 320 10.56 -41.79 -3.20
C ASP A 320 9.90 -42.57 -4.32
N LEU A 321 9.27 -43.69 -3.98
CA LEU A 321 8.77 -44.58 -5.05
C LEU A 321 7.44 -44.05 -5.57
N PRO A 322 7.34 -43.77 -6.87
CA PRO A 322 6.15 -43.18 -7.44
C PRO A 322 5.09 -44.22 -7.79
N ILE A 323 4.35 -44.67 -6.78
CA ILE A 323 3.22 -45.60 -7.07
C ILE A 323 1.94 -44.91 -6.59
N GLY A 324 0.88 -44.97 -7.39
CA GLY A 324 -0.36 -44.26 -6.99
C GLY A 324 -1.31 -45.13 -6.19
N ILE A 325 -0.78 -45.80 -5.17
CA ILE A 325 -1.66 -46.62 -4.30
C ILE A 325 -2.24 -45.75 -3.21
N ASN A 326 -3.23 -46.26 -2.47
CA ASN A 326 -3.71 -45.52 -1.28
C ASN A 326 -3.34 -46.37 -0.07
N ILE A 327 -2.90 -45.74 1.01
CA ILE A 327 -2.46 -46.52 2.21
C ILE A 327 -3.21 -46.01 3.45
N THR A 328 -3.65 -46.92 4.30
CA THR A 328 -4.32 -46.49 5.55
C THR A 328 -3.71 -47.16 6.78
N ARG A 329 -3.14 -48.35 6.61
CA ARG A 329 -2.48 -49.01 7.76
C ARG A 329 -1.25 -49.74 7.27
N PHE A 330 -0.38 -50.10 8.20
CA PHE A 330 0.89 -50.72 7.77
C PHE A 330 1.25 -51.87 8.71
N GLN A 331 2.08 -52.78 8.21
CA GLN A 331 2.53 -53.91 9.05
C GLN A 331 4.05 -53.99 8.99
N THR A 332 4.68 -54.47 10.06
CA THR A 332 6.13 -54.69 10.00
C THR A 332 6.39 -56.19 10.04
N LEU A 333 7.52 -56.62 9.49
CA LEU A 333 7.78 -58.06 9.38
C LEU A 333 9.09 -58.42 10.07
N LEU A 334 9.06 -59.46 10.89
CA LEU A 334 10.30 -59.91 11.58
C LEU A 334 10.69 -61.32 11.10
N ALA A 356 13.10 -54.37 20.05
CA ALA A 356 12.05 -53.40 20.40
C ALA A 356 12.08 -52.24 19.40
N TYR A 357 10.90 -51.80 18.98
CA TYR A 357 10.85 -50.73 17.97
C TYR A 357 9.83 -49.67 18.37
N TYR A 358 9.68 -48.66 17.52
CA TYR A 358 8.84 -47.50 17.85
C TYR A 358 8.02 -47.05 16.66
N VAL A 359 6.93 -46.34 16.95
CA VAL A 359 6.12 -45.78 15.83
C VAL A 359 5.80 -44.33 16.14
N GLY A 360 5.89 -43.48 15.14
CA GLY A 360 5.61 -42.05 15.34
C GLY A 360 4.53 -41.60 14.39
N TYR A 361 3.72 -40.65 14.84
CA TYR A 361 2.60 -40.19 14.01
C TYR A 361 2.85 -38.75 13.60
N LEU A 362 2.65 -38.44 12.31
CA LEU A 362 3.02 -37.11 11.80
C LEU A 362 1.81 -36.19 11.74
N GLN A 363 1.95 -34.97 12.28
CA GLN A 363 0.82 -34.04 12.33
C GLN A 363 1.26 -32.78 11.59
N PRO A 364 0.34 -31.95 11.07
CA PRO A 364 0.76 -30.80 10.28
C PRO A 364 1.25 -29.66 11.18
N ARG A 365 2.44 -29.80 11.72
CA ARG A 365 3.01 -28.79 12.63
C ARG A 365 3.89 -27.83 11.83
N THR A 366 4.31 -26.73 12.43
CA THR A 366 5.28 -25.81 11.77
C THR A 366 6.63 -25.97 12.45
N PHE A 367 7.71 -25.83 11.69
CA PHE A 367 9.05 -26.03 12.26
C PHE A 367 10.02 -24.98 11.77
N LEU A 368 11.08 -24.72 12.55
CA LEU A 368 12.16 -23.80 12.11
C LEU A 368 13.44 -24.62 12.04
N LEU A 369 14.00 -24.77 10.85
CA LEU A 369 15.14 -25.70 10.68
C LEU A 369 16.44 -24.94 10.50
N LYS A 370 17.39 -25.19 11.38
CA LYS A 370 18.68 -24.46 11.33
C LYS A 370 19.67 -25.25 10.50
N TYR A 371 20.45 -24.54 9.69
CA TYR A 371 21.44 -25.22 8.84
C TYR A 371 22.83 -24.71 9.19
N ASN A 372 23.85 -25.55 8.98
CA ASN A 372 25.25 -25.09 9.13
C ASN A 372 25.80 -24.77 7.74
N GLU A 373 27.06 -24.37 7.69
CA GLU A 373 27.67 -23.97 6.41
C GLU A 373 27.82 -25.16 5.49
N ASN A 374 27.80 -26.38 6.04
CA ASN A 374 27.96 -27.60 5.21
C ASN A 374 26.59 -28.13 4.79
N GLY A 375 25.52 -27.41 5.08
CA GLY A 375 24.20 -27.80 4.53
C GLY A 375 23.49 -28.88 5.30
N THR A 376 24.08 -29.35 6.38
CA THR A 376 23.37 -30.36 7.21
C THR A 376 22.48 -29.64 8.22
N ILE A 377 21.30 -30.20 8.48
CA ILE A 377 20.38 -29.60 9.48
C ILE A 377 20.92 -29.92 10.86
N THR A 378 21.28 -28.89 11.59
CA THR A 378 21.93 -29.13 12.90
C THR A 378 21.01 -28.78 14.08
N ASP A 379 20.00 -27.95 13.84
CA ASP A 379 19.08 -27.61 14.95
C ASP A 379 17.67 -27.37 14.43
N ALA A 380 16.70 -27.47 15.33
CA ALA A 380 15.31 -27.22 14.94
C ALA A 380 14.54 -26.70 16.14
N VAL A 381 13.41 -26.04 15.88
CA VAL A 381 12.55 -25.55 16.99
C VAL A 381 11.12 -25.87 16.65
N ASP A 382 10.40 -26.45 17.60
CA ASP A 382 8.96 -26.73 17.37
C ASP A 382 8.24 -25.41 17.42
N CYS A 383 7.34 -25.17 16.49
CA CYS A 383 6.75 -23.82 16.41
C CYS A 383 5.43 -23.75 17.18
N ALA A 384 5.00 -24.82 17.82
CA ALA A 384 3.80 -24.72 18.66
C ALA A 384 3.98 -25.45 19.98
N LEU A 385 5.20 -25.86 20.29
CA LEU A 385 5.43 -26.65 21.51
C LEU A 385 5.17 -25.80 22.74
N ASP A 386 5.73 -24.60 22.77
CA ASP A 386 5.58 -23.70 23.95
C ASP A 386 5.73 -22.28 23.46
N PRO A 387 5.24 -21.26 24.18
CA PRO A 387 5.25 -19.91 23.66
C PRO A 387 6.66 -19.41 23.31
N LEU A 388 7.66 -19.77 24.10
CA LEU A 388 9.03 -19.28 23.84
C LEU A 388 9.46 -19.76 22.48
N SER A 389 9.10 -20.98 22.13
CA SER A 389 9.44 -21.48 20.78
C SER A 389 8.72 -20.67 19.73
N GLU A 390 7.48 -20.31 20.01
CA GLU A 390 6.73 -19.49 19.04
C GLU A 390 7.39 -18.12 18.91
N THR A 391 7.90 -17.55 19.99
CA THR A 391 8.63 -16.26 19.88
C THR A 391 9.88 -16.47 19.05
N LYS A 392 10.52 -17.61 19.21
CA LYS A 392 11.68 -17.91 18.36
C LYS A 392 11.22 -17.96 16.90
N CYS A 393 10.06 -18.55 16.67
CA CYS A 393 9.55 -18.62 15.29
C CYS A 393 9.30 -17.21 14.79
N THR A 394 8.71 -16.34 15.61
CA THR A 394 8.36 -15.01 15.08
C THR A 394 9.66 -14.31 14.70
N LEU A 395 10.63 -14.38 15.59
CA LEU A 395 11.92 -13.73 15.29
C LEU A 395 12.68 -14.54 14.24
N LYS A 396 12.22 -15.74 13.91
CA LYS A 396 12.91 -16.62 12.93
C LYS A 396 14.34 -16.80 13.38
N SER A 397 14.53 -16.96 14.70
CA SER A 397 15.90 -17.11 15.22
C SER A 397 15.89 -18.01 16.45
N PHE A 398 17.05 -18.50 16.86
CA PHE A 398 17.10 -19.45 18.00
C PHE A 398 17.37 -18.72 19.31
N THR A 399 17.74 -17.45 19.25
CA THR A 399 17.97 -16.66 20.48
C THR A 399 17.06 -15.45 20.47
N VAL A 400 16.42 -15.18 21.60
CA VAL A 400 15.54 -14.00 21.70
C VAL A 400 16.03 -13.16 22.87
N GLU A 401 16.40 -11.94 22.56
CA GLU A 401 16.93 -11.06 23.63
C GLU A 401 15.77 -10.54 24.47
N LYS A 402 16.08 -9.90 25.58
CA LYS A 402 15.01 -9.47 26.50
C LYS A 402 14.06 -8.53 25.77
N GLY A 403 12.76 -8.69 26.02
CA GLY A 403 11.75 -7.83 25.38
C GLY A 403 10.36 -8.42 25.54
N ILE A 404 9.40 -7.87 24.81
CA ILE A 404 8.02 -8.43 24.81
C ILE A 404 7.63 -8.63 23.36
N TYR A 405 7.07 -9.78 23.03
CA TYR A 405 6.80 -10.09 21.62
C TYR A 405 5.40 -10.69 21.46
N GLN A 406 4.71 -10.32 20.38
CA GLN A 406 3.35 -10.83 20.15
C GLN A 406 3.45 -11.93 19.11
N THR A 407 3.05 -13.13 19.49
CA THR A 407 3.28 -14.28 18.60
C THR A 407 2.05 -14.65 17.78
N SER A 408 0.88 -14.63 18.40
CA SER A 408 -0.35 -14.94 17.62
C SER A 408 -1.55 -14.33 18.31
N ASN A 409 -2.68 -14.45 17.65
CA ASN A 409 -3.92 -13.88 18.20
C ASN A 409 -4.75 -15.03 18.78
N PHE A 410 -5.52 -14.71 19.80
CA PHE A 410 -6.37 -15.77 20.39
C PHE A 410 -7.84 -15.43 20.20
N ARG A 411 -8.65 -16.43 19.88
CA ARG A 411 -10.07 -16.18 19.59
C ARG A 411 -10.97 -17.07 20.44
N VAL A 412 -12.01 -16.51 21.04
CA VAL A 412 -12.96 -17.40 21.77
C VAL A 412 -13.82 -18.05 20.71
N GLN A 413 -13.95 -19.36 20.75
CA GLN A 413 -14.69 -19.95 19.61
C GLN A 413 -16.15 -20.18 19.98
N PRO A 414 -17.10 -19.95 19.05
CA PRO A 414 -18.47 -20.20 19.35
C PRO A 414 -18.68 -21.70 19.59
N THR A 415 -19.14 -22.03 20.79
CA THR A 415 -19.31 -23.47 21.16
C THR A 415 -20.34 -24.13 20.24
N GLU A 416 -21.41 -23.40 19.93
CA GLU A 416 -22.50 -23.97 19.10
C GLU A 416 -23.12 -22.86 18.30
N SER A 417 -24.18 -23.19 17.56
CA SER A 417 -24.91 -22.18 16.76
C SER A 417 -26.24 -21.90 17.43
N ILE A 418 -26.88 -20.83 17.02
CA ILE A 418 -28.25 -20.55 17.51
C ILE A 418 -29.02 -19.93 16.34
N VAL A 419 -30.27 -20.35 16.15
CA VAL A 419 -31.11 -19.83 15.02
C VAL A 419 -32.49 -19.47 15.59
N ARG A 420 -32.88 -18.20 15.53
CA ARG A 420 -34.18 -17.81 16.13
C ARG A 420 -35.15 -17.38 15.04
N PHE A 421 -36.28 -18.09 14.90
CA PHE A 421 -37.32 -17.73 13.90
C PHE A 421 -38.64 -17.42 14.65
N PRO A 422 -39.51 -16.46 14.25
CA PRO A 422 -40.71 -16.24 15.02
C PRO A 422 -41.70 -17.39 14.80
N ASN A 423 -42.78 -17.39 15.57
CA ASN A 423 -43.73 -18.52 15.49
C ASN A 423 -44.36 -18.62 14.09
N ILE A 424 -44.72 -19.82 13.66
CA ILE A 424 -45.43 -20.02 12.36
C ILE A 424 -46.92 -19.91 12.65
N THR A 425 -47.60 -18.91 12.10
CA THR A 425 -49.01 -18.69 12.53
C THR A 425 -50.01 -18.99 11.40
N ASN A 426 -49.87 -18.32 10.25
CA ASN A 426 -50.82 -18.68 9.17
C ASN A 426 -50.35 -19.98 8.51
N LEU A 427 -51.22 -20.98 8.45
CA LEU A 427 -50.84 -22.27 7.82
C LEU A 427 -51.65 -22.48 6.53
N CYS A 428 -51.04 -23.07 5.52
CA CYS A 428 -51.77 -23.31 4.26
C CYS A 428 -52.91 -24.30 4.48
N PRO A 429 -54.13 -24.01 3.98
CA PRO A 429 -55.25 -24.89 4.14
C PRO A 429 -55.17 -26.05 3.12
N PHE A 430 -54.33 -27.04 3.42
CA PHE A 430 -54.26 -28.24 2.56
C PHE A 430 -55.24 -29.30 3.08
N GLY A 431 -55.86 -29.08 4.24
CA GLY A 431 -56.92 -29.98 4.75
C GLY A 431 -58.14 -29.95 3.84
N GLU A 432 -58.37 -28.83 3.18
CA GLU A 432 -59.50 -28.70 2.22
C GLU A 432 -59.21 -29.42 0.91
N VAL A 433 -57.94 -29.69 0.60
CA VAL A 433 -57.64 -30.43 -0.66
C VAL A 433 -57.26 -31.89 -0.35
N PHE A 434 -57.12 -32.24 0.94
CA PHE A 434 -56.75 -33.63 1.31
C PHE A 434 -57.77 -34.28 2.24
N ASN A 435 -58.41 -33.49 3.10
CA ASN A 435 -59.43 -34.02 4.03
C ASN A 435 -60.83 -33.54 3.58
N ALA A 436 -61.02 -33.33 2.27
CA ALA A 436 -62.31 -32.78 1.76
C ALA A 436 -63.44 -33.81 1.80
N THR A 437 -64.68 -33.35 1.70
CA THR A 437 -65.82 -34.29 1.69
C THR A 437 -66.05 -34.79 0.27
N ARG A 438 -66.33 -33.88 -0.66
CA ARG A 438 -66.67 -34.33 -2.04
C ARG A 438 -65.77 -33.62 -3.02
N PHE A 439 -65.10 -34.40 -3.86
CA PHE A 439 -64.25 -33.78 -4.91
C PHE A 439 -65.14 -33.44 -6.10
N ALA A 440 -64.52 -33.09 -7.23
CA ALA A 440 -65.30 -32.81 -8.45
C ALA A 440 -64.91 -33.84 -9.51
N SER A 441 -65.48 -33.72 -10.71
CA SER A 441 -65.10 -34.61 -11.84
C SER A 441 -63.82 -34.11 -12.52
N VAL A 442 -63.33 -34.87 -13.50
CA VAL A 442 -62.04 -34.50 -14.15
C VAL A 442 -62.14 -33.16 -14.88
N TYR A 443 -63.21 -32.93 -15.64
CA TYR A 443 -63.34 -31.67 -16.42
C TYR A 443 -63.50 -30.50 -15.45
N ALA A 444 -64.01 -30.79 -14.25
CA ALA A 444 -64.22 -29.74 -13.22
C ALA A 444 -63.05 -29.80 -12.23
N TRP A 445 -61.85 -30.03 -12.76
CA TRP A 445 -60.65 -30.05 -11.91
C TRP A 445 -60.55 -28.70 -11.18
N ASN A 446 -60.54 -28.79 -9.86
CA ASN A 446 -60.52 -27.54 -9.07
C ASN A 446 -59.09 -27.01 -9.13
N ARG A 447 -58.88 -25.91 -9.86
CA ARG A 447 -57.53 -25.28 -9.89
C ARG A 447 -57.48 -24.35 -8.69
N LYS A 448 -57.35 -24.93 -7.49
CA LYS A 448 -57.35 -24.11 -6.25
C LYS A 448 -56.00 -23.42 -6.07
N ARG A 449 -56.03 -22.12 -5.77
CA ARG A 449 -54.79 -21.34 -5.66
C ARG A 449 -54.44 -21.15 -4.19
N ILE A 450 -53.24 -21.59 -3.79
CA ILE A 450 -52.82 -21.50 -2.36
C ILE A 450 -51.62 -20.56 -2.23
N SER A 451 -51.74 -19.54 -1.39
CA SER A 451 -50.64 -18.54 -1.20
C SER A 451 -50.84 -17.79 0.11
N ASN A 452 -49.85 -17.00 0.53
CA ASN A 452 -49.93 -16.23 1.81
C ASN A 452 -50.16 -17.17 3.00
N CYS A 453 -49.26 -18.13 3.15
CA CYS A 453 -49.43 -19.15 4.22
C CYS A 453 -48.15 -19.97 4.39
N VAL A 454 -48.17 -20.91 5.33
CA VAL A 454 -46.97 -21.76 5.57
C VAL A 454 -47.30 -23.19 5.18
N ALA A 455 -46.53 -23.77 4.24
CA ALA A 455 -46.84 -25.10 3.70
C ALA A 455 -46.15 -26.21 4.50
N ASP A 456 -46.82 -26.71 5.54
CA ASP A 456 -46.18 -27.71 6.42
C ASP A 456 -46.27 -29.05 5.68
N TYR A 457 -45.16 -29.47 5.07
CA TYR A 457 -45.19 -30.71 4.25
C TYR A 457 -44.90 -31.92 5.12
N SER A 458 -44.85 -31.74 6.44
CA SER A 458 -44.49 -32.87 7.32
C SER A 458 -45.58 -33.93 7.39
N VAL A 459 -46.85 -33.52 7.49
CA VAL A 459 -47.93 -34.51 7.72
C VAL A 459 -48.19 -35.34 6.47
N LEU A 460 -47.88 -34.78 5.30
CA LEU A 460 -48.15 -35.51 4.03
C LEU A 460 -47.34 -36.79 3.92
N TYR A 461 -46.07 -36.77 4.30
CA TYR A 461 -45.24 -38.01 4.28
C TYR A 461 -45.68 -38.95 5.41
N ASN A 462 -46.18 -38.39 6.51
CA ASN A 462 -46.57 -39.22 7.67
C ASN A 462 -47.87 -40.01 7.48
N SER A 463 -48.92 -39.37 6.98
CA SER A 463 -50.21 -40.12 6.87
C SER A 463 -50.01 -40.92 5.58
N ALA A 464 -49.55 -42.17 5.71
CA ALA A 464 -49.08 -42.92 4.52
C ALA A 464 -50.17 -43.73 3.86
N SER A 465 -51.40 -43.20 3.83
CA SER A 465 -52.48 -43.88 3.08
C SER A 465 -52.22 -43.73 1.59
N PHE A 466 -51.32 -42.83 1.20
CA PHE A 466 -51.10 -42.52 -0.24
C PHE A 466 -50.50 -43.72 -0.97
N SER A 467 -50.84 -43.84 -2.26
CA SER A 467 -50.34 -44.99 -3.04
C SER A 467 -49.44 -44.51 -4.18
N THR A 468 -49.63 -43.28 -4.64
CA THR A 468 -48.70 -42.72 -5.64
C THR A 468 -48.21 -41.37 -5.14
N PHE A 469 -46.91 -41.18 -5.07
CA PHE A 469 -46.36 -39.87 -4.77
C PHE A 469 -45.02 -39.83 -5.47
N LYS A 470 -44.89 -39.26 -6.67
CA LYS A 470 -43.54 -39.10 -7.26
C LYS A 470 -43.48 -37.68 -7.81
N CYS A 471 -42.32 -37.04 -7.73
CA CYS A 471 -42.25 -35.63 -8.15
C CYS A 471 -41.35 -35.43 -9.36
N TYR A 472 -41.68 -34.42 -10.16
CA TYR A 472 -40.91 -34.15 -11.40
C TYR A 472 -39.82 -33.13 -11.15
N GLY A 473 -38.58 -33.61 -10.94
CA GLY A 473 -37.42 -32.70 -10.82
C GLY A 473 -37.13 -32.24 -9.42
N VAL A 474 -38.07 -32.40 -8.49
CA VAL A 474 -37.86 -31.86 -7.11
C VAL A 474 -38.06 -32.99 -6.10
N SER A 475 -37.03 -33.28 -5.31
CA SER A 475 -37.10 -34.45 -4.41
C SER A 475 -38.13 -34.14 -3.34
N PRO A 476 -38.84 -35.13 -2.80
CA PRO A 476 -39.94 -34.86 -1.86
C PRO A 476 -39.47 -34.19 -0.55
N THR A 477 -38.25 -34.50 -0.09
CA THR A 477 -37.74 -33.95 1.18
C THR A 477 -37.47 -32.45 1.12
N LYS A 478 -36.90 -31.94 0.02
CA LYS A 478 -36.48 -30.52 -0.07
C LYS A 478 -37.64 -29.68 -0.60
N LEU A 479 -38.84 -30.24 -0.69
CA LEU A 479 -40.02 -29.41 -1.03
C LEU A 479 -40.25 -28.37 0.08
N ASN A 480 -40.09 -28.76 1.34
CA ASN A 480 -40.43 -27.88 2.48
C ASN A 480 -39.56 -26.62 2.55
N ASP A 481 -38.39 -26.62 1.91
CA ASP A 481 -37.45 -25.48 2.08
C ASP A 481 -37.49 -24.56 0.87
N LEU A 482 -38.66 -24.44 0.22
CA LEU A 482 -38.78 -23.53 -0.93
C LEU A 482 -39.97 -22.57 -0.75
N CYS A 483 -39.83 -21.37 -1.30
CA CYS A 483 -40.95 -20.39 -1.25
C CYS A 483 -41.31 -20.03 -2.68
N PHE A 484 -42.58 -20.19 -3.01
CA PHE A 484 -42.99 -19.94 -4.42
C PHE A 484 -43.91 -18.74 -4.48
N THR A 485 -44.04 -18.17 -5.68
CA THR A 485 -45.03 -17.07 -5.84
C THR A 485 -46.40 -17.68 -5.63
N ASN A 486 -46.59 -18.89 -6.17
CA ASN A 486 -47.94 -19.49 -6.10
C ASN A 486 -47.83 -21.00 -6.29
N VAL A 487 -48.76 -21.73 -5.66
CA VAL A 487 -48.78 -23.21 -5.86
C VAL A 487 -50.16 -23.56 -6.40
N TYR A 488 -50.20 -24.46 -7.37
CA TYR A 488 -51.49 -24.84 -7.99
C TYR A 488 -51.85 -26.27 -7.61
N ALA A 489 -53.04 -26.45 -7.06
CA ALA A 489 -53.51 -27.78 -6.65
C ALA A 489 -54.75 -28.11 -7.49
N ASP A 490 -54.79 -29.30 -8.07
CA ASP A 490 -55.93 -29.67 -8.94
C ASP A 490 -56.64 -30.85 -8.30
N SER A 491 -57.74 -30.60 -7.61
CA SER A 491 -58.43 -31.69 -6.84
C SER A 491 -59.61 -32.23 -7.64
N PHE A 492 -59.62 -33.53 -7.87
CA PHE A 492 -60.70 -34.17 -8.65
C PHE A 492 -60.50 -35.68 -8.61
N VAL A 493 -61.39 -36.43 -9.26
CA VAL A 493 -61.27 -37.91 -9.32
C VAL A 493 -61.34 -38.38 -10.78
N ILE A 494 -60.36 -39.17 -11.22
CA ILE A 494 -60.33 -39.60 -12.64
C ILE A 494 -60.60 -41.09 -12.68
N ARG A 495 -61.03 -41.59 -13.84
CA ARG A 495 -61.14 -43.05 -13.94
C ARG A 495 -59.70 -43.48 -13.69
N GLY A 496 -59.48 -44.20 -12.60
CA GLY A 496 -58.10 -44.44 -12.11
C GLY A 496 -57.17 -45.24 -12.97
N ASP A 497 -57.70 -45.98 -13.92
CA ASP A 497 -56.83 -46.87 -14.71
C ASP A 497 -55.86 -46.01 -15.53
N GLU A 498 -56.15 -44.72 -15.69
CA GLU A 498 -55.29 -43.83 -16.51
C GLU A 498 -54.51 -42.86 -15.63
N VAL A 499 -54.16 -43.26 -14.40
CA VAL A 499 -53.32 -42.37 -13.55
C VAL A 499 -51.94 -42.18 -14.22
N ARG A 500 -51.47 -43.18 -14.94
CA ARG A 500 -50.20 -43.02 -15.70
C ARG A 500 -50.40 -41.96 -16.78
N GLN A 501 -51.63 -41.76 -17.26
CA GLN A 501 -51.89 -40.83 -18.39
C GLN A 501 -51.58 -39.37 -18.05
N ILE A 502 -51.69 -38.99 -16.77
CA ILE A 502 -51.35 -37.59 -16.36
C ILE A 502 -49.86 -37.51 -16.05
N ALA A 503 -49.05 -37.36 -17.11
CA ALA A 503 -47.59 -37.26 -16.95
C ALA A 503 -47.01 -36.64 -18.21
N PRO A 504 -45.85 -35.95 -18.14
CA PRO A 504 -45.21 -35.46 -19.36
C PRO A 504 -44.83 -36.61 -20.29
N GLY A 505 -45.01 -36.41 -21.59
CA GLY A 505 -44.68 -37.45 -22.58
C GLY A 505 -45.77 -38.51 -22.65
N GLN A 506 -46.87 -38.33 -21.89
CA GLN A 506 -47.91 -39.37 -21.85
C GLN A 506 -49.15 -38.84 -22.55
N THR A 507 -49.75 -39.65 -23.44
CA THR A 507 -51.00 -39.25 -24.13
C THR A 507 -52.12 -40.27 -23.88
N GLY A 508 -53.36 -39.86 -24.12
CA GLY A 508 -54.50 -40.78 -23.91
C GLY A 508 -55.83 -40.06 -24.03
N LYS A 509 -56.92 -40.74 -23.68
CA LYS A 509 -58.28 -40.15 -23.77
C LYS A 509 -58.53 -39.11 -22.68
N ILE A 510 -57.90 -39.31 -21.53
CA ILE A 510 -58.06 -38.32 -20.43
C ILE A 510 -57.01 -37.24 -20.60
N ALA A 511 -56.22 -37.31 -21.67
CA ALA A 511 -55.12 -36.34 -21.85
C ALA A 511 -55.54 -35.18 -22.75
N ASP A 512 -56.66 -35.30 -23.45
CA ASP A 512 -57.01 -34.22 -24.40
C ASP A 512 -58.47 -33.77 -24.27
N TYR A 513 -59.29 -34.48 -23.49
CA TYR A 513 -60.74 -34.08 -23.49
C TYR A 513 -61.20 -33.61 -22.11
N ASN A 514 -60.48 -33.99 -21.06
CA ASN A 514 -60.89 -33.61 -19.68
C ASN A 514 -59.76 -32.95 -18.89
N TYR A 515 -58.55 -33.50 -18.98
CA TYR A 515 -57.43 -32.96 -18.16
C TYR A 515 -56.12 -33.00 -18.95
N LYS A 516 -55.30 -31.96 -18.76
CA LYS A 516 -54.00 -31.92 -19.46
C LYS A 516 -52.89 -31.44 -18.52
N LEU A 517 -51.71 -32.05 -18.60
CA LEU A 517 -50.50 -31.57 -17.88
C LEU A 517 -49.52 -31.13 -18.96
N PRO A 518 -48.92 -29.93 -18.85
CA PRO A 518 -48.07 -29.40 -19.90
C PRO A 518 -46.73 -30.11 -20.12
N ASP A 519 -46.03 -29.74 -21.20
CA ASP A 519 -44.68 -30.31 -21.47
C ASP A 519 -43.66 -29.94 -20.40
N ASP A 520 -43.55 -28.64 -20.09
CA ASP A 520 -42.56 -28.18 -19.08
C ASP A 520 -43.24 -28.32 -17.71
N PHE A 521 -43.47 -29.56 -17.30
CA PHE A 521 -44.21 -29.76 -16.04
C PHE A 521 -43.25 -29.87 -14.85
N THR A 522 -43.59 -29.18 -13.75
CA THR A 522 -42.83 -29.37 -12.50
C THR A 522 -43.87 -29.53 -11.37
N GLY A 523 -43.71 -30.54 -10.52
CA GLY A 523 -44.61 -30.65 -9.36
C GLY A 523 -44.62 -32.06 -8.86
N CYS A 524 -45.57 -32.37 -7.99
CA CYS A 524 -45.70 -33.75 -7.47
C CYS A 524 -47.11 -34.26 -7.75
N VAL A 525 -47.19 -35.48 -8.27
CA VAL A 525 -48.51 -36.08 -8.58
C VAL A 525 -48.97 -36.87 -7.35
N ILE A 526 -49.86 -36.27 -6.56
CA ILE A 526 -50.34 -36.94 -5.33
C ILE A 526 -51.65 -37.63 -5.65
N ALA A 527 -51.58 -38.91 -5.99
CA ALA A 527 -52.79 -39.63 -6.40
C ALA A 527 -52.88 -40.94 -5.64
N TRP A 528 -54.09 -41.38 -5.34
CA TRP A 528 -54.28 -42.68 -4.65
C TRP A 528 -55.70 -43.16 -4.90
N ASN A 529 -56.04 -44.36 -4.41
CA ASN A 529 -57.39 -44.94 -4.66
C ASN A 529 -58.45 -44.32 -3.77
N SER A 530 -59.66 -44.21 -4.28
CA SER A 530 -60.77 -43.62 -3.51
C SER A 530 -61.99 -44.53 -3.58
N ASN A 531 -61.80 -45.84 -3.45
CA ASN A 531 -62.98 -46.73 -3.37
C ASN A 531 -63.38 -46.86 -1.90
N ASN A 532 -63.45 -45.74 -1.18
CA ASN A 532 -63.73 -45.81 0.28
C ASN A 532 -64.85 -44.84 0.69
N LEU A 533 -65.00 -43.73 -0.04
CA LEU A 533 -65.99 -42.71 0.39
C LEU A 533 -67.02 -42.48 -0.71
N ASP A 534 -66.56 -42.19 -1.93
CA ASP A 534 -67.49 -41.82 -3.03
C ASP A 534 -67.98 -43.06 -3.78
N SER A 535 -67.55 -44.25 -3.34
CA SER A 535 -68.09 -45.49 -3.94
C SER A 535 -69.61 -45.56 -3.68
N LYS A 536 -70.38 -45.94 -4.71
CA LYS A 536 -71.85 -45.97 -4.57
C LYS A 536 -72.29 -47.41 -4.80
N VAL A 537 -73.36 -47.84 -4.13
CA VAL A 537 -73.80 -49.27 -4.22
C VAL A 537 -74.19 -49.60 -5.66
N GLY A 538 -74.90 -48.69 -6.35
CA GLY A 538 -75.18 -48.93 -7.77
C GLY A 538 -74.35 -47.99 -8.63
N GLY A 539 -73.23 -48.47 -9.18
CA GLY A 539 -72.33 -47.60 -9.96
C GLY A 539 -71.94 -46.39 -9.13
N ASN A 540 -71.83 -45.22 -9.76
CA ASN A 540 -71.61 -43.97 -8.98
C ASN A 540 -72.12 -42.86 -9.86
N TYR A 541 -73.21 -42.21 -9.47
CA TYR A 541 -73.87 -41.23 -10.38
C TYR A 541 -73.69 -39.78 -9.94
N ASN A 542 -72.64 -39.49 -9.18
CA ASN A 542 -72.34 -38.08 -8.83
C ASN A 542 -71.23 -37.57 -9.74
N TYR A 543 -70.52 -38.49 -10.42
CA TYR A 543 -69.33 -38.05 -11.21
C TYR A 543 -69.42 -38.53 -12.64
N LEU A 544 -68.83 -37.77 -13.55
CA LEU A 544 -68.80 -38.16 -14.98
C LEU A 544 -67.65 -37.42 -15.66
N TYR A 545 -67.17 -37.94 -16.79
CA TYR A 545 -66.02 -37.29 -17.45
C TYR A 545 -66.24 -37.26 -18.94
N ARG A 546 -65.62 -36.28 -19.61
CA ARG A 546 -65.78 -36.13 -21.08
C ARG A 546 -64.91 -37.12 -21.85
N LEU A 547 -65.46 -37.74 -22.88
CA LEU A 547 -64.65 -38.64 -23.76
C LEU A 547 -64.87 -38.27 -25.23
N LEU A 584 -69.06 -37.47 -22.26
CA LEU A 584 -69.61 -37.38 -20.89
C LEU A 584 -70.17 -38.74 -20.49
N GLN A 585 -69.54 -39.40 -19.53
CA GLN A 585 -70.01 -40.73 -19.10
C GLN A 585 -70.07 -40.78 -17.57
N SER A 586 -71.26 -41.04 -17.03
CA SER A 586 -71.42 -41.15 -15.55
C SER A 586 -70.59 -42.33 -15.07
N TYR A 587 -69.82 -42.15 -14.01
CA TYR A 587 -68.84 -43.19 -13.62
C TYR A 587 -69.41 -44.50 -13.13
N GLY A 588 -68.67 -45.58 -13.39
CA GLY A 588 -69.06 -46.88 -12.82
C GLY A 588 -68.09 -47.21 -11.71
N PHE A 589 -68.53 -47.06 -10.46
CA PHE A 589 -67.67 -47.36 -9.30
C PHE A 589 -68.41 -48.35 -8.42
N GLN A 590 -67.79 -49.50 -8.17
CA GLN A 590 -68.46 -50.52 -7.33
C GLN A 590 -67.46 -51.11 -6.34
N PRO A 591 -67.88 -51.57 -5.16
CA PRO A 591 -66.97 -52.24 -4.23
C PRO A 591 -66.42 -53.56 -4.81
N THR A 592 -67.14 -54.19 -5.74
CA THR A 592 -66.75 -55.53 -6.25
C THR A 592 -65.78 -55.48 -7.44
N ASN A 593 -65.41 -54.29 -7.92
CA ASN A 593 -64.53 -54.23 -9.10
C ASN A 593 -63.07 -54.43 -8.70
N GLY A 594 -62.17 -54.38 -9.70
CA GLY A 594 -60.72 -54.41 -9.42
C GLY A 594 -60.19 -53.01 -9.14
N VAL A 595 -58.89 -52.91 -8.86
CA VAL A 595 -58.24 -51.58 -8.66
C VAL A 595 -58.36 -50.80 -9.97
N GLY A 596 -58.43 -51.50 -11.11
CA GLY A 596 -58.55 -50.86 -12.44
C GLY A 596 -59.90 -50.21 -12.69
N TYR A 597 -60.91 -50.56 -11.89
CA TYR A 597 -62.27 -49.99 -12.04
C TYR A 597 -62.79 -49.38 -10.73
N GLN A 598 -61.89 -48.99 -9.82
CA GLN A 598 -62.29 -48.30 -8.56
C GLN A 598 -61.77 -46.86 -8.62
N PRO A 599 -62.53 -45.87 -8.13
CA PRO A 599 -62.14 -44.48 -8.33
C PRO A 599 -60.81 -44.09 -7.70
N TYR A 600 -59.99 -43.34 -8.43
CA TYR A 600 -58.74 -42.83 -7.83
C TYR A 600 -58.85 -41.32 -7.65
N ARG A 601 -58.84 -40.84 -6.40
CA ARG A 601 -58.81 -39.37 -6.18
C ARG A 601 -57.42 -38.91 -6.59
N VAL A 602 -57.36 -37.71 -7.16
CA VAL A 602 -56.02 -37.19 -7.58
C VAL A 602 -55.90 -35.69 -7.40
N VAL A 603 -54.83 -35.24 -6.72
CA VAL A 603 -54.54 -33.79 -6.66
C VAL A 603 -53.06 -33.66 -7.04
N VAL A 604 -52.77 -32.84 -8.04
CA VAL A 604 -51.35 -32.72 -8.46
C VAL A 604 -50.91 -31.27 -8.25
N LEU A 605 -49.75 -31.07 -7.63
CA LEU A 605 -49.31 -29.69 -7.32
C LEU A 605 -48.51 -29.09 -8.48
N SER A 606 -48.86 -27.87 -8.89
CA SER A 606 -48.08 -27.16 -9.93
C SER A 606 -47.46 -25.93 -9.26
N PHE A 607 -46.16 -25.73 -9.41
CA PHE A 607 -45.51 -24.62 -8.67
C PHE A 607 -45.28 -23.42 -9.58
N GLU A 608 -45.93 -22.30 -9.27
CA GLU A 608 -45.72 -21.06 -10.07
C GLU A 608 -44.56 -20.27 -9.44
N LEU A 609 -43.35 -20.70 -9.74
CA LEU A 609 -42.19 -19.97 -9.19
C LEU A 609 -41.73 -18.95 -10.23
N LEU A 610 -42.13 -17.69 -10.06
CA LEU A 610 -41.63 -16.60 -10.91
C LEU A 610 -41.29 -15.46 -9.96
N HIS A 611 -40.41 -14.54 -10.37
CA HIS A 611 -39.96 -13.56 -9.35
C HIS A 611 -41.06 -12.59 -8.99
N ALA A 612 -41.55 -12.68 -7.74
CA ALA A 612 -42.70 -11.88 -7.30
C ALA A 612 -42.77 -11.98 -5.78
N PRO A 613 -43.77 -11.39 -5.10
CA PRO A 613 -43.86 -11.42 -3.63
C PRO A 613 -43.64 -12.81 -3.01
N ALA A 614 -43.98 -13.91 -3.68
CA ALA A 614 -43.61 -15.25 -3.14
C ALA A 614 -44.09 -15.41 -1.69
N THR A 615 -45.39 -15.22 -1.47
CA THR A 615 -45.96 -15.23 -0.11
C THR A 615 -46.18 -16.65 0.46
N VAL A 616 -45.94 -17.72 -0.30
CA VAL A 616 -46.10 -19.08 0.32
C VAL A 616 -44.72 -19.62 0.71
N CYS A 617 -44.61 -20.25 1.88
CA CYS A 617 -43.28 -20.68 2.33
C CYS A 617 -43.38 -21.86 3.29
N GLY A 618 -42.27 -22.59 3.50
CA GLY A 618 -42.25 -23.69 4.47
C GLY A 618 -41.86 -23.21 5.85
N PRO A 619 -42.26 -23.92 6.93
CA PRO A 619 -41.99 -23.46 8.29
C PRO A 619 -40.52 -23.54 8.69
N LYS A 620 -40.05 -22.55 9.44
CA LYS A 620 -38.63 -22.50 9.84
C LYS A 620 -38.54 -22.79 11.34
N LYS A 621 -37.61 -23.67 11.72
CA LYS A 621 -37.55 -24.13 13.12
C LYS A 621 -36.50 -23.33 13.89
N SER A 622 -36.75 -23.10 15.18
CA SER A 622 -35.84 -22.24 15.96
C SER A 622 -35.06 -23.01 17.01
N THR A 623 -33.76 -22.74 17.11
CA THR A 623 -32.93 -23.35 18.18
C THR A 623 -33.12 -22.58 19.49
N ASN A 624 -32.94 -23.26 20.60
CA ASN A 624 -33.27 -22.64 21.92
C ASN A 624 -32.30 -21.51 22.20
N LEU A 625 -32.70 -20.58 23.08
CA LEU A 625 -31.90 -19.36 23.32
C LEU A 625 -30.79 -19.61 24.34
N VAL A 626 -29.58 -19.16 23.99
CA VAL A 626 -28.44 -19.32 24.92
C VAL A 626 -28.04 -17.93 25.37
N LYS A 627 -27.48 -17.83 26.57
CA LYS A 627 -27.05 -16.50 27.05
C LYS A 627 -25.65 -16.58 27.64
N ASN A 628 -24.90 -15.50 27.50
CA ASN A 628 -23.59 -15.43 28.18
C ASN A 628 -22.68 -16.57 27.73
N LYS A 629 -22.79 -17.00 26.48
CA LYS A 629 -21.84 -18.00 25.93
C LYS A 629 -21.56 -17.67 24.47
N CYS A 630 -20.29 -17.58 24.08
CA CYS A 630 -19.97 -17.15 22.70
C CYS A 630 -20.65 -18.14 21.78
N VAL A 631 -21.51 -17.65 20.89
CA VAL A 631 -22.33 -18.58 20.07
C VAL A 631 -22.51 -18.02 18.67
N ASN A 632 -22.64 -18.87 17.66
CA ASN A 632 -22.99 -18.31 16.33
C ASN A 632 -24.45 -17.88 16.48
N PHE A 633 -24.81 -16.67 16.06
CA PHE A 633 -26.24 -16.25 16.11
C PHE A 633 -26.83 -16.18 14.69
N ASN A 634 -27.97 -16.81 14.49
CA ASN A 634 -28.65 -16.73 13.16
C ASN A 634 -30.04 -16.14 13.37
N PHE A 635 -30.38 -15.11 12.59
CA PHE A 635 -31.71 -14.47 12.70
C PHE A 635 -32.25 -14.31 11.27
N ASN A 636 -33.55 -14.10 11.12
CA ASN A 636 -34.13 -14.03 9.76
C ASN A 636 -33.48 -12.87 9.00
N GLY A 637 -33.31 -11.72 9.66
CA GLY A 637 -32.64 -10.57 9.02
C GLY A 637 -31.17 -10.81 8.70
N LEU A 638 -30.40 -11.37 9.64
CA LEU A 638 -28.93 -11.53 9.42
C LEU A 638 -28.36 -12.61 10.34
N THR A 639 -27.17 -13.11 10.03
CA THR A 639 -26.48 -14.11 10.89
C THR A 639 -25.22 -13.46 11.48
N GLY A 640 -24.47 -14.17 12.32
CA GLY A 640 -23.20 -13.60 12.84
C GLY A 640 -22.70 -14.36 14.04
N THR A 641 -21.51 -14.01 14.51
CA THR A 641 -20.95 -14.64 15.72
C THR A 641 -20.79 -13.61 16.83
N GLY A 642 -21.17 -13.97 18.04
CA GLY A 642 -21.09 -13.01 19.14
C GLY A 642 -21.59 -13.61 20.43
N VAL A 643 -21.70 -12.80 21.48
CA VAL A 643 -22.27 -13.29 22.78
C VAL A 643 -23.61 -12.57 23.00
N LEU A 644 -24.65 -13.29 23.40
CA LEU A 644 -25.98 -12.66 23.57
C LEU A 644 -26.24 -12.43 25.06
N THR A 645 -26.10 -11.20 25.54
CA THR A 645 -26.42 -10.89 26.95
C THR A 645 -27.76 -10.13 26.98
N GLU A 646 -28.62 -10.42 27.94
CA GLU A 646 -29.90 -9.66 28.06
C GLU A 646 -29.58 -8.18 28.13
N SER A 647 -30.24 -7.39 27.28
CA SER A 647 -29.92 -5.95 27.18
C SER A 647 -30.71 -5.20 28.24
N ASN A 648 -30.61 -3.87 28.21
CA ASN A 648 -31.39 -3.07 29.16
C ASN A 648 -32.04 -1.94 28.36
N LYS A 649 -31.98 -2.05 27.04
CA LYS A 649 -32.46 -0.91 26.24
C LYS A 649 -33.98 -0.94 26.12
N LYS A 650 -34.53 0.00 25.36
CA LYS A 650 -36.00 -0.02 25.09
C LYS A 650 -36.16 0.19 23.59
N PHE A 651 -36.34 -0.90 22.86
CA PHE A 651 -36.64 -0.75 21.42
C PHE A 651 -38.07 -0.30 21.33
N LEU A 652 -38.40 0.39 20.24
CA LEU A 652 -39.82 0.74 20.03
C LEU A 652 -40.54 -0.58 19.81
N PRO A 653 -41.85 -0.66 20.12
CA PRO A 653 -42.53 -1.93 20.03
C PRO A 653 -42.42 -2.57 18.64
N PHE A 654 -42.38 -1.75 17.59
CA PHE A 654 -42.19 -2.34 16.24
C PHE A 654 -40.73 -2.63 15.95
N GLN A 655 -39.83 -2.10 16.76
CA GLN A 655 -38.39 -2.19 16.40
C GLN A 655 -37.83 -3.62 16.48
N GLN A 656 -36.95 -3.95 15.54
CA GLN A 656 -36.40 -5.33 15.50
C GLN A 656 -34.87 -5.37 15.62
N PHE A 657 -34.15 -4.60 14.82
CA PHE A 657 -32.67 -4.71 14.76
C PHE A 657 -31.99 -3.67 15.64
N GLY A 658 -30.68 -3.51 15.47
CA GLY A 658 -29.94 -2.48 16.22
C GLY A 658 -28.62 -2.16 15.57
N ARG A 659 -28.17 -0.92 15.62
CA ARG A 659 -26.84 -0.60 15.08
C ARG A 659 -26.09 0.38 15.96
N ASP A 660 -24.77 0.37 15.87
CA ASP A 660 -23.95 1.31 16.65
C ASP A 660 -23.82 2.59 15.83
N ILE A 661 -22.92 3.49 16.21
CA ILE A 661 -22.70 4.72 15.41
C ILE A 661 -22.15 4.35 14.03
N ALA A 662 -21.54 3.16 13.90
CA ALA A 662 -20.88 2.78 12.65
C ALA A 662 -21.52 1.54 12.03
N ASP A 663 -22.83 1.40 12.15
CA ASP A 663 -23.54 0.33 11.40
C ASP A 663 -23.08 -1.08 11.75
N THR A 664 -23.00 -1.40 13.04
CA THR A 664 -22.69 -2.79 13.45
C THR A 664 -23.75 -3.25 14.44
N THR A 665 -24.21 -4.49 14.30
CA THR A 665 -25.34 -4.91 15.15
C THR A 665 -24.92 -5.05 16.61
N ASP A 666 -25.47 -4.20 17.47
CA ASP A 666 -25.10 -4.26 18.90
C ASP A 666 -26.31 -4.67 19.72
N ALA A 667 -27.44 -4.94 19.05
CA ALA A 667 -28.69 -5.32 19.75
C ALA A 667 -29.66 -5.96 18.76
N VAL A 668 -30.20 -7.13 19.09
CA VAL A 668 -31.23 -7.76 18.21
C VAL A 668 -32.44 -8.15 19.06
N ARG A 669 -33.66 -7.79 18.61
CA ARG A 669 -34.87 -8.24 19.35
C ARG A 669 -35.09 -9.72 19.07
N ASP A 670 -35.34 -10.52 20.11
CA ASP A 670 -35.63 -11.95 19.92
C ASP A 670 -36.95 -12.05 19.15
N PRO A 671 -37.04 -12.90 18.11
CA PRO A 671 -38.28 -13.10 17.36
C PRO A 671 -39.39 -13.66 18.25
N GLN A 672 -39.05 -14.57 19.17
CA GLN A 672 -40.09 -15.25 19.98
C GLN A 672 -40.54 -14.43 21.19
N THR A 673 -39.67 -14.21 22.19
CA THR A 673 -40.15 -13.57 23.43
C THR A 673 -40.21 -12.05 23.28
N LEU A 674 -39.83 -11.54 22.12
CA LEU A 674 -39.79 -10.08 21.87
C LEU A 674 -38.83 -9.45 22.87
N GLU A 675 -37.78 -10.18 23.22
CA GLU A 675 -36.82 -9.68 24.23
C GLU A 675 -35.66 -9.09 23.48
N ILE A 676 -35.07 -8.02 24.00
CA ILE A 676 -33.99 -7.35 23.23
C ILE A 676 -32.68 -7.65 23.96
N LEU A 677 -31.69 -8.10 23.23
CA LEU A 677 -30.42 -8.52 23.87
C LEU A 677 -29.21 -7.83 23.26
N ASP A 678 -28.22 -7.53 24.07
CA ASP A 678 -26.96 -6.93 23.57
C ASP A 678 -26.19 -7.96 22.79
N ILE A 679 -25.41 -7.52 21.83
CA ILE A 679 -24.50 -8.46 21.13
C ILE A 679 -23.09 -7.97 21.43
N THR A 680 -22.24 -8.83 21.96
CA THR A 680 -20.83 -8.42 22.19
C THR A 680 -19.95 -9.34 21.35
N PRO A 681 -19.04 -8.79 20.53
CA PRO A 681 -18.14 -9.64 19.78
C PRO A 681 -17.31 -10.55 20.70
N CYS A 682 -17.09 -11.78 20.27
CA CYS A 682 -16.41 -12.77 21.14
C CYS A 682 -15.00 -12.29 21.45
N SER A 683 -14.54 -12.48 22.69
CA SER A 683 -13.26 -11.89 23.12
C SER A 683 -12.10 -12.33 22.24
N PHE A 684 -11.17 -11.41 22.05
CA PHE A 684 -9.97 -11.75 21.28
C PHE A 684 -8.84 -10.83 21.70
N GLY A 685 -7.70 -10.99 21.06
CA GLY A 685 -6.55 -10.15 21.39
C GLY A 685 -5.28 -10.69 20.82
N GLY A 686 -4.14 -10.26 21.34
CA GLY A 686 -2.85 -10.77 20.91
C GLY A 686 -2.25 -11.59 22.03
N VAL A 687 -1.15 -12.26 21.75
CA VAL A 687 -0.51 -13.09 22.79
C VAL A 687 0.90 -12.57 22.93
N SER A 688 1.15 -11.86 24.01
CA SER A 688 2.49 -11.28 24.19
C SER A 688 3.28 -12.20 25.10
N VAL A 689 4.50 -12.53 24.72
CA VAL A 689 5.36 -13.36 25.60
C VAL A 689 6.45 -12.48 26.19
N ILE A 690 6.52 -12.44 27.52
CA ILE A 690 7.54 -11.63 28.22
C ILE A 690 8.68 -12.56 28.60
N THR A 691 9.82 -12.38 27.96
CA THR A 691 10.94 -13.30 28.21
C THR A 691 12.21 -12.55 28.54
N PRO A 692 12.97 -12.98 29.55
CA PRO A 692 14.29 -12.44 29.73
C PRO A 692 15.04 -13.16 28.60
N GLY A 693 16.18 -12.64 28.18
CA GLY A 693 16.83 -13.25 27.01
C GLY A 693 17.17 -14.71 27.21
N THR A 694 17.28 -15.46 26.12
CA THR A 694 17.59 -16.90 26.20
C THR A 694 18.93 -17.07 26.91
N ASN A 695 19.83 -16.12 26.79
CA ASN A 695 21.10 -16.22 27.55
C ASN A 695 20.80 -16.29 29.04
N THR A 696 19.97 -15.39 29.53
CA THR A 696 19.73 -15.31 30.99
C THR A 696 18.90 -16.48 31.52
N SER A 697 17.84 -16.84 30.81
CA SER A 697 16.92 -17.88 31.35
C SER A 697 16.08 -18.43 30.23
N ASN A 698 15.17 -19.36 30.55
CA ASN A 698 14.36 -20.01 29.51
C ASN A 698 12.89 -19.94 29.85
N GLN A 699 12.54 -19.24 30.92
CA GLN A 699 11.12 -19.09 31.32
C GLN A 699 10.46 -17.95 30.55
N VAL A 700 9.14 -17.89 30.62
CA VAL A 700 8.42 -16.79 29.94
C VAL A 700 7.23 -16.36 30.75
N ALA A 701 6.71 -15.19 30.45
CA ALA A 701 5.43 -14.77 31.04
C ALA A 701 4.54 -14.45 29.85
N VAL A 702 3.30 -14.90 29.88
CA VAL A 702 2.40 -14.71 28.73
C VAL A 702 1.36 -13.65 29.05
N LEU A 703 1.18 -12.70 28.14
CA LEU A 703 0.19 -11.62 28.31
C LEU A 703 -0.84 -11.68 27.21
N TYR A 704 -2.12 -11.58 27.57
CA TYR A 704 -3.19 -11.52 26.54
C TYR A 704 -3.84 -10.14 26.62
N GLN A 705 -3.99 -9.48 25.49
CA GLN A 705 -4.46 -8.09 25.54
C GLN A 705 -5.96 -7.96 25.73
N ASP A 706 -6.39 -7.08 26.65
CA ASP A 706 -7.82 -6.73 26.80
C ASP A 706 -8.70 -7.96 26.90
N VAL A 707 -8.35 -8.88 27.78
CA VAL A 707 -9.29 -10.02 27.95
C VAL A 707 -9.30 -10.41 29.42
N ASN A 708 -10.49 -10.76 29.90
CA ASN A 708 -10.61 -11.15 31.33
C ASN A 708 -9.85 -12.46 31.50
N CYS A 709 -9.28 -12.68 32.67
CA CYS A 709 -8.42 -13.87 32.87
C CYS A 709 -9.20 -15.17 32.70
N THR A 710 -10.46 -15.19 33.08
CA THR A 710 -11.22 -16.46 33.09
C THR A 710 -11.33 -17.06 31.69
N GLU A 711 -11.17 -16.25 30.65
CA GLU A 711 -11.42 -16.73 29.26
C GLU A 711 -10.16 -17.31 28.62
N VAL A 712 -9.05 -17.34 29.33
CA VAL A 712 -7.80 -17.81 28.67
C VAL A 712 -7.85 -19.29 28.28
N PRO A 713 -8.26 -20.24 29.15
CA PRO A 713 -8.17 -21.64 28.76
C PRO A 713 -8.98 -22.02 27.53
N VAL A 714 -10.22 -21.55 27.44
CA VAL A 714 -11.05 -21.84 26.23
C VAL A 714 -10.60 -21.05 25.01
N ALA A 715 -10.30 -19.77 25.17
CA ALA A 715 -9.94 -18.91 24.02
C ALA A 715 -8.57 -19.25 23.41
N ILE A 716 -7.59 -19.64 24.22
CA ILE A 716 -6.30 -20.14 23.66
C ILE A 716 -6.48 -21.63 23.34
N HIS A 717 -7.58 -22.24 23.80
CA HIS A 717 -7.81 -23.70 23.61
C HIS A 717 -6.68 -24.55 24.20
N ALA A 718 -6.48 -24.44 25.52
CA ALA A 718 -5.45 -25.26 26.21
C ALA A 718 -5.81 -26.74 26.09
N ASP A 719 -7.11 -27.06 26.11
CA ASP A 719 -7.57 -28.47 25.99
C ASP A 719 -7.33 -29.03 24.58
N GLN A 720 -7.02 -28.17 23.60
CA GLN A 720 -6.81 -28.64 22.20
C GLN A 720 -5.33 -28.86 21.88
N LEU A 721 -4.42 -28.18 22.55
CA LEU A 721 -2.98 -28.25 22.16
C LEU A 721 -2.21 -29.33 22.93
N THR A 722 -0.88 -29.27 22.84
CA THR A 722 -0.03 -30.19 23.63
C THR A 722 -0.07 -29.82 25.12
N PRO A 723 0.24 -30.73 26.05
CA PRO A 723 0.30 -30.41 27.47
C PRO A 723 1.48 -29.49 27.82
N THR A 724 2.28 -29.07 26.84
CA THR A 724 3.35 -28.07 27.13
C THR A 724 2.77 -26.65 27.11
N TRP A 725 1.61 -26.46 26.50
CA TRP A 725 0.96 -25.13 26.52
C TRP A 725 0.12 -24.98 27.79
N ARG A 726 -0.31 -26.10 28.39
CA ARG A 726 -1.26 -26.04 29.52
C ARG A 726 -0.64 -25.41 30.77
N VAL A 727 0.69 -25.41 30.90
CA VAL A 727 1.31 -24.69 32.04
C VAL A 727 1.13 -23.17 31.84
N TYR A 728 1.11 -22.74 30.57
CA TYR A 728 1.02 -21.28 30.28
C TYR A 728 -0.42 -20.91 29.96
N SER A 729 -1.39 -21.64 30.51
CA SER A 729 -2.81 -21.27 30.33
C SER A 729 -3.50 -21.16 31.69
N THR A 730 -2.73 -21.30 32.78
CA THR A 730 -3.28 -21.18 34.16
C THR A 730 -2.12 -21.11 35.14
N GLY A 731 -2.40 -21.05 36.44
CA GLY A 731 -1.34 -21.02 37.44
C GLY A 731 -1.63 -20.00 38.52
N SER A 732 -0.96 -20.11 39.66
CA SER A 732 -1.14 -19.14 40.77
C SER A 732 -0.69 -17.78 40.25
N ASN A 733 0.16 -17.80 39.25
CA ASN A 733 0.68 -16.54 38.67
C ASN A 733 -0.27 -16.11 37.56
N VAL A 734 -1.55 -15.93 37.88
CA VAL A 734 -2.48 -15.33 36.90
C VAL A 734 -2.93 -14.02 37.51
N PHE A 735 -2.36 -12.92 37.04
CA PHE A 735 -2.62 -11.58 37.63
C PHE A 735 -3.33 -10.77 36.57
N GLN A 736 -4.13 -9.80 37.01
CA GLN A 736 -4.95 -9.02 36.06
C GLN A 736 -4.28 -7.66 35.82
N THR A 737 -4.21 -7.26 34.55
CA THR A 737 -3.62 -5.94 34.23
C THR A 737 -4.61 -5.19 33.33
N ARG A 738 -4.49 -3.87 33.29
CA ARG A 738 -5.36 -3.10 32.39
C ARG A 738 -5.03 -3.51 30.96
N ALA A 739 -3.78 -3.88 30.70
CA ALA A 739 -3.35 -4.31 29.35
C ALA A 739 -4.00 -5.62 29.01
N GLY A 740 -4.35 -6.39 30.02
CA GLY A 740 -4.96 -7.71 29.81
C GLY A 740 -4.59 -8.67 30.92
N CYS A 741 -4.72 -9.95 30.67
CA CYS A 741 -4.43 -10.97 31.69
C CYS A 741 -2.99 -11.39 31.50
N LEU A 742 -2.22 -11.35 32.58
CA LEU A 742 -0.79 -11.70 32.49
C LEU A 742 -0.56 -13.04 33.17
N ILE A 743 -0.09 -14.02 32.41
CA ILE A 743 0.12 -15.39 32.94
C ILE A 743 1.60 -15.67 32.93
N GLY A 744 2.14 -16.23 34.00
CA GLY A 744 3.55 -16.61 33.95
C GLY A 744 4.45 -15.62 34.66
N ALA A 745 3.87 -14.66 35.35
CA ALA A 745 4.68 -13.73 36.17
C ALA A 745 4.01 -13.54 37.52
N GLU A 746 4.81 -13.19 38.53
CA GLU A 746 4.23 -13.05 39.88
C GLU A 746 4.10 -11.58 40.22
N HIS A 747 2.89 -11.14 40.55
CA HIS A 747 2.66 -9.73 40.96
C HIS A 747 3.24 -9.49 42.34
N VAL A 748 3.81 -8.32 42.55
CA VAL A 748 4.44 -7.99 43.85
C VAL A 748 4.01 -6.59 44.31
N ASN A 749 4.40 -6.23 45.52
CA ASN A 749 4.14 -4.87 46.03
C ASN A 749 5.52 -4.29 46.24
N ASN A 750 6.10 -3.81 45.16
CA ASN A 750 7.43 -3.18 45.19
C ASN A 750 7.47 -2.21 44.01
N SER A 751 8.62 -1.63 43.78
CA SER A 751 8.75 -0.68 42.67
C SER A 751 10.17 -0.75 42.14
N TYR A 752 10.31 -1.02 40.87
CA TYR A 752 11.66 -1.04 40.28
C TYR A 752 11.68 -0.28 38.96
N GLU A 753 12.88 0.04 38.51
CA GLU A 753 13.03 0.72 37.22
C GLU A 753 12.41 -0.17 36.15
N CYS A 754 11.67 0.41 35.23
CA CYS A 754 10.96 -0.45 34.25
C CYS A 754 11.96 -1.26 33.44
N ASP A 755 11.70 -2.55 33.30
CA ASP A 755 12.65 -3.43 32.57
C ASP A 755 11.99 -3.87 31.27
N ILE A 756 10.84 -4.52 31.37
CA ILE A 756 10.09 -4.85 30.13
C ILE A 756 8.77 -4.10 30.21
N PRO A 757 8.52 -3.10 29.34
CA PRO A 757 7.28 -2.40 29.39
C PRO A 757 6.08 -3.32 29.12
N ILE A 758 5.00 -3.13 29.87
CA ILE A 758 3.80 -4.00 29.72
C ILE A 758 2.61 -3.14 29.36
N GLY A 759 2.33 -2.10 30.13
CA GLY A 759 1.12 -1.28 29.90
C GLY A 759 0.45 -0.87 31.19
N ALA A 760 -0.17 0.29 31.22
CA ALA A 760 -0.81 0.82 32.44
C ALA A 760 0.16 0.86 33.61
N GLY A 761 1.38 1.34 33.37
CA GLY A 761 2.33 1.51 34.48
C GLY A 761 2.94 0.22 34.92
N ILE A 762 2.76 -0.88 34.17
CA ILE A 762 3.26 -2.20 34.65
C ILE A 762 4.51 -2.59 33.89
N CYS A 763 5.48 -3.17 34.58
CA CYS A 763 6.68 -3.67 33.90
C CYS A 763 7.04 -5.02 34.48
N ALA A 764 7.67 -5.87 33.68
CA ALA A 764 8.04 -7.23 34.12
C ALA A 764 9.55 -7.39 34.09
N SER A 765 10.06 -8.22 34.99
CA SER A 765 11.53 -8.38 35.10
C SER A 765 11.86 -9.71 35.73
N TYR A 766 13.13 -10.10 35.67
CA TYR A 766 13.56 -11.43 36.17
C TYR A 766 14.44 -11.21 37.38
N GLN A 767 13.89 -11.45 38.56
CA GLN A 767 14.66 -11.27 39.81
C GLN A 767 14.34 -12.42 40.78
N THR A 768 15.28 -12.72 41.69
CA THR A 768 15.05 -13.75 42.71
C THR A 768 14.28 -13.11 43.86
N GLN A 782 14.81 -18.38 40.34
CA GLN A 782 14.36 -16.98 40.07
C GLN A 782 12.96 -16.98 39.45
N SER A 783 12.38 -15.80 39.28
CA SER A 783 10.99 -15.71 38.79
C SER A 783 10.77 -14.51 37.88
N ILE A 784 9.63 -14.46 37.18
CA ILE A 784 9.25 -13.26 36.39
C ILE A 784 8.31 -12.45 37.28
N ILE A 785 8.66 -11.20 37.52
CA ILE A 785 7.89 -10.39 38.49
C ILE A 785 7.18 -9.25 37.76
N ALA A 786 5.90 -9.07 38.04
CA ALA A 786 5.16 -7.96 37.43
C ALA A 786 4.90 -6.92 38.51
N TYR A 787 5.23 -5.67 38.24
CA TYR A 787 5.14 -4.65 39.30
C TYR A 787 4.79 -3.30 38.71
N THR A 788 4.20 -2.44 39.52
CA THR A 788 3.86 -1.08 39.07
C THR A 788 5.19 -0.36 39.07
N MET A 789 5.62 0.11 37.89
CA MET A 789 6.97 0.69 37.78
C MET A 789 7.10 1.94 38.62
N SER A 790 8.34 2.28 38.97
CA SER A 790 8.61 3.47 39.82
C SER A 790 9.21 4.60 38.99
N LEU A 791 8.85 5.84 39.31
CA LEU A 791 9.31 7.00 38.53
C LEU A 791 10.55 7.58 39.19
N GLY A 792 11.44 6.71 39.63
CA GLY A 792 12.69 7.24 40.16
C GLY A 792 12.61 7.49 41.64
N ALA A 793 13.75 7.57 42.28
CA ALA A 793 13.78 7.69 43.75
C ALA A 793 13.22 9.04 44.14
N GLU A 794 12.39 9.05 45.18
CA GLU A 794 11.90 10.35 45.67
C GLU A 794 13.06 11.17 46.23
N ASN A 795 13.00 12.48 46.08
CA ASN A 795 14.04 13.36 46.63
C ASN A 795 13.32 14.63 47.04
N SER A 796 13.55 15.08 48.25
CA SER A 796 12.93 16.34 48.69
C SER A 796 14.04 17.31 49.03
N VAL A 797 14.04 18.45 48.37
CA VAL A 797 15.11 19.46 48.63
C VAL A 797 14.62 20.28 49.81
N ALA A 798 15.47 20.45 50.81
CA ALA A 798 15.05 21.17 52.03
C ALA A 798 15.13 22.65 51.71
N TYR A 799 14.14 23.14 50.97
CA TYR A 799 14.12 24.55 50.58
C TYR A 799 13.91 25.41 51.81
N SER A 800 14.52 26.59 51.82
CA SER A 800 14.26 27.52 52.94
C SER A 800 14.30 28.94 52.40
N ASN A 801 13.66 29.87 53.09
CA ASN A 801 13.58 31.25 52.58
C ASN A 801 14.93 31.95 52.63
N ASN A 802 15.85 31.47 53.45
CA ASN A 802 17.13 32.20 53.60
C ASN A 802 18.32 31.25 53.46
N SER A 803 18.14 30.11 52.82
CA SER A 803 19.26 29.14 52.73
C SER A 803 19.47 28.66 51.29
N ILE A 804 20.70 28.76 50.80
CA ILE A 804 21.01 28.19 49.46
C ILE A 804 22.13 27.19 49.61
N ALA A 805 22.40 26.44 48.55
CA ALA A 805 23.53 25.51 48.55
C ALA A 805 24.41 25.92 47.38
N ILE A 806 25.71 25.85 47.57
CA ILE A 806 26.67 26.23 46.50
C ILE A 806 27.64 25.08 46.30
N PRO A 807 27.91 24.67 45.06
CA PRO A 807 28.87 23.63 44.84
C PRO A 807 30.30 24.07 45.17
N THR A 808 31.04 23.20 45.83
CA THR A 808 32.44 23.48 46.17
C THR A 808 33.40 22.75 45.23
N ASN A 809 32.88 21.82 44.42
CA ASN A 809 33.73 21.05 43.49
C ASN A 809 32.86 20.61 42.34
N PHE A 810 33.49 20.12 41.29
CA PHE A 810 32.73 19.72 40.11
C PHE A 810 33.25 18.42 39.52
N THR A 811 32.59 17.92 38.47
CA THR A 811 33.08 16.73 37.76
C THR A 811 32.93 16.99 36.28
N ILE A 812 34.04 17.04 35.55
CA ILE A 812 33.95 17.17 34.07
C ILE A 812 33.42 15.85 33.56
N SER A 813 32.28 15.88 32.90
CA SER A 813 31.61 14.64 32.46
C SER A 813 31.67 14.56 30.95
N VAL A 814 31.56 13.36 30.40
CA VAL A 814 31.49 13.23 28.93
C VAL A 814 30.37 12.27 28.60
N THR A 815 29.52 12.63 27.66
CA THR A 815 28.36 11.78 27.32
C THR A 815 28.42 11.42 25.86
N THR A 816 27.67 10.39 25.48
CA THR A 816 27.72 9.92 24.09
C THR A 816 26.39 10.26 23.44
N GLU A 817 26.44 10.82 22.25
CA GLU A 817 25.18 11.05 21.53
C GLU A 817 25.28 10.52 20.11
N ILE A 818 24.45 9.55 19.78
CA ILE A 818 24.50 8.96 18.44
C ILE A 818 23.31 9.50 17.65
N LEU A 819 23.57 9.97 16.44
CA LEU A 819 22.49 10.46 15.57
C LEU A 819 22.68 9.89 14.19
N PRO A 820 21.66 9.23 13.60
CA PRO A 820 21.80 8.74 12.26
C PRO A 820 21.84 9.93 11.31
N VAL A 821 22.66 9.87 10.25
CA VAL A 821 22.76 11.01 9.32
C VAL A 821 22.23 10.58 7.96
N SER A 822 22.52 9.35 7.57
CA SER A 822 22.09 8.89 6.24
C SER A 822 21.65 7.45 6.25
N MET A 823 20.88 7.04 5.27
CA MET A 823 20.48 5.63 5.15
C MET A 823 20.97 5.10 3.81
N THR A 824 21.01 3.80 3.63
CA THR A 824 21.59 3.20 2.41
C THR A 824 20.87 3.69 1.17
N LYS A 825 21.61 3.94 0.10
CA LYS A 825 21.00 4.50 -1.12
C LYS A 825 20.58 3.36 -2.02
N THR A 826 19.35 2.92 -1.87
CA THR A 826 18.92 1.74 -2.65
C THR A 826 18.03 2.17 -3.81
N SER A 827 18.41 1.78 -5.01
CA SER A 827 17.59 2.11 -6.21
C SER A 827 17.12 0.81 -6.79
N VAL A 828 15.83 0.71 -7.06
CA VAL A 828 15.23 -0.54 -7.60
C VAL A 828 14.61 -0.23 -8.95
N ASP A 829 14.94 -1.02 -9.96
CA ASP A 829 14.34 -0.85 -11.29
C ASP A 829 12.88 -1.23 -11.19
N CYS A 830 12.03 -0.57 -11.95
CA CYS A 830 10.61 -0.97 -11.88
C CYS A 830 10.30 -2.06 -12.90
N THR A 831 10.68 -1.85 -14.15
CA THR A 831 10.22 -2.80 -15.19
C THR A 831 10.79 -4.19 -14.96
N MET A 832 12.07 -4.32 -14.70
CA MET A 832 12.65 -5.68 -14.60
C MET A 832 12.15 -6.37 -13.36
N TYR A 833 12.01 -5.64 -12.28
CA TYR A 833 11.57 -6.27 -11.03
C TYR A 833 10.17 -6.80 -11.28
N ILE A 834 9.32 -6.03 -11.95
CA ILE A 834 7.93 -6.48 -12.22
C ILE A 834 7.88 -7.55 -13.29
N CYS A 835 8.70 -7.39 -14.34
CA CYS A 835 8.52 -8.26 -15.52
C CYS A 835 9.74 -9.10 -15.90
N GLY A 836 10.83 -8.96 -15.21
CA GLY A 836 12.03 -9.69 -15.61
C GLY A 836 12.44 -9.40 -17.05
N ASP A 837 12.80 -10.44 -17.78
CA ASP A 837 13.28 -10.27 -19.17
C ASP A 837 12.18 -10.66 -20.15
N SER A 838 10.98 -11.01 -19.67
CA SER A 838 9.86 -11.32 -20.59
C SER A 838 9.42 -10.06 -21.33
N THR A 839 8.84 -10.24 -22.52
CA THR A 839 8.43 -9.07 -23.33
C THR A 839 6.92 -8.85 -23.27
N GLU A 840 6.14 -9.90 -22.98
CA GLU A 840 4.68 -9.73 -22.86
C GLU A 840 4.35 -8.93 -21.61
N CYS A 841 5.04 -9.23 -20.53
CA CYS A 841 4.79 -8.49 -19.27
C CYS A 841 5.13 -7.01 -19.53
N SER A 842 6.25 -6.74 -20.19
CA SER A 842 6.62 -5.34 -20.47
C SER A 842 5.59 -4.69 -21.38
N ASN A 843 5.10 -5.44 -22.36
CA ASN A 843 4.12 -4.86 -23.31
C ASN A 843 2.89 -4.46 -22.52
N LEU A 844 2.46 -5.30 -21.58
CA LEU A 844 1.27 -4.94 -20.77
C LEU A 844 1.61 -3.74 -19.91
N LEU A 845 2.81 -3.69 -19.33
CA LEU A 845 3.13 -2.62 -18.36
C LEU A 845 3.11 -1.27 -19.04
N LEU A 846 3.46 -1.21 -20.32
CA LEU A 846 3.49 0.10 -21.00
C LEU A 846 2.06 0.66 -20.98
N GLN A 847 1.05 -0.20 -20.94
CA GLN A 847 -0.36 0.30 -20.82
C GLN A 847 -0.66 0.88 -19.44
N TYR A 848 0.05 0.43 -18.41
CA TYR A 848 -0.28 0.85 -17.03
C TYR A 848 0.22 2.25 -16.79
N GLY A 849 0.77 2.86 -17.81
CA GLY A 849 1.11 4.27 -17.61
C GLY A 849 2.46 4.49 -17.01
N SER A 850 2.65 5.65 -16.37
CA SER A 850 4.00 6.03 -15.94
C SER A 850 4.26 5.73 -14.47
N PHE A 851 3.68 4.66 -13.95
CA PHE A 851 4.02 4.32 -12.56
C PHE A 851 5.50 4.01 -12.43
N CYS A 852 6.08 3.29 -13.37
CA CYS A 852 7.48 2.87 -13.17
C CYS A 852 8.43 4.05 -13.11
N THR A 853 8.21 5.04 -13.96
CA THR A 853 9.08 6.22 -13.97
C THR A 853 8.91 6.98 -12.66
N GLN A 854 7.69 7.04 -12.17
CA GLN A 854 7.45 7.74 -10.90
C GLN A 854 8.25 7.04 -9.80
N LEU A 855 8.22 5.73 -9.79
CA LEU A 855 8.95 5.00 -8.73
C LEU A 855 10.44 5.23 -8.89
N ASN A 856 10.89 5.24 -10.14
CA ASN A 856 12.33 5.41 -10.38
C ASN A 856 12.76 6.76 -9.81
N ARG A 857 12.02 7.83 -10.09
CA ARG A 857 12.49 9.14 -9.61
C ARG A 857 12.23 9.30 -8.12
N ALA A 858 11.24 8.59 -7.57
CA ALA A 858 11.07 8.75 -6.13
C ALA A 858 12.30 8.21 -5.41
N LEU A 859 12.74 7.04 -5.80
CA LEU A 859 13.93 6.45 -5.18
C LEU A 859 15.14 7.30 -5.54
N THR A 860 15.19 7.85 -6.74
CA THR A 860 16.31 8.68 -7.14
C THR A 860 16.39 9.90 -6.25
N GLY A 861 15.25 10.51 -5.95
CA GLY A 861 15.25 11.67 -5.05
C GLY A 861 15.70 11.31 -3.65
N ILE A 862 15.25 10.17 -3.15
CA ILE A 862 15.72 9.76 -1.80
C ILE A 862 17.23 9.53 -1.82
N ALA A 863 17.74 8.86 -2.84
CA ALA A 863 19.19 8.59 -2.88
C ALA A 863 19.98 9.88 -2.95
N VAL A 864 19.55 10.80 -3.81
CA VAL A 864 20.35 12.05 -4.00
C VAL A 864 20.24 12.88 -2.73
N GLU A 865 19.16 12.69 -2.00
CA GLU A 865 19.00 13.42 -0.74
C GLU A 865 20.00 12.91 0.29
N GLN A 866 20.30 11.62 0.26
CA GLN A 866 21.19 11.04 1.29
C GLN A 866 22.57 11.70 1.18
N ASP A 867 22.91 12.22 0.04
CA ASP A 867 24.19 12.95 -0.11
C ASP A 867 24.13 14.32 0.56
N LYS A 868 23.01 15.00 0.42
CA LYS A 868 22.84 16.33 1.03
C LYS A 868 22.86 16.20 2.54
N ASN A 869 22.36 15.08 3.05
CA ASN A 869 22.36 14.89 4.50
C ASN A 869 23.79 14.93 5.03
N THR A 870 24.69 14.18 4.42
CA THR A 870 26.11 14.17 4.87
C THR A 870 26.81 15.50 4.54
N GLN A 871 26.53 16.07 3.39
CA GLN A 871 27.15 17.36 3.04
C GLN A 871 26.71 18.37 4.09
N GLU A 872 25.50 18.26 4.63
CA GLU A 872 25.14 19.19 5.71
C GLU A 872 25.84 18.85 7.01
N VAL A 873 25.80 17.62 7.46
CA VAL A 873 26.32 17.30 8.81
C VAL A 873 27.82 17.48 8.87
N PHE A 874 28.55 17.00 7.87
CA PHE A 874 30.03 17.02 7.99
C PHE A 874 30.66 18.13 7.20
N ALA A 875 30.20 18.38 5.98
CA ALA A 875 30.88 19.37 5.12
C ALA A 875 30.48 20.77 5.57
N GLN A 876 30.92 21.16 6.75
CA GLN A 876 30.61 22.50 7.27
C GLN A 876 31.90 23.26 7.52
N VAL A 877 33.03 22.61 7.31
CA VAL A 877 34.32 23.29 7.57
C VAL A 877 34.89 23.67 6.23
N LYS A 878 35.26 24.93 6.08
CA LYS A 878 35.66 25.40 4.75
C LYS A 878 36.94 24.71 4.30
N GLN A 879 37.92 24.63 5.19
CA GLN A 879 39.22 24.04 4.79
C GLN A 879 39.60 22.98 5.81
N ILE A 880 40.65 22.21 5.51
CA ILE A 880 41.03 21.07 6.37
C ILE A 880 42.12 21.52 7.32
N TYR A 881 42.01 21.15 8.58
CA TYR A 881 42.99 21.63 9.58
C TYR A 881 43.85 20.50 10.10
N LYS A 882 44.97 20.86 10.72
CA LYS A 882 45.85 19.84 11.31
C LYS A 882 46.29 20.24 12.70
N THR A 883 46.36 19.26 13.59
CA THR A 883 46.88 19.55 14.93
C THR A 883 48.39 19.71 14.81
N PRO A 884 49.03 20.49 15.67
CA PRO A 884 50.46 20.68 15.57
C PRO A 884 51.18 19.35 15.82
N PRO A 885 52.33 19.11 15.17
CA PRO A 885 52.99 17.83 15.31
C PRO A 885 53.37 17.60 16.78
N ILE A 886 53.77 18.65 17.48
CA ILE A 886 54.04 18.51 18.94
C ILE A 886 52.69 18.59 19.62
N LYS A 887 52.31 17.52 20.31
CA LYS A 887 50.96 17.45 20.91
C LYS A 887 51.04 17.98 22.34
N ASP A 888 50.94 19.30 22.48
CA ASP A 888 51.05 19.91 23.82
C ASP A 888 49.79 20.70 24.11
N PHE A 889 48.86 20.13 24.85
CA PHE A 889 47.57 20.81 25.10
C PHE A 889 47.38 20.98 26.60
N GLY A 890 48.43 21.29 27.34
CA GLY A 890 48.27 21.59 28.77
C GLY A 890 47.85 20.38 29.57
N GLY A 891 48.07 19.20 29.04
CA GLY A 891 47.76 17.97 29.76
C GLY A 891 46.57 17.26 29.17
N PHE A 892 45.77 17.98 28.40
CA PHE A 892 44.55 17.36 27.87
C PHE A 892 44.98 16.44 26.75
N ASN A 893 44.63 15.15 26.88
CA ASN A 893 45.10 14.16 25.90
C ASN A 893 43.94 13.81 24.98
N PHE A 894 44.07 14.12 23.70
CA PHE A 894 43.00 13.81 22.74
C PHE A 894 43.43 12.62 21.89
N SER A 895 44.18 11.69 22.46
CA SER A 895 44.70 10.57 21.63
C SER A 895 43.53 9.76 21.11
N GLN A 896 42.53 9.55 21.96
CA GLN A 896 41.40 8.68 21.58
C GLN A 896 40.65 9.23 20.38
N ILE A 897 40.57 10.53 20.19
CA ILE A 897 39.70 11.08 19.11
C ILE A 897 40.53 11.60 17.93
N LEU A 898 41.78 11.97 18.11
CA LEU A 898 42.56 12.48 16.98
C LEU A 898 42.88 11.29 16.08
N PRO A 899 43.13 11.50 14.78
CA PRO A 899 43.35 10.37 13.90
C PRO A 899 44.58 9.55 14.27
N ASP A 900 44.50 8.23 14.10
CA ASP A 900 45.67 7.35 14.33
C ASP A 900 46.21 6.92 12.97
N PRO A 901 47.39 7.40 12.52
CA PRO A 901 47.88 7.10 11.17
C PRO A 901 48.40 5.68 10.97
N SER A 902 48.71 4.98 12.07
CA SER A 902 49.23 3.59 11.98
C SER A 902 48.18 2.69 11.34
N LYS A 903 46.93 2.84 11.73
CA LYS A 903 45.88 1.93 11.20
C LYS A 903 45.70 2.22 9.71
N PRO A 904 45.35 1.22 8.88
CA PRO A 904 45.11 1.48 7.47
C PRO A 904 43.71 2.05 7.27
N SER A 905 43.31 2.96 8.15
CA SER A 905 41.99 3.64 7.98
C SER A 905 42.14 5.14 8.26
N LYS A 906 43.23 5.56 8.92
CA LYS A 906 43.43 6.98 9.32
C LYS A 906 42.23 7.41 10.14
N ARG A 907 41.81 6.55 11.06
CA ARG A 907 40.67 6.87 11.94
C ARG A 907 41.12 6.84 13.38
N SER A 908 40.38 7.48 14.25
CA SER A 908 40.76 7.51 15.66
C SER A 908 40.47 6.16 16.31
N PRO A 909 41.00 5.90 17.52
CA PRO A 909 40.64 4.68 18.17
C PRO A 909 39.14 4.51 18.35
N ILE A 910 38.46 5.56 18.82
CA ILE A 910 37.00 5.43 19.07
C ILE A 910 36.26 5.21 17.74
N GLU A 911 36.73 5.87 16.69
CA GLU A 911 36.02 5.72 15.40
C GLU A 911 36.12 4.26 14.95
N ASP A 912 37.28 3.65 15.15
CA ASP A 912 37.45 2.24 14.75
C ASP A 912 36.59 1.37 15.64
N LEU A 913 36.47 1.74 16.90
CA LEU A 913 35.56 0.97 17.77
C LEU A 913 34.16 1.07 17.23
N LEU A 914 33.76 2.24 16.75
CA LEU A 914 32.40 2.39 16.18
C LEU A 914 32.27 1.50 14.94
N PHE A 915 33.28 1.48 14.09
CA PHE A 915 33.17 0.71 12.83
C PHE A 915 33.16 -0.78 13.10
N ASN A 916 33.86 -1.22 14.14
CA ASN A 916 33.95 -2.67 14.42
C ASN A 916 32.92 -3.04 15.49
N LYS A 917 32.05 -2.11 15.84
CA LYS A 917 31.01 -2.40 16.84
C LYS A 917 29.72 -2.71 16.11
N VAL A 918 29.56 -2.13 14.92
CA VAL A 918 28.32 -2.38 14.14
C VAL A 918 28.45 -3.68 13.36
N THR A 919 27.33 -4.32 13.04
CA THR A 919 27.35 -5.58 12.26
C THR A 919 26.19 -5.62 11.25
N GLN A 945 24.95 -10.18 -1.97
CA GLN A 945 25.09 -9.51 -3.30
C GLN A 945 24.26 -10.23 -4.37
N LYS A 946 22.95 -10.33 -4.19
CA LYS A 946 22.08 -10.97 -5.20
C LYS A 946 21.11 -9.90 -5.68
N PHE A 947 20.96 -9.74 -6.99
CA PHE A 947 20.17 -8.59 -7.49
C PHE A 947 19.08 -9.00 -8.46
N ASN A 948 17.88 -8.47 -8.23
CA ASN A 948 16.72 -8.86 -9.06
C ASN A 948 15.98 -7.61 -9.47
N GLY A 949 16.71 -6.61 -9.97
CA GLY A 949 16.11 -5.31 -10.31
C GLY A 949 16.59 -4.33 -9.30
N LEU A 950 17.55 -4.76 -8.51
CA LEU A 950 18.03 -3.93 -7.40
C LEU A 950 19.50 -3.55 -7.61
N THR A 951 19.83 -2.34 -7.20
CA THR A 951 21.25 -1.93 -7.21
C THR A 951 21.41 -1.02 -6.00
N VAL A 952 22.63 -0.87 -5.52
CA VAL A 952 22.84 0.13 -4.44
C VAL A 952 23.91 1.07 -4.98
N LEU A 953 23.60 2.35 -5.04
CA LEU A 953 24.62 3.31 -5.46
C LEU A 953 25.53 3.59 -4.29
N PRO A 954 26.83 3.82 -4.51
CA PRO A 954 27.73 4.12 -3.43
C PRO A 954 27.60 5.57 -2.95
N PRO A 955 28.03 5.87 -1.71
CA PRO A 955 27.95 7.21 -1.22
C PRO A 955 28.88 8.13 -1.98
N LEU A 956 28.56 9.41 -2.00
CA LEU A 956 29.43 10.39 -2.68
C LEU A 956 30.72 10.61 -1.91
N LEU A 957 30.69 10.36 -0.61
CA LEU A 957 31.90 10.56 0.20
C LEU A 957 32.37 9.22 0.77
N THR A 958 33.53 8.76 0.36
CA THR A 958 34.10 7.53 0.95
C THR A 958 34.37 7.84 2.41
N ASP A 959 34.23 6.84 3.27
CA ASP A 959 34.31 7.09 4.72
C ASP A 959 35.65 7.69 5.12
N GLU A 960 36.66 7.48 4.32
CA GLU A 960 37.95 8.13 4.66
C GLU A 960 37.73 9.65 4.63
N MET A 961 36.94 10.14 3.68
CA MET A 961 36.67 11.58 3.61
C MET A 961 35.81 12.02 4.81
N ILE A 962 34.89 11.19 5.26
CA ILE A 962 34.11 11.54 6.45
C ILE A 962 35.06 11.65 7.64
N ALA A 963 36.02 10.76 7.74
CA ALA A 963 37.00 10.85 8.83
C ALA A 963 37.88 12.08 8.66
N GLN A 964 38.21 12.43 7.42
CA GLN A 964 38.99 13.66 7.20
C GLN A 964 38.19 14.85 7.72
N TYR A 965 36.91 14.90 7.43
CA TYR A 965 36.09 16.04 7.88
C TYR A 965 35.99 16.05 9.41
N THR A 966 35.82 14.90 10.02
CA THR A 966 35.73 14.85 11.48
C THR A 966 37.05 15.30 12.09
N SER A 967 38.15 14.88 11.50
CA SER A 967 39.49 15.27 12.01
C SER A 967 39.67 16.77 11.84
N ALA A 968 39.19 17.30 10.73
CA ALA A 968 39.36 18.72 10.47
C ALA A 968 38.61 19.53 11.51
N LEU A 969 37.39 19.14 11.80
CA LEU A 969 36.59 19.87 12.79
C LEU A 969 37.27 19.71 14.14
N LEU A 970 37.78 18.52 14.42
CA LEU A 970 38.39 18.27 15.74
C LEU A 970 39.63 19.16 15.87
N ALA A 971 40.43 19.25 14.82
CA ALA A 971 41.67 20.04 14.89
C ALA A 971 41.34 21.51 15.00
N GLY A 972 40.31 21.94 14.30
CA GLY A 972 39.92 23.35 14.39
C GLY A 972 39.50 23.64 15.80
N THR A 973 38.75 22.76 16.42
CA THR A 973 38.28 23.02 17.78
C THR A 973 39.47 23.02 18.74
N ILE A 974 40.40 22.11 18.56
CA ILE A 974 41.54 22.01 19.48
C ILE A 974 42.46 23.21 19.34
N THR A 975 42.76 23.61 18.12
CA THR A 975 43.78 24.65 17.94
C THR A 975 43.21 26.05 17.70
N SER A 976 41.90 26.19 17.55
CA SER A 976 41.36 27.54 17.22
C SER A 976 40.17 27.93 18.06
N GLY A 977 40.00 27.36 19.24
CA GLY A 977 38.80 27.68 20.03
C GLY A 977 37.52 27.45 19.27
N TRP A 978 36.63 28.44 19.25
CA TRP A 978 35.38 28.34 18.46
C TRP A 978 35.39 29.36 17.35
N THR A 979 36.52 29.99 17.08
CA THR A 979 36.55 31.09 16.11
C THR A 979 36.83 30.57 14.73
N PHE A 980 36.89 29.27 14.54
CA PHE A 980 37.09 28.78 13.16
C PHE A 980 35.76 28.59 12.46
N GLY A 981 34.69 28.84 13.19
CA GLY A 981 33.37 28.76 12.56
C GLY A 981 32.78 30.13 12.28
N ALA A 982 33.55 31.18 12.50
CA ALA A 982 33.07 32.54 12.21
C ALA A 982 33.92 33.20 11.13
N GLY A 983 35.11 32.66 10.89
CA GLY A 983 36.01 33.31 9.94
C GLY A 983 37.34 32.61 9.91
N PRO A 984 38.44 33.35 9.92
CA PRO A 984 39.73 32.71 9.97
C PRO A 984 39.92 31.93 11.27
N ALA A 985 40.64 30.82 11.20
CA ALA A 985 40.93 30.08 12.43
C ALA A 985 42.01 30.84 13.19
N LEU A 986 41.76 31.15 14.46
CA LEU A 986 42.72 31.97 15.22
C LEU A 986 43.28 31.10 16.33
N GLN A 987 44.61 31.08 16.47
CA GLN A 987 45.21 30.17 17.45
C GLN A 987 44.99 30.68 18.84
N ILE A 988 44.60 29.80 19.73
CA ILE A 988 44.50 30.18 21.16
C ILE A 988 45.05 29.00 21.96
N PRO A 989 45.87 29.20 23.00
CA PRO A 989 46.31 28.08 23.78
C PRO A 989 45.11 27.33 24.37
N PHE A 990 45.14 26.01 24.37
CA PHE A 990 43.93 25.25 24.79
C PHE A 990 43.54 25.55 26.22
N PRO A 991 44.43 25.65 27.21
CA PRO A 991 43.99 26.03 28.53
C PRO A 991 43.31 27.40 28.44
N MET A 992 43.82 28.27 27.59
CA MET A 992 43.21 29.60 27.46
C MET A 992 41.86 29.50 26.75
N GLN A 993 41.52 28.37 26.15
CA GLN A 993 40.18 28.20 25.56
C GLN A 993 39.25 27.62 26.62
N MET A 994 39.74 26.72 27.44
CA MET A 994 38.90 26.16 28.51
C MET A 994 38.61 27.27 29.50
N ALA A 995 39.51 28.24 29.64
CA ALA A 995 39.22 29.37 30.54
C ALA A 995 38.03 30.17 30.03
N TYR A 996 37.99 30.45 28.74
CA TYR A 996 36.84 31.18 28.17
C TYR A 996 35.57 30.34 28.34
N ARG A 997 35.67 29.05 28.10
CA ARG A 997 34.47 28.20 28.18
C ARG A 997 33.98 28.15 29.62
N PHE A 998 34.87 28.14 30.58
CA PHE A 998 34.44 28.19 32.00
C PHE A 998 33.79 29.53 32.28
N ASN A 999 34.31 30.57 31.66
CA ASN A 999 33.72 31.91 31.86
C ASN A 999 32.30 31.86 31.33
N GLY A 1000 32.07 31.14 30.23
CA GLY A 1000 30.74 31.13 29.60
C GLY A 1000 29.71 30.61 30.56
N ILE A 1001 30.08 29.70 31.45
CA ILE A 1001 29.10 29.05 32.35
C ILE A 1001 29.14 29.69 33.73
N GLY A 1002 29.74 30.86 33.84
CA GLY A 1002 29.68 31.56 35.13
C GLY A 1002 30.76 31.12 36.07
N VAL A 1003 31.71 30.34 35.58
CA VAL A 1003 32.87 29.98 36.43
C VAL A 1003 34.01 30.92 36.04
N THR A 1004 34.60 31.59 37.02
CA THR A 1004 35.60 32.61 36.66
C THR A 1004 36.86 31.93 36.14
N GLN A 1005 37.71 32.67 35.45
CA GLN A 1005 38.88 32.03 34.79
C GLN A 1005 39.79 31.39 35.84
N ASN A 1006 39.92 32.01 37.01
CA ASN A 1006 40.90 31.53 38.01
C ASN A 1006 40.61 30.08 38.40
N VAL A 1007 39.35 29.66 38.31
CA VAL A 1007 39.03 28.28 38.73
C VAL A 1007 39.74 27.28 37.84
N LEU A 1008 39.70 27.45 36.53
CA LEU A 1008 40.46 26.50 35.68
C LEU A 1008 41.95 26.64 35.93
N TYR A 1009 42.44 27.87 36.09
CA TYR A 1009 43.92 28.04 36.19
C TYR A 1009 44.43 27.41 37.46
N GLU A 1010 43.62 27.38 38.49
CA GLU A 1010 44.05 26.78 39.77
C GLU A 1010 43.81 25.27 39.76
N ASN A 1011 43.15 24.74 38.72
CA ASN A 1011 42.84 23.30 38.68
C ASN A 1011 43.12 22.74 37.29
N GLN A 1012 44.09 23.28 36.58
CA GLN A 1012 44.32 22.84 35.20
C GLN A 1012 44.66 21.35 35.17
N LYS A 1013 45.55 20.89 36.03
CA LYS A 1013 45.97 19.48 35.98
C LYS A 1013 44.78 18.59 36.36
N LEU A 1014 44.03 18.97 37.40
CA LEU A 1014 42.92 18.11 37.86
C LEU A 1014 41.87 18.06 36.75
N ILE A 1015 41.60 19.19 36.10
CA ILE A 1015 40.57 19.23 35.04
C ILE A 1015 41.05 18.39 33.85
N ALA A 1016 42.31 18.47 33.51
CA ALA A 1016 42.82 17.65 32.40
C ALA A 1016 42.71 16.19 32.75
N ASN A 1017 43.02 15.86 34.01
CA ASN A 1017 42.92 14.44 34.44
C ASN A 1017 41.47 13.96 34.34
N GLN A 1018 40.53 14.79 34.78
CA GLN A 1018 39.13 14.38 34.76
C GLN A 1018 38.68 14.20 33.31
N PHE A 1019 39.07 15.12 32.46
CA PHE A 1019 38.64 15.05 31.05
C PHE A 1019 39.22 13.80 30.40
N ASN A 1020 40.50 13.54 30.66
CA ASN A 1020 41.14 12.36 30.04
C ASN A 1020 40.47 11.10 30.55
N SER A 1021 40.13 11.08 31.83
CA SER A 1021 39.51 9.87 32.41
C SER A 1021 38.16 9.63 31.71
N ALA A 1022 37.40 10.70 31.48
CA ALA A 1022 36.06 10.52 30.89
C ALA A 1022 36.21 10.04 29.46
N ILE A 1023 37.16 10.59 28.73
CA ILE A 1023 37.36 10.13 27.33
C ILE A 1023 37.76 8.66 27.35
N GLY A 1024 38.58 8.28 28.32
CA GLY A 1024 38.95 6.86 28.44
C GLY A 1024 37.73 6.02 28.69
N LYS A 1025 36.84 6.50 29.53
CA LYS A 1025 35.68 5.66 29.90
C LYS A 1025 34.76 5.55 28.71
N ILE A 1026 34.86 6.47 27.76
CA ILE A 1026 33.90 6.45 26.62
C ILE A 1026 34.15 5.20 25.80
N GLN A 1027 35.41 4.87 25.56
CA GLN A 1027 35.73 3.67 24.76
C GLN A 1027 35.26 2.42 25.50
N ASP A 1028 35.51 2.38 26.81
CA ASP A 1028 35.05 1.22 27.61
C ASP A 1028 33.53 1.13 27.58
N SER A 1029 32.85 2.26 27.70
CA SER A 1029 31.37 2.23 27.73
C SER A 1029 30.84 1.75 26.38
N LEU A 1030 31.46 2.20 25.29
CA LEU A 1030 30.99 1.79 23.95
C LEU A 1030 31.27 0.30 23.75
N SER A 1031 32.43 -0.15 24.22
CA SER A 1031 32.80 -1.58 24.03
C SER A 1031 31.94 -2.50 24.89
N SER A 1032 31.78 -2.17 26.17
CA SER A 1032 31.05 -3.06 27.11
C SER A 1032 29.56 -3.16 26.75
N THR A 1033 28.93 -2.03 26.47
CA THR A 1033 27.48 -2.14 26.18
C THR A 1033 27.34 -2.72 24.77
N PRO A 1034 26.56 -3.80 24.57
CA PRO A 1034 26.39 -4.38 23.24
C PRO A 1034 25.54 -3.55 22.29
N SER A 1035 24.49 -2.92 22.80
CA SER A 1035 23.51 -2.23 21.93
C SER A 1035 23.79 -0.75 21.91
N ALA A 1036 25.02 -0.35 22.14
CA ALA A 1036 25.28 1.10 22.26
C ALA A 1036 24.87 1.86 20.99
N LEU A 1037 25.28 1.38 19.83
CA LEU A 1037 24.95 2.09 18.59
C LEU A 1037 23.61 1.55 18.11
N GLY A 1038 22.61 1.64 18.98
CA GLY A 1038 21.31 1.06 18.65
C GLY A 1038 20.63 1.75 17.49
N LYS A 1039 20.76 3.06 17.40
CA LYS A 1039 19.99 3.79 16.37
C LYS A 1039 20.47 3.39 14.98
N LEU A 1040 21.77 3.31 14.79
CA LEU A 1040 22.28 2.97 13.47
C LEU A 1040 21.86 1.53 13.16
N GLN A 1041 21.86 0.67 14.16
CA GLN A 1041 21.45 -0.72 13.89
C GLN A 1041 19.98 -0.69 13.45
N ASP A 1042 19.18 0.13 14.10
CA ASP A 1042 17.74 0.13 13.79
C ASP A 1042 17.56 0.55 12.35
N VAL A 1043 18.29 1.56 11.93
CA VAL A 1043 18.14 2.06 10.55
C VAL A 1043 18.56 0.96 9.60
N VAL A 1044 19.69 0.32 9.86
CA VAL A 1044 20.21 -0.66 8.88
C VAL A 1044 19.30 -1.88 8.81
N ASN A 1045 18.81 -2.33 9.95
CA ASN A 1045 17.90 -3.48 9.94
C ASN A 1045 16.60 -3.15 9.24
N GLN A 1046 16.02 -2.00 9.54
CA GLN A 1046 14.71 -1.65 8.98
C GLN A 1046 14.87 -1.40 7.49
N ASN A 1047 16.07 -1.08 7.04
CA ASN A 1047 16.28 -0.91 5.59
C ASN A 1047 16.58 -2.25 4.92
N ALA A 1048 17.29 -3.15 5.58
CA ALA A 1048 17.52 -4.49 5.01
C ALA A 1048 16.21 -5.24 4.96
N GLN A 1049 15.51 -5.28 6.08
CA GLN A 1049 14.16 -5.88 6.09
C GLN A 1049 13.31 -4.85 5.38
N ALA A 1050 12.19 -5.25 4.85
CA ALA A 1050 11.35 -4.33 4.06
C ALA A 1050 12.03 -4.18 2.72
N LEU A 1051 13.24 -4.71 2.56
CA LEU A 1051 13.83 -4.88 1.22
C LEU A 1051 13.90 -6.39 1.11
N ASN A 1052 13.92 -7.08 2.25
CA ASN A 1052 13.80 -8.55 2.21
C ASN A 1052 12.38 -8.82 1.73
N THR A 1053 11.42 -8.11 2.29
CA THR A 1053 10.01 -8.39 1.96
C THR A 1053 9.75 -8.09 0.49
N LEU A 1054 10.40 -7.08 -0.07
CA LEU A 1054 10.23 -6.83 -1.51
C LEU A 1054 10.72 -8.03 -2.31
N VAL A 1055 11.84 -8.63 -1.92
CA VAL A 1055 12.27 -9.85 -2.66
C VAL A 1055 11.26 -10.97 -2.46
N LYS A 1056 10.77 -11.14 -1.25
CA LYS A 1056 9.88 -12.28 -0.99
C LYS A 1056 8.56 -12.05 -1.72
N GLN A 1057 8.22 -10.81 -1.99
CA GLN A 1057 6.98 -10.53 -2.75
C GLN A 1057 7.12 -11.01 -4.20
N LEU A 1058 8.34 -11.19 -4.66
CA LEU A 1058 8.52 -11.57 -6.08
C LEU A 1058 8.05 -13.01 -6.29
N SER A 1059 7.79 -13.75 -5.23
CA SER A 1059 7.42 -15.18 -5.35
C SER A 1059 6.01 -15.40 -4.82
N SER A 1060 5.12 -14.43 -5.02
CA SER A 1060 3.73 -14.60 -4.56
C SER A 1060 2.78 -14.52 -5.74
N ASN A 1061 1.91 -15.49 -5.88
CA ASN A 1061 0.99 -15.56 -7.02
C ASN A 1061 0.04 -14.38 -7.00
N PHE A 1062 -0.37 -13.92 -5.82
CA PHE A 1062 -1.45 -12.90 -5.74
C PHE A 1062 -2.68 -13.48 -6.43
N GLY A 1063 -2.96 -14.77 -6.22
CA GLY A 1063 -4.17 -15.39 -6.80
C GLY A 1063 -3.92 -15.99 -8.16
N ALA A 1064 -2.69 -15.83 -8.68
CA ALA A 1064 -2.35 -16.44 -9.99
C ALA A 1064 -2.06 -17.93 -9.81
N ILE A 1065 -1.97 -18.65 -10.92
CA ILE A 1065 -1.67 -20.12 -10.85
C ILE A 1065 -0.22 -20.35 -10.40
N SER A 1066 0.69 -19.46 -10.80
CA SER A 1066 2.08 -19.59 -10.30
C SER A 1066 2.74 -18.21 -10.26
N SER A 1067 3.69 -18.02 -9.35
CA SER A 1067 4.33 -16.70 -9.17
C SER A 1067 5.58 -16.60 -10.06
N VAL A 1068 5.72 -17.51 -11.03
CA VAL A 1068 6.88 -17.47 -11.96
C VAL A 1068 6.37 -17.22 -13.37
N LEU A 1069 6.94 -16.24 -14.05
CA LEU A 1069 6.41 -15.86 -15.39
C LEU A 1069 6.58 -17.04 -16.32
N ASN A 1070 7.70 -17.76 -16.21
CA ASN A 1070 8.02 -18.82 -17.19
C ASN A 1070 6.91 -19.87 -17.18
N ASP A 1071 6.44 -20.23 -16.00
CA ASP A 1071 5.37 -21.25 -15.91
C ASP A 1071 4.11 -20.72 -16.56
N ILE A 1072 3.82 -19.44 -16.37
CA ILE A 1072 2.64 -18.81 -17.06
C ILE A 1072 2.86 -18.81 -18.57
N LEU A 1073 4.08 -18.52 -19.04
CA LEU A 1073 4.28 -18.38 -20.50
C LEU A 1073 4.05 -19.72 -21.21
N SER A 1074 4.61 -20.80 -20.70
CA SER A 1074 4.56 -22.09 -21.45
C SER A 1074 3.41 -22.97 -20.98
N ARG A 1075 2.43 -22.39 -20.29
CA ARG A 1075 1.27 -23.22 -19.91
C ARG A 1075 -0.03 -22.69 -20.52
N LEU A 1076 -0.08 -21.41 -20.88
CA LEU A 1076 -1.39 -20.89 -21.37
C LEU A 1076 -1.26 -20.12 -22.67
N ASP A 1077 -2.29 -20.19 -23.51
CA ASP A 1077 -2.31 -19.39 -24.75
C ASP A 1077 -2.45 -17.93 -24.35
N PRO A 1078 -2.13 -16.97 -25.25
CA PRO A 1078 -2.16 -15.57 -24.86
C PRO A 1078 -3.50 -15.08 -24.27
N PRO A 1079 -4.69 -15.49 -24.75
CA PRO A 1079 -5.91 -14.94 -24.20
C PRO A 1079 -6.07 -15.07 -22.66
N GLU A 1080 -5.46 -16.06 -22.03
CA GLU A 1080 -5.64 -16.24 -20.57
C GLU A 1080 -4.29 -16.06 -19.89
N ALA A 1081 -3.19 -16.32 -20.58
CA ALA A 1081 -1.90 -16.04 -19.94
C ALA A 1081 -1.88 -14.53 -19.70
N GLU A 1082 -2.49 -13.77 -20.58
CA GLU A 1082 -2.45 -12.30 -20.44
C GLU A 1082 -3.12 -11.89 -19.13
N VAL A 1083 -4.27 -12.46 -18.80
CA VAL A 1083 -4.97 -12.03 -17.58
C VAL A 1083 -4.15 -12.46 -16.36
N GLN A 1084 -3.58 -13.66 -16.41
CA GLN A 1084 -2.85 -14.12 -15.23
C GLN A 1084 -1.59 -13.25 -15.04
N ILE A 1085 -0.91 -12.93 -16.13
CA ILE A 1085 0.33 -12.12 -16.02
C ILE A 1085 -0.04 -10.73 -15.59
N ASP A 1086 -1.22 -10.27 -15.98
CA ASP A 1086 -1.70 -8.96 -15.50
C ASP A 1086 -1.94 -9.03 -13.99
N ARG A 1087 -2.45 -10.15 -13.49
CA ARG A 1087 -2.64 -10.28 -12.04
C ARG A 1087 -1.28 -10.27 -11.34
N LEU A 1088 -0.29 -10.93 -11.91
CA LEU A 1088 1.05 -10.88 -11.27
C LEU A 1088 1.53 -9.43 -11.31
N ILE A 1089 1.26 -8.71 -12.40
CA ILE A 1089 1.74 -7.32 -12.54
C ILE A 1089 1.10 -6.49 -11.44
N THR A 1090 -0.19 -6.70 -11.21
CA THR A 1090 -0.88 -5.86 -10.22
C THR A 1090 -0.28 -6.10 -8.84
N GLY A 1091 -0.08 -7.36 -8.49
CA GLY A 1091 0.43 -7.61 -7.13
C GLY A 1091 1.83 -7.06 -6.97
N ARG A 1092 2.68 -7.28 -7.94
CA ARG A 1092 4.08 -6.87 -7.81
C ARG A 1092 4.14 -5.35 -7.71
N LEU A 1093 3.33 -4.69 -8.51
CA LEU A 1093 3.36 -3.22 -8.57
C LEU A 1093 2.90 -2.67 -7.22
N GLN A 1094 1.91 -3.30 -6.63
CA GLN A 1094 1.39 -2.79 -5.35
C GLN A 1094 2.48 -2.97 -4.30
N SER A 1095 3.19 -4.07 -4.35
CA SER A 1095 4.29 -4.28 -3.37
C SER A 1095 5.38 -3.25 -3.57
N LEU A 1096 5.71 -2.94 -4.82
CA LEU A 1096 6.74 -1.93 -5.09
C LEU A 1096 6.27 -0.57 -4.57
N GLN A 1097 5.02 -0.23 -4.77
CA GLN A 1097 4.52 1.09 -4.33
C GLN A 1097 4.62 1.13 -2.82
N THR A 1098 4.28 0.04 -2.15
CA THR A 1098 4.30 0.03 -0.69
C THR A 1098 5.74 0.25 -0.22
N TYR A 1099 6.67 -0.42 -0.86
CA TYR A 1099 8.08 -0.29 -0.44
C TYR A 1099 8.55 1.14 -0.64
N VAL A 1100 8.22 1.72 -1.78
CA VAL A 1100 8.66 3.11 -2.07
C VAL A 1100 8.04 4.04 -1.05
N THR A 1101 6.78 3.85 -0.72
CA THR A 1101 6.14 4.80 0.20
C THR A 1101 6.77 4.72 1.59
N GLN A 1102 7.00 3.51 2.08
CA GLN A 1102 7.63 3.38 3.41
C GLN A 1102 9.03 3.97 3.34
N GLN A 1103 9.72 3.78 2.23
CA GLN A 1103 11.08 4.33 2.11
C GLN A 1103 11.00 5.85 2.13
N LEU A 1104 9.98 6.42 1.51
CA LEU A 1104 9.85 7.89 1.48
C LEU A 1104 9.62 8.42 2.89
N ILE A 1105 8.76 7.76 3.66
CA ILE A 1105 8.57 8.18 5.07
C ILE A 1105 9.83 7.96 5.90
N ARG A 1106 10.52 6.85 5.71
CA ARG A 1106 11.76 6.62 6.47
C ARG A 1106 12.82 7.65 6.09
N ALA A 1107 12.88 8.02 4.83
CA ALA A 1107 13.85 9.03 4.41
C ALA A 1107 13.54 10.34 5.09
N ALA A 1108 12.28 10.68 5.25
CA ALA A 1108 11.94 11.92 5.99
C ALA A 1108 12.41 11.83 7.43
N GLU A 1109 12.25 10.69 8.07
CA GLU A 1109 12.64 10.61 9.48
C GLU A 1109 14.15 10.76 9.58
N ILE A 1110 14.88 10.11 8.70
CA ILE A 1110 16.36 10.19 8.70
C ILE A 1110 16.77 11.61 8.36
N ARG A 1111 16.04 12.26 7.47
CA ARG A 1111 16.34 13.66 7.14
C ARG A 1111 16.12 14.56 8.36
N ALA A 1112 15.10 14.31 9.15
CA ALA A 1112 14.92 15.12 10.36
C ALA A 1112 16.08 14.89 11.30
N SER A 1113 16.51 13.65 11.44
CA SER A 1113 17.66 13.35 12.30
C SER A 1113 18.94 13.98 11.77
N ALA A 1114 19.13 13.96 10.46
CA ALA A 1114 20.31 14.59 9.87
C ALA A 1114 20.31 16.10 10.05
N ASN A 1115 19.14 16.72 9.94
CA ASN A 1115 19.04 18.18 10.19
C ASN A 1115 19.39 18.48 11.64
N LEU A 1116 18.91 17.68 12.57
CA LEU A 1116 19.28 17.88 13.99
C LEU A 1116 20.78 17.68 14.15
N ALA A 1117 21.34 16.71 13.45
CA ALA A 1117 22.78 16.44 13.61
C ALA A 1117 23.60 17.60 13.09
N ALA A 1118 23.20 18.17 11.97
CA ALA A 1118 23.93 19.33 11.42
C ALA A 1118 23.83 20.47 12.41
N THR A 1119 22.67 20.62 13.03
CA THR A 1119 22.45 21.73 13.97
C THR A 1119 23.37 21.55 15.17
N LYS A 1120 23.43 20.35 15.69
CA LYS A 1120 24.30 20.09 16.84
C LYS A 1120 25.74 20.28 16.46
N MET A 1121 26.11 19.90 15.24
CA MET A 1121 27.51 20.10 14.80
C MET A 1121 27.82 21.58 14.76
N SER A 1122 26.99 22.35 14.11
CA SER A 1122 27.24 23.80 13.98
C SER A 1122 27.24 24.46 15.35
N GLU A 1123 26.38 24.03 16.25
CA GLU A 1123 26.25 24.76 17.52
C GLU A 1123 27.13 24.21 18.63
N CYS A 1124 26.97 22.95 19.01
CA CYS A 1124 27.86 22.37 20.05
C CYS A 1124 29.33 22.33 19.60
N VAL A 1125 29.63 21.93 18.36
CA VAL A 1125 31.05 21.80 17.96
C VAL A 1125 31.67 23.12 17.59
N LEU A 1126 31.04 23.92 16.76
CA LEU A 1126 31.71 25.13 16.26
C LEU A 1126 31.48 26.28 17.20
N GLY A 1127 30.90 26.00 18.36
CA GLY A 1127 30.68 27.06 19.34
C GLY A 1127 30.27 26.49 20.67
N GLN A 1128 30.16 27.33 21.69
CA GLN A 1128 29.72 26.86 23.01
C GLN A 1128 28.24 27.15 23.11
N SER A 1129 27.41 26.13 23.12
CA SER A 1129 25.94 26.30 23.15
C SER A 1129 25.46 26.62 24.56
N LYS A 1130 24.52 27.53 24.67
CA LYS A 1130 23.95 27.86 26.00
C LYS A 1130 22.55 27.26 26.15
N ARG A 1131 22.06 26.55 25.13
CA ARG A 1131 20.73 25.94 25.23
C ARG A 1131 20.80 24.81 26.24
N VAL A 1132 19.85 24.75 27.15
CA VAL A 1132 19.94 23.75 28.24
C VAL A 1132 19.70 22.35 27.70
N ASP A 1133 20.58 21.42 27.99
CA ASP A 1133 20.39 19.99 27.64
C ASP A 1133 20.42 19.74 26.14
N PHE A 1134 20.90 20.70 25.37
CA PHE A 1134 21.00 20.52 23.90
C PHE A 1134 22.26 19.77 23.55
N CYS A 1135 23.38 20.15 24.15
CA CYS A 1135 24.64 19.43 23.91
C CYS A 1135 25.03 18.73 25.21
N GLY A 1136 24.49 17.54 25.42
CA GLY A 1136 24.80 16.78 26.64
C GLY A 1136 24.06 17.30 27.85
N LYS A 1137 24.24 16.64 28.99
CA LYS A 1137 23.58 17.07 30.24
C LYS A 1137 24.62 17.74 31.12
N GLY A 1138 24.29 18.93 31.62
CA GLY A 1138 25.25 19.72 32.40
C GLY A 1138 25.45 21.05 31.72
N TYR A 1139 26.45 21.81 32.16
CA TYR A 1139 26.76 23.09 31.53
C TYR A 1139 27.75 22.80 30.43
N HIS A 1140 27.34 22.94 29.19
CA HIS A 1140 28.17 22.51 28.04
C HIS A 1140 29.46 23.27 27.97
N LEU A 1141 30.53 22.59 27.62
CA LEU A 1141 31.83 23.27 27.46
C LEU A 1141 32.25 23.11 26.02
N MET A 1142 32.36 21.89 25.54
CA MET A 1142 32.82 21.69 24.16
C MET A 1142 32.41 20.30 23.68
N SER A 1143 32.33 20.10 22.37
CA SER A 1143 31.86 18.80 21.85
C SER A 1143 32.80 18.30 20.78
N PHE A 1144 32.90 16.99 20.64
CA PHE A 1144 33.86 16.41 19.68
C PHE A 1144 33.10 15.44 18.79
N PRO A 1145 33.09 15.65 17.48
CA PRO A 1145 32.39 14.75 16.63
C PRO A 1145 33.19 13.51 16.31
N GLN A 1146 32.50 12.41 16.05
CA GLN A 1146 33.18 11.16 15.64
C GLN A 1146 32.34 10.50 14.57
N SER A 1147 32.98 10.01 13.54
CA SER A 1147 32.26 9.41 12.40
C SER A 1147 31.90 7.97 12.67
N ALA A 1148 30.67 7.60 12.44
CA ALA A 1148 30.23 6.22 12.60
C ALA A 1148 29.55 5.85 11.31
N PRO A 1149 29.38 4.57 10.97
CA PRO A 1149 28.79 4.27 9.69
C PRO A 1149 27.35 4.77 9.64
N HIS A 1150 27.04 5.60 8.66
CA HIS A 1150 25.67 6.15 8.50
C HIS A 1150 25.26 6.92 9.75
N GLY A 1151 26.17 7.72 10.31
CA GLY A 1151 25.79 8.54 11.46
C GLY A 1151 26.95 9.30 12.02
N VAL A 1152 26.70 10.01 13.10
CA VAL A 1152 27.76 10.79 13.77
C VAL A 1152 27.62 10.56 15.26
N VAL A 1153 28.70 10.75 16.00
CA VAL A 1153 28.64 10.63 17.46
C VAL A 1153 29.24 11.90 18.06
N PHE A 1154 28.55 12.49 19.01
CA PHE A 1154 29.11 13.68 19.69
C PHE A 1154 29.46 13.33 21.12
N LEU A 1155 30.73 13.51 21.48
CA LEU A 1155 31.16 13.30 22.87
C LEU A 1155 31.05 14.66 23.53
N HIS A 1156 29.94 14.91 24.18
CA HIS A 1156 29.70 16.24 24.76
C HIS A 1156 30.47 16.32 26.06
N VAL A 1157 31.27 17.35 26.22
CA VAL A 1157 31.99 17.54 27.49
C VAL A 1157 31.28 18.62 28.28
N THR A 1158 30.82 18.29 29.48
CA THR A 1158 30.00 19.23 30.26
C THR A 1158 30.51 19.42 31.66
N TYR A 1159 30.41 20.63 32.19
CA TYR A 1159 30.78 20.92 33.58
C TYR A 1159 29.60 20.51 34.43
N VAL A 1160 29.84 19.73 35.46
CA VAL A 1160 28.75 19.30 36.36
C VAL A 1160 29.17 19.64 37.78
N PRO A 1161 28.48 20.54 38.47
CA PRO A 1161 28.83 20.84 39.84
C PRO A 1161 28.68 19.59 40.69
N ALA A 1162 29.56 19.44 41.69
CA ALA A 1162 29.56 18.15 42.39
C ALA A 1162 29.28 18.20 43.87
N GLN A 1163 30.02 18.97 44.64
CA GLN A 1163 29.86 18.86 46.10
C GLN A 1163 29.18 20.09 46.67
N GLU A 1164 28.04 19.89 47.33
CA GLU A 1164 27.25 21.07 47.76
C GLU A 1164 27.17 21.19 49.27
N LYS A 1165 27.43 22.39 49.76
CA LYS A 1165 27.26 22.65 51.21
C LYS A 1165 26.31 23.84 51.31
N ASN A 1166 25.38 23.76 52.24
CA ASN A 1166 24.37 24.83 52.36
C ASN A 1166 24.99 26.08 52.95
N PHE A 1167 24.33 27.20 52.77
CA PHE A 1167 24.80 28.44 53.44
C PHE A 1167 23.62 29.33 53.77
N THR A 1168 23.76 30.11 54.83
CA THR A 1168 22.70 31.09 55.14
C THR A 1168 22.93 32.25 54.19
N THR A 1169 21.88 32.72 53.53
CA THR A 1169 22.09 33.75 52.49
C THR A 1169 21.08 34.86 52.65
N ALA A 1170 21.34 36.00 52.01
CA ALA A 1170 20.45 37.16 52.11
C ALA A 1170 20.45 37.92 50.79
N PRO A 1171 19.34 38.57 50.40
CA PRO A 1171 19.32 39.24 49.12
C PRO A 1171 20.28 40.42 49.11
N ALA A 1172 20.23 41.26 50.14
CA ALA A 1172 21.07 42.48 50.16
C ALA A 1172 21.58 42.72 51.57
N ILE A 1173 22.59 43.58 51.70
CA ILE A 1173 23.20 43.82 53.04
C ILE A 1173 23.14 45.32 53.37
N CYS A 1174 22.70 45.64 54.60
CA CYS A 1174 22.55 47.06 55.01
C CYS A 1174 23.82 47.52 55.70
N HIS A 1175 24.43 48.61 55.21
CA HIS A 1175 25.70 49.09 55.81
C HIS A 1175 25.49 50.41 56.54
N ASP A 1176 25.06 51.45 55.83
CA ASP A 1176 24.90 52.78 56.46
C ASP A 1176 23.52 53.27 56.06
N GLY A 1177 22.50 52.46 56.29
CA GLY A 1177 21.16 52.85 55.81
C GLY A 1177 21.09 52.69 54.31
N LYS A 1178 22.05 51.95 53.73
CA LYS A 1178 22.04 51.70 52.26
C LYS A 1178 21.92 50.21 51.98
N ALA A 1179 21.14 49.85 50.96
CA ALA A 1179 21.06 48.43 50.56
C ALA A 1179 22.20 48.10 49.62
N HIS A 1180 22.91 47.01 49.89
CA HIS A 1180 24.05 46.61 49.05
C HIS A 1180 23.74 45.27 48.37
N PHE A 1181 23.86 45.23 47.06
CA PHE A 1181 23.58 44.00 46.30
C PHE A 1181 24.86 43.59 45.62
N PRO A 1182 25.10 42.29 45.39
CA PRO A 1182 26.29 41.88 44.68
C PRO A 1182 26.24 42.21 43.18
N ARG A 1183 27.37 42.12 42.53
CA ARG A 1183 27.39 42.46 41.11
C ARG A 1183 27.22 41.18 40.30
N GLU A 1184 28.01 40.15 40.57
CA GLU A 1184 27.93 38.95 39.70
C GLU A 1184 27.94 37.73 40.58
N GLY A 1185 27.53 37.90 41.82
CA GLY A 1185 27.65 36.78 42.77
C GLY A 1185 26.54 36.80 43.75
N VAL A 1186 26.69 36.04 44.82
CA VAL A 1186 25.63 35.95 45.83
C VAL A 1186 26.25 36.11 47.20
N PHE A 1187 25.55 36.80 48.09
CA PHE A 1187 26.05 36.96 49.47
C PHE A 1187 25.80 35.67 50.22
N VAL A 1188 26.79 35.23 50.97
CA VAL A 1188 26.62 33.99 51.75
C VAL A 1188 27.16 34.23 53.14
N SER A 1189 26.85 33.30 54.04
CA SER A 1189 27.33 33.46 55.42
C SER A 1189 27.93 32.16 55.90
N ASN A 1190 28.84 32.24 56.86
CA ASN A 1190 29.40 31.03 57.49
C ASN A 1190 28.90 31.03 58.93
N GLY A 1191 27.91 31.87 59.24
CA GLY A 1191 27.37 32.00 60.60
C GLY A 1191 27.98 33.16 61.39
N THR A 1192 29.15 33.63 60.98
CA THR A 1192 29.79 34.79 61.64
C THR A 1192 30.23 35.82 60.62
N HIS A 1193 30.66 35.36 59.45
CA HIS A 1193 31.21 36.26 58.41
C HIS A 1193 30.36 36.18 57.16
N TRP A 1194 30.02 37.34 56.64
CA TRP A 1194 29.21 37.38 55.40
C TRP A 1194 30.13 37.65 54.23
N PHE A 1195 30.08 36.80 53.22
CA PHE A 1195 30.98 36.96 52.09
C PHE A 1195 30.15 36.99 50.82
N VAL A 1196 30.78 37.49 49.77
CA VAL A 1196 30.10 37.44 48.45
C VAL A 1196 30.85 36.38 47.65
N THR A 1197 30.11 35.43 47.08
CA THR A 1197 30.75 34.34 46.31
C THR A 1197 30.05 34.15 44.97
N GLN A 1198 30.76 33.54 44.03
CA GLN A 1198 30.18 33.32 42.70
C GLN A 1198 29.14 32.24 42.86
N ARG A 1199 28.11 32.25 42.03
CA ARG A 1199 26.97 31.36 42.25
C ARG A 1199 27.26 29.90 42.01
N ASN A 1200 28.03 29.57 40.97
CA ASN A 1200 28.17 28.15 40.57
C ASN A 1200 29.44 27.51 41.10
N PHE A 1201 30.20 28.20 41.94
CA PHE A 1201 31.40 27.59 42.56
C PHE A 1201 31.70 28.31 43.86
N TYR A 1202 32.01 27.58 44.92
CA TYR A 1202 32.20 28.25 46.22
C TYR A 1202 33.54 28.95 46.19
N GLU A 1203 33.52 30.24 46.45
CA GLU A 1203 34.78 31.02 46.50
C GLU A 1203 34.47 32.26 47.33
N PRO A 1204 34.40 32.16 48.67
CA PRO A 1204 33.97 33.31 49.44
C PRO A 1204 34.97 34.46 49.32
N GLN A 1205 34.45 35.68 49.41
CA GLN A 1205 35.35 36.85 49.33
C GLN A 1205 34.89 37.94 50.30
N ILE A 1206 35.78 38.85 50.64
CA ILE A 1206 35.43 39.96 51.56
C ILE A 1206 34.52 40.94 50.83
N ILE A 1207 33.48 41.43 51.51
CA ILE A 1207 32.49 42.29 50.80
C ILE A 1207 33.07 43.69 50.72
N THR A 1208 33.23 44.17 49.50
CA THR A 1208 33.82 45.50 49.30
C THR A 1208 32.91 46.26 48.37
N THR A 1209 33.20 47.52 48.13
CA THR A 1209 32.40 48.31 47.17
C THR A 1209 32.92 48.02 45.76
N ASP A 1210 33.80 47.03 45.62
CA ASP A 1210 34.31 46.64 44.29
C ASP A 1210 33.51 45.51 43.63
N ASN A 1211 32.91 44.64 44.43
CA ASN A 1211 32.15 43.48 43.89
C ASN A 1211 30.67 43.66 44.21
N THR A 1212 30.29 44.82 44.74
CA THR A 1212 28.87 45.06 45.06
C THR A 1212 28.43 46.40 44.51
N PHE A 1213 27.13 46.63 44.51
CA PHE A 1213 26.63 47.96 44.12
C PHE A 1213 25.58 48.39 45.14
N VAL A 1214 25.35 49.69 45.20
CA VAL A 1214 24.45 50.24 46.24
C VAL A 1214 23.23 50.80 45.57
N SER A 1215 22.08 50.47 46.11
CA SER A 1215 20.84 51.12 45.60
C SER A 1215 19.80 51.11 46.72
N GLY A 1216 19.28 52.28 47.07
CA GLY A 1216 18.17 52.30 48.04
C GLY A 1216 18.56 52.27 49.49
N ASN A 1217 17.54 52.16 50.33
CA ASN A 1217 17.77 52.17 51.79
C ASN A 1217 17.42 50.80 52.37
N CYS A 1218 17.41 50.70 53.70
CA CYS A 1218 17.24 49.37 54.34
C CYS A 1218 15.79 49.09 54.72
N ASP A 1219 14.83 49.67 54.02
CA ASP A 1219 13.41 49.31 54.31
C ASP A 1219 12.71 48.74 53.08
N VAL A 1220 13.17 49.11 51.89
CA VAL A 1220 12.51 48.66 50.63
C VAL A 1220 12.69 47.15 50.40
N VAL A 1221 13.84 46.60 50.79
CA VAL A 1221 14.07 45.16 50.50
C VAL A 1221 13.79 44.32 51.74
N ILE A 1222 13.18 43.16 51.53
CA ILE A 1222 12.86 42.25 52.66
C ILE A 1222 13.93 41.17 52.74
N GLY A 1223 14.30 40.78 53.95
CA GLY A 1223 15.35 39.78 54.12
C GLY A 1223 16.75 40.36 54.12
N ILE A 1224 16.88 41.69 54.10
CA ILE A 1224 18.22 42.34 54.13
C ILE A 1224 18.84 42.15 55.51
N VAL A 1225 20.16 41.98 55.55
CA VAL A 1225 20.84 41.75 56.85
C VAL A 1225 21.87 42.84 57.10
N ASN A 1226 22.27 43.01 58.35
CA ASN A 1226 23.17 44.13 58.72
C ASN A 1226 24.60 43.64 58.69
N ASN A 1227 25.43 44.26 57.86
CA ASN A 1227 26.86 43.89 57.79
C ASN A 1227 27.66 45.10 57.36
N THR A 1228 28.97 45.06 57.60
CA THR A 1228 29.82 46.22 57.25
C THR A 1228 30.48 45.96 55.91
N VAL A 1229 30.20 46.80 54.93
CA VAL A 1229 30.88 46.67 53.62
C VAL A 1229 32.19 47.43 53.69
N TYR A 1230 33.28 46.71 53.56
CA TYR A 1230 34.60 47.34 53.64
C TYR A 1230 34.87 48.15 52.38
N ASP A 1231 35.76 49.14 52.48
CA ASP A 1231 36.19 49.90 51.27
C ASP A 1231 37.72 49.84 51.20
N PRO A 1232 38.32 49.44 50.08
CA PRO A 1232 39.77 49.43 49.96
C PRO A 1232 40.43 50.82 49.87
N LEU A 1233 39.64 51.87 49.67
CA LEU A 1233 40.24 53.22 49.45
C LEU A 1233 40.38 54.00 50.75
N GLN A 1234 39.40 53.90 51.64
CA GLN A 1234 39.42 54.73 52.85
C GLN A 1234 40.65 54.47 53.72
N PRO A 1235 41.13 53.23 53.94
CA PRO A 1235 42.37 53.06 54.66
C PRO A 1235 43.55 53.77 54.00
N GLU A 1236 43.66 53.71 52.69
CA GLU A 1236 44.79 54.34 51.96
C GLU A 1236 44.67 55.86 52.06
N LEU A 1237 43.46 56.38 52.21
CA LEU A 1237 43.31 57.85 52.44
C LEU A 1237 43.64 58.20 53.90
N ASP A 1238 43.18 57.40 54.86
CA ASP A 1238 43.40 57.70 56.30
C ASP A 1238 44.88 57.61 56.64
N SER A 1239 45.56 56.56 56.16
CA SER A 1239 46.98 56.33 56.52
C SER A 1239 47.88 57.35 55.83
N PHE A 1240 47.39 57.99 54.77
CA PHE A 1240 48.22 58.94 54.01
C PHE A 1240 47.45 60.25 53.78
N GLN B 115 -67.91 22.41 -9.55
CA GLN B 115 -66.42 22.50 -9.74
C GLN B 115 -65.76 23.63 -8.94
N LEU B 116 -64.73 23.27 -8.17
CA LEU B 116 -64.04 24.25 -7.30
C LEU B 116 -62.54 24.14 -7.58
N PRO B 117 -61.73 25.20 -7.33
CA PRO B 117 -60.31 25.17 -7.61
C PRO B 117 -59.53 24.26 -6.68
N PRO B 118 -58.40 23.65 -7.12
CA PRO B 118 -57.55 22.89 -6.19
C PRO B 118 -56.82 23.85 -5.25
N ALA B 119 -56.69 23.47 -3.98
CA ALA B 119 -56.06 24.37 -2.99
C ALA B 119 -54.67 23.83 -2.63
N TYR B 120 -53.82 24.67 -2.08
CA TYR B 120 -52.43 24.27 -1.75
C TYR B 120 -52.12 24.69 -0.31
N THR B 121 -51.02 24.17 0.21
CA THR B 121 -50.60 24.57 1.57
C THR B 121 -49.13 24.22 1.76
N ASN B 122 -48.60 24.47 2.95
CA ASN B 122 -47.15 24.25 3.16
C ASN B 122 -46.94 23.03 4.04
N SER B 123 -46.13 22.08 3.56
CA SER B 123 -45.78 20.88 4.37
C SER B 123 -44.54 21.25 5.16
N PHE B 124 -44.72 21.84 6.34
CA PHE B 124 -43.54 22.38 7.03
C PHE B 124 -42.53 21.32 7.47
N THR B 125 -42.97 20.33 8.25
CA THR B 125 -42.03 19.25 8.63
C THR B 125 -42.72 17.90 8.42
N ARG B 126 -43.99 17.92 8.03
CA ARG B 126 -44.77 16.66 8.01
C ARG B 126 -44.20 15.66 7.01
N GLY B 127 -44.39 14.39 7.31
CA GLY B 127 -43.97 13.37 6.33
C GLY B 127 -42.64 12.73 6.65
N VAL B 128 -42.36 12.49 7.93
CA VAL B 128 -41.11 11.76 8.26
C VAL B 128 -41.43 10.39 8.84
N TYR B 129 -40.86 9.33 8.27
CA TYR B 129 -41.18 7.94 8.69
C TYR B 129 -39.90 7.15 8.94
N TYR B 130 -39.92 6.24 9.92
CA TYR B 130 -38.72 5.44 10.23
C TYR B 130 -38.46 4.64 8.97
N PRO B 131 -37.33 4.86 8.29
CA PRO B 131 -37.12 4.26 6.99
C PRO B 131 -36.72 2.80 7.02
N ASP B 132 -36.58 2.23 8.22
CA ASP B 132 -36.14 0.82 8.31
C ASP B 132 -36.52 0.26 9.67
N LYS B 133 -36.17 -1.00 9.91
CA LYS B 133 -36.57 -1.66 11.18
C LYS B 133 -35.35 -1.69 12.09
N VAL B 134 -34.49 -0.68 11.94
CA VAL B 134 -33.20 -0.70 12.67
C VAL B 134 -33.22 0.31 13.82
N PHE B 135 -32.98 -0.19 15.03
CA PHE B 135 -32.91 0.72 16.19
C PHE B 135 -31.57 1.43 16.19
N ARG B 136 -31.58 2.72 16.50
CA ARG B 136 -30.33 3.48 16.65
C ARG B 136 -30.61 4.50 17.74
N SER B 137 -29.63 4.74 18.61
CA SER B 137 -29.89 5.61 19.78
C SER B 137 -28.92 6.78 19.85
N SER B 138 -29.46 7.99 19.96
CA SER B 138 -28.61 9.20 20.13
C SER B 138 -27.59 9.30 19.00
N VAL B 139 -28.05 9.11 17.77
CA VAL B 139 -27.10 9.19 16.63
C VAL B 139 -27.74 9.96 15.50
N LEU B 140 -26.95 10.74 14.79
CA LEU B 140 -27.46 11.55 13.68
C LEU B 140 -27.34 10.66 12.46
N HIS B 141 -28.40 9.93 12.17
CA HIS B 141 -28.34 8.93 11.08
C HIS B 141 -28.77 9.53 9.76
N SER B 142 -28.09 9.15 8.69
CA SER B 142 -28.41 9.69 7.36
C SER B 142 -29.08 8.57 6.58
N THR B 143 -30.21 8.85 5.95
CA THR B 143 -30.91 7.84 5.12
C THR B 143 -31.28 8.39 3.75
N GLN B 144 -31.18 7.56 2.72
CA GLN B 144 -31.59 8.01 1.36
C GLN B 144 -32.77 7.15 0.92
N ASP B 145 -33.88 7.79 0.59
CA ASP B 145 -35.11 7.05 0.21
C ASP B 145 -36.05 8.10 -0.37
N LEU B 146 -37.24 7.69 -0.79
CA LEU B 146 -38.22 8.65 -1.31
C LEU B 146 -38.84 9.34 -0.10
N PHE B 147 -39.00 10.65 -0.17
CA PHE B 147 -39.48 11.41 1.00
C PHE B 147 -40.37 12.55 0.51
N LEU B 148 -41.03 13.22 1.45
CA LEU B 148 -41.81 14.42 1.09
C LEU B 148 -40.94 15.59 1.49
N PRO B 149 -40.64 16.53 0.59
CA PRO B 149 -39.71 17.56 0.91
C PRO B 149 -40.22 18.47 2.01
N PHE B 150 -39.28 19.04 2.77
CA PHE B 150 -39.66 20.04 3.78
C PHE B 150 -40.12 21.26 3.03
N PHE B 151 -41.13 21.94 3.55
CA PHE B 151 -41.64 23.17 2.90
C PHE B 151 -42.06 22.89 1.45
N SER B 152 -42.72 21.76 1.20
CA SER B 152 -43.22 21.47 -0.17
C SER B 152 -44.66 21.94 -0.31
N ASN B 153 -45.10 22.15 -1.55
CA ASN B 153 -46.48 22.61 -1.80
C ASN B 153 -47.31 21.40 -2.14
N VAL B 154 -48.20 21.02 -1.23
CA VAL B 154 -49.03 19.80 -1.41
C VAL B 154 -50.43 20.26 -1.74
N THR B 155 -51.10 19.55 -2.63
CA THR B 155 -52.49 19.90 -3.01
C THR B 155 -53.42 19.70 -1.82
N TRP B 156 -54.40 20.57 -1.69
CA TRP B 156 -55.40 20.49 -0.59
C TRP B 156 -56.73 20.12 -1.23
N PHE B 157 -57.36 19.07 -0.73
CA PHE B 157 -58.69 18.65 -1.26
C PHE B 157 -59.74 18.80 -0.16
N HIS B 158 -60.99 19.05 -0.56
CA HIS B 158 -62.05 19.30 0.46
C HIS B 158 -63.38 18.71 -0.01
N ASN B 173 -61.46 12.91 -3.16
CA ASN B 173 -62.78 12.55 -3.75
C ASN B 173 -62.54 12.02 -5.15
N PRO B 174 -61.73 12.66 -6.01
CA PRO B 174 -61.56 12.16 -7.34
C PRO B 174 -60.38 11.20 -7.48
N VAL B 175 -60.15 10.73 -8.69
CA VAL B 175 -58.96 9.88 -8.94
C VAL B 175 -57.74 10.78 -8.86
N LEU B 176 -56.69 10.31 -8.20
CA LEU B 176 -55.42 11.08 -8.14
C LEU B 176 -54.28 10.21 -8.63
N PRO B 177 -53.22 10.82 -9.19
CA PRO B 177 -52.06 10.06 -9.61
C PRO B 177 -51.26 9.50 -8.44
N PHE B 178 -50.51 8.43 -8.68
CA PHE B 178 -49.64 7.82 -7.64
C PHE B 178 -48.27 7.73 -8.27
N ASN B 179 -47.48 8.80 -8.17
CA ASN B 179 -46.21 8.82 -8.93
C ASN B 179 -45.24 7.74 -8.46
N ASP B 180 -44.81 7.79 -7.19
CA ASP B 180 -43.94 6.73 -6.64
C ASP B 180 -44.32 6.49 -5.19
N GLY B 181 -45.03 7.45 -4.60
CA GLY B 181 -45.48 7.30 -3.22
C GLY B 181 -46.36 8.48 -2.89
N VAL B 182 -47.15 8.36 -1.85
CA VAL B 182 -48.10 9.47 -1.58
C VAL B 182 -48.17 9.72 -0.09
N TYR B 183 -48.15 11.00 0.29
CA TYR B 183 -48.35 11.35 1.71
C TYR B 183 -49.82 11.73 1.83
N PHE B 184 -50.52 11.13 2.77
CA PHE B 184 -51.94 11.45 2.98
C PHE B 184 -52.10 12.17 4.31
N ALA B 185 -52.71 13.35 4.28
CA ALA B 185 -52.95 14.10 5.53
C ALA B 185 -54.40 14.55 5.59
N SER B 186 -55.08 14.19 6.67
CA SER B 186 -56.48 14.63 6.84
C SER B 186 -56.80 14.81 8.31
N THR B 187 -57.69 15.76 8.61
CA THR B 187 -58.10 16.03 10.01
C THR B 187 -59.60 15.86 10.04
N GLU B 188 -60.12 15.43 11.18
CA GLU B 188 -61.56 15.10 11.18
C GLU B 188 -62.14 15.36 12.56
N LYS B 189 -63.47 15.37 12.65
CA LYS B 189 -64.13 15.43 13.98
C LYS B 189 -65.26 14.40 13.99
N SER B 190 -65.59 13.84 12.81
CA SER B 190 -66.76 12.92 12.74
C SER B 190 -66.49 11.60 12.01
N ASN B 191 -65.24 11.14 12.00
CA ASN B 191 -64.89 9.88 11.28
C ASN B 191 -65.30 9.96 9.82
N ILE B 192 -65.04 11.09 9.15
CA ILE B 192 -65.51 11.32 7.76
C ILE B 192 -64.85 10.38 6.77
N ILE B 193 -63.59 10.03 7.00
CA ILE B 193 -62.83 9.28 5.96
C ILE B 193 -62.67 7.83 6.35
N ARG B 194 -62.90 6.93 5.39
CA ARG B 194 -62.87 5.50 5.74
C ARG B 194 -61.70 4.75 5.08
N GLY B 195 -61.44 4.99 3.79
CA GLY B 195 -60.43 4.15 3.13
C GLY B 195 -59.96 4.68 1.82
N TRP B 196 -59.16 3.88 1.11
CA TRP B 196 -58.58 4.33 -0.17
C TRP B 196 -58.68 3.26 -1.25
N ILE B 197 -58.58 3.68 -2.50
CA ILE B 197 -58.59 2.72 -3.63
C ILE B 197 -57.26 2.88 -4.33
N PHE B 198 -56.66 1.77 -4.76
CA PHE B 198 -55.41 1.86 -5.54
C PHE B 198 -55.48 0.95 -6.75
N GLY B 199 -54.85 1.37 -7.85
CA GLY B 199 -54.79 0.52 -9.04
C GLY B 199 -54.19 1.24 -10.22
N THR B 200 -54.11 0.58 -11.37
CA THR B 200 -53.64 1.23 -12.63
C THR B 200 -54.85 1.53 -13.50
N THR B 201 -55.70 0.53 -13.74
CA THR B 201 -56.97 0.74 -14.48
C THR B 201 -58.06 0.30 -13.51
N LEU B 202 -58.95 1.21 -13.13
CA LEU B 202 -59.88 0.92 -12.01
C LEU B 202 -61.10 0.11 -12.43
N ASP B 203 -61.05 -0.43 -13.63
CA ASP B 203 -62.13 -1.37 -14.03
C ASP B 203 -61.65 -2.79 -13.71
N SER B 204 -62.43 -3.80 -14.08
CA SER B 204 -62.10 -5.19 -13.74
C SER B 204 -60.97 -5.75 -14.61
N LYS B 205 -60.56 -5.05 -15.67
CA LYS B 205 -59.58 -5.64 -16.62
C LYS B 205 -58.30 -5.98 -15.91
N THR B 206 -57.93 -5.17 -14.91
CA THR B 206 -56.69 -5.43 -14.14
C THR B 206 -57.01 -5.60 -12.66
N GLN B 207 -55.97 -5.71 -11.85
CA GLN B 207 -56.18 -5.82 -10.38
C GLN B 207 -56.11 -4.44 -9.74
N SER B 208 -56.91 -4.23 -8.70
CA SER B 208 -56.90 -2.94 -7.99
C SER B 208 -57.05 -3.21 -6.49
N LEU B 209 -56.33 -2.47 -5.66
CA LEU B 209 -56.32 -2.76 -4.21
C LEU B 209 -57.25 -1.82 -3.46
N LEU B 210 -57.88 -2.35 -2.40
CA LEU B 210 -58.78 -1.51 -1.60
C LEU B 210 -58.45 -1.59 -0.12
N ILE B 211 -58.51 -0.45 0.56
CA ILE B 211 -58.44 -0.47 2.05
C ILE B 211 -59.62 0.39 2.51
N VAL B 212 -60.34 -0.05 3.53
CA VAL B 212 -61.47 0.78 4.05
C VAL B 212 -61.80 0.39 5.49
N ASN B 213 -62.44 1.31 6.20
CA ASN B 213 -62.88 1.00 7.58
C ASN B 213 -64.39 1.19 7.65
N ASN B 214 -65.08 0.28 8.35
CA ASN B 214 -66.54 0.45 8.55
C ASN B 214 -66.95 -0.39 9.75
N ALA B 215 -67.73 0.20 10.66
CA ALA B 215 -68.28 -0.59 11.79
C ALA B 215 -67.21 -1.37 12.55
N THR B 216 -66.14 -0.70 13.03
CA THR B 216 -65.13 -1.40 13.87
C THR B 216 -64.53 -2.54 13.08
N ASN B 217 -64.45 -2.37 11.76
CA ASN B 217 -63.76 -3.40 10.95
C ASN B 217 -62.83 -2.69 9.97
N VAL B 218 -61.52 -2.91 10.10
CA VAL B 218 -60.62 -2.35 9.07
C VAL B 218 -60.57 -3.42 7.99
N VAL B 219 -60.78 -3.04 6.74
CA VAL B 219 -60.95 -4.06 5.69
C VAL B 219 -59.93 -3.88 4.57
N ILE B 220 -59.28 -4.98 4.20
CA ILE B 220 -58.34 -4.90 3.05
C ILE B 220 -58.69 -5.95 2.01
N LYS B 221 -58.81 -5.52 0.76
CA LYS B 221 -59.03 -6.48 -0.35
C LYS B 221 -58.19 -6.01 -1.54
N VAL B 222 -57.90 -6.94 -2.43
CA VAL B 222 -57.21 -6.55 -3.70
C VAL B 222 -58.13 -7.05 -4.81
N CYS B 223 -59.41 -7.26 -4.48
CA CYS B 223 -60.37 -7.86 -5.42
C CYS B 223 -60.59 -7.02 -6.68
N GLU B 224 -60.79 -7.70 -7.82
CA GLU B 224 -60.95 -6.98 -9.11
C GLU B 224 -62.41 -6.55 -9.25
N PHE B 225 -62.78 -5.48 -8.57
CA PHE B 225 -64.15 -4.93 -8.64
C PHE B 225 -64.32 -4.02 -9.86
N GLN B 226 -65.55 -3.56 -10.10
CA GLN B 226 -65.82 -2.57 -11.17
C GLN B 226 -66.12 -1.27 -10.44
N PHE B 227 -65.08 -0.47 -10.22
CA PHE B 227 -65.24 0.70 -9.31
C PHE B 227 -66.10 1.81 -9.91
N CYS B 228 -67.04 2.30 -9.11
CA CYS B 228 -67.89 3.42 -9.57
C CYS B 228 -67.10 4.71 -9.48
N ASN B 229 -67.55 5.73 -10.20
CA ASN B 229 -66.82 7.03 -10.19
C ASN B 229 -67.00 7.68 -8.83
N ASP B 230 -67.98 7.22 -8.05
CA ASP B 230 -68.24 7.79 -6.71
C ASP B 230 -68.57 6.67 -5.74
N PRO B 231 -67.59 5.87 -5.29
CA PRO B 231 -67.87 4.84 -4.31
C PRO B 231 -67.75 5.34 -2.87
N PHE B 232 -68.83 5.22 -2.11
CA PHE B 232 -68.79 5.59 -0.68
C PHE B 232 -69.85 4.80 0.07
N ASN B 256 -63.82 -9.84 -7.25
CA ASN B 256 -64.00 -11.10 -8.03
C ASN B 256 -62.93 -12.13 -7.63
N ASN B 257 -61.94 -12.37 -8.48
CA ASN B 257 -60.97 -13.45 -8.21
C ASN B 257 -59.96 -12.88 -7.23
N CYS B 258 -60.36 -12.81 -5.97
CA CYS B 258 -59.51 -12.12 -4.94
C CYS B 258 -58.22 -12.87 -4.65
N THR B 259 -57.19 -12.12 -4.26
CA THR B 259 -55.86 -12.75 -3.98
C THR B 259 -55.58 -12.78 -2.48
N PHE B 260 -55.87 -11.68 -1.78
CA PHE B 260 -55.67 -11.64 -0.31
C PHE B 260 -56.74 -10.77 0.33
N GLU B 261 -57.14 -11.13 1.55
CA GLU B 261 -58.19 -10.36 2.24
C GLU B 261 -57.89 -10.30 3.74
N TYR B 262 -57.21 -9.24 4.18
CA TYR B 262 -56.94 -9.07 5.63
C TYR B 262 -58.13 -8.35 6.26
N VAL B 263 -59.18 -9.11 6.59
CA VAL B 263 -60.43 -8.50 7.14
C VAL B 263 -60.24 -7.98 8.56
N SER B 264 -59.23 -8.48 9.28
CA SER B 264 -58.95 -8.01 10.66
C SER B 264 -60.19 -8.22 11.54
N LYS B 279 -60.15 17.66 18.36
CA LYS B 279 -60.17 16.95 17.06
C LYS B 279 -59.06 15.91 16.91
N ASN B 280 -59.00 15.28 15.74
CA ASN B 280 -58.03 14.19 15.53
C ASN B 280 -57.12 14.52 14.35
N LEU B 281 -55.85 14.13 14.45
CA LEU B 281 -54.91 14.33 13.33
C LEU B 281 -54.38 12.97 12.89
N ARG B 282 -54.46 12.67 11.59
CA ARG B 282 -53.92 11.40 11.08
C ARG B 282 -53.05 11.68 9.86
N GLU B 283 -51.94 10.95 9.73
CA GLU B 283 -51.04 11.11 8.57
C GLU B 283 -50.71 9.73 8.00
N PHE B 284 -50.66 9.65 6.69
CA PHE B 284 -50.39 8.35 6.06
C PHE B 284 -49.40 8.51 4.93
N VAL B 285 -48.56 7.50 4.74
CA VAL B 285 -47.59 7.52 3.62
C VAL B 285 -47.70 6.20 2.88
N PHE B 286 -48.00 6.27 1.58
CA PHE B 286 -48.24 5.04 0.83
C PHE B 286 -47.14 4.87 -0.18
N LYS B 287 -46.30 3.87 0.05
CA LYS B 287 -45.24 3.58 -0.93
C LYS B 287 -45.31 2.09 -1.25
N ASN B 288 -45.11 1.77 -2.52
CA ASN B 288 -45.13 0.36 -2.94
C ASN B 288 -43.73 0.01 -3.44
N ILE B 289 -42.99 -0.75 -2.64
CA ILE B 289 -41.65 -1.21 -3.07
C ILE B 289 -41.89 -2.51 -3.83
N ASP B 290 -40.87 -3.04 -4.48
CA ASP B 290 -41.13 -4.22 -5.32
C ASP B 290 -41.77 -5.34 -4.50
N GLY B 291 -42.99 -5.71 -4.87
CA GLY B 291 -43.62 -6.88 -4.22
C GLY B 291 -44.32 -6.55 -2.92
N TYR B 292 -44.19 -5.32 -2.44
CA TYR B 292 -44.82 -5.02 -1.12
C TYR B 292 -45.47 -3.66 -1.14
N PHE B 293 -46.62 -3.55 -0.48
CA PHE B 293 -47.27 -2.21 -0.37
C PHE B 293 -47.06 -1.74 1.07
N LYS B 294 -46.20 -0.75 1.27
CA LYS B 294 -45.83 -0.35 2.65
C LYS B 294 -46.75 0.74 3.19
N ILE B 295 -47.21 0.56 4.41
CA ILE B 295 -48.15 1.52 5.01
C ILE B 295 -47.49 2.20 6.18
N TYR B 296 -47.48 3.53 6.17
CA TYR B 296 -46.90 4.29 7.29
C TYR B 296 -47.99 5.14 7.91
N SER B 297 -48.19 4.99 9.21
CA SER B 297 -49.32 5.71 9.82
C SER B 297 -48.95 6.30 11.16
N LYS B 298 -49.54 7.44 11.46
CA LYS B 298 -49.33 8.08 12.79
C LYS B 298 -50.58 8.88 13.11
N HIS B 299 -51.06 8.76 14.33
CA HIS B 299 -52.23 9.54 14.79
C HIS B 299 -51.81 10.30 16.03
N THR B 300 -52.37 11.48 16.25
CA THR B 300 -51.90 12.35 17.35
C THR B 300 -53.00 13.35 17.63
N PRO B 301 -53.12 13.89 18.86
CA PRO B 301 -54.16 14.83 19.19
C PRO B 301 -54.00 16.15 18.45
N ILE B 302 -55.11 16.78 18.12
CA ILE B 302 -55.00 18.15 17.56
C ILE B 302 -56.24 18.96 17.93
N ASN B 303 -56.07 20.25 18.20
CA ASN B 303 -57.24 21.15 18.38
C ASN B 303 -56.95 22.40 17.55
N LEU B 304 -57.19 22.32 16.24
CA LEU B 304 -56.80 23.44 15.35
C LEU B 304 -57.78 23.50 14.17
N VAL B 305 -57.79 24.63 13.46
CA VAL B 305 -58.73 24.79 12.31
C VAL B 305 -58.01 25.28 11.06
N ARG B 306 -58.33 24.69 9.90
CA ARG B 306 -57.89 25.22 8.57
C ARG B 306 -56.43 24.95 8.21
N ASP B 307 -55.62 24.38 9.09
CA ASP B 307 -54.19 24.28 8.72
C ASP B 307 -53.56 23.00 9.20
N LEU B 308 -52.52 22.55 8.49
CA LEU B 308 -51.76 21.36 8.93
C LEU B 308 -51.08 21.70 10.24
N PRO B 309 -50.98 20.77 11.19
CA PRO B 309 -50.41 21.09 12.46
C PRO B 309 -48.94 21.50 12.35
N GLN B 310 -48.52 22.38 13.26
CA GLN B 310 -47.11 22.82 13.26
C GLN B 310 -46.36 22.05 14.34
N GLY B 311 -45.15 21.62 14.01
CA GLY B 311 -44.33 20.88 14.97
C GLY B 311 -43.63 19.74 14.28
N PHE B 312 -43.31 18.67 15.02
CA PHE B 312 -42.73 17.49 14.34
C PHE B 312 -43.30 16.23 14.94
N SER B 313 -43.47 15.20 14.11
CA SER B 313 -43.88 13.88 14.61
C SER B 313 -43.51 12.88 13.52
N ALA B 314 -42.95 11.74 13.93
CA ALA B 314 -42.51 10.77 12.90
C ALA B 314 -43.62 9.80 12.62
N LEU B 315 -43.45 9.03 11.55
CA LEU B 315 -44.48 8.06 11.16
C LEU B 315 -43.91 6.66 11.36
N GLU B 316 -44.59 5.86 12.16
CA GLU B 316 -44.14 4.48 12.38
C GLU B 316 -44.58 3.60 11.21
N PRO B 317 -43.97 2.44 10.99
CA PRO B 317 -44.48 1.52 9.99
C PRO B 317 -45.70 0.79 10.53
N LEU B 318 -46.71 0.62 9.67
CA LEU B 318 -47.94 -0.10 10.08
C LEU B 318 -48.00 -1.47 9.43
N VAL B 319 -47.81 -1.55 8.11
CA VAL B 319 -47.80 -2.89 7.45
C VAL B 319 -47.20 -2.79 6.05
N ASP B 320 -46.69 -3.90 5.53
CA ASP B 320 -46.17 -3.95 4.16
C ASP B 320 -46.86 -5.17 3.55
N LEU B 321 -48.07 -4.98 3.03
CA LEU B 321 -48.89 -6.14 2.59
C LEU B 321 -48.22 -6.90 1.48
N PRO B 322 -48.27 -8.25 1.49
CA PRO B 322 -47.56 -9.05 0.49
C PRO B 322 -48.38 -9.04 -0.80
N ILE B 323 -48.48 -7.87 -1.42
CA ILE B 323 -49.27 -7.73 -2.67
C ILE B 323 -48.29 -7.36 -3.77
N GLY B 324 -48.47 -7.93 -4.96
CA GLY B 324 -47.52 -7.69 -6.06
C GLY B 324 -48.09 -6.86 -7.19
N ILE B 325 -49.12 -6.05 -6.94
CA ILE B 325 -49.80 -5.34 -8.06
C ILE B 325 -49.00 -4.12 -8.52
N ASN B 326 -49.27 -3.64 -9.73
CA ASN B 326 -48.54 -2.46 -10.26
C ASN B 326 -49.53 -1.30 -10.24
N ILE B 327 -49.18 -0.17 -9.62
CA ILE B 327 -50.20 0.91 -9.42
C ILE B 327 -49.78 2.24 -10.04
N THR B 328 -50.75 3.05 -10.48
CA THR B 328 -50.43 4.41 -10.97
C THR B 328 -51.42 5.45 -10.43
N ARG B 329 -52.54 5.01 -9.87
CA ARG B 329 -53.55 6.01 -9.46
C ARG B 329 -54.23 5.56 -8.19
N PHE B 330 -54.88 6.48 -7.51
CA PHE B 330 -55.56 6.14 -6.26
C PHE B 330 -56.73 7.07 -6.01
N GLN B 331 -57.59 6.70 -5.06
CA GLN B 331 -58.71 7.59 -4.67
C GLN B 331 -59.08 7.33 -3.21
N THR B 332 -59.69 8.31 -2.56
CA THR B 332 -60.09 8.13 -1.15
C THR B 332 -61.58 7.80 -1.04
N LEU B 333 -62.02 7.43 0.17
CA LEU B 333 -63.44 7.05 0.39
C LEU B 333 -63.97 7.80 1.61
N LEU B 334 -65.26 8.13 1.59
CA LEU B 334 -65.89 8.82 2.76
C LEU B 334 -67.24 8.16 3.06
N ALA B 356 -61.47 17.66 5.40
CA ALA B 356 -60.61 17.86 4.21
C ALA B 356 -59.42 16.91 4.27
N TYR B 357 -58.84 16.62 3.11
CA TYR B 357 -57.69 15.71 3.08
C TYR B 357 -56.60 16.32 2.21
N TYR B 358 -55.35 15.94 2.43
CA TYR B 358 -54.21 16.57 1.74
C TYR B 358 -53.35 15.49 1.09
N VAL B 359 -52.81 15.79 -0.08
CA VAL B 359 -52.01 14.78 -0.80
C VAL B 359 -50.59 15.28 -1.00
N GLY B 360 -49.59 14.47 -0.63
CA GLY B 360 -48.19 14.84 -0.79
C GLY B 360 -47.45 13.82 -1.61
N TYR B 361 -46.71 14.28 -2.62
CA TYR B 361 -45.96 13.34 -3.49
C TYR B 361 -44.53 13.10 -2.99
N LEU B 362 -44.10 11.85 -3.04
CA LEU B 362 -42.79 11.48 -2.47
C LEU B 362 -41.75 11.38 -3.58
N GLN B 363 -40.53 11.80 -3.27
CA GLN B 363 -39.46 11.81 -4.28
C GLN B 363 -38.17 11.44 -3.59
N PRO B 364 -37.15 11.00 -4.32
CA PRO B 364 -35.94 10.55 -3.69
C PRO B 364 -34.92 11.63 -3.28
N ARG B 365 -35.09 12.17 -2.07
CA ARG B 365 -34.06 13.09 -1.54
C ARG B 365 -33.36 12.42 -0.37
N THR B 366 -32.28 13.02 0.13
CA THR B 366 -31.46 12.38 1.19
C THR B 366 -31.68 13.09 2.52
N PHE B 367 -31.90 12.31 3.57
CA PHE B 367 -32.26 12.93 4.86
C PHE B 367 -31.23 12.60 5.93
N LEU B 368 -31.19 13.41 6.99
CA LEU B 368 -30.29 13.13 8.13
C LEU B 368 -31.16 13.14 9.38
N LEU B 369 -31.66 11.97 9.74
CA LEU B 369 -32.55 11.86 10.92
C LEU B 369 -31.78 11.91 12.22
N LYS B 370 -32.43 12.41 13.26
CA LYS B 370 -31.79 12.47 14.58
C LYS B 370 -32.56 11.58 15.55
N TYR B 371 -31.87 10.81 16.37
CA TYR B 371 -32.54 9.87 17.28
C TYR B 371 -32.21 10.25 18.72
N ASN B 372 -33.15 10.03 19.63
CA ASN B 372 -32.91 10.36 21.07
C ASN B 372 -32.37 9.14 21.80
N GLU B 373 -32.32 9.21 23.12
CA GLU B 373 -31.77 8.09 23.92
C GLU B 373 -32.81 6.98 24.03
N ASN B 374 -34.05 7.27 23.70
CA ASN B 374 -35.11 6.23 23.72
C ASN B 374 -35.29 5.65 22.31
N GLY B 375 -34.51 6.10 21.33
CA GLY B 375 -34.55 5.50 19.98
C GLY B 375 -35.58 6.04 19.01
N THR B 376 -36.21 7.18 19.33
CA THR B 376 -37.25 7.75 18.45
C THR B 376 -36.72 8.98 17.72
N ILE B 377 -37.27 9.27 16.54
CA ILE B 377 -36.84 10.45 15.76
C ILE B 377 -37.29 11.73 16.45
N THR B 378 -36.39 12.70 16.57
CA THR B 378 -36.73 13.97 17.24
C THR B 378 -36.49 15.13 16.28
N ASP B 379 -35.77 14.91 15.19
CA ASP B 379 -35.61 15.98 14.19
C ASP B 379 -35.10 15.40 12.89
N ALA B 380 -35.15 16.16 11.80
CA ALA B 380 -34.58 15.70 10.53
C ALA B 380 -34.21 16.91 9.69
N VAL B 381 -33.27 16.74 8.78
CA VAL B 381 -32.87 17.86 7.90
C VAL B 381 -32.76 17.35 6.48
N ASP B 382 -33.34 18.07 5.54
CA ASP B 382 -33.31 17.64 4.12
C ASP B 382 -32.05 18.21 3.50
N CYS B 383 -31.25 17.34 2.91
CA CYS B 383 -29.94 17.78 2.38
C CYS B 383 -30.15 18.50 1.05
N ALA B 384 -31.40 18.72 0.63
CA ALA B 384 -31.62 19.50 -0.59
C ALA B 384 -32.63 20.64 -0.42
N LEU B 385 -32.71 21.27 0.74
CA LEU B 385 -33.71 22.33 0.98
C LEU B 385 -33.04 23.70 0.95
N ASP B 386 -31.89 23.84 1.57
CA ASP B 386 -31.19 25.14 1.63
C ASP B 386 -29.72 24.90 1.92
N PRO B 387 -28.82 25.86 1.66
CA PRO B 387 -27.41 25.63 1.85
C PRO B 387 -27.10 25.23 3.31
N LEU B 388 -27.81 25.80 4.26
CA LEU B 388 -27.52 25.49 5.68
C LEU B 388 -27.76 24.00 5.90
N SER B 389 -28.82 23.47 5.29
CA SER B 389 -29.11 22.04 5.46
C SER B 389 -28.03 21.18 4.81
N GLU B 390 -27.56 21.59 3.63
CA GLU B 390 -26.46 20.82 2.98
C GLU B 390 -25.21 20.86 3.87
N THR B 391 -24.94 22.00 4.50
CA THR B 391 -23.79 22.04 5.42
C THR B 391 -24.05 21.08 6.58
N LYS B 392 -25.25 21.08 7.11
CA LYS B 392 -25.54 20.23 8.28
C LYS B 392 -25.39 18.79 7.83
N CYS B 393 -25.63 18.53 6.55
CA CYS B 393 -25.58 17.13 6.07
C CYS B 393 -24.16 16.65 5.90
N THR B 394 -23.32 17.46 5.26
CA THR B 394 -21.91 17.05 5.01
C THR B 394 -21.23 16.94 6.36
N LEU B 395 -21.61 17.79 7.32
CA LEU B 395 -20.95 17.76 8.63
C LEU B 395 -21.67 16.78 9.57
N LYS B 396 -22.83 16.25 9.19
CA LYS B 396 -23.57 15.26 10.01
C LYS B 396 -23.83 15.83 11.39
N SER B 397 -24.21 17.09 11.46
CA SER B 397 -24.58 17.66 12.77
C SER B 397 -25.77 18.61 12.62
N PHE B 398 -26.57 18.73 13.67
CA PHE B 398 -27.77 19.61 13.64
C PHE B 398 -27.37 20.98 14.11
N THR B 399 -26.11 21.14 14.50
CA THR B 399 -25.60 22.49 14.83
C THR B 399 -24.31 22.64 14.03
N VAL B 400 -24.06 23.83 13.50
CA VAL B 400 -22.82 24.06 12.73
C VAL B 400 -22.02 25.18 13.38
N GLU B 401 -20.72 24.96 13.59
CA GLU B 401 -19.83 26.01 14.16
C GLU B 401 -19.60 27.07 13.10
N LYS B 402 -19.15 28.24 13.50
CA LYS B 402 -18.82 29.27 12.50
C LYS B 402 -17.71 28.77 11.59
N GLY B 403 -17.87 28.98 10.29
CA GLY B 403 -16.78 28.62 9.39
C GLY B 403 -17.18 28.67 7.95
N ILE B 404 -16.34 28.12 7.06
CA ILE B 404 -16.69 28.00 5.63
C ILE B 404 -16.50 26.53 5.27
N TYR B 405 -17.54 25.91 4.71
CA TYR B 405 -17.47 24.45 4.46
C TYR B 405 -17.87 24.17 3.03
N GLN B 406 -17.20 23.19 2.42
CA GLN B 406 -17.48 22.86 1.01
C GLN B 406 -18.51 21.75 1.02
N THR B 407 -19.73 22.08 0.62
CA THR B 407 -20.82 21.10 0.75
C THR B 407 -20.99 20.28 -0.52
N SER B 408 -20.68 20.86 -1.67
CA SER B 408 -20.90 20.13 -2.93
C SER B 408 -20.20 20.85 -4.05
N ASN B 409 -20.39 20.35 -5.26
CA ASN B 409 -19.82 21.04 -6.42
C ASN B 409 -20.94 21.21 -7.42
N PHE B 410 -20.58 21.62 -8.62
CA PHE B 410 -21.60 21.73 -9.69
C PHE B 410 -20.92 21.57 -11.04
N ARG B 411 -21.73 21.36 -12.07
CA ARG B 411 -21.15 21.32 -13.43
C ARG B 411 -22.15 21.99 -14.36
N VAL B 412 -21.66 22.73 -15.34
CA VAL B 412 -22.59 23.32 -16.34
C VAL B 412 -22.90 22.22 -17.35
N GLN B 413 -24.13 22.15 -17.86
CA GLN B 413 -24.49 21.01 -18.75
C GLN B 413 -24.71 21.46 -20.18
N PRO B 414 -24.40 20.61 -21.18
CA PRO B 414 -24.52 21.03 -22.57
C PRO B 414 -25.97 21.41 -22.91
N THR B 415 -26.17 22.64 -23.38
CA THR B 415 -27.54 23.14 -23.65
C THR B 415 -28.13 22.31 -24.78
N GLU B 416 -27.30 22.01 -25.78
CA GLU B 416 -27.77 21.18 -26.92
C GLU B 416 -26.57 20.39 -27.43
N SER B 417 -26.78 19.60 -28.47
CA SER B 417 -25.65 18.88 -29.11
C SER B 417 -25.42 19.48 -30.49
N ILE B 418 -24.20 19.34 -31.00
CA ILE B 418 -23.93 19.81 -32.39
C ILE B 418 -23.05 18.78 -33.07
N VAL B 419 -23.36 18.50 -34.33
CA VAL B 419 -22.59 17.45 -35.07
C VAL B 419 -22.16 18.03 -36.41
N ARG B 420 -20.88 17.95 -36.70
CA ARG B 420 -20.37 18.53 -37.97
C ARG B 420 -19.54 17.50 -38.72
N PHE B 421 -19.78 17.38 -40.03
CA PHE B 421 -18.97 16.48 -40.89
C PHE B 421 -18.79 17.16 -42.24
N PRO B 422 -17.74 16.83 -43.01
CA PRO B 422 -17.47 17.57 -44.25
C PRO B 422 -18.52 17.50 -45.35
N ASN B 423 -18.41 18.41 -46.33
CA ASN B 423 -19.40 18.46 -47.43
C ASN B 423 -19.42 17.15 -48.22
N ILE B 424 -20.61 16.63 -48.49
CA ILE B 424 -20.74 15.42 -49.33
C ILE B 424 -21.59 15.78 -50.56
N LYS B 629 -21.41 29.07 -25.43
CA LYS B 629 -22.55 28.15 -25.20
C LYS B 629 -22.06 26.77 -24.80
N CYS B 630 -22.37 26.33 -23.58
CA CYS B 630 -21.93 25.00 -23.10
C CYS B 630 -22.62 23.97 -24.00
N VAL B 631 -21.81 23.18 -24.71
CA VAL B 631 -22.41 22.26 -25.71
C VAL B 631 -21.72 20.91 -25.72
N ASN B 632 -22.44 19.87 -26.15
CA ASN B 632 -21.79 18.57 -26.35
C ASN B 632 -21.63 18.44 -27.86
N PHE B 633 -20.44 18.01 -28.29
CA PHE B 633 -20.18 18.01 -29.74
C PHE B 633 -19.57 16.70 -30.20
N ASN B 634 -19.86 16.32 -31.45
CA ASN B 634 -19.24 15.12 -32.05
C ASN B 634 -18.69 15.53 -33.41
N PHE B 635 -17.38 15.70 -33.50
CA PHE B 635 -16.75 16.09 -34.78
C PHE B 635 -16.32 14.85 -35.53
N ASN B 636 -15.48 15.05 -36.54
CA ASN B 636 -15.07 13.91 -37.39
C ASN B 636 -14.33 12.90 -36.51
N GLY B 637 -13.45 13.38 -35.65
CA GLY B 637 -12.78 12.48 -34.70
C GLY B 637 -12.96 12.97 -33.26
N LEU B 638 -13.19 14.27 -33.09
CA LEU B 638 -13.27 14.83 -31.72
C LEU B 638 -14.67 14.72 -31.16
N THR B 639 -14.76 14.30 -29.89
CA THR B 639 -16.08 14.15 -29.25
C THR B 639 -16.01 14.62 -27.82
N GLY B 640 -17.03 15.34 -27.35
CA GLY B 640 -17.03 15.74 -25.94
C GLY B 640 -17.76 17.03 -25.68
N THR B 641 -17.81 17.46 -24.43
CA THR B 641 -18.50 18.70 -24.04
C THR B 641 -17.53 19.87 -24.14
N GLY B 642 -18.02 21.08 -23.87
CA GLY B 642 -17.10 22.24 -23.84
C GLY B 642 -17.78 23.49 -24.33
N VAL B 643 -17.01 24.58 -24.44
CA VAL B 643 -17.56 25.87 -24.93
C VAL B 643 -16.78 26.25 -26.17
N LEU B 644 -17.37 25.98 -27.35
CA LEU B 644 -16.62 26.23 -28.60
C LEU B 644 -16.64 27.72 -28.89
N THR B 645 -15.47 28.34 -28.95
CA THR B 645 -15.38 29.79 -29.17
C THR B 645 -14.43 30.08 -30.34
N GLU B 646 -14.60 31.22 -31.00
CA GLU B 646 -13.73 31.55 -32.15
C GLU B 646 -12.29 31.65 -31.68
N SER B 647 -11.40 30.86 -32.29
CA SER B 647 -9.98 30.83 -31.84
C SER B 647 -9.13 31.83 -32.64
N ASN B 648 -7.97 32.20 -32.12
CA ASN B 648 -7.09 33.20 -32.80
C ASN B 648 -5.77 32.53 -33.19
N LYS B 649 -5.58 31.27 -32.82
CA LYS B 649 -4.31 30.56 -33.10
C LYS B 649 -4.27 30.21 -34.58
N LYS B 650 -3.12 29.73 -35.04
CA LYS B 650 -2.99 29.39 -36.46
C LYS B 650 -2.69 27.90 -36.67
N PHE B 651 -3.71 27.11 -36.97
CA PHE B 651 -3.46 25.70 -37.31
C PHE B 651 -2.78 25.62 -38.68
N LEU B 652 -2.18 24.48 -38.97
CA LEU B 652 -1.62 24.28 -40.33
C LEU B 652 -2.81 24.01 -41.26
N PRO B 653 -2.64 24.17 -42.58
CA PRO B 653 -3.76 23.94 -43.48
C PRO B 653 -4.39 22.55 -43.33
N PHE B 654 -3.59 21.52 -43.11
CA PHE B 654 -4.15 20.15 -43.03
C PHE B 654 -4.50 19.77 -41.60
N GLN B 655 -3.89 20.42 -40.61
CA GLN B 655 -4.13 20.02 -39.20
C GLN B 655 -5.58 20.27 -38.78
N GLN B 656 -6.14 19.34 -38.00
CA GLN B 656 -7.57 19.42 -37.62
C GLN B 656 -7.72 19.50 -36.11
N PHE B 657 -6.69 19.17 -35.35
CA PHE B 657 -6.84 19.13 -33.87
C PHE B 657 -5.74 19.95 -33.21
N GLY B 658 -6.02 20.47 -32.02
CA GLY B 658 -5.00 21.20 -31.26
C GLY B 658 -4.97 20.71 -29.81
N ARG B 659 -3.79 20.36 -29.31
CA ARG B 659 -3.71 19.80 -27.95
C ARG B 659 -2.73 20.63 -27.14
N ASP B 660 -2.93 20.67 -25.84
CA ASP B 660 -2.07 21.49 -24.96
C ASP B 660 -0.94 20.62 -24.40
N ILE B 661 -0.30 21.07 -23.35
CA ILE B 661 0.81 20.28 -22.72
C ILE B 661 0.26 18.96 -22.21
N ALA B 662 -0.99 18.93 -21.76
CA ALA B 662 -1.54 17.73 -21.11
C ALA B 662 -2.15 16.76 -22.12
N ASP B 663 -1.97 16.98 -23.42
CA ASP B 663 -2.65 16.12 -24.44
C ASP B 663 -4.17 16.24 -24.33
N THR B 664 -4.66 17.47 -24.17
CA THR B 664 -6.12 17.71 -24.11
C THR B 664 -6.47 18.71 -25.20
N THR B 665 -7.60 18.53 -25.88
CA THR B 665 -7.91 19.41 -27.03
C THR B 665 -8.20 20.83 -26.56
N ASP B 666 -7.55 21.80 -27.17
CA ASP B 666 -7.80 23.22 -26.81
C ASP B 666 -8.27 23.99 -28.03
N ALA B 667 -8.16 23.38 -29.20
CA ALA B 667 -8.70 24.02 -30.42
C ALA B 667 -9.20 22.94 -31.38
N VAL B 668 -10.33 23.21 -32.03
CA VAL B 668 -10.88 22.25 -33.03
C VAL B 668 -11.19 23.02 -34.31
N ARG B 669 -11.08 22.34 -35.44
CA ARG B 669 -11.40 22.98 -36.74
C ARG B 669 -12.77 22.52 -37.21
N ASP B 670 -13.51 23.38 -37.91
CA ASP B 670 -14.85 23.03 -38.44
C ASP B 670 -14.70 22.00 -39.57
N PRO B 671 -15.43 20.88 -39.54
CA PRO B 671 -15.34 19.91 -40.61
C PRO B 671 -15.76 20.46 -41.99
N GLN B 672 -16.77 21.32 -42.03
CA GLN B 672 -17.18 21.86 -43.33
C GLN B 672 -16.37 23.11 -43.74
N THR B 673 -16.36 24.15 -42.92
CA THR B 673 -15.79 25.44 -43.36
C THR B 673 -14.35 25.70 -42.95
N LEU B 674 -13.71 24.76 -42.25
CA LEU B 674 -12.30 24.95 -41.75
C LEU B 674 -12.23 26.12 -40.78
N GLU B 675 -13.28 26.30 -39.99
CA GLU B 675 -13.24 27.35 -38.94
C GLU B 675 -12.58 26.72 -37.69
N ILE B 676 -11.52 27.35 -37.16
CA ILE B 676 -10.77 26.75 -36.03
C ILE B 676 -11.29 27.39 -34.75
N LEU B 677 -11.73 26.57 -33.80
CA LEU B 677 -12.40 27.13 -32.60
C LEU B 677 -11.80 26.61 -31.31
N ASP B 678 -11.70 27.47 -30.32
CA ASP B 678 -11.18 27.06 -28.99
C ASP B 678 -12.17 26.13 -28.28
N ILE B 679 -11.66 25.18 -27.51
CA ILE B 679 -12.53 24.32 -26.68
C ILE B 679 -12.16 24.56 -25.22
N THR B 680 -13.05 25.18 -24.46
CA THR B 680 -12.80 25.46 -23.03
C THR B 680 -13.84 24.70 -22.23
N PRO B 681 -13.43 23.87 -21.27
CA PRO B 681 -14.38 23.02 -20.59
C PRO B 681 -15.43 23.86 -19.86
N CYS B 682 -16.62 23.30 -19.77
CA CYS B 682 -17.72 24.07 -19.17
C CYS B 682 -17.39 24.33 -17.71
N SER B 683 -17.93 25.41 -17.17
CA SER B 683 -17.53 25.80 -15.80
C SER B 683 -17.85 24.76 -14.76
N PHE B 684 -17.01 24.68 -13.74
CA PHE B 684 -17.27 23.76 -12.61
C PHE B 684 -16.52 24.33 -11.42
N GLY B 685 -16.89 23.87 -10.25
CA GLY B 685 -16.18 24.34 -9.06
C GLY B 685 -16.89 23.94 -7.81
N GLY B 686 -16.37 24.35 -6.69
CA GLY B 686 -16.97 23.91 -5.43
C GLY B 686 -18.04 24.86 -5.00
N VAL B 687 -18.80 24.48 -3.98
CA VAL B 687 -19.80 25.42 -3.44
C VAL B 687 -19.57 25.44 -1.94
N SER B 688 -19.18 26.59 -1.41
CA SER B 688 -18.89 26.68 0.03
C SER B 688 -19.97 27.50 0.74
N VAL B 689 -20.37 27.06 1.92
CA VAL B 689 -21.40 27.78 2.68
C VAL B 689 -20.77 28.54 3.82
N ILE B 690 -20.90 29.85 3.82
CA ILE B 690 -20.25 30.69 4.85
C ILE B 690 -21.31 31.02 5.90
N THR B 691 -21.13 30.52 7.11
CA THR B 691 -22.20 30.72 8.08
C THR B 691 -21.64 30.97 9.46
N PRO B 692 -22.21 31.92 10.22
CA PRO B 692 -21.83 32.07 11.60
C PRO B 692 -22.45 30.86 12.31
N GLY B 693 -21.99 30.59 13.52
CA GLY B 693 -22.47 29.38 14.21
C GLY B 693 -23.97 29.38 14.35
N THR B 694 -24.55 28.19 14.31
CA THR B 694 -26.03 28.07 14.41
C THR B 694 -26.46 28.65 15.74
N ASN B 695 -25.64 28.48 16.78
CA ASN B 695 -25.97 29.06 18.10
C ASN B 695 -25.89 30.57 18.03
N THR B 696 -25.28 31.11 16.98
CA THR B 696 -25.27 32.58 16.81
C THR B 696 -26.37 33.05 15.85
N SER B 697 -26.53 32.39 14.71
CA SER B 697 -27.52 32.83 13.71
C SER B 697 -27.82 31.69 12.73
N ASN B 698 -28.76 31.90 11.81
CA ASN B 698 -29.15 30.83 10.85
C ASN B 698 -29.11 31.34 9.41
N GLN B 699 -28.50 32.50 9.18
CA GLN B 699 -28.34 32.99 7.80
C GLN B 699 -27.07 32.40 7.20
N VAL B 700 -27.05 32.25 5.88
CA VAL B 700 -25.85 31.67 5.22
C VAL B 700 -25.52 32.50 3.99
N ALA B 701 -24.31 32.35 3.49
CA ALA B 701 -23.90 33.03 2.26
C ALA B 701 -23.07 32.03 1.49
N VAL B 702 -23.23 32.00 0.19
CA VAL B 702 -22.64 30.89 -0.56
C VAL B 702 -21.56 31.39 -1.51
N LEU B 703 -20.54 30.58 -1.73
CA LEU B 703 -19.45 30.96 -2.65
C LEU B 703 -19.32 29.93 -3.76
N TYR B 704 -19.07 30.38 -4.97
CA TYR B 704 -18.81 29.42 -6.07
C TYR B 704 -17.41 29.68 -6.58
N GLN B 705 -16.54 28.69 -6.45
CA GLN B 705 -15.13 28.92 -6.82
C GLN B 705 -14.94 28.80 -8.32
N ASP B 706 -14.02 29.56 -8.87
CA ASP B 706 -13.66 29.42 -10.30
C ASP B 706 -14.85 29.67 -11.20
N VAL B 707 -15.65 30.68 -10.89
CA VAL B 707 -16.75 31.05 -11.81
C VAL B 707 -16.86 32.55 -12.02
N ASN B 708 -17.21 32.95 -13.23
CA ASN B 708 -17.62 34.36 -13.43
C ASN B 708 -19.04 34.35 -12.89
N CYS B 709 -19.49 35.44 -12.29
CA CYS B 709 -20.81 35.41 -11.61
C CYS B 709 -21.95 35.16 -12.60
N THR B 710 -21.70 35.29 -13.90
CA THR B 710 -22.78 35.17 -14.90
C THR B 710 -23.44 33.79 -14.94
N GLU B 711 -22.66 32.72 -14.80
CA GLU B 711 -23.24 31.37 -15.05
C GLU B 711 -23.76 30.67 -13.80
N VAL B 712 -23.93 31.38 -12.69
CA VAL B 712 -24.53 30.68 -11.52
C VAL B 712 -25.97 30.22 -11.77
N PRO B 713 -26.89 31.03 -12.32
CA PRO B 713 -28.28 30.58 -12.48
C PRO B 713 -28.43 29.33 -13.37
N VAL B 714 -27.68 29.26 -14.46
CA VAL B 714 -27.73 28.00 -15.28
C VAL B 714 -27.05 26.84 -14.56
N ALA B 715 -25.88 27.07 -14.00
CA ALA B 715 -25.09 25.96 -13.41
C ALA B 715 -25.76 25.34 -12.19
N ILE B 716 -26.52 26.13 -11.44
CA ILE B 716 -27.07 25.62 -10.15
C ILE B 716 -28.41 24.92 -10.35
N HIS B 717 -28.99 24.92 -11.55
CA HIS B 717 -30.35 24.36 -11.72
C HIS B 717 -31.31 25.07 -10.75
N ALA B 718 -31.40 26.40 -10.87
CA ALA B 718 -32.27 27.19 -9.98
C ALA B 718 -33.71 26.71 -10.12
N ASP B 719 -34.18 26.47 -11.34
CA ASP B 719 -35.58 26.05 -11.58
C ASP B 719 -35.84 24.67 -10.98
N GLN B 720 -34.81 23.83 -10.89
CA GLN B 720 -34.96 22.44 -10.37
C GLN B 720 -34.97 22.37 -8.84
N LEU B 721 -34.21 23.24 -8.16
CA LEU B 721 -34.07 23.09 -6.69
C LEU B 721 -35.31 23.65 -5.96
N THR B 722 -35.26 23.65 -4.64
CA THR B 722 -36.36 24.23 -3.84
C THR B 722 -36.36 25.76 -3.96
N PRO B 723 -37.46 26.45 -3.60
CA PRO B 723 -37.50 27.91 -3.65
C PRO B 723 -36.46 28.57 -2.74
N THR B 724 -36.06 27.89 -1.65
CA THR B 724 -35.00 28.45 -0.78
C THR B 724 -33.64 28.54 -1.49
N TRP B 725 -33.31 27.55 -2.30
CA TRP B 725 -32.02 27.60 -3.07
C TRP B 725 -32.03 28.75 -4.08
N ARG B 726 -33.20 29.09 -4.61
CA ARG B 726 -33.29 30.18 -5.61
C ARG B 726 -32.86 31.51 -4.98
N VAL B 727 -32.92 31.61 -3.66
CA VAL B 727 -32.49 32.87 -2.99
C VAL B 727 -31.01 33.08 -3.24
N TYR B 728 -30.20 32.02 -3.14
CA TYR B 728 -28.72 32.19 -3.25
C TYR B 728 -28.24 31.99 -4.68
N SER B 729 -29.15 31.80 -5.63
CA SER B 729 -28.76 31.72 -7.06
C SER B 729 -28.85 33.12 -7.69
N THR B 730 -29.38 34.08 -6.94
CA THR B 730 -29.56 35.46 -7.46
C THR B 730 -29.64 36.44 -6.28
N GLY B 731 -30.03 37.68 -6.52
CA GLY B 731 -30.16 38.70 -5.44
C GLY B 731 -29.48 39.97 -5.90
N SER B 732 -29.33 40.97 -5.02
CA SER B 732 -28.54 42.16 -5.44
C SER B 732 -27.10 42.07 -4.96
N ASN B 733 -26.88 41.40 -3.83
CA ASN B 733 -25.51 41.35 -3.25
C ASN B 733 -24.74 40.20 -3.89
N VAL B 734 -24.33 40.36 -5.15
CA VAL B 734 -23.47 39.33 -5.78
C VAL B 734 -22.09 39.96 -5.96
N PHE B 735 -21.13 39.55 -5.13
CA PHE B 735 -19.80 40.18 -5.16
C PHE B 735 -18.82 39.20 -5.80
N GLN B 736 -18.03 39.72 -6.72
CA GLN B 736 -17.04 38.87 -7.41
C GLN B 736 -15.67 39.05 -6.77
N THR B 737 -15.04 37.97 -6.34
CA THR B 737 -13.69 38.02 -5.76
C THR B 737 -12.78 37.27 -6.70
N ARG B 738 -11.50 37.22 -6.39
CA ARG B 738 -10.58 36.41 -7.24
C ARG B 738 -10.81 34.92 -6.95
N ALA B 739 -11.43 34.61 -5.82
CA ALA B 739 -11.68 33.19 -5.45
C ALA B 739 -12.87 32.64 -6.21
N GLY B 740 -13.63 33.50 -6.87
CA GLY B 740 -14.86 33.05 -7.53
C GLY B 740 -15.96 34.07 -7.35
N CYS B 741 -17.20 33.60 -7.18
CA CYS B 741 -18.34 34.53 -7.04
C CYS B 741 -19.01 34.28 -5.70
N LEU B 742 -19.18 35.35 -4.96
CA LEU B 742 -19.78 35.23 -3.61
C LEU B 742 -21.18 35.82 -3.70
N ILE B 743 -22.18 34.99 -3.43
CA ILE B 743 -23.59 35.45 -3.49
C ILE B 743 -24.19 35.37 -2.11
N GLY B 744 -24.73 36.48 -1.63
CA GLY B 744 -25.29 36.48 -0.27
C GLY B 744 -24.47 37.25 0.73
N ALA B 745 -23.43 38.00 0.32
CA ALA B 745 -22.72 38.85 1.29
C ALA B 745 -22.54 40.25 0.76
N GLU B 746 -22.61 41.25 1.66
CA GLU B 746 -22.56 42.66 1.19
C GLU B 746 -21.13 43.17 1.24
N HIS B 747 -20.53 43.34 0.06
CA HIS B 747 -19.14 43.83 -0.01
C HIS B 747 -19.09 45.23 0.57
N VAL B 748 -18.11 45.49 1.40
CA VAL B 748 -18.05 46.81 2.08
C VAL B 748 -16.75 47.50 1.74
N ASN B 749 -16.62 48.74 2.17
CA ASN B 749 -15.35 49.48 1.99
C ASN B 749 -14.86 49.71 3.41
N ASN B 750 -14.25 48.68 3.98
CA ASN B 750 -13.78 48.75 5.38
C ASN B 750 -12.69 47.70 5.51
N SER B 751 -12.15 47.55 6.72
CA SER B 751 -11.17 46.46 6.91
C SER B 751 -11.18 46.06 8.38
N TYR B 752 -11.15 44.76 8.65
CA TYR B 752 -11.13 44.27 10.04
C TYR B 752 -10.25 43.03 10.09
N GLU B 753 -10.17 42.42 11.26
CA GLU B 753 -9.44 41.14 11.40
C GLU B 753 -10.16 40.09 10.56
N CYS B 754 -9.42 39.17 9.95
CA CYS B 754 -10.08 38.11 9.18
C CYS B 754 -10.90 37.22 10.12
N ASP B 755 -12.15 36.95 9.75
CA ASP B 755 -13.03 36.15 10.62
C ASP B 755 -13.37 34.81 9.97
N ILE B 756 -13.76 34.83 8.71
CA ILE B 756 -14.00 33.55 8.00
C ILE B 756 -13.26 33.70 6.69
N PRO B 757 -12.23 32.89 6.41
CA PRO B 757 -11.42 33.14 5.24
C PRO B 757 -12.16 32.94 3.93
N ILE B 758 -11.83 33.74 2.91
CA ILE B 758 -12.42 33.52 1.57
C ILE B 758 -11.30 33.24 0.59
N GLY B 759 -10.32 34.11 0.53
CA GLY B 759 -9.23 33.93 -0.43
C GLY B 759 -8.87 35.24 -1.09
N ALA B 760 -7.64 35.36 -1.57
CA ALA B 760 -7.18 36.57 -2.26
C ALA B 760 -7.35 37.77 -1.33
N GLY B 761 -7.19 37.55 -0.04
CA GLY B 761 -7.23 38.67 0.90
C GLY B 761 -8.63 38.98 1.37
N ILE B 762 -9.64 38.33 0.80
CA ILE B 762 -11.05 38.63 1.17
C ILE B 762 -11.42 37.79 2.38
N CYS B 763 -12.02 38.41 3.38
CA CYS B 763 -12.51 37.63 4.52
C CYS B 763 -13.90 38.15 4.83
N ALA B 764 -14.77 37.29 5.32
CA ALA B 764 -16.16 37.71 5.54
C ALA B 764 -16.56 37.48 6.98
N SER B 765 -17.54 38.23 7.45
CA SER B 765 -17.96 38.13 8.87
C SER B 765 -19.41 38.55 9.01
N TYR B 766 -19.90 38.53 10.23
CA TYR B 766 -21.33 38.88 10.47
C TYR B 766 -21.43 40.05 11.43
N GLN B 767 -21.76 41.25 10.92
CA GLN B 767 -22.01 42.40 11.82
C GLN B 767 -23.17 43.19 11.24
N THR B 768 -23.83 43.99 12.07
CA THR B 768 -24.98 44.81 11.62
C THR B 768 -24.54 45.78 10.51
N GLN B 782 -28.44 43.40 10.59
CA GLN B 782 -27.50 42.40 11.16
C GLN B 782 -27.27 41.34 10.09
N SER B 783 -26.31 41.54 9.18
CA SER B 783 -26.18 40.64 8.01
C SER B 783 -24.72 40.28 7.71
N ILE B 784 -24.51 39.37 6.76
CA ILE B 784 -23.14 38.89 6.43
C ILE B 784 -22.44 39.86 5.50
N ILE B 785 -21.21 40.23 5.82
CA ILE B 785 -20.45 41.20 5.01
C ILE B 785 -19.22 40.53 4.43
N ALA B 786 -18.63 41.12 3.39
CA ALA B 786 -17.36 40.61 2.83
C ALA B 786 -16.47 41.82 2.61
N TYR B 787 -15.16 41.68 2.75
CA TYR B 787 -14.28 42.85 2.67
C TYR B 787 -12.85 42.43 2.42
N THR B 788 -11.91 43.35 2.57
CA THR B 788 -10.47 43.00 2.45
C THR B 788 -9.84 43.19 3.82
N MET B 789 -9.08 42.21 4.31
CA MET B 789 -8.59 42.27 5.68
C MET B 789 -7.54 43.36 5.87
N SER B 790 -7.42 43.86 7.09
CA SER B 790 -6.37 44.85 7.42
C SER B 790 -5.39 44.13 8.33
N LEU B 791 -4.11 44.20 8.00
CA LEU B 791 -3.12 43.38 8.71
C LEU B 791 -2.73 44.07 10.01
N GLY B 792 -3.72 44.36 10.85
CA GLY B 792 -3.41 45.00 12.13
C GLY B 792 -3.30 46.51 12.00
N ALA B 793 -3.30 47.22 13.13
CA ALA B 793 -3.30 48.69 13.09
C ALA B 793 -1.99 49.23 12.54
N GLU B 794 -2.09 50.29 11.77
CA GLU B 794 -0.87 50.94 11.24
C GLU B 794 -0.20 51.72 12.36
N ASN B 795 1.10 51.94 12.24
CA ASN B 795 1.83 52.66 13.29
C ASN B 795 3.09 53.28 12.71
N SER B 796 3.46 54.45 13.23
CA SER B 796 4.70 55.11 12.81
C SER B 796 5.48 55.35 14.10
N VAL B 797 6.66 54.78 14.22
CA VAL B 797 7.38 54.91 15.50
C VAL B 797 8.16 56.20 15.43
N ALA B 798 8.23 56.94 16.52
CA ALA B 798 8.82 58.30 16.47
C ALA B 798 10.34 58.20 16.45
N TYR B 799 10.89 57.72 15.34
CA TYR B 799 12.34 57.55 15.25
C TYR B 799 12.97 58.92 15.11
N SER B 800 14.09 59.12 15.81
CA SER B 800 14.83 60.39 15.69
C SER B 800 16.27 60.12 16.09
N ASN B 801 17.21 60.83 15.50
CA ASN B 801 18.64 60.51 15.68
C ASN B 801 19.10 60.67 17.11
N ASN B 802 18.31 61.33 17.95
CA ASN B 802 18.69 61.47 19.36
C ASN B 802 17.50 61.16 20.25
N SER B 803 16.69 60.19 19.87
CA SER B 803 15.48 59.89 20.66
C SER B 803 15.46 58.44 21.06
N ILE B 804 14.92 58.15 22.23
CA ILE B 804 14.77 56.73 22.67
C ILE B 804 13.42 56.54 23.33
N ALA B 805 13.16 55.33 23.81
CA ALA B 805 11.97 55.13 24.65
C ALA B 805 12.37 54.12 25.71
N ILE B 806 12.21 54.44 26.98
CA ILE B 806 12.70 53.52 28.03
C ILE B 806 11.57 53.21 28.98
N PRO B 807 11.25 51.94 29.22
CA PRO B 807 10.14 51.63 30.05
C PRO B 807 10.38 52.03 31.50
N THR B 808 9.31 52.40 32.16
CA THR B 808 9.41 52.78 33.58
C THR B 808 8.62 51.80 34.42
N ASN B 809 7.86 50.93 33.79
CA ASN B 809 7.06 49.92 34.52
C ASN B 809 7.14 48.64 33.71
N PHE B 810 6.58 47.56 34.22
CA PHE B 810 6.64 46.28 33.51
C PHE B 810 5.52 45.35 33.93
N THR B 811 5.24 44.37 33.08
CA THR B 811 4.15 43.40 33.38
C THR B 811 4.72 41.99 33.37
N ILE B 812 4.34 41.16 34.32
CA ILE B 812 4.77 39.73 34.35
C ILE B 812 3.63 38.91 33.81
N SER B 813 3.69 38.56 32.54
CA SER B 813 2.61 37.81 31.87
C SER B 813 2.83 36.31 31.93
N VAL B 814 1.75 35.56 31.78
CA VAL B 814 1.82 34.09 31.70
C VAL B 814 0.97 33.68 30.52
N THR B 815 1.62 33.28 29.45
CA THR B 815 0.90 32.81 28.25
C THR B 815 0.76 31.31 28.34
N THR B 816 -0.07 30.75 27.49
CA THR B 816 -0.29 29.30 27.53
C THR B 816 0.04 28.71 26.16
N GLU B 817 0.82 27.65 26.14
CA GLU B 817 1.12 26.96 24.87
C GLU B 817 0.75 25.50 24.98
N ILE B 818 0.13 24.98 23.93
CA ILE B 818 -0.34 23.58 23.94
C ILE B 818 0.41 22.86 22.83
N LEU B 819 0.95 21.69 23.13
CA LEU B 819 1.58 20.92 22.04
C LEU B 819 1.12 19.47 22.14
N PRO B 820 0.65 18.85 21.06
CA PRO B 820 0.32 17.45 21.12
C PRO B 820 1.59 16.63 21.33
N VAL B 821 1.52 15.57 22.12
CA VAL B 821 2.73 14.75 22.46
C VAL B 821 2.58 13.33 21.94
N SER B 822 1.40 12.76 22.01
CA SER B 822 1.21 11.36 21.58
C SER B 822 -0.19 11.13 21.06
N MET B 823 -0.42 9.98 20.43
CA MET B 823 -1.75 9.61 19.92
C MET B 823 -2.07 8.21 20.42
N THR B 824 -3.29 7.76 20.20
CA THR B 824 -3.72 6.43 20.66
C THR B 824 -2.89 5.35 19.96
N LYS B 825 -2.46 4.35 20.72
CA LYS B 825 -1.59 3.30 20.17
C LYS B 825 -2.48 2.22 19.57
N THR B 826 -3.25 2.59 18.56
CA THR B 826 -4.20 1.63 17.99
C THR B 826 -3.45 0.59 17.19
N SER B 827 -3.94 -0.63 17.22
CA SER B 827 -3.34 -1.68 16.38
C SER B 827 -4.46 -2.52 15.79
N VAL B 828 -4.38 -2.82 14.49
CA VAL B 828 -5.48 -3.56 13.82
C VAL B 828 -4.94 -4.90 13.36
N ASP B 829 -5.69 -5.98 13.60
CA ASP B 829 -5.26 -7.30 13.09
C ASP B 829 -5.69 -7.41 11.65
N CYS B 830 -4.74 -7.49 10.75
CA CYS B 830 -5.08 -7.51 9.32
C CYS B 830 -5.92 -8.74 9.00
N THR B 831 -5.55 -9.91 9.51
CA THR B 831 -6.29 -11.12 9.11
C THR B 831 -7.73 -11.07 9.57
N MET B 832 -7.99 -10.77 10.85
CA MET B 832 -9.38 -10.81 11.36
C MET B 832 -10.17 -9.63 10.81
N TYR B 833 -9.50 -8.51 10.61
CA TYR B 833 -10.27 -7.40 10.00
C TYR B 833 -10.75 -7.81 8.62
N ILE B 834 -9.85 -8.28 7.77
CA ILE B 834 -10.25 -8.59 6.37
C ILE B 834 -11.10 -9.86 6.35
N CYS B 835 -10.83 -10.79 7.27
CA CYS B 835 -11.46 -12.11 7.14
C CYS B 835 -12.41 -12.51 8.25
N GLY B 836 -12.27 -11.93 9.42
CA GLY B 836 -13.10 -12.40 10.56
C GLY B 836 -12.80 -13.84 10.87
N ASP B 837 -13.85 -14.64 11.02
CA ASP B 837 -13.66 -16.08 11.27
C ASP B 837 -13.55 -16.83 9.94
N SER B 838 -13.80 -16.17 8.82
CA SER B 838 -13.83 -16.91 7.54
C SER B 838 -12.51 -17.58 7.23
N THR B 839 -12.56 -18.86 6.84
CA THR B 839 -11.33 -19.62 6.51
C THR B 839 -10.98 -19.44 5.04
N GLU B 840 -11.98 -19.39 4.17
CA GLU B 840 -11.73 -19.19 2.73
C GLU B 840 -11.04 -17.84 2.57
N CYS B 841 -11.43 -16.87 3.39
CA CYS B 841 -10.74 -15.56 3.34
C CYS B 841 -9.28 -15.69 3.72
N SER B 842 -8.96 -16.44 4.76
CA SER B 842 -7.54 -16.61 5.14
C SER B 842 -6.78 -17.33 4.03
N ASN B 843 -7.36 -18.40 3.50
CA ASN B 843 -6.62 -19.20 2.51
C ASN B 843 -6.38 -18.35 1.26
N LEU B 844 -7.38 -17.56 0.90
CA LEU B 844 -7.22 -16.67 -0.27
C LEU B 844 -6.17 -15.60 0.03
N LEU B 845 -6.22 -15.03 1.22
CA LEU B 845 -5.28 -13.92 1.54
C LEU B 845 -3.84 -14.43 1.53
N LEU B 846 -3.62 -15.65 1.99
CA LEU B 846 -2.21 -16.10 2.10
C LEU B 846 -1.58 -16.11 0.71
N GLN B 847 -2.40 -16.19 -0.34
CA GLN B 847 -1.84 -16.12 -1.73
C GLN B 847 -1.36 -14.71 -2.00
N TYR B 848 -1.68 -13.73 -1.13
CA TYR B 848 -1.34 -12.32 -1.41
C TYR B 848 -0.08 -11.90 -0.69
N GLY B 849 0.85 -12.82 -0.55
CA GLY B 849 2.13 -12.42 0.03
C GLY B 849 2.01 -12.12 1.49
N SER B 850 2.88 -11.27 1.98
CA SER B 850 2.95 -11.05 3.44
C SER B 850 2.53 -9.63 3.76
N PHE B 851 1.49 -9.16 3.11
CA PHE B 851 1.08 -7.76 3.33
C PHE B 851 0.63 -7.58 4.78
N CYS B 852 -0.10 -8.53 5.31
CA CYS B 852 -0.68 -8.28 6.64
C CYS B 852 0.42 -8.05 7.67
N THR B 853 1.50 -8.80 7.58
CA THR B 853 2.60 -8.63 8.55
C THR B 853 3.27 -7.28 8.36
N GLN B 854 3.37 -6.80 7.12
CA GLN B 854 3.92 -5.44 6.91
C GLN B 854 3.05 -4.40 7.61
N LEU B 855 1.73 -4.49 7.44
CA LEU B 855 0.83 -3.52 8.08
C LEU B 855 0.89 -3.65 9.60
N ASN B 856 0.90 -4.86 10.11
CA ASN B 856 0.93 -5.03 11.57
C ASN B 856 2.24 -4.46 12.12
N ARG B 857 3.35 -4.66 11.41
CA ARG B 857 4.64 -4.13 11.88
C ARG B 857 4.61 -2.60 11.88
N ALA B 858 4.05 -1.99 10.84
CA ALA B 858 4.02 -0.53 10.80
C ALA B 858 3.20 0.00 11.97
N LEU B 859 2.05 -0.58 12.23
CA LEU B 859 1.17 -0.08 13.31
C LEU B 859 1.88 -0.25 14.65
N THR B 860 2.58 -1.35 14.84
CA THR B 860 3.27 -1.59 16.13
C THR B 860 4.38 -0.58 16.29
N GLY B 861 5.04 -0.22 15.20
CA GLY B 861 6.11 0.79 15.28
C GLY B 861 5.54 2.10 15.73
N ILE B 862 4.39 2.47 15.21
CA ILE B 862 3.76 3.74 15.63
C ILE B 862 3.40 3.61 17.11
N ALA B 863 2.88 2.48 17.51
CA ALA B 863 2.45 2.36 18.91
C ALA B 863 3.64 2.46 19.86
N VAL B 864 4.75 1.82 19.51
CA VAL B 864 5.95 1.91 20.37
C VAL B 864 6.48 3.35 20.40
N GLU B 865 6.42 4.02 19.26
CA GLU B 865 6.93 5.41 19.16
C GLU B 865 6.10 6.33 20.05
N GLN B 866 4.82 6.08 20.19
CA GLN B 866 3.93 7.01 20.96
C GLN B 866 4.28 6.95 22.42
N ASP B 867 5.02 5.95 22.86
CA ASP B 867 5.45 5.99 24.28
C ASP B 867 6.85 6.56 24.38
N LYS B 868 7.62 6.47 23.30
CA LYS B 868 8.95 7.10 23.30
C LYS B 868 8.72 8.60 23.39
N ASN B 869 7.72 9.09 22.69
CA ASN B 869 7.48 10.55 22.69
C ASN B 869 7.16 11.00 24.11
N THR B 870 6.27 10.31 24.80
CA THR B 870 5.88 10.71 26.16
C THR B 870 7.06 10.58 27.12
N GLN B 871 7.82 9.51 26.99
CA GLN B 871 8.97 9.30 27.89
C GLN B 871 9.93 10.46 27.71
N GLU B 872 10.22 10.86 26.46
CA GLU B 872 11.22 11.92 26.26
C GLU B 872 10.68 13.22 26.80
N VAL B 873 9.42 13.53 26.55
CA VAL B 873 8.90 14.85 26.97
C VAL B 873 8.88 14.93 28.47
N PHE B 874 8.45 13.90 29.17
CA PHE B 874 8.25 14.00 30.63
C PHE B 874 9.40 13.45 31.47
N ALA B 875 10.03 12.36 31.06
CA ALA B 875 11.10 11.79 31.87
C ALA B 875 12.43 12.48 31.57
N GLN B 876 12.50 13.75 31.92
CA GLN B 876 13.75 14.52 31.76
C GLN B 876 14.31 14.81 33.14
N VAL B 877 13.70 14.21 34.16
CA VAL B 877 14.23 14.40 35.53
C VAL B 877 14.46 13.04 36.12
N LYS B 878 15.65 12.84 36.67
CA LYS B 878 16.00 11.52 37.22
C LYS B 878 15.20 11.20 38.47
N GLN B 879 15.03 12.17 39.34
CA GLN B 879 14.39 11.90 40.64
C GLN B 879 13.02 12.55 40.70
N ILE B 880 12.34 12.42 41.83
CA ILE B 880 11.05 13.14 41.97
C ILE B 880 11.26 14.18 43.05
N TYR B 881 11.39 15.44 42.64
CA TYR B 881 11.56 16.51 43.64
C TYR B 881 10.21 16.87 44.21
N LYS B 882 10.19 17.11 45.52
CA LYS B 882 8.92 17.45 46.19
C LYS B 882 8.97 18.84 46.83
N THR B 883 7.91 19.61 46.65
CA THR B 883 7.89 20.98 47.20
C THR B 883 7.80 20.87 48.69
N PRO B 884 8.37 21.81 49.45
CA PRO B 884 8.28 21.76 50.90
C PRO B 884 6.81 21.95 51.29
N PRO B 885 6.38 21.41 52.44
CA PRO B 885 5.00 21.60 52.87
C PRO B 885 4.67 23.09 53.05
N ILE B 886 5.61 23.90 53.53
CA ILE B 886 5.30 25.34 53.77
C ILE B 886 5.49 26.13 52.47
N LYS B 887 4.39 26.52 51.84
CA LYS B 887 4.48 27.22 50.53
C LYS B 887 4.72 28.70 50.79
N ASP B 888 5.85 29.01 51.44
CA ASP B 888 6.18 30.43 51.69
C ASP B 888 7.26 30.83 50.69
N PHE B 889 6.87 31.31 49.53
CA PHE B 889 7.83 31.59 48.43
C PHE B 889 7.93 33.08 48.21
N GLY B 890 7.78 33.86 49.27
CA GLY B 890 7.96 35.30 49.02
C GLY B 890 6.72 35.87 48.39
N GLY B 891 5.60 35.17 48.47
CA GLY B 891 4.31 35.72 48.03
C GLY B 891 3.77 35.10 46.76
N PHE B 892 4.61 34.41 46.03
CA PHE B 892 4.12 33.76 44.82
C PHE B 892 3.23 32.61 45.22
N ASN B 893 2.06 32.54 44.60
CA ASN B 893 1.08 31.49 44.95
C ASN B 893 1.04 30.51 43.79
N PHE B 894 1.45 29.28 44.06
CA PHE B 894 1.49 28.25 43.01
C PHE B 894 0.40 27.21 43.26
N SER B 895 -0.61 27.57 44.05
CA SER B 895 -1.67 26.58 44.40
C SER B 895 -2.32 26.13 43.11
N GLN B 896 -2.36 27.01 42.13
CA GLN B 896 -3.02 26.68 40.86
C GLN B 896 -2.24 25.63 40.09
N ILE B 897 -0.91 25.54 40.26
CA ILE B 897 -0.14 24.56 39.43
C ILE B 897 0.37 23.38 40.27
N LEU B 898 0.52 23.57 41.57
CA LEU B 898 1.03 22.47 42.42
C LEU B 898 -0.08 21.45 42.57
N PRO B 899 0.23 20.15 42.72
CA PRO B 899 -0.82 19.16 42.79
C PRO B 899 -1.67 19.37 44.05
N ASP B 900 -2.96 19.12 43.92
CA ASP B 900 -3.88 19.33 45.06
C ASP B 900 -3.95 18.04 45.85
N PRO B 901 -3.50 18.03 47.13
CA PRO B 901 -3.61 16.85 47.94
C PRO B 901 -5.06 16.56 48.34
N SER B 902 -5.83 17.60 48.67
CA SER B 902 -7.21 17.39 49.20
C SER B 902 -8.05 16.70 48.13
N LYS B 903 -7.92 17.14 46.89
CA LYS B 903 -8.67 16.49 45.79
C LYS B 903 -8.15 15.07 45.62
N PRO B 904 -9.02 14.08 45.36
CA PRO B 904 -8.55 12.72 45.26
C PRO B 904 -8.04 12.44 43.84
N SER B 905 -7.28 13.39 43.29
CA SER B 905 -6.82 13.27 41.90
C SER B 905 -5.29 13.33 41.80
N LYS B 906 -4.62 13.89 42.80
CA LYS B 906 -3.16 14.08 42.75
C LYS B 906 -2.84 14.98 41.56
N ARG B 907 -3.68 15.99 41.34
CA ARG B 907 -3.51 16.87 40.17
C ARG B 907 -3.65 18.35 40.55
N SER B 908 -3.19 19.22 39.67
CA SER B 908 -3.32 20.68 39.90
C SER B 908 -4.66 21.15 39.38
N PRO B 909 -5.17 22.31 39.84
CA PRO B 909 -6.40 22.81 39.30
C PRO B 909 -6.32 22.97 37.77
N ILE B 910 -5.21 23.51 37.27
CA ILE B 910 -5.13 23.74 35.80
C ILE B 910 -5.17 22.39 35.08
N GLU B 911 -4.48 21.38 35.61
CA GLU B 911 -4.45 20.07 34.94
C GLU B 911 -5.86 19.51 34.91
N ASP B 912 -6.62 19.70 35.99
CA ASP B 912 -7.99 19.15 36.05
C ASP B 912 -8.89 19.83 35.04
N LEU B 913 -8.78 21.15 34.96
CA LEU B 913 -9.64 21.88 34.01
C LEU B 913 -9.27 21.42 32.62
N LEU B 914 -7.98 21.24 32.36
CA LEU B 914 -7.52 20.79 31.03
C LEU B 914 -8.03 19.38 30.74
N PHE B 915 -8.01 18.48 31.71
CA PHE B 915 -8.56 17.14 31.45
C PHE B 915 -10.06 17.16 31.17
N ASN B 916 -10.81 17.88 31.98
CA ASN B 916 -12.27 17.89 31.82
C ASN B 916 -12.60 18.52 30.48
N LYS B 917 -11.86 19.54 30.06
CA LYS B 917 -12.22 20.27 28.82
C LYS B 917 -11.98 19.39 27.63
N VAL B 918 -11.18 18.34 27.79
CA VAL B 918 -10.99 17.37 26.65
C VAL B 918 -12.17 16.40 26.61
N THR B 919 -12.92 16.42 25.52
CA THR B 919 -14.12 15.56 25.39
C THR B 919 -14.42 15.33 23.91
N GLN B 945 -16.89 0.44 22.46
CA GLN B 945 -16.18 -0.83 22.79
C GLN B 945 -16.52 -1.91 21.76
N LYS B 946 -16.87 -1.49 20.54
CA LYS B 946 -17.15 -2.46 19.46
C LYS B 946 -15.85 -2.69 18.68
N PHE B 947 -15.63 -3.93 18.24
CA PHE B 947 -14.34 -4.23 17.59
C PHE B 947 -14.51 -5.09 16.35
N ASN B 948 -13.59 -4.94 15.40
CA ASN B 948 -13.63 -5.72 14.14
C ASN B 948 -12.19 -6.16 13.86
N GLY B 949 -11.37 -6.27 14.90
CA GLY B 949 -9.94 -6.53 14.70
C GLY B 949 -9.21 -5.31 15.21
N LEU B 950 -9.96 -4.25 15.50
CA LEU B 950 -9.38 -3.03 16.10
C LEU B 950 -8.92 -3.31 17.53
N THR B 951 -7.88 -2.64 17.97
CA THR B 951 -7.43 -2.77 19.37
C THR B 951 -6.88 -1.43 19.81
N VAL B 952 -7.02 -1.10 21.09
CA VAL B 952 -6.40 0.15 21.57
C VAL B 952 -5.46 -0.23 22.71
N LEU B 953 -4.19 -0.42 22.41
CA LEU B 953 -3.21 -0.81 23.45
C LEU B 953 -3.10 0.33 24.44
N PRO B 954 -3.16 0.08 25.75
CA PRO B 954 -3.17 1.15 26.69
C PRO B 954 -1.80 1.82 26.74
N PRO B 955 -1.72 3.11 27.08
CA PRO B 955 -0.44 3.73 27.21
C PRO B 955 0.40 3.18 28.36
N LEU B 956 1.71 3.11 28.17
CA LEU B 956 2.62 2.61 29.22
C LEU B 956 2.64 3.56 30.40
N LEU B 957 2.61 4.86 30.18
CA LEU B 957 2.69 5.80 31.31
C LEU B 957 1.28 6.24 31.70
N THR B 958 0.88 5.93 32.93
CA THR B 958 -0.47 6.29 33.39
C THR B 958 -0.55 7.77 33.68
N ASP B 959 -1.76 8.30 33.71
CA ASP B 959 -1.95 9.76 33.89
C ASP B 959 -1.39 10.17 35.25
N GLU B 960 -1.54 9.34 36.24
CA GLU B 960 -1.03 9.72 37.57
C GLU B 960 0.50 9.84 37.47
N MET B 961 1.12 8.94 36.73
CA MET B 961 2.59 8.99 36.58
C MET B 961 3.01 10.22 35.77
N ILE B 962 2.26 10.58 34.74
CA ILE B 962 2.59 11.81 33.98
C ILE B 962 2.44 13.01 34.92
N ALA B 963 1.41 13.02 35.76
CA ALA B 963 1.20 14.13 36.68
C ALA B 963 2.33 14.17 37.70
N GLN B 964 2.79 13.00 38.11
CA GLN B 964 3.93 12.95 39.06
C GLN B 964 5.19 13.55 38.43
N TYR B 965 5.45 13.24 37.18
CA TYR B 965 6.61 13.85 36.52
C TYR B 965 6.41 15.36 36.49
N THR B 966 5.20 15.83 36.19
CA THR B 966 5.01 17.27 36.07
C THR B 966 5.26 17.89 37.43
N SER B 967 4.79 17.23 38.47
CA SER B 967 4.94 17.77 39.84
C SER B 967 6.41 17.82 40.22
N ALA B 968 7.16 16.80 39.83
CA ALA B 968 8.60 16.77 40.13
C ALA B 968 9.31 17.91 39.41
N LEU B 969 8.97 18.14 38.15
CA LEU B 969 9.59 19.25 37.42
C LEU B 969 9.19 20.58 38.06
N LEU B 970 7.94 20.71 38.47
CA LEU B 970 7.49 21.97 39.09
C LEU B 970 8.25 22.19 40.40
N ALA B 971 8.39 21.14 41.21
CA ALA B 971 9.06 21.31 42.51
C ALA B 971 10.51 21.66 42.26
N GLY B 972 11.09 21.05 41.26
CA GLY B 972 12.51 21.31 41.02
C GLY B 972 12.68 22.74 40.62
N THR B 973 11.82 23.23 39.77
CA THR B 973 12.00 24.62 39.28
C THR B 973 11.80 25.53 40.47
N ILE B 974 10.77 25.28 41.27
CA ILE B 974 10.46 26.22 42.36
C ILE B 974 11.58 26.23 43.41
N THR B 975 12.08 25.08 43.81
CA THR B 975 13.05 25.04 44.92
C THR B 975 14.49 25.16 44.46
N SER B 976 14.78 24.84 43.19
CA SER B 976 16.19 24.81 42.78
C SER B 976 16.48 25.49 41.44
N GLY B 977 15.54 26.23 40.89
CA GLY B 977 15.84 26.98 39.67
C GLY B 977 16.25 26.11 38.51
N TRP B 978 17.24 26.56 37.73
CA TRP B 978 17.66 25.82 36.52
C TRP B 978 18.78 24.87 36.87
N THR B 979 19.14 24.78 38.15
CA THR B 979 20.29 23.95 38.58
C THR B 979 20.05 22.46 38.36
N PHE B 980 18.88 21.97 38.72
CA PHE B 980 18.68 20.51 38.69
C PHE B 980 18.70 19.98 37.28
N GLY B 981 18.56 20.85 36.30
CA GLY B 981 18.63 20.41 34.91
C GLY B 981 20.05 20.20 34.44
N ALA B 982 21.04 20.62 35.24
CA ALA B 982 22.46 20.53 34.84
C ALA B 982 23.28 19.94 35.97
N GLY B 983 22.75 18.99 36.72
CA GLY B 983 23.49 18.47 37.87
C GLY B 983 22.59 18.28 39.06
N PRO B 984 23.12 18.28 40.29
CA PRO B 984 22.31 18.05 41.44
C PRO B 984 21.45 19.28 41.76
N ALA B 985 20.32 19.05 42.41
CA ALA B 985 19.44 20.17 42.75
C ALA B 985 20.09 20.98 43.86
N LEU B 986 20.08 22.29 43.70
CA LEU B 986 20.65 23.17 44.75
C LEU B 986 19.54 24.11 45.20
N GLN B 987 19.21 24.09 46.49
CA GLN B 987 18.09 24.92 46.96
C GLN B 987 18.45 26.37 46.84
N ILE B 988 17.46 27.20 46.50
CA ILE B 988 17.68 28.67 46.51
C ILE B 988 16.31 29.31 46.74
N PRO B 989 16.16 30.33 47.61
CA PRO B 989 14.87 30.91 47.78
C PRO B 989 14.29 31.45 46.47
N PHE B 990 12.98 31.34 46.29
CA PHE B 990 12.33 31.74 45.01
C PHE B 990 12.63 33.20 44.69
N PRO B 991 12.59 34.18 45.61
CA PRO B 991 12.81 35.55 45.20
C PRO B 991 14.20 35.70 44.60
N MET B 992 15.21 35.06 45.18
CA MET B 992 16.58 35.20 44.66
C MET B 992 16.71 34.56 43.29
N GLN B 993 16.01 33.48 43.04
CA GLN B 993 16.08 32.92 41.67
C GLN B 993 15.38 33.84 40.67
N MET B 994 14.27 34.44 41.08
CA MET B 994 13.61 35.38 40.14
C MET B 994 14.55 36.56 39.93
N ALA B 995 15.33 36.90 40.94
CA ALA B 995 16.29 38.00 40.77
C ALA B 995 17.29 37.59 39.71
N TYR B 996 17.76 36.36 39.77
CA TYR B 996 18.78 35.92 38.81
C TYR B 996 18.12 35.96 37.45
N ARG B 997 16.84 35.61 37.39
CA ARG B 997 16.16 35.55 36.09
C ARG B 997 16.04 36.96 35.51
N PHE B 998 15.76 37.94 36.34
CA PHE B 998 15.74 39.33 35.84
C PHE B 998 17.14 39.67 35.37
N ASN B 999 18.14 39.21 36.12
CA ASN B 999 19.54 39.51 35.76
C ASN B 999 19.80 38.93 34.39
N GLY B 1000 19.22 37.79 34.10
CA GLY B 1000 19.41 37.16 32.78
C GLY B 1000 18.89 38.01 31.66
N ILE B 1001 17.79 38.73 31.88
CA ILE B 1001 17.14 39.49 30.79
C ILE B 1001 17.63 40.93 30.74
N GLY B 1002 18.74 41.25 31.41
CA GLY B 1002 19.30 42.60 31.32
C GLY B 1002 18.67 43.56 32.28
N VAL B 1003 17.89 43.06 33.23
CA VAL B 1003 17.29 43.93 34.28
C VAL B 1003 18.07 43.73 35.57
N THR B 1004 18.43 44.81 36.22
CA THR B 1004 19.26 44.74 37.44
C THR B 1004 18.55 44.02 38.56
N GLN B 1005 19.30 43.28 39.37
CA GLN B 1005 18.75 42.44 40.45
C GLN B 1005 17.94 43.26 41.45
N ASN B 1006 18.36 44.49 41.74
CA ASN B 1006 17.71 45.29 42.80
C ASN B 1006 16.26 45.54 42.42
N VAL B 1007 15.93 45.58 41.13
CA VAL B 1007 14.55 45.96 40.72
C VAL B 1007 13.58 44.99 41.36
N LEU B 1008 13.87 43.70 41.32
CA LEU B 1008 12.87 42.75 41.87
C LEU B 1008 12.80 42.89 43.38
N TYR B 1009 13.92 43.01 44.05
CA TYR B 1009 13.86 42.99 45.52
C TYR B 1009 13.14 44.25 45.95
N GLU B 1010 13.19 45.27 45.10
CA GLU B 1010 12.59 46.56 45.50
C GLU B 1010 11.13 46.64 45.06
N ASN B 1011 10.67 45.69 44.24
CA ASN B 1011 9.26 45.67 43.78
C ASN B 1011 8.71 44.26 43.97
N GLN B 1012 9.17 43.56 45.01
CA GLN B 1012 8.77 42.15 45.20
C GLN B 1012 7.28 42.04 45.40
N LYS B 1013 6.69 42.91 46.21
CA LYS B 1013 5.25 42.75 46.48
C LYS B 1013 4.47 42.89 45.17
N LEU B 1014 4.78 43.89 44.36
CA LEU B 1014 4.01 44.12 43.13
C LEU B 1014 4.25 42.97 42.20
N ILE B 1015 5.49 42.51 42.08
CA ILE B 1015 5.78 41.45 41.06
C ILE B 1015 5.05 40.18 41.44
N ALA B 1016 5.04 39.85 42.73
CA ALA B 1016 4.37 38.62 43.17
C ALA B 1016 2.88 38.73 42.91
N ASN B 1017 2.30 39.89 43.20
CA ASN B 1017 0.86 40.08 42.98
C ASN B 1017 0.54 39.98 41.47
N GLN B 1018 1.39 40.55 40.62
CA GLN B 1018 1.12 40.48 39.18
C GLN B 1018 1.19 39.03 38.72
N PHE B 1019 2.16 38.28 39.23
CA PHE B 1019 2.34 36.89 38.77
C PHE B 1019 1.14 36.08 39.23
N ASN B 1020 0.70 36.35 40.45
CA ASN B 1020 -0.46 35.60 40.98
C ASN B 1020 -1.68 35.91 40.11
N SER B 1021 -1.85 37.17 39.72
CA SER B 1021 -3.04 37.56 38.94
C SER B 1021 -3.00 36.86 37.59
N ALA B 1022 -1.84 36.82 36.95
CA ALA B 1022 -1.75 36.20 35.61
C ALA B 1022 -2.03 34.71 35.71
N ILE B 1023 -1.48 34.07 36.74
CA ILE B 1023 -1.66 32.61 36.91
C ILE B 1023 -3.16 32.38 37.09
N GLY B 1024 -3.81 33.21 37.89
CA GLY B 1024 -5.23 32.97 38.14
C GLY B 1024 -6.04 33.17 36.89
N LYS B 1025 -5.74 34.20 36.13
CA LYS B 1025 -6.56 34.51 34.95
C LYS B 1025 -6.39 33.41 33.92
N ILE B 1026 -5.31 32.65 34.02
CA ILE B 1026 -5.04 31.60 33.01
C ILE B 1026 -6.17 30.58 33.08
N GLN B 1027 -6.58 30.24 34.30
CA GLN B 1027 -7.61 29.18 34.43
C GLN B 1027 -8.92 29.66 33.81
N ASP B 1028 -9.29 30.89 34.12
CA ASP B 1028 -10.56 31.45 33.62
C ASP B 1028 -10.49 31.59 32.10
N SER B 1029 -9.32 31.96 31.59
CA SER B 1029 -9.16 32.15 30.13
C SER B 1029 -9.36 30.82 29.45
N LEU B 1030 -8.79 29.77 30.02
CA LEU B 1030 -9.00 28.43 29.42
C LEU B 1030 -10.47 28.02 29.54
N SER B 1031 -11.10 28.31 30.67
CA SER B 1031 -12.48 27.82 30.87
C SER B 1031 -13.51 28.70 30.14
N SER B 1032 -13.09 29.86 29.63
CA SER B 1032 -14.09 30.79 29.02
C SER B 1032 -14.17 30.51 27.53
N THR B 1033 -13.03 30.55 26.85
CA THR B 1033 -13.09 30.15 25.42
C THR B 1033 -13.07 28.62 25.45
N PRO B 1034 -14.09 27.93 24.93
CA PRO B 1034 -14.15 26.48 25.04
C PRO B 1034 -13.09 25.75 24.19
N SER B 1035 -12.66 26.35 23.08
CA SER B 1035 -11.78 25.63 22.13
C SER B 1035 -10.31 26.04 22.21
N ALA B 1036 -9.79 26.35 23.40
CA ALA B 1036 -8.33 26.65 23.47
C ALA B 1036 -7.49 25.40 23.15
N LEU B 1037 -7.99 24.21 23.50
CA LEU B 1037 -7.26 22.96 23.19
C LEU B 1037 -7.58 22.51 21.76
N GLY B 1038 -7.29 23.36 20.79
CA GLY B 1038 -7.53 22.99 19.39
C GLY B 1038 -6.59 21.91 18.93
N LYS B 1039 -5.32 22.01 19.29
CA LYS B 1039 -4.36 21.01 18.76
C LYS B 1039 -4.69 19.60 19.26
N LEU B 1040 -4.95 19.45 20.55
CA LEU B 1040 -5.20 18.09 21.10
C LEU B 1040 -6.47 17.55 20.46
N GLN B 1041 -7.47 18.40 20.31
CA GLN B 1041 -8.77 17.92 19.81
C GLN B 1041 -8.59 17.50 18.39
N ASP B 1042 -7.77 18.24 17.65
CA ASP B 1042 -7.59 17.91 16.22
C ASP B 1042 -6.97 16.53 16.13
N VAL B 1043 -6.00 16.25 16.98
CA VAL B 1043 -5.31 14.93 16.93
C VAL B 1043 -6.32 13.85 17.26
N VAL B 1044 -7.12 14.03 18.31
CA VAL B 1044 -8.05 12.97 18.74
C VAL B 1044 -9.10 12.74 17.67
N ASN B 1045 -9.57 13.83 17.08
CA ASN B 1045 -10.66 13.69 16.08
C ASN B 1045 -10.11 13.00 14.85
N GLN B 1046 -8.93 13.41 14.42
CA GLN B 1046 -8.37 12.86 13.17
C GLN B 1046 -8.09 11.39 13.39
N ASN B 1047 -7.74 11.00 14.60
CA ASN B 1047 -7.54 9.58 14.90
C ASN B 1047 -8.88 8.83 14.89
N ALA B 1048 -9.91 9.39 15.52
CA ALA B 1048 -11.19 8.66 15.62
C ALA B 1048 -11.82 8.60 14.25
N GLN B 1049 -11.83 9.73 13.57
CA GLN B 1049 -12.27 9.73 12.17
C GLN B 1049 -11.17 8.98 11.44
N ALA B 1050 -11.51 8.35 10.36
CA ALA B 1050 -10.51 7.61 9.56
C ALA B 1050 -10.22 6.29 10.25
N LEU B 1051 -10.71 6.13 11.46
CA LEU B 1051 -10.69 4.78 12.06
C LEU B 1051 -12.12 4.31 11.86
N ASN B 1052 -13.05 5.26 11.74
CA ASN B 1052 -14.45 4.91 11.45
C ASN B 1052 -14.60 4.75 9.96
N THR B 1053 -13.77 5.42 9.20
CA THR B 1053 -13.79 5.26 7.75
C THR B 1053 -13.34 3.84 7.39
N LEU B 1054 -12.33 3.34 8.09
CA LEU B 1054 -11.87 1.96 7.84
C LEU B 1054 -13.00 1.00 8.13
N VAL B 1055 -13.69 1.17 9.25
CA VAL B 1055 -14.78 0.23 9.63
C VAL B 1055 -15.93 0.38 8.68
N LYS B 1056 -16.21 1.59 8.23
CA LYS B 1056 -17.32 1.80 7.28
C LYS B 1056 -16.99 1.10 5.98
N GLN B 1057 -15.74 1.12 5.58
CA GLN B 1057 -15.36 0.41 4.34
C GLN B 1057 -15.62 -1.08 4.54
N LEU B 1058 -15.73 -1.57 5.77
CA LEU B 1058 -15.91 -3.02 6.02
C LEU B 1058 -17.30 -3.40 5.51
N SER B 1059 -18.20 -2.43 5.34
CA SER B 1059 -19.54 -2.72 4.76
C SER B 1059 -19.66 -2.17 3.34
N SER B 1060 -18.60 -2.28 2.55
CA SER B 1060 -18.63 -1.83 1.15
C SER B 1060 -18.39 -3.00 0.21
N ASN B 1061 -19.17 -3.08 -0.86
CA ASN B 1061 -19.08 -4.23 -1.79
C ASN B 1061 -17.76 -4.26 -2.55
N PHE B 1062 -17.24 -3.10 -2.98
CA PHE B 1062 -16.03 -3.05 -3.84
C PHE B 1062 -16.34 -3.73 -5.17
N GLY B 1063 -17.61 -3.72 -5.56
CA GLY B 1063 -18.02 -4.35 -6.82
C GLY B 1063 -18.31 -5.82 -6.68
N ALA B 1064 -18.36 -6.32 -5.45
CA ALA B 1064 -18.77 -7.72 -5.24
C ALA B 1064 -20.29 -7.80 -5.25
N ILE B 1065 -20.82 -8.98 -4.94
CA ILE B 1065 -22.30 -9.15 -4.86
C ILE B 1065 -22.80 -8.79 -3.46
N SER B 1066 -22.02 -9.07 -2.42
CA SER B 1066 -22.41 -8.65 -1.04
C SER B 1066 -21.17 -8.34 -0.21
N SER B 1067 -21.31 -7.49 0.82
CA SER B 1067 -20.17 -7.07 1.67
C SER B 1067 -20.10 -7.97 2.90
N VAL B 1068 -20.70 -9.15 2.84
CA VAL B 1068 -20.55 -10.14 3.96
C VAL B 1068 -19.88 -11.39 3.38
N LEU B 1069 -18.73 -11.76 3.92
CA LEU B 1069 -17.99 -12.90 3.33
C LEU B 1069 -18.83 -14.15 3.50
N ASN B 1070 -19.49 -14.27 4.66
CA ASN B 1070 -20.28 -15.48 4.94
C ASN B 1070 -21.37 -15.59 3.88
N ASP B 1071 -22.03 -14.49 3.55
CA ASP B 1071 -23.17 -14.59 2.62
C ASP B 1071 -22.73 -15.06 1.23
N ILE B 1072 -21.66 -14.49 0.69
CA ILE B 1072 -21.21 -14.92 -0.66
C ILE B 1072 -20.85 -16.40 -0.57
N LEU B 1073 -20.31 -16.82 0.58
CA LEU B 1073 -20.02 -18.26 0.77
C LEU B 1073 -21.29 -19.12 0.84
N SER B 1074 -22.35 -18.66 1.51
CA SER B 1074 -23.59 -19.48 1.73
C SER B 1074 -24.64 -19.24 0.65
N ARG B 1075 -24.35 -18.42 -0.35
CA ARG B 1075 -25.28 -18.27 -1.50
C ARG B 1075 -24.59 -18.69 -2.81
N LEU B 1076 -23.30 -19.01 -2.75
CA LEU B 1076 -22.61 -19.33 -4.01
C LEU B 1076 -21.70 -20.56 -3.93
N ASP B 1077 -21.46 -21.19 -5.08
CA ASP B 1077 -20.58 -22.38 -5.19
C ASP B 1077 -19.14 -21.86 -5.14
N PRO B 1078 -18.16 -22.61 -4.61
CA PRO B 1078 -16.80 -22.10 -4.53
C PRO B 1078 -16.21 -21.58 -5.84
N PRO B 1079 -16.48 -22.15 -7.03
CA PRO B 1079 -15.91 -21.60 -8.26
C PRO B 1079 -16.18 -20.10 -8.48
N GLU B 1080 -17.31 -19.58 -8.00
CA GLU B 1080 -17.62 -18.15 -8.24
C GLU B 1080 -17.55 -17.37 -6.93
N ALA B 1081 -17.81 -18.02 -5.82
CA ALA B 1081 -17.63 -17.32 -4.53
C ALA B 1081 -16.16 -16.96 -4.41
N GLU B 1082 -15.28 -17.77 -5.01
CA GLU B 1082 -13.83 -17.46 -4.93
C GLU B 1082 -13.57 -16.13 -5.61
N VAL B 1083 -14.14 -15.94 -6.78
CA VAL B 1083 -13.87 -14.68 -7.53
C VAL B 1083 -14.44 -13.51 -6.73
N GLN B 1084 -15.62 -13.71 -6.15
CA GLN B 1084 -16.25 -12.57 -5.47
C GLN B 1084 -15.40 -12.20 -4.26
N ILE B 1085 -14.98 -13.20 -3.52
CA ILE B 1085 -14.23 -12.89 -2.26
C ILE B 1085 -12.91 -12.26 -2.65
N ASP B 1086 -12.37 -12.68 -3.79
CA ASP B 1086 -11.08 -12.11 -4.23
C ASP B 1086 -11.24 -10.62 -4.45
N ARG B 1087 -12.35 -10.23 -5.06
CA ARG B 1087 -12.57 -8.79 -5.32
C ARG B 1087 -12.67 -8.06 -3.99
N LEU B 1088 -13.39 -8.66 -3.05
CA LEU B 1088 -13.60 -7.98 -1.75
C LEU B 1088 -12.25 -7.85 -1.03
N ILE B 1089 -11.40 -8.88 -1.15
CA ILE B 1089 -10.11 -8.86 -0.43
C ILE B 1089 -9.28 -7.72 -0.97
N THR B 1090 -9.31 -7.55 -2.29
CA THR B 1090 -8.45 -6.51 -2.88
C THR B 1090 -8.91 -5.17 -2.35
N GLY B 1091 -10.21 -4.94 -2.31
CA GLY B 1091 -10.72 -3.63 -1.87
C GLY B 1091 -10.35 -3.41 -0.44
N ARG B 1092 -10.55 -4.40 0.43
CA ARG B 1092 -10.30 -4.17 1.87
C ARG B 1092 -8.80 -3.96 2.10
N LEU B 1093 -7.98 -4.68 1.37
CA LEU B 1093 -6.52 -4.56 1.53
C LEU B 1093 -6.14 -3.13 1.17
N GLN B 1094 -6.72 -2.59 0.11
CA GLN B 1094 -6.43 -1.21 -0.26
C GLN B 1094 -6.87 -0.30 0.87
N SER B 1095 -8.04 -0.52 1.44
CA SER B 1095 -8.54 0.41 2.47
C SER B 1095 -7.66 0.38 3.72
N LEU B 1096 -7.28 -0.81 4.16
CA LEU B 1096 -6.43 -0.94 5.36
C LEU B 1096 -5.04 -0.35 5.09
N GLN B 1097 -4.52 -0.57 3.91
CA GLN B 1097 -3.20 -0.02 3.58
C GLN B 1097 -3.26 1.50 3.59
N THR B 1098 -4.33 2.06 3.05
CA THR B 1098 -4.46 3.54 3.06
C THR B 1098 -4.52 4.03 4.50
N TYR B 1099 -5.24 3.34 5.37
CA TYR B 1099 -5.36 3.85 6.74
C TYR B 1099 -3.99 3.76 7.40
N VAL B 1100 -3.27 2.70 7.12
CA VAL B 1100 -1.93 2.51 7.76
C VAL B 1100 -0.99 3.60 7.30
N THR B 1101 -1.00 3.93 6.02
CA THR B 1101 -0.13 5.01 5.51
C THR B 1101 -0.49 6.36 6.11
N GLN B 1102 -1.77 6.66 6.21
CA GLN B 1102 -2.19 7.95 6.79
C GLN B 1102 -1.73 8.01 8.24
N GLN B 1103 -1.90 6.94 8.99
CA GLN B 1103 -1.49 6.95 10.40
C GLN B 1103 0.02 7.09 10.42
N LEU B 1104 0.71 6.50 9.46
CA LEU B 1104 2.20 6.51 9.49
C LEU B 1104 2.72 7.92 9.25
N ILE B 1105 1.95 8.76 8.56
CA ILE B 1105 2.34 10.17 8.36
C ILE B 1105 1.89 11.02 9.55
N ARG B 1106 0.70 10.77 10.06
CA ARG B 1106 0.26 11.53 11.24
C ARG B 1106 1.17 11.22 12.42
N ALA B 1107 1.68 10.01 12.52
CA ALA B 1107 2.61 9.70 13.61
C ALA B 1107 3.87 10.56 13.50
N ALA B 1108 4.34 10.79 12.29
CA ALA B 1108 5.52 11.66 12.11
C ALA B 1108 5.20 13.08 12.56
N GLU B 1109 4.01 13.55 12.28
CA GLU B 1109 3.65 14.90 12.72
C GLU B 1109 3.65 14.98 14.23
N ILE B 1110 3.08 13.99 14.90
CA ILE B 1110 3.03 14.01 16.39
C ILE B 1110 4.44 13.84 16.92
N ARG B 1111 5.29 13.09 16.24
CA ARG B 1111 6.71 12.96 16.69
C ARG B 1111 7.40 14.31 16.63
N ALA B 1112 7.17 15.06 15.58
CA ALA B 1112 7.81 16.38 15.43
C ALA B 1112 7.28 17.28 16.53
N SER B 1113 6.00 17.19 16.83
CA SER B 1113 5.41 18.02 17.90
C SER B 1113 6.00 17.64 19.24
N ALA B 1114 6.16 16.35 19.49
CA ALA B 1114 6.69 15.91 20.79
C ALA B 1114 8.15 16.25 20.91
N ASN B 1115 8.90 16.17 19.83
CA ASN B 1115 10.32 16.59 19.88
C ASN B 1115 10.41 18.09 20.16
N LEU B 1116 9.53 18.88 19.58
CA LEU B 1116 9.52 20.32 19.91
C LEU B 1116 9.17 20.49 21.37
N ALA B 1117 8.21 19.72 21.87
CA ALA B 1117 7.79 19.88 23.27
C ALA B 1117 8.89 19.44 24.21
N ALA B 1118 9.61 18.38 23.86
CA ALA B 1118 10.72 17.94 24.70
C ALA B 1118 11.79 19.02 24.72
N THR B 1119 12.05 19.62 23.57
CA THR B 1119 13.03 20.72 23.51
C THR B 1119 12.53 21.89 24.36
N LYS B 1120 11.27 22.22 24.30
CA LYS B 1120 10.72 23.34 25.08
C LYS B 1120 10.83 23.01 26.54
N MET B 1121 10.57 21.76 26.91
CA MET B 1121 10.65 21.38 28.33
C MET B 1121 12.07 21.60 28.79
N SER B 1122 13.04 21.15 28.01
CA SER B 1122 14.45 21.29 28.39
C SER B 1122 14.88 22.75 28.43
N GLU B 1123 14.48 23.57 27.45
CA GLU B 1123 15.03 24.93 27.32
C GLU B 1123 14.14 26.01 27.90
N CYS B 1124 12.95 25.71 28.37
CA CYS B 1124 12.16 26.74 29.06
C CYS B 1124 11.88 26.33 30.51
N VAL B 1125 11.68 25.04 30.76
CA VAL B 1125 11.37 24.58 32.13
C VAL B 1125 12.66 24.35 32.90
N LEU B 1126 13.66 23.75 32.27
CA LEU B 1126 14.90 23.37 32.99
C LEU B 1126 15.90 24.51 32.90
N GLY B 1127 15.53 25.59 32.23
CA GLY B 1127 16.44 26.74 32.15
C GLY B 1127 15.75 27.96 31.64
N GLN B 1128 16.46 29.07 31.53
CA GLN B 1128 15.88 30.32 31.01
C GLN B 1128 16.39 30.50 29.60
N SER B 1129 15.50 30.80 28.67
CA SER B 1129 15.91 30.88 27.26
C SER B 1129 16.14 32.31 26.79
N LYS B 1130 17.13 32.52 25.93
CA LYS B 1130 17.32 33.84 25.31
C LYS B 1130 16.86 33.73 23.85
N ARG B 1131 16.15 32.68 23.51
CA ARG B 1131 15.60 32.57 22.14
C ARG B 1131 14.28 33.32 22.07
N VAL B 1132 14.19 34.28 21.17
CA VAL B 1132 12.98 35.16 21.17
C VAL B 1132 11.81 34.44 20.55
N ASP B 1133 10.67 34.45 21.23
CA ASP B 1133 9.40 33.86 20.73
C ASP B 1133 9.49 32.35 20.77
N PHE B 1134 10.41 31.81 21.57
CA PHE B 1134 10.44 30.34 21.73
C PHE B 1134 9.62 30.00 22.96
N CYS B 1135 10.02 30.50 24.11
CA CYS B 1135 9.25 30.27 25.35
C CYS B 1135 8.37 31.49 25.57
N GLY B 1136 7.25 31.56 24.88
CA GLY B 1136 6.30 32.67 25.09
C GLY B 1136 6.68 33.92 24.30
N LYS B 1137 5.90 35.00 24.46
CA LYS B 1137 6.17 36.25 23.73
C LYS B 1137 6.58 37.31 24.73
N GLY B 1138 7.86 37.65 24.71
CA GLY B 1138 8.39 38.63 25.67
C GLY B 1138 9.76 38.21 26.10
N TYR B 1139 10.31 38.87 27.11
CA TYR B 1139 11.60 38.41 27.63
C TYR B 1139 11.29 37.22 28.55
N HIS B 1140 11.88 36.07 28.26
CA HIS B 1140 11.50 34.86 29.01
C HIS B 1140 12.06 34.85 30.41
N LEU B 1141 11.28 34.37 31.37
CA LEU B 1141 11.77 34.25 32.74
C LEU B 1141 11.78 32.77 33.11
N MET B 1142 10.65 32.09 33.00
CA MET B 1142 10.61 30.65 33.34
C MET B 1142 9.40 30.02 32.71
N SER B 1143 9.14 28.77 33.06
CA SER B 1143 7.90 28.14 32.56
C SER B 1143 7.43 27.15 33.61
N PHE B 1144 6.19 26.72 33.51
CA PHE B 1144 5.68 25.68 34.41
C PHE B 1144 4.92 24.69 33.54
N PRO B 1145 5.32 23.41 33.49
CA PRO B 1145 4.66 22.52 32.60
C PRO B 1145 3.36 21.98 33.16
N GLN B 1146 2.39 21.68 32.30
CA GLN B 1146 1.17 21.00 32.78
C GLN B 1146 0.83 19.90 31.78
N SER B 1147 0.18 18.87 32.26
CA SER B 1147 -0.11 17.72 31.38
C SER B 1147 -1.54 17.80 30.91
N ALA B 1148 -1.81 17.20 29.77
CA ALA B 1148 -3.17 17.20 29.23
C ALA B 1148 -3.33 15.91 28.48
N PRO B 1149 -4.54 15.41 28.21
CA PRO B 1149 -4.64 14.11 27.60
C PRO B 1149 -3.95 14.08 26.25
N HIS B 1150 -3.00 13.17 26.08
CA HIS B 1150 -2.25 13.06 24.80
C HIS B 1150 -1.55 14.37 24.46
N GLY B 1151 -0.95 15.02 25.44
CA GLY B 1151 -0.22 16.25 25.11
C GLY B 1151 0.30 16.95 26.33
N VAL B 1152 0.72 18.19 26.16
CA VAL B 1152 1.31 18.95 27.28
C VAL B 1152 0.85 20.38 27.16
N VAL B 1153 0.91 21.12 28.25
CA VAL B 1153 0.55 22.55 28.21
C VAL B 1153 1.62 23.32 28.98
N PHE B 1154 2.13 24.36 28.38
CA PHE B 1154 3.22 25.12 29.03
C PHE B 1154 2.71 26.48 29.46
N LEU B 1155 3.14 26.93 30.62
CA LEU B 1155 2.77 28.28 31.07
C LEU B 1155 4.05 29.09 31.08
N HIS B 1156 4.24 29.90 30.07
CA HIS B 1156 5.49 30.67 29.98
C HIS B 1156 5.34 31.95 30.77
N VAL B 1157 6.18 32.17 31.76
CA VAL B 1157 6.14 33.45 32.51
C VAL B 1157 7.16 34.38 31.88
N THR B 1158 6.71 35.52 31.38
CA THR B 1158 7.61 36.42 30.64
C THR B 1158 7.55 37.82 31.24
N TYR B 1159 8.56 38.63 30.96
CA TYR B 1159 8.63 40.02 31.45
C TYR B 1159 8.39 40.93 30.29
N VAL B 1160 7.38 41.79 30.41
CA VAL B 1160 7.03 42.72 29.30
C VAL B 1160 7.13 44.14 29.80
N PRO B 1161 7.88 45.05 29.12
CA PRO B 1161 7.94 46.41 29.56
C PRO B 1161 6.53 47.03 29.47
N ALA B 1162 6.20 47.96 30.35
CA ALA B 1162 4.81 48.44 30.35
C ALA B 1162 4.66 49.92 30.01
N GLN B 1163 5.26 50.81 30.78
CA GLN B 1163 5.00 52.25 30.58
C GLN B 1163 6.32 52.90 30.26
N GLU B 1164 6.37 53.59 29.14
CA GLU B 1164 7.65 54.17 28.71
C GLU B 1164 7.57 55.67 28.61
N LYS B 1165 8.72 56.33 28.62
CA LYS B 1165 8.77 57.76 28.32
C LYS B 1165 9.69 57.85 27.13
N ASN B 1166 9.96 59.06 26.65
CA ASN B 1166 10.95 59.20 25.57
C ASN B 1166 11.99 60.19 26.07
N PHE B 1167 13.25 59.93 25.78
CA PHE B 1167 14.30 60.82 26.33
C PHE B 1167 15.33 61.10 25.27
N THR B 1168 16.02 62.21 25.45
CA THR B 1168 17.12 62.52 24.52
C THR B 1168 18.27 61.62 24.93
N THR B 1169 19.18 61.32 24.01
CA THR B 1169 20.26 60.38 24.33
C THR B 1169 21.51 60.78 23.56
N ALA B 1170 22.63 60.14 23.86
CA ALA B 1170 23.87 60.42 23.11
C ALA B 1170 24.77 59.21 23.13
N PRO B 1171 25.52 58.95 22.05
CA PRO B 1171 26.40 57.83 22.02
C PRO B 1171 27.49 57.96 23.09
N ALA B 1172 28.03 59.16 23.27
CA ALA B 1172 29.15 59.33 24.22
C ALA B 1172 28.99 60.61 25.01
N ILE B 1173 29.91 60.85 25.94
CA ILE B 1173 29.91 62.12 26.71
C ILE B 1173 31.35 62.64 26.72
N CYS B 1174 31.53 63.91 26.37
CA CYS B 1174 32.89 64.50 26.43
C CYS B 1174 33.10 65.15 27.79
N HIS B 1175 34.22 64.82 28.45
CA HIS B 1175 34.53 65.43 29.76
C HIS B 1175 35.84 66.21 29.68
N ASP B 1176 36.91 65.54 29.24
CA ASP B 1176 38.23 66.19 29.23
C ASP B 1176 38.94 65.90 27.91
N GLY B 1177 38.25 66.10 26.81
CA GLY B 1177 38.89 65.77 25.53
C GLY B 1177 38.97 64.27 25.34
N LYS B 1178 38.14 63.53 26.08
CA LYS B 1178 38.11 62.07 25.97
C LYS B 1178 36.67 61.62 25.85
N ALA B 1179 36.41 60.75 24.88
CA ALA B 1179 35.04 60.21 24.72
C ALA B 1179 34.75 59.26 25.86
N HIS B 1180 33.56 59.34 26.42
CA HIS B 1180 33.16 58.42 27.50
C HIS B 1180 31.98 57.59 27.03
N PHE B 1181 31.97 56.30 27.34
CA PHE B 1181 30.77 55.52 26.99
C PHE B 1181 30.28 54.75 28.21
N PRO B 1182 28.99 54.39 28.31
CA PRO B 1182 28.52 53.67 29.46
C PRO B 1182 28.92 52.20 29.44
N ARG B 1183 29.03 51.60 30.62
CA ARG B 1183 29.44 50.18 30.67
C ARG B 1183 28.21 49.29 30.51
N GLU B 1184 27.18 49.52 31.33
CA GLU B 1184 26.02 48.61 31.31
C GLU B 1184 24.72 49.37 31.16
N GLY B 1185 24.69 50.41 30.32
CA GLY B 1185 23.49 51.24 30.28
C GLY B 1185 23.48 52.16 29.09
N VAL B 1186 22.58 53.13 29.09
CA VAL B 1186 22.57 54.13 27.99
C VAL B 1186 22.48 55.53 28.61
N PHE B 1187 22.93 56.55 27.88
CA PHE B 1187 22.95 57.92 28.44
C PHE B 1187 21.63 58.61 28.10
N VAL B 1188 20.88 59.02 29.10
CA VAL B 1188 19.55 59.61 28.84
C VAL B 1188 19.49 60.97 29.53
N SER B 1189 18.63 61.85 29.02
CA SER B 1189 18.47 63.19 29.62
C SER B 1189 17.02 63.41 30.03
N ASN B 1190 16.79 64.00 31.19
CA ASN B 1190 15.42 64.36 31.65
C ASN B 1190 15.11 65.74 31.09
N GLY B 1191 15.97 66.24 30.21
CA GLY B 1191 15.76 67.53 29.54
C GLY B 1191 16.88 68.48 29.86
N THR B 1192 17.46 68.41 31.04
CA THR B 1192 18.61 69.27 31.37
C THR B 1192 19.70 68.42 31.99
N HIS B 1193 19.29 67.38 32.70
CA HIS B 1193 20.30 66.55 33.40
C HIS B 1193 20.57 65.28 32.61
N TRP B 1194 21.82 65.13 32.18
CA TRP B 1194 22.19 63.86 31.51
C TRP B 1194 22.38 62.79 32.58
N PHE B 1195 21.77 61.63 32.37
CA PHE B 1195 21.92 60.53 33.33
C PHE B 1195 22.28 59.28 32.56
N VAL B 1196 22.59 58.22 33.30
CA VAL B 1196 22.82 56.91 32.64
C VAL B 1196 21.83 55.94 33.26
N THR B 1197 21.24 55.09 32.44
CA THR B 1197 20.31 54.08 32.99
C THR B 1197 20.37 52.80 32.17
N GLN B 1198 19.86 51.71 32.74
CA GLN B 1198 19.89 50.40 32.08
C GLN B 1198 18.95 50.44 30.89
N ARG B 1199 19.07 49.50 29.98
CA ARG B 1199 18.33 49.63 28.71
C ARG B 1199 16.91 49.14 28.79
N ASN B 1200 16.49 48.62 29.93
CA ASN B 1200 15.13 48.04 29.99
C ASN B 1200 14.33 48.49 31.22
N PHE B 1201 14.85 49.41 32.01
CA PHE B 1201 14.07 49.92 33.15
C PHE B 1201 14.62 51.29 33.50
N TYR B 1202 13.80 52.32 33.53
CA TYR B 1202 14.36 53.66 33.71
C TYR B 1202 14.80 53.80 35.16
N GLU B 1203 16.09 53.81 35.36
CA GLU B 1203 16.66 54.02 36.72
C GLU B 1203 17.86 54.93 36.49
N PRO B 1204 17.67 56.26 36.44
CA PRO B 1204 18.74 57.15 36.10
C PRO B 1204 19.69 57.36 37.27
N GLN B 1205 20.98 57.28 36.99
CA GLN B 1205 21.96 57.37 38.09
C GLN B 1205 22.99 58.41 37.70
N ILE B 1206 23.81 58.81 38.67
CA ILE B 1206 24.79 59.89 38.36
C ILE B 1206 25.94 59.37 37.51
N ILE B 1207 26.34 60.13 36.49
CA ILE B 1207 27.35 59.60 35.55
C ILE B 1207 28.72 59.73 36.20
N THR B 1208 29.24 58.61 36.71
CA THR B 1208 30.56 58.60 37.36
C THR B 1208 31.54 57.94 36.42
N THR B 1209 32.79 57.79 36.84
CA THR B 1209 33.79 57.09 36.01
C THR B 1209 33.65 55.59 36.24
N ASP B 1210 32.80 55.20 37.19
CA ASP B 1210 32.57 53.77 37.51
C ASP B 1210 31.55 53.13 36.58
N ASN B 1211 30.44 53.83 36.32
CA ASN B 1211 29.37 53.30 35.46
C ASN B 1211 29.65 53.72 34.02
N THR B 1212 30.83 54.22 33.75
CA THR B 1212 31.22 54.55 32.37
C THR B 1212 32.63 54.07 32.10
N PHE B 1213 33.12 54.36 30.92
CA PHE B 1213 34.52 54.01 30.62
C PHE B 1213 35.05 54.93 29.54
N VAL B 1214 36.31 55.31 29.68
CA VAL B 1214 36.91 56.29 28.74
C VAL B 1214 37.57 55.59 27.60
N SER B 1215 37.36 56.10 26.41
CA SER B 1215 38.09 55.55 25.24
C SER B 1215 38.22 56.64 24.20
N GLY B 1216 39.45 57.03 23.87
CA GLY B 1216 39.64 57.99 22.75
C GLY B 1216 39.37 59.43 23.09
N ASN B 1217 39.03 60.21 22.06
CA ASN B 1217 38.82 61.66 22.25
C ASN B 1217 37.41 62.06 21.86
N CYS B 1218 37.07 63.32 22.01
CA CYS B 1218 35.68 63.77 21.76
C CYS B 1218 35.55 64.26 20.32
N ASP B 1219 36.41 63.78 19.42
CA ASP B 1219 36.38 64.31 18.03
C ASP B 1219 35.86 63.29 17.02
N VAL B 1220 36.05 62.00 17.27
CA VAL B 1220 35.68 60.96 16.25
C VAL B 1220 34.23 60.52 16.44
N VAL B 1221 33.77 60.48 17.68
CA VAL B 1221 32.39 59.98 17.92
C VAL B 1221 31.44 60.96 17.25
N ILE B 1222 30.29 60.48 16.81
CA ILE B 1222 29.32 61.36 16.12
C ILE B 1222 28.10 61.50 17.03
N GLY B 1223 27.72 62.73 17.34
CA GLY B 1223 26.59 62.95 18.25
C GLY B 1223 27.05 62.97 19.69
N ILE B 1224 28.35 63.10 19.93
CA ILE B 1224 28.81 63.20 21.33
C ILE B 1224 28.24 64.46 21.97
N VAL B 1225 27.95 64.40 23.27
CA VAL B 1225 27.44 65.60 23.98
C VAL B 1225 28.38 65.98 25.11
N ASN B 1226 28.15 67.15 25.70
CA ASN B 1226 29.06 67.66 26.75
C ASN B 1226 28.36 67.58 28.11
N ASN B 1227 29.02 67.01 29.09
CA ASN B 1227 28.49 66.97 30.46
C ASN B 1227 29.66 66.62 31.36
N THR B 1228 29.40 66.49 32.64
CA THR B 1228 30.50 66.27 33.60
C THR B 1228 30.46 64.85 34.15
N VAL B 1229 31.59 64.17 34.10
CA VAL B 1229 31.69 62.81 34.65
C VAL B 1229 32.25 62.92 36.07
N TYR B 1230 31.37 62.95 37.05
CA TYR B 1230 31.85 63.19 38.41
C TYR B 1230 32.72 62.04 38.86
N ASP B 1231 33.87 62.37 39.44
CA ASP B 1231 34.79 61.34 39.97
C ASP B 1231 34.54 61.26 41.46
N PRO B 1232 34.27 60.10 42.05
CA PRO B 1232 33.96 60.04 43.47
C PRO B 1232 35.16 60.39 44.36
N LEU B 1233 36.36 60.43 43.79
CA LEU B 1233 37.57 60.71 44.61
C LEU B 1233 37.80 62.17 44.98
N GLN B 1234 37.80 63.09 44.03
CA GLN B 1234 38.23 64.48 44.34
C GLN B 1234 37.36 65.17 45.38
N PRO B 1235 36.02 65.01 45.43
CA PRO B 1235 35.26 65.64 46.49
C PRO B 1235 35.73 65.09 47.84
N GLU B 1236 35.95 63.78 47.90
CA GLU B 1236 36.42 63.16 49.15
C GLU B 1236 37.80 63.70 49.51
N LEU B 1237 38.66 63.88 48.50
CA LEU B 1237 40.05 64.36 48.76
C LEU B 1237 39.94 65.74 49.37
N ASP B 1238 39.05 66.58 48.85
CA ASP B 1238 38.89 67.95 49.38
C ASP B 1238 38.39 67.82 50.83
N SER B 1239 37.51 66.85 51.05
CA SER B 1239 37.00 66.60 52.42
C SER B 1239 38.14 66.10 53.31
N PHE B 1240 39.16 65.46 52.74
CA PHE B 1240 40.24 64.88 53.56
C PHE B 1240 41.62 65.14 52.94
N ALA C 119 28.10 5.32 -54.50
CA ALA C 119 28.27 6.44 -53.54
C ALA C 119 27.15 6.52 -52.51
N TYR C 120 27.55 6.75 -51.25
CA TYR C 120 26.54 6.76 -50.16
C TYR C 120 26.52 8.15 -49.54
N THR C 121 25.37 8.48 -48.97
CA THR C 121 25.23 9.80 -48.33
C THR C 121 24.75 9.61 -46.91
N ASN C 122 25.14 10.54 -46.05
CA ASN C 122 24.72 10.48 -44.63
C ASN C 122 23.44 11.27 -44.50
N SER C 123 22.48 10.74 -43.76
CA SER C 123 21.16 11.39 -43.67
C SER C 123 21.26 12.57 -42.70
N PHE C 124 21.77 13.69 -43.21
CA PHE C 124 21.99 14.83 -42.31
C PHE C 124 20.64 15.42 -41.90
N THR C 125 20.24 15.21 -40.64
CA THR C 125 19.03 15.88 -40.06
C THR C 125 17.86 15.84 -41.02
N ARG C 126 17.59 14.69 -41.61
CA ARG C 126 16.52 14.64 -42.62
C ARG C 126 15.65 13.41 -42.34
N GLY C 127 14.41 13.46 -42.80
CA GLY C 127 13.52 12.30 -42.61
C GLY C 127 12.42 12.59 -41.63
N VAL C 128 12.14 13.85 -41.39
CA VAL C 128 11.12 14.22 -40.36
C VAL C 128 9.80 14.53 -41.06
N TYR C 129 8.70 14.00 -40.53
CA TYR C 129 7.39 14.23 -41.17
C TYR C 129 6.33 14.31 -40.08
N TYR C 130 5.17 14.86 -40.41
CA TYR C 130 4.15 15.01 -39.36
C TYR C 130 3.54 13.62 -39.12
N PRO C 131 3.64 13.09 -37.89
CA PRO C 131 3.07 11.79 -37.61
C PRO C 131 1.58 11.83 -37.26
N ASP C 132 1.07 12.99 -36.83
CA ASP C 132 -0.33 13.02 -36.35
C ASP C 132 -0.99 14.33 -36.74
N LYS C 133 -2.31 14.31 -36.95
CA LYS C 133 -3.01 15.52 -37.46
C LYS C 133 -3.42 16.37 -36.26
N VAL C 134 -2.41 16.83 -35.52
CA VAL C 134 -2.70 17.62 -34.32
C VAL C 134 -1.78 18.84 -34.32
N PHE C 135 -2.29 19.97 -33.87
CA PHE C 135 -1.51 21.22 -33.83
C PHE C 135 -1.06 21.47 -32.41
N ARG C 136 0.19 21.87 -32.24
CA ARG C 136 0.73 22.15 -30.90
C ARG C 136 1.63 23.38 -30.95
N SER C 137 1.50 24.28 -29.98
CA SER C 137 2.28 25.53 -30.00
C SER C 137 3.30 25.53 -28.86
N SER C 138 4.57 25.78 -29.20
CA SER C 138 5.62 25.89 -28.17
C SER C 138 5.61 24.67 -27.27
N VAL C 139 5.75 23.50 -27.88
CA VAL C 139 5.84 22.27 -27.06
C VAL C 139 6.83 21.29 -27.68
N LEU C 140 7.41 20.42 -26.86
CA LEU C 140 8.25 19.33 -27.39
C LEU C 140 7.39 18.09 -27.24
N HIS C 141 7.48 17.17 -28.17
CA HIS C 141 6.62 15.96 -28.09
C HIS C 141 7.47 14.76 -28.44
N SER C 142 7.70 13.90 -27.45
CA SER C 142 8.53 12.69 -27.71
C SER C 142 7.61 11.68 -28.36
N THR C 143 7.75 11.49 -29.69
CA THR C 143 6.81 10.59 -30.40
C THR C 143 7.52 9.40 -31.04
N GLN C 144 6.88 8.23 -30.99
CA GLN C 144 7.49 7.00 -31.53
C GLN C 144 6.73 6.58 -32.78
N ASP C 145 7.45 6.33 -33.86
CA ASP C 145 6.83 5.84 -35.12
C ASP C 145 7.99 5.44 -36.01
N LEU C 146 7.71 5.09 -37.26
CA LEU C 146 8.79 4.78 -38.21
C LEU C 146 9.44 6.08 -38.63
N PHE C 147 10.77 6.15 -38.56
CA PHE C 147 11.48 7.37 -39.02
C PHE C 147 12.81 7.03 -39.64
N LEU C 148 13.32 7.94 -40.45
CA LEU C 148 14.68 7.76 -41.04
C LEU C 148 15.67 8.32 -40.03
N PRO C 149 16.66 7.53 -39.56
CA PRO C 149 17.55 8.01 -38.52
C PRO C 149 18.40 9.21 -38.91
N PHE C 150 18.72 10.04 -37.91
CA PHE C 150 19.64 11.16 -38.20
C PHE C 150 21.00 10.55 -38.54
N PHE C 151 21.60 11.04 -39.61
CA PHE C 151 22.94 10.57 -40.01
C PHE C 151 22.95 9.08 -40.27
N SER C 152 21.91 8.58 -40.93
CA SER C 152 21.91 7.16 -41.36
C SER C 152 22.41 7.13 -42.80
N ASN C 153 22.50 5.94 -43.38
CA ASN C 153 23.11 5.84 -44.73
C ASN C 153 22.03 5.66 -45.79
N VAL C 154 22.03 6.53 -46.79
CA VAL C 154 21.04 6.45 -47.90
C VAL C 154 21.77 6.01 -49.16
N THR C 155 21.02 5.47 -50.11
CA THR C 155 21.69 4.92 -51.32
C THR C 155 21.49 5.79 -52.55
N TRP C 156 22.58 6.15 -53.23
CA TRP C 156 22.42 6.92 -54.49
C TRP C 156 22.39 5.97 -55.69
N PHE C 157 21.63 6.34 -56.71
CA PHE C 157 21.63 5.53 -57.95
C PHE C 157 21.72 6.43 -59.18
N HIS C 158 22.14 5.87 -60.32
CA HIS C 158 22.15 6.63 -61.59
C HIS C 158 21.44 5.79 -62.65
N PRO C 174 15.18 0.75 -61.62
CA PRO C 174 15.98 -0.16 -60.80
C PRO C 174 15.12 -0.71 -59.66
N VAL C 175 15.02 -2.04 -59.55
CA VAL C 175 14.08 -2.61 -58.54
C VAL C 175 14.66 -2.48 -57.15
N LEU C 176 13.83 -2.01 -56.20
CA LEU C 176 14.27 -1.92 -54.78
C LEU C 176 13.16 -2.48 -53.89
N PRO C 177 13.48 -3.03 -52.70
CA PRO C 177 12.45 -3.46 -51.77
C PRO C 177 11.80 -2.31 -51.00
N PHE C 178 10.78 -2.62 -50.20
CA PHE C 178 10.02 -1.61 -49.42
C PHE C 178 9.88 -2.13 -47.99
N ASN C 179 10.99 -2.26 -47.28
CA ASN C 179 10.94 -3.01 -45.99
C ASN C 179 9.86 -2.48 -45.07
N ASP C 180 9.87 -1.17 -44.77
CA ASP C 180 8.76 -0.59 -43.98
C ASP C 180 8.37 0.71 -44.66
N GLY C 181 9.37 1.48 -45.08
CA GLY C 181 9.12 2.76 -45.76
C GLY C 181 10.31 3.15 -46.61
N VAL C 182 10.07 4.05 -47.54
CA VAL C 182 11.20 4.53 -48.39
C VAL C 182 11.21 6.06 -48.43
N TYR C 183 12.35 6.63 -48.08
CA TYR C 183 12.49 8.09 -48.21
C TYR C 183 13.12 8.36 -49.59
N PHE C 184 12.39 9.07 -50.45
CA PHE C 184 12.89 9.30 -51.82
C PHE C 184 13.17 10.78 -52.05
N ALA C 185 14.28 11.06 -52.69
CA ALA C 185 14.62 12.46 -53.05
C ALA C 185 15.01 12.53 -54.52
N SER C 186 14.67 13.63 -55.18
CA SER C 186 15.12 13.81 -56.58
C SER C 186 15.76 15.19 -56.76
N THR C 187 16.94 15.22 -57.36
CA THR C 187 17.63 16.51 -57.64
C THR C 187 17.87 16.63 -59.14
N GLU C 188 16.91 17.22 -59.86
CA GLU C 188 17.01 17.35 -61.33
C GLU C 188 16.68 18.78 -61.71
N LYS C 189 16.79 19.10 -62.99
CA LYS C 189 16.59 20.52 -63.40
C LYS C 189 15.18 20.79 -63.93
N SER C 190 14.65 19.94 -64.81
CA SER C 190 13.36 20.28 -65.47
C SER C 190 12.34 19.17 -65.42
N ASN C 191 12.00 18.67 -64.22
CA ASN C 191 10.92 17.66 -64.06
C ASN C 191 11.23 16.43 -64.92
N ILE C 192 12.51 16.07 -65.06
CA ILE C 192 12.89 14.94 -65.94
C ILE C 192 12.26 13.66 -65.38
N ILE C 193 12.30 13.51 -64.05
CA ILE C 193 11.71 12.29 -63.41
C ILE C 193 10.21 12.30 -63.64
N ARG C 194 9.64 11.13 -63.87
CA ARG C 194 8.21 11.13 -64.26
C ARG C 194 7.33 10.42 -63.26
N GLY C 195 7.62 9.16 -62.98
CA GLY C 195 6.64 8.41 -62.19
C GLY C 195 7.19 7.24 -61.43
N TRP C 196 6.30 6.41 -60.91
CA TRP C 196 6.73 5.28 -60.05
C TRP C 196 5.85 4.06 -60.28
N ILE C 197 6.33 2.89 -59.84
CA ILE C 197 5.47 1.67 -59.86
C ILE C 197 5.65 0.99 -58.49
N PHE C 198 4.54 0.70 -57.81
CA PHE C 198 4.65 0.04 -56.49
C PHE C 198 4.04 -1.36 -56.52
N GLY C 199 3.98 -2.01 -55.36
CA GLY C 199 3.37 -3.34 -55.29
C GLY C 199 4.32 -4.42 -54.77
N THR C 200 4.07 -5.69 -55.14
CA THR C 200 4.91 -6.82 -54.69
C THR C 200 5.72 -7.42 -55.84
N THR C 201 5.06 -7.75 -56.96
CA THR C 201 5.80 -8.27 -58.14
C THR C 201 5.46 -7.41 -59.35
N LEU C 202 4.26 -6.85 -59.37
CA LEU C 202 3.84 -5.92 -60.46
C LEU C 202 3.99 -6.57 -61.85
N ASP C 203 3.68 -7.85 -61.96
CA ASP C 203 3.72 -8.50 -63.30
C ASP C 203 2.30 -8.59 -63.83
N SER C 204 1.36 -7.91 -63.18
CA SER C 204 -0.08 -7.90 -63.60
C SER C 204 -0.73 -9.23 -63.23
N LYS C 205 0.00 -10.08 -62.51
CA LYS C 205 -0.54 -11.40 -62.07
C LYS C 205 -1.37 -11.19 -60.82
N THR C 206 -1.30 -9.99 -60.24
CA THR C 206 -2.04 -9.67 -59.00
C THR C 206 -2.09 -8.14 -58.89
N GLN C 207 -2.41 -7.65 -57.70
CA GLN C 207 -2.48 -6.18 -57.50
C GLN C 207 -1.11 -5.55 -57.67
N SER C 208 -1.07 -4.34 -58.23
CA SER C 208 0.19 -3.56 -58.35
C SER C 208 -0.15 -2.08 -58.46
N LEU C 209 0.25 -1.27 -57.48
CA LEU C 209 -0.08 0.18 -57.46
C LEU C 209 0.78 0.92 -58.48
N LEU C 210 0.27 2.01 -59.04
CA LEU C 210 1.10 2.84 -59.93
C LEU C 210 0.93 4.33 -59.61
N ILE C 211 1.98 5.12 -59.81
CA ILE C 211 1.86 6.61 -59.70
C ILE C 211 2.47 7.19 -60.98
N VAL C 212 1.73 8.06 -61.65
CA VAL C 212 2.21 8.58 -62.95
C VAL C 212 2.04 10.11 -62.98
N ASN C 213 2.82 10.79 -63.84
CA ASN C 213 2.71 12.27 -63.94
C ASN C 213 3.01 12.72 -65.37
N ASN C 214 2.25 13.69 -65.88
CA ASN C 214 2.53 14.23 -67.23
C ASN C 214 1.95 15.63 -67.39
N ALA C 215 2.75 16.62 -67.81
CA ALA C 215 2.25 17.99 -68.08
C ALA C 215 1.47 18.56 -66.89
N THR C 216 2.05 18.56 -65.69
CA THR C 216 1.40 19.12 -64.48
C THR C 216 0.11 18.34 -64.16
N ASN C 217 0.07 17.07 -64.57
CA ASN C 217 -1.13 16.26 -64.29
C ASN C 217 -0.68 14.90 -63.75
N VAL C 218 -1.28 14.47 -62.65
CA VAL C 218 -0.87 13.19 -62.02
C VAL C 218 -2.00 12.19 -62.19
N VAL C 219 -1.70 11.05 -62.79
CA VAL C 219 -2.72 9.99 -62.93
C VAL C 219 -2.34 8.85 -61.98
N ILE C 220 -3.27 8.49 -61.11
CA ILE C 220 -2.95 7.44 -60.10
C ILE C 220 -3.97 6.30 -60.24
N LYS C 221 -3.54 5.07 -60.09
CA LYS C 221 -4.47 3.95 -60.31
C LYS C 221 -4.03 2.73 -59.53
N VAL C 222 -4.85 1.70 -59.52
CA VAL C 222 -4.40 0.38 -58.96
C VAL C 222 -4.69 -0.65 -60.05
N CYS C 223 -4.93 -0.19 -61.28
CA CYS C 223 -5.33 -1.11 -62.36
C CYS C 223 -4.14 -2.00 -62.76
N GLU C 224 -4.42 -3.15 -63.36
CA GLU C 224 -3.33 -4.08 -63.71
C GLU C 224 -3.06 -4.11 -65.23
N PHE C 225 -2.15 -3.26 -65.70
CA PHE C 225 -1.71 -3.31 -67.12
C PHE C 225 -0.52 -4.28 -67.17
N GLN C 226 -0.14 -4.75 -68.36
CA GLN C 226 1.04 -5.63 -68.40
C GLN C 226 2.28 -4.77 -68.18
N PHE C 227 2.79 -4.78 -66.96
CA PHE C 227 3.92 -3.87 -66.62
C PHE C 227 5.24 -4.35 -67.19
N CYS C 228 5.98 -3.43 -67.80
CA CYS C 228 7.24 -3.81 -68.48
C CYS C 228 8.35 -3.98 -67.45
N ASN C 229 9.50 -4.48 -67.89
CA ASN C 229 10.64 -4.70 -66.96
C ASN C 229 11.13 -3.37 -66.36
N ASP C 230 11.38 -2.37 -67.20
CA ASP C 230 11.79 -1.04 -66.70
C ASP C 230 11.02 -0.01 -67.48
N PRO C 231 9.71 0.18 -67.23
CA PRO C 231 8.91 1.07 -68.06
C PRO C 231 9.45 2.51 -68.10
N PHE C 232 9.33 3.14 -69.26
CA PHE C 232 9.86 4.51 -69.44
C PHE C 232 8.92 5.29 -70.35
N LEU C 233 9.19 6.59 -70.49
CA LEU C 233 8.31 7.47 -71.31
C LEU C 233 9.15 8.19 -72.35
N GLY C 234 8.49 8.96 -73.23
CA GLY C 234 9.21 9.79 -74.20
C GLY C 234 9.28 11.25 -73.78
N CYS C 258 -9.09 -3.36 -61.52
CA CYS C 258 -9.22 -1.94 -61.07
C CYS C 258 -10.07 -1.88 -59.80
N THR C 259 -9.49 -1.40 -58.69
CA THR C 259 -10.23 -1.29 -57.40
C THR C 259 -10.29 0.17 -56.94
N PHE C 260 -9.51 1.05 -57.59
CA PHE C 260 -9.48 2.50 -57.26
C PHE C 260 -8.68 3.24 -58.32
N GLU C 261 -8.73 4.58 -58.28
CA GLU C 261 -7.88 5.39 -59.21
C GLU C 261 -7.90 6.83 -58.72
N TYR C 262 -7.21 7.71 -59.44
CA TYR C 262 -7.23 9.15 -59.10
C TYR C 262 -6.81 9.93 -60.36
N VAL C 263 -6.93 11.25 -60.29
CA VAL C 263 -6.54 12.10 -61.45
C VAL C 263 -6.05 13.46 -60.94
N SER C 264 -5.33 14.21 -61.77
CA SER C 264 -4.90 15.58 -61.39
C SER C 264 -4.86 16.51 -62.63
N PHE C 278 20.54 21.37 -60.47
CA PHE C 278 19.09 21.26 -60.13
C PHE C 278 18.47 22.63 -59.93
N LYS C 279 17.14 22.69 -59.94
CA LYS C 279 16.44 23.99 -59.72
C LYS C 279 15.45 23.85 -58.56
N ASN C 280 14.86 22.65 -58.38
CA ASN C 280 13.89 22.45 -57.28
C ASN C 280 14.08 21.06 -56.70
N LEU C 281 14.03 20.96 -55.37
CA LEU C 281 14.19 19.65 -54.69
C LEU C 281 12.80 19.16 -54.26
N ARG C 282 12.43 17.97 -54.71
CA ARG C 282 11.11 17.41 -54.32
C ARG C 282 11.37 16.17 -53.46
N GLU C 283 10.76 16.13 -52.29
CA GLU C 283 11.04 15.02 -51.34
C GLU C 283 9.78 14.18 -51.16
N PHE C 284 9.95 12.86 -51.21
CA PHE C 284 8.80 11.98 -51.05
C PHE C 284 9.14 10.85 -50.08
N VAL C 285 8.33 10.71 -49.04
CA VAL C 285 8.52 9.59 -48.07
C VAL C 285 7.20 8.85 -47.99
N PHE C 286 7.24 7.53 -48.01
CA PHE C 286 5.99 6.75 -48.08
C PHE C 286 5.95 5.69 -46.99
N LYS C 287 4.77 5.15 -46.72
CA LYS C 287 4.66 3.99 -45.80
C LYS C 287 3.28 3.37 -45.95
N ASN C 288 3.06 2.24 -45.28
CA ASN C 288 1.70 1.65 -45.26
C ASN C 288 1.40 1.16 -43.84
N ILE C 289 0.31 1.65 -43.26
CA ILE C 289 -0.09 1.21 -41.89
C ILE C 289 -1.59 0.94 -41.89
N ASP C 290 -2.03 -0.19 -41.31
CA ASP C 290 -3.48 -0.43 -41.14
C ASP C 290 -4.21 -0.38 -42.49
N GLY C 291 -3.63 -0.95 -43.53
CA GLY C 291 -4.28 -1.01 -44.85
C GLY C 291 -4.57 0.36 -45.44
N TYR C 292 -3.66 1.32 -45.25
CA TYR C 292 -3.84 2.64 -45.92
C TYR C 292 -2.51 3.05 -46.52
N PHE C 293 -2.55 3.93 -47.52
CA PHE C 293 -1.31 4.39 -48.18
C PHE C 293 -1.03 5.81 -47.72
N LYS C 294 0.20 6.06 -47.30
CA LYS C 294 0.50 7.39 -46.72
C LYS C 294 1.58 8.07 -47.53
N ILE C 295 1.37 9.35 -47.82
CA ILE C 295 2.44 10.09 -48.55
C ILE C 295 2.75 11.37 -47.80
N TYR C 296 4.03 11.61 -47.53
CA TYR C 296 4.43 12.91 -46.95
C TYR C 296 5.45 13.52 -47.90
N SER C 297 5.23 14.76 -48.29
CA SER C 297 6.09 15.36 -49.32
C SER C 297 6.53 16.77 -49.00
N LYS C 298 7.63 17.18 -49.63
CA LYS C 298 8.11 18.56 -49.47
C LYS C 298 8.83 18.98 -50.75
N HIS C 299 8.63 20.23 -51.17
CA HIS C 299 9.34 20.77 -52.36
C HIS C 299 10.28 21.84 -51.84
N THR C 300 11.55 21.75 -52.20
CA THR C 300 12.55 22.67 -51.61
C THR C 300 13.35 23.38 -52.70
N PRO C 301 13.63 24.68 -52.53
CA PRO C 301 14.43 25.38 -53.50
C PRO C 301 15.93 25.11 -53.34
N ILE C 302 16.52 24.37 -54.30
CA ILE C 302 17.98 24.11 -54.30
C ILE C 302 18.50 24.38 -55.70
N ASN C 303 19.81 24.65 -55.81
CA ASN C 303 20.43 24.94 -57.11
C ASN C 303 21.80 24.29 -57.18
N LEU C 304 22.11 23.35 -56.28
CA LEU C 304 23.48 22.78 -56.20
C LEU C 304 23.48 21.37 -56.79
N VAL C 305 24.66 20.78 -56.99
CA VAL C 305 24.71 19.49 -57.74
C VAL C 305 25.29 18.30 -56.97
N ARG C 306 24.64 17.13 -57.09
CA ARG C 306 25.21 15.86 -56.55
C ARG C 306 25.56 15.90 -55.05
N ASP C 307 24.62 16.35 -54.23
CA ASP C 307 24.86 16.32 -52.77
C ASP C 307 23.52 16.42 -52.05
N LEU C 308 23.51 16.09 -50.76
CA LEU C 308 22.29 16.28 -49.95
C LEU C 308 22.54 17.54 -49.13
N PRO C 309 21.79 18.63 -49.37
CA PRO C 309 21.97 19.85 -48.61
C PRO C 309 21.75 19.62 -47.12
N GLN C 310 22.54 20.29 -46.29
CA GLN C 310 22.30 20.20 -44.82
C GLN C 310 21.19 21.18 -44.47
N GLY C 311 19.98 20.66 -44.26
CA GLY C 311 18.84 21.53 -43.96
C GLY C 311 17.78 20.78 -43.19
N PHE C 312 16.99 21.50 -42.41
CA PHE C 312 15.91 20.84 -41.64
C PHE C 312 14.54 21.31 -42.14
N SER C 313 13.73 20.35 -42.57
CA SER C 313 12.34 20.70 -42.94
C SER C 313 11.48 19.44 -42.81
N ALA C 314 10.23 19.62 -42.39
CA ALA C 314 9.31 18.48 -42.21
C ALA C 314 8.78 18.00 -43.55
N LEU C 315 8.13 16.84 -43.54
CA LEU C 315 7.49 16.34 -44.78
C LEU C 315 5.99 16.51 -44.56
N GLU C 316 5.29 16.97 -45.59
CA GLU C 316 3.86 17.32 -45.39
C GLU C 316 2.95 16.23 -45.94
N PRO C 317 1.96 15.76 -45.16
CA PRO C 317 1.04 14.77 -45.69
C PRO C 317 0.23 15.35 -46.85
N LEU C 318 0.18 14.64 -47.96
CA LEU C 318 -0.50 15.17 -49.17
C LEU C 318 -1.65 14.26 -49.58
N VAL C 319 -1.38 12.97 -49.71
CA VAL C 319 -2.43 12.06 -50.24
C VAL C 319 -2.61 10.85 -49.34
N ASP C 320 -3.80 10.27 -49.38
CA ASP C 320 -4.06 9.01 -48.65
C ASP C 320 -4.79 8.07 -49.62
N LEU C 321 -4.36 6.82 -49.73
CA LEU C 321 -5.11 5.89 -50.58
C LEU C 321 -5.56 4.71 -49.73
N PRO C 322 -6.87 4.55 -49.49
CA PRO C 322 -7.34 3.49 -48.60
C PRO C 322 -7.37 2.15 -49.32
N ILE C 323 -6.22 1.75 -49.86
CA ILE C 323 -6.24 0.50 -50.66
C ILE C 323 -5.94 -0.70 -49.77
N GLY C 324 -4.82 -0.65 -49.05
CA GLY C 324 -4.46 -1.87 -48.31
C GLY C 324 -3.79 -2.89 -49.21
N ILE C 325 -3.18 -2.45 -50.31
CA ILE C 325 -2.43 -3.36 -51.22
C ILE C 325 -1.16 -3.90 -50.55
N ASN C 326 -0.81 -5.15 -50.79
CA ASN C 326 0.46 -5.67 -50.24
C ASN C 326 1.59 -5.09 -51.06
N ILE C 327 2.40 -4.23 -50.43
CA ILE C 327 3.53 -3.61 -51.16
C ILE C 327 4.84 -4.11 -50.59
N THR C 328 5.71 -4.67 -51.43
CA THR C 328 7.07 -5.03 -50.97
C THR C 328 8.08 -4.59 -52.03
N ARG C 329 7.63 -4.15 -53.19
CA ARG C 329 8.57 -3.85 -54.30
C ARG C 329 8.38 -2.42 -54.75
N PHE C 330 9.46 -1.79 -55.18
CA PHE C 330 9.36 -0.34 -55.48
C PHE C 330 10.06 -0.05 -56.80
N GLN C 331 9.53 0.92 -57.53
CA GLN C 331 10.12 1.24 -58.84
C GLN C 331 10.15 2.75 -59.06
N THR C 332 11.04 3.19 -59.93
CA THR C 332 11.13 4.63 -60.26
C THR C 332 11.07 4.76 -61.79
N LEU C 333 10.41 5.81 -62.28
CA LEU C 333 10.31 6.02 -63.74
C LEU C 333 10.71 7.46 -64.04
N LEU C 334 11.60 7.64 -65.02
CA LEU C 334 12.01 9.01 -65.46
C LEU C 334 11.35 9.32 -66.80
N ALA C 356 18.56 12.82 -58.96
CA ALA C 356 19.07 12.07 -57.78
C ALA C 356 18.09 10.97 -57.39
N TYR C 357 18.62 9.79 -57.08
CA TYR C 357 17.76 8.67 -56.67
C TYR C 357 18.07 8.35 -55.19
N TYR C 358 18.22 9.40 -54.37
CA TYR C 358 18.48 9.15 -52.95
C TYR C 358 17.30 8.33 -52.40
N VAL C 359 17.62 7.17 -51.84
CA VAL C 359 16.56 6.30 -51.27
C VAL C 359 16.99 5.82 -49.89
N GLY C 360 16.13 5.99 -48.90
CA GLY C 360 16.47 5.58 -47.53
C GLY C 360 15.28 4.91 -46.87
N TYR C 361 15.54 3.98 -45.96
CA TYR C 361 14.44 3.21 -45.37
C TYR C 361 14.02 3.77 -44.01
N LEU C 362 12.76 3.52 -43.67
CA LEU C 362 12.21 4.03 -42.40
C LEU C 362 12.45 2.96 -41.34
N GLN C 363 12.70 3.40 -40.11
CA GLN C 363 13.00 2.44 -39.03
C GLN C 363 12.14 2.81 -37.81
N PRO C 364 11.82 1.85 -36.93
CA PRO C 364 10.95 2.14 -35.80
C PRO C 364 11.71 2.87 -34.68
N ARG C 365 11.89 4.19 -34.82
CA ARG C 365 12.70 4.94 -33.83
C ARG C 365 11.90 6.08 -33.22
N THR C 366 12.20 6.41 -31.96
CA THR C 366 11.47 7.50 -31.26
C THR C 366 12.21 8.82 -31.41
N PHE C 367 11.48 9.90 -31.62
CA PHE C 367 12.10 11.23 -31.77
C PHE C 367 11.45 12.26 -30.82
N LEU C 368 12.20 13.30 -30.48
CA LEU C 368 11.61 14.39 -29.67
C LEU C 368 11.31 15.54 -30.60
N LEU C 369 10.05 15.66 -31.01
CA LEU C 369 9.69 16.71 -31.99
C LEU C 369 9.71 18.05 -31.30
N LYS C 370 9.92 19.11 -32.07
CA LYS C 370 9.80 20.44 -31.45
C LYS C 370 8.73 21.21 -32.22
N TYR C 371 7.76 21.77 -31.50
CA TYR C 371 6.72 22.59 -32.18
C TYR C 371 6.87 24.05 -31.79
N ASN C 372 6.83 24.95 -32.78
CA ASN C 372 6.91 26.40 -32.51
C ASN C 372 5.50 26.96 -32.33
N GLU C 373 5.39 28.28 -32.21
CA GLU C 373 4.06 28.92 -32.02
C GLU C 373 3.24 28.82 -33.29
N ASN C 374 3.89 28.94 -34.43
CA ASN C 374 3.20 28.83 -35.74
C ASN C 374 2.79 27.37 -36.02
N GLY C 375 3.32 26.41 -35.27
CA GLY C 375 2.91 25.00 -35.41
C GLY C 375 3.81 24.23 -36.34
N THR C 376 4.79 24.88 -36.95
CA THR C 376 5.76 24.19 -37.84
C THR C 376 6.77 23.45 -36.97
N ILE C 377 7.19 22.27 -37.41
CA ILE C 377 8.20 21.52 -36.62
C ILE C 377 9.52 22.28 -36.74
N THR C 378 10.04 22.75 -35.61
CA THR C 378 11.23 23.61 -35.65
C THR C 378 12.52 22.80 -35.56
N ASP C 379 12.50 21.73 -34.78
CA ASP C 379 13.72 20.92 -34.60
C ASP C 379 13.32 19.54 -34.13
N ALA C 380 14.23 18.59 -34.26
CA ALA C 380 13.90 17.22 -33.84
C ALA C 380 15.17 16.54 -33.36
N VAL C 381 14.99 15.52 -32.53
CA VAL C 381 16.16 14.78 -32.03
C VAL C 381 15.94 13.30 -32.26
N ASP C 382 16.88 12.64 -32.95
CA ASP C 382 16.80 11.17 -33.06
C ASP C 382 17.22 10.68 -31.68
N CYS C 383 16.47 9.74 -31.12
CA CYS C 383 16.76 9.35 -29.72
C CYS C 383 17.86 8.29 -29.61
N ALA C 384 18.29 7.71 -30.72
CA ALA C 384 19.40 6.73 -30.65
C ALA C 384 20.63 7.22 -31.41
N LEU C 385 20.72 8.51 -31.69
CA LEU C 385 21.95 9.02 -32.33
C LEU C 385 23.13 8.99 -31.38
N ASP C 386 22.95 9.45 -30.14
CA ASP C 386 24.10 9.53 -29.21
C ASP C 386 23.58 9.67 -27.79
N PRO C 387 24.41 9.47 -26.76
CA PRO C 387 23.96 9.63 -25.38
C PRO C 387 23.35 11.01 -25.09
N LEU C 388 23.85 12.05 -25.73
CA LEU C 388 23.24 13.37 -25.51
C LEU C 388 21.79 13.34 -26.00
N SER C 389 21.52 12.63 -27.09
CA SER C 389 20.12 12.50 -27.54
C SER C 389 19.33 11.80 -26.45
N GLU C 390 19.94 10.83 -25.78
CA GLU C 390 19.22 10.07 -24.73
C GLU C 390 18.86 11.06 -23.62
N THR C 391 19.80 11.92 -23.28
CA THR C 391 19.54 12.89 -22.19
C THR C 391 18.40 13.83 -22.61
N LYS C 392 18.44 14.30 -23.85
CA LYS C 392 17.38 15.21 -24.35
C LYS C 392 16.04 14.48 -24.33
N CYS C 393 16.03 13.22 -24.72
CA CYS C 393 14.75 12.50 -24.76
C CYS C 393 14.20 12.37 -23.35
N THR C 394 15.06 12.03 -22.38
CA THR C 394 14.54 11.78 -21.02
C THR C 394 14.07 13.08 -20.41
N LEU C 395 14.83 14.15 -20.57
CA LEU C 395 14.45 15.40 -19.89
C LEU C 395 13.41 16.15 -20.71
N LYS C 396 13.07 15.68 -21.91
CA LYS C 396 12.14 16.41 -22.80
C LYS C 396 12.61 17.86 -23.01
N SER C 397 13.88 18.03 -23.38
CA SER C 397 14.43 19.39 -23.59
C SER C 397 15.49 19.38 -24.67
N PHE C 398 15.68 20.48 -25.36
CA PHE C 398 16.77 20.59 -26.35
C PHE C 398 18.00 21.19 -25.68
N THR C 399 17.85 21.62 -24.43
CA THR C 399 19.02 22.13 -23.66
C THR C 399 19.09 21.36 -22.35
N VAL C 400 20.26 20.83 -22.02
CA VAL C 400 20.42 20.11 -20.73
C VAL C 400 21.62 20.69 -20.03
N GLU C 401 21.47 20.98 -18.75
CA GLU C 401 22.54 21.66 -18.00
C GLU C 401 23.51 20.66 -17.41
N LYS C 402 24.48 21.17 -16.69
CA LYS C 402 25.51 20.31 -16.07
C LYS C 402 24.84 19.34 -15.10
N GLY C 403 25.31 18.10 -15.11
CA GLY C 403 24.77 17.10 -14.18
C GLY C 403 25.00 15.69 -14.68
N ILE C 404 24.67 14.71 -13.84
CA ILE C 404 24.76 13.28 -14.27
C ILE C 404 23.33 12.80 -14.40
N TYR C 405 22.94 12.34 -15.58
CA TYR C 405 21.53 12.04 -15.81
C TYR C 405 21.35 10.58 -16.18
N GLN C 406 20.69 9.84 -15.29
CA GLN C 406 20.54 8.40 -15.51
C GLN C 406 19.41 8.24 -16.50
N THR C 407 19.74 7.73 -17.67
CA THR C 407 18.69 7.64 -18.71
C THR C 407 18.29 6.22 -19.03
N SER C 408 19.23 5.34 -19.38
CA SER C 408 18.83 4.02 -19.91
C SER C 408 19.29 2.90 -19.03
N ASN C 409 18.49 1.83 -18.98
CA ASN C 409 18.92 0.63 -18.23
C ASN C 409 19.86 -0.16 -19.11
N PHE C 410 20.52 -1.14 -18.51
CA PHE C 410 21.57 -1.85 -19.24
C PHE C 410 21.44 -3.35 -18.97
N ARG C 411 21.19 -4.10 -20.03
CA ARG C 411 20.91 -5.52 -19.82
C ARG C 411 21.80 -6.36 -20.70
N VAL C 412 22.46 -7.35 -20.11
CA VAL C 412 23.23 -8.29 -20.96
C VAL C 412 22.24 -9.36 -21.42
N GLN C 413 22.43 -9.86 -22.62
CA GLN C 413 21.47 -10.84 -23.15
C GLN C 413 22.15 -12.19 -23.23
N PRO C 414 21.40 -13.30 -23.11
CA PRO C 414 22.01 -14.60 -23.25
C PRO C 414 22.57 -14.80 -24.66
N THR C 415 23.86 -15.16 -24.72
CA THR C 415 24.50 -15.40 -26.04
C THR C 415 23.82 -16.61 -26.69
N GLU C 416 23.51 -17.62 -25.87
CA GLU C 416 22.83 -18.84 -26.37
C GLU C 416 21.94 -19.35 -25.24
N SER C 417 21.44 -20.58 -25.35
CA SER C 417 20.68 -21.19 -24.25
C SER C 417 21.16 -22.62 -24.06
N ILE C 418 21.09 -23.14 -22.83
CA ILE C 418 21.50 -24.55 -22.58
C ILE C 418 20.43 -25.27 -21.77
N VAL C 419 20.43 -26.60 -21.87
CA VAL C 419 19.50 -27.44 -21.06
C VAL C 419 20.30 -28.65 -20.58
N ARG C 420 20.03 -29.10 -19.36
CA ARG C 420 20.72 -30.28 -18.81
C ARG C 420 19.66 -31.28 -18.36
N PHE C 421 20.07 -32.51 -18.08
CA PHE C 421 19.10 -33.56 -17.72
C PHE C 421 19.79 -34.61 -16.86
N PRO C 422 19.04 -35.45 -16.10
CA PRO C 422 19.68 -36.34 -15.13
C PRO C 422 20.65 -37.38 -15.69
N ASN C 423 20.28 -38.06 -16.76
CA ASN C 423 21.13 -39.16 -17.26
C ASN C 423 20.88 -39.31 -18.76
N ILE C 424 21.60 -40.22 -19.42
CA ILE C 424 21.26 -40.50 -20.84
C ILE C 424 19.87 -41.17 -20.92
N THR C 425 19.63 -42.29 -20.22
CA THR C 425 18.34 -43.02 -20.33
C THR C 425 18.27 -44.32 -19.52
N ASN C 426 17.07 -44.72 -19.06
CA ASN C 426 16.84 -46.06 -18.45
C ASN C 426 15.64 -46.56 -19.24
N LEU C 427 15.86 -46.95 -20.49
CA LEU C 427 14.73 -47.32 -21.40
C LEU C 427 14.12 -48.65 -21.01
N CYS C 428 12.94 -48.92 -21.53
CA CYS C 428 12.30 -50.23 -21.29
C CYS C 428 13.01 -51.32 -22.08
N PRO C 429 12.75 -52.62 -21.80
CA PRO C 429 13.23 -53.67 -22.70
C PRO C 429 12.16 -53.83 -23.80
N PHE C 430 12.00 -52.84 -24.68
CA PHE C 430 11.04 -52.96 -25.79
C PHE C 430 11.49 -54.11 -26.70
N GLY C 431 12.78 -54.44 -26.71
CA GLY C 431 13.26 -55.57 -27.51
C GLY C 431 12.59 -56.84 -27.08
N GLU C 432 12.31 -56.97 -25.77
CA GLU C 432 11.73 -58.24 -25.27
C GLU C 432 10.36 -58.50 -25.91
N VAL C 433 9.50 -57.48 -25.94
CA VAL C 433 8.15 -57.68 -26.51
C VAL C 433 8.22 -57.38 -28.03
N PHE C 434 9.41 -57.03 -28.53
CA PHE C 434 9.51 -56.66 -29.96
C PHE C 434 10.05 -57.82 -30.81
N ASN C 435 11.19 -58.39 -30.42
CA ASN C 435 11.78 -59.49 -31.22
C ASN C 435 10.84 -60.71 -31.20
N ALA C 436 10.37 -61.14 -30.02
CA ALA C 436 9.36 -62.23 -29.94
C ALA C 436 9.71 -63.46 -30.78
N THR C 437 10.91 -64.03 -30.61
CA THR C 437 11.21 -65.32 -31.29
C THR C 437 10.26 -66.38 -30.74
N ARG C 438 10.03 -66.41 -29.41
CA ARG C 438 9.01 -67.31 -28.81
C ARG C 438 7.71 -66.53 -28.87
N PHE C 439 7.07 -66.50 -30.03
CA PHE C 439 5.92 -65.59 -30.22
C PHE C 439 4.73 -65.90 -29.35
N ALA C 440 3.87 -64.89 -29.17
CA ALA C 440 2.66 -65.05 -28.34
C ALA C 440 1.57 -65.89 -29.01
N SER C 441 0.61 -66.34 -28.21
CA SER C 441 -0.50 -67.15 -28.75
C SER C 441 -1.70 -66.23 -28.97
N VAL C 442 -2.31 -66.31 -30.15
CA VAL C 442 -3.47 -65.45 -30.48
C VAL C 442 -4.67 -65.84 -29.62
N TYR C 443 -4.75 -67.08 -29.15
CA TYR C 443 -5.97 -67.55 -28.42
C TYR C 443 -6.18 -66.66 -27.21
N ALA C 444 -5.10 -66.33 -26.49
CA ALA C 444 -5.16 -65.36 -25.38
C ALA C 444 -4.07 -64.33 -25.69
N TRP C 445 -4.46 -63.22 -26.32
CA TRP C 445 -3.43 -62.26 -26.79
C TRP C 445 -2.64 -61.71 -25.61
N ASN C 446 -1.32 -61.77 -25.74
CA ASN C 446 -0.46 -61.40 -24.60
C ASN C 446 -0.55 -59.90 -24.37
N ARG C 447 -1.01 -59.52 -23.17
CA ARG C 447 -1.11 -58.08 -22.83
C ARG C 447 0.04 -57.77 -21.88
N LYS C 448 0.85 -56.78 -22.26
CA LYS C 448 2.06 -56.48 -21.46
C LYS C 448 1.90 -55.10 -20.86
N ARG C 449 2.14 -54.99 -19.55
CA ARG C 449 2.04 -53.68 -18.89
C ARG C 449 3.44 -53.08 -18.88
N ILE C 450 3.54 -51.85 -19.37
CA ILE C 450 4.86 -51.16 -19.34
C ILE C 450 4.73 -49.88 -18.53
N SER C 451 5.63 -49.66 -17.57
CA SER C 451 5.63 -48.39 -16.82
C SER C 451 7.04 -48.07 -16.32
N ASN C 452 7.29 -46.83 -15.91
CA ASN C 452 8.60 -46.46 -15.33
C ASN C 452 9.77 -46.73 -16.28
N CYS C 453 9.80 -46.02 -17.40
CA CYS C 453 10.96 -46.13 -18.32
C CYS C 453 11.16 -44.79 -18.99
N VAL C 454 12.02 -44.75 -20.00
CA VAL C 454 12.13 -43.53 -20.86
C VAL C 454 11.93 -44.15 -22.23
N ALA C 455 10.73 -43.98 -22.80
CA ALA C 455 10.38 -44.70 -24.04
C ALA C 455 11.40 -44.51 -25.16
N ASP C 456 11.78 -45.62 -25.78
CA ASP C 456 12.71 -45.56 -26.93
C ASP C 456 11.85 -45.35 -28.16
N TYR C 457 11.04 -44.30 -28.17
CA TYR C 457 10.11 -44.05 -29.28
C TYR C 457 10.95 -43.86 -30.54
N SER C 458 12.11 -43.23 -30.39
CA SER C 458 13.03 -43.02 -31.54
C SER C 458 13.52 -44.35 -32.13
N VAL C 459 13.69 -45.38 -31.30
CA VAL C 459 14.31 -46.65 -31.80
C VAL C 459 13.53 -47.25 -32.96
N LEU C 460 12.21 -47.36 -32.84
CA LEU C 460 11.39 -47.86 -33.98
C LEU C 460 10.64 -46.70 -34.62
N TYR C 461 10.91 -45.46 -34.23
CA TYR C 461 10.27 -44.31 -34.93
C TYR C 461 11.24 -43.73 -35.94
N ASN C 462 12.52 -43.71 -35.59
CA ASN C 462 13.53 -43.10 -36.49
C ASN C 462 14.18 -44.23 -37.28
N SER C 463 13.59 -45.42 -37.23
CA SER C 463 14.20 -46.59 -37.92
C SER C 463 14.14 -46.50 -39.44
N ALA C 464 12.95 -46.27 -40.00
CA ALA C 464 12.77 -46.25 -41.48
C ALA C 464 13.14 -47.64 -42.02
N SER C 465 13.21 -48.64 -41.14
CA SER C 465 13.58 -50.03 -41.50
C SER C 465 12.52 -50.94 -40.91
N PHE C 466 11.27 -50.48 -40.91
CA PHE C 466 10.19 -51.25 -40.24
C PHE C 466 9.19 -51.70 -41.30
N SER C 467 8.68 -52.92 -41.18
CA SER C 467 7.76 -53.49 -42.18
C SER C 467 6.33 -52.94 -42.13
N THR C 468 5.77 -52.87 -40.93
CA THR C 468 4.34 -52.44 -40.84
C THR C 468 4.20 -51.33 -39.82
N PHE C 469 4.10 -50.06 -40.25
CA PHE C 469 3.78 -49.00 -39.26
C PHE C 469 2.66 -48.09 -39.76
N LYS C 470 1.80 -47.80 -38.85
CA LYS C 470 0.65 -47.00 -39.28
C LYS C 470 -0.01 -46.56 -37.98
N CYS C 471 0.33 -45.38 -37.45
CA CYS C 471 -0.27 -45.03 -36.13
C CYS C 471 -1.50 -44.15 -36.32
N TYR C 472 -2.55 -44.50 -35.60
CA TYR C 472 -3.80 -43.73 -35.70
C TYR C 472 -4.06 -43.05 -34.36
N GLY C 473 -4.32 -41.76 -34.39
CA GLY C 473 -4.68 -41.03 -33.17
C GLY C 473 -3.51 -40.27 -32.59
N VAL C 474 -2.27 -40.67 -32.90
CA VAL C 474 -1.12 -39.83 -32.43
C VAL C 474 -0.05 -39.77 -33.51
N SER C 475 0.45 -38.59 -33.88
CA SER C 475 1.44 -38.40 -34.96
C SER C 475 2.71 -39.19 -34.73
N PRO C 476 3.37 -39.69 -35.79
CA PRO C 476 4.48 -40.61 -35.60
C PRO C 476 5.75 -39.78 -35.44
N THR C 477 5.63 -38.46 -35.58
CA THR C 477 6.82 -37.59 -35.62
C THR C 477 7.21 -37.17 -34.22
N LYS C 478 6.26 -36.65 -33.44
CA LYS C 478 6.59 -36.10 -32.11
C LYS C 478 6.27 -37.14 -31.05
N LEU C 479 6.24 -38.42 -31.42
CA LEU C 479 6.00 -39.49 -30.43
C LEU C 479 7.14 -39.50 -29.40
N ASN C 480 8.32 -38.98 -29.76
CA ASN C 480 9.51 -39.07 -28.85
C ASN C 480 9.50 -38.00 -27.76
N ASP C 481 8.51 -37.10 -27.78
CA ASP C 481 8.48 -36.01 -26.78
C ASP C 481 7.20 -36.09 -25.95
N LEU C 482 6.73 -37.29 -25.60
CA LEU C 482 5.43 -37.36 -24.90
C LEU C 482 5.52 -38.23 -23.65
N CYS C 483 4.67 -37.95 -22.67
CA CYS C 483 4.67 -38.72 -21.40
C CYS C 483 3.30 -39.35 -21.13
N PHE C 484 3.28 -40.66 -20.88
CA PHE C 484 2.01 -41.39 -20.65
C PHE C 484 2.14 -42.30 -19.44
N THR C 485 1.00 -42.68 -18.87
CA THR C 485 1.04 -43.45 -17.60
C THR C 485 1.38 -44.93 -17.77
N ASN C 486 0.56 -45.67 -18.54
CA ASN C 486 0.80 -47.13 -18.66
C ASN C 486 0.74 -47.53 -20.13
N VAL C 487 1.83 -48.12 -20.62
CA VAL C 487 1.88 -48.53 -22.04
C VAL C 487 1.54 -50.01 -22.14
N TYR C 488 0.51 -50.32 -22.94
CA TYR C 488 0.16 -51.74 -23.17
C TYR C 488 0.57 -52.14 -24.59
N ALA C 489 1.60 -52.97 -24.70
CA ALA C 489 2.01 -53.49 -26.01
C ALA C 489 1.48 -54.91 -26.13
N ASP C 490 0.69 -55.16 -27.18
CA ASP C 490 0.10 -56.50 -27.38
C ASP C 490 0.79 -57.18 -28.57
N SER C 491 1.53 -58.27 -28.29
CA SER C 491 2.10 -59.02 -29.44
C SER C 491 0.96 -59.89 -29.97
N PHE C 492 0.43 -59.52 -31.13
CA PHE C 492 -0.73 -60.23 -31.70
C PHE C 492 -0.34 -60.96 -32.98
N VAL C 493 -1.11 -62.00 -33.31
CA VAL C 493 -0.80 -62.84 -34.49
C VAL C 493 -1.66 -62.38 -35.66
N ILE C 494 -1.02 -62.13 -36.80
CA ILE C 494 -1.76 -61.68 -38.00
C ILE C 494 -1.22 -62.45 -39.19
N ARG C 495 -1.95 -62.38 -40.30
CA ARG C 495 -1.56 -63.19 -41.47
C ARG C 495 -1.32 -62.27 -42.66
N GLY C 496 -1.10 -62.88 -43.82
CA GLY C 496 -0.90 -62.09 -45.03
C GLY C 496 -2.12 -61.26 -45.31
N ASP C 497 -3.33 -61.78 -45.26
CA ASP C 497 -4.51 -60.94 -45.63
C ASP C 497 -5.11 -60.30 -44.38
N GLU C 498 -4.99 -60.95 -43.22
CA GLU C 498 -5.66 -60.42 -42.01
C GLU C 498 -4.79 -59.39 -41.32
N VAL C 499 -3.71 -58.93 -41.99
CA VAL C 499 -2.77 -57.99 -41.31
C VAL C 499 -3.51 -56.71 -40.91
N ARG C 500 -4.30 -56.14 -41.81
CA ARG C 500 -4.96 -54.85 -41.50
C ARG C 500 -6.38 -55.12 -40.97
N GLN C 501 -6.79 -56.39 -40.92
CA GLN C 501 -8.16 -56.74 -40.46
C GLN C 501 -8.33 -56.32 -38.99
N ILE C 502 -7.32 -56.55 -38.16
CA ILE C 502 -7.43 -56.24 -36.72
C ILE C 502 -7.05 -54.78 -36.52
N ALA C 503 -7.95 -53.85 -36.85
CA ALA C 503 -7.69 -52.41 -36.63
C ALA C 503 -9.01 -51.66 -36.76
N PRO C 504 -9.15 -50.40 -36.28
CA PRO C 504 -10.39 -49.67 -36.46
C PRO C 504 -10.64 -49.46 -37.97
N GLY C 505 -11.89 -49.66 -38.42
CA GLY C 505 -12.23 -49.53 -39.85
C GLY C 505 -12.28 -50.86 -40.59
N GLN C 506 -11.76 -51.93 -39.98
CA GLN C 506 -11.81 -53.28 -40.61
C GLN C 506 -12.29 -54.34 -39.60
N THR C 507 -13.24 -55.20 -39.99
CA THR C 507 -13.65 -56.34 -39.11
C THR C 507 -13.02 -57.61 -39.69
N GLY C 508 -13.05 -58.70 -38.92
CA GLY C 508 -12.46 -59.97 -39.39
C GLY C 508 -12.39 -61.01 -38.29
N LYS C 509 -11.90 -62.21 -38.61
CA LYS C 509 -11.83 -63.31 -37.63
C LYS C 509 -10.89 -62.97 -36.48
N ILE C 510 -9.68 -62.51 -36.80
CA ILE C 510 -8.73 -62.07 -35.76
C ILE C 510 -9.34 -60.87 -35.04
N ALA C 511 -9.98 -59.98 -35.79
CA ALA C 511 -10.65 -58.83 -35.14
C ALA C 511 -11.79 -59.32 -34.23
N ASP C 512 -12.65 -60.19 -34.73
CA ASP C 512 -13.83 -60.59 -33.91
C ASP C 512 -13.45 -61.41 -32.67
N TYR C 513 -12.60 -62.42 -32.83
CA TYR C 513 -12.36 -63.35 -31.70
C TYR C 513 -11.24 -62.94 -30.75
N ASN C 514 -10.06 -62.68 -31.28
CA ASN C 514 -8.93 -62.46 -30.36
C ASN C 514 -8.88 -61.00 -29.93
N TYR C 515 -8.55 -60.10 -30.86
CA TYR C 515 -8.37 -58.68 -30.46
C TYR C 515 -9.26 -57.81 -31.34
N LYS C 516 -10.21 -57.12 -30.72
CA LYS C 516 -11.12 -56.24 -31.49
C LYS C 516 -10.76 -54.79 -31.19
N LEU C 517 -10.42 -54.04 -32.24
CA LEU C 517 -10.08 -52.62 -32.04
C LEU C 517 -11.33 -51.80 -31.76
N PRO C 518 -11.26 -50.79 -30.88
CA PRO C 518 -12.39 -49.91 -30.64
C PRO C 518 -12.61 -48.90 -31.76
N ASP C 519 -13.69 -48.11 -31.64
CA ASP C 519 -14.02 -47.05 -32.62
C ASP C 519 -13.02 -45.88 -32.58
N ASP C 520 -12.45 -45.61 -31.41
CA ASP C 520 -11.50 -44.47 -31.28
C ASP C 520 -10.24 -44.94 -30.55
N PHE C 521 -9.61 -45.96 -31.11
CA PHE C 521 -8.34 -46.43 -30.52
C PHE C 521 -7.27 -45.34 -30.62
N THR C 522 -6.54 -45.09 -29.53
CA THR C 522 -5.40 -44.14 -29.59
C THR C 522 -4.13 -44.98 -29.50
N GLY C 523 -3.59 -45.38 -30.65
CA GLY C 523 -2.43 -46.30 -30.62
C GLY C 523 -1.83 -46.51 -31.99
N CYS C 524 -0.80 -47.34 -32.06
CA CYS C 524 -0.09 -47.52 -33.35
C CYS C 524 -0.11 -49.00 -33.78
N VAL C 525 0.19 -49.27 -35.06
CA VAL C 525 0.33 -50.68 -35.53
C VAL C 525 1.81 -50.92 -35.83
N ILE C 526 2.45 -51.89 -35.19
CA ILE C 526 3.89 -52.20 -35.47
C ILE C 526 4.02 -53.70 -35.70
N ALA C 527 4.59 -54.10 -36.83
CA ALA C 527 4.71 -55.54 -37.14
C ALA C 527 5.93 -55.84 -38.02
N TRP C 528 6.70 -56.86 -37.64
CA TRP C 528 7.83 -57.31 -38.49
C TRP C 528 7.21 -58.23 -39.54
N ASN C 529 7.22 -57.82 -40.82
CA ASN C 529 6.52 -58.65 -41.82
C ASN C 529 7.51 -59.49 -42.63
N SER C 530 7.81 -60.72 -42.17
CA SER C 530 8.65 -61.65 -42.97
C SER C 530 8.26 -63.08 -42.56
N ASN C 531 8.27 -64.02 -43.50
CA ASN C 531 7.93 -65.43 -43.17
C ASN C 531 9.19 -66.28 -43.00
N ASN C 532 10.33 -65.76 -43.43
CA ASN C 532 11.61 -66.49 -43.22
C ASN C 532 11.84 -66.68 -41.73
N LEU C 533 11.41 -65.70 -40.91
CA LEU C 533 11.54 -65.83 -39.43
C LEU C 533 10.21 -66.23 -38.78
N ASP C 534 9.09 -65.74 -39.30
CA ASP C 534 7.78 -65.97 -38.62
C ASP C 534 7.47 -67.46 -38.54
N SER C 535 7.89 -68.24 -39.54
CA SER C 535 7.61 -69.69 -39.56
C SER C 535 8.89 -70.51 -39.52
N LYS C 536 8.77 -71.82 -39.30
CA LYS C 536 9.95 -72.72 -39.33
C LYS C 536 10.01 -73.48 -40.68
N VAL C 537 11.17 -74.07 -40.97
CA VAL C 537 11.28 -74.90 -42.20
C VAL C 537 10.46 -76.17 -42.01
N GLY C 538 9.58 -76.46 -42.97
CA GLY C 538 8.70 -77.64 -42.89
C GLY C 538 7.32 -77.29 -42.38
N GLY C 539 7.15 -76.13 -41.74
CA GLY C 539 5.81 -75.68 -41.32
C GLY C 539 5.68 -75.31 -39.85
N ASN C 540 5.07 -74.15 -39.58
CA ASN C 540 4.82 -73.75 -38.17
C ASN C 540 3.41 -74.16 -37.72
N TYR C 541 3.18 -75.44 -37.49
CA TYR C 541 1.82 -75.89 -37.11
C TYR C 541 1.43 -75.44 -35.70
N ASN C 542 2.41 -75.17 -34.82
CA ASN C 542 2.12 -74.85 -33.40
C ASN C 542 1.21 -73.63 -33.30
N TYR C 543 1.36 -72.67 -34.22
CA TYR C 543 0.54 -71.44 -34.20
C TYR C 543 -0.94 -71.79 -34.36
N LEU C 544 -1.83 -71.08 -33.67
CA LEU C 544 -3.29 -71.33 -33.80
C LEU C 544 -4.09 -70.01 -33.86
N TYR C 545 -5.07 -69.91 -34.76
CA TYR C 545 -5.94 -68.71 -34.89
C TYR C 545 -7.36 -69.07 -34.44
N ARG C 546 -8.00 -68.23 -33.63
CA ARG C 546 -9.33 -68.60 -33.06
C ARG C 546 -10.38 -68.74 -34.15
N LEU C 547 -11.03 -69.91 -34.21
CA LEU C 547 -12.02 -70.19 -35.28
C LEU C 547 -13.41 -70.49 -34.68
N PHE C 548 -13.47 -71.36 -33.66
CA PHE C 548 -14.77 -71.66 -33.00
C PHE C 548 -14.98 -70.69 -31.84
N ARG C 549 -15.03 -69.40 -32.14
CA ARG C 549 -15.22 -68.35 -31.10
C ARG C 549 -16.28 -67.36 -31.58
N PRO C 583 -11.15 -74.10 -29.97
CA PRO C 583 -11.79 -72.98 -30.66
C PRO C 583 -10.74 -72.27 -31.52
N LEU C 584 -9.46 -72.64 -31.36
CA LEU C 584 -8.38 -72.09 -32.22
C LEU C 584 -8.04 -73.04 -33.37
N GLN C 585 -8.07 -72.54 -34.61
CA GLN C 585 -7.64 -73.32 -35.79
C GLN C 585 -6.12 -73.15 -35.96
N SER C 586 -5.41 -74.23 -36.20
CA SER C 586 -3.93 -74.16 -36.24
C SER C 586 -3.45 -73.26 -37.38
N TYR C 587 -2.62 -72.28 -37.05
CA TYR C 587 -2.02 -71.39 -38.09
C TYR C 587 -0.75 -72.08 -38.61
N GLY C 588 -0.94 -73.18 -39.35
CA GLY C 588 0.21 -73.95 -39.83
C GLY C 588 0.77 -73.36 -41.11
N PHE C 589 1.52 -72.27 -40.96
CA PHE C 589 2.14 -71.64 -42.13
C PHE C 589 3.22 -72.58 -42.68
N GLN C 590 3.23 -72.76 -44.00
CA GLN C 590 4.26 -73.60 -44.65
C GLN C 590 5.61 -72.87 -44.61
N PRO C 591 6.74 -73.56 -44.81
CA PRO C 591 8.05 -72.89 -44.86
C PRO C 591 8.14 -71.87 -46.01
N THR C 592 7.56 -72.19 -47.16
CA THR C 592 7.56 -71.27 -48.32
C THR C 592 6.15 -70.70 -48.48
N ASN C 593 5.44 -70.49 -47.37
CA ASN C 593 4.02 -70.07 -47.44
C ASN C 593 3.90 -68.76 -48.22
N GLY C 594 2.79 -68.60 -48.94
CA GLY C 594 2.63 -67.41 -49.79
C GLY C 594 2.47 -66.12 -49.01
N VAL C 595 2.72 -64.99 -49.67
CA VAL C 595 2.63 -63.68 -48.98
C VAL C 595 1.21 -63.52 -48.42
N GLY C 596 0.19 -63.97 -49.13
CA GLY C 596 -1.19 -63.78 -48.68
C GLY C 596 -1.51 -64.64 -47.46
N TYR C 597 -0.63 -65.60 -47.12
CA TYR C 597 -0.83 -66.47 -45.93
C TYR C 597 0.30 -66.30 -44.91
N GLN C 598 1.28 -65.45 -45.19
CA GLN C 598 2.46 -65.36 -44.28
C GLN C 598 2.07 -64.75 -42.94
N PRO C 599 2.52 -65.33 -41.80
CA PRO C 599 2.30 -64.69 -40.50
C PRO C 599 3.28 -63.52 -40.30
N TYR C 600 2.88 -62.53 -39.51
CA TYR C 600 3.80 -61.41 -39.18
C TYR C 600 3.53 -61.00 -37.73
N ARG C 601 4.57 -60.94 -36.90
CA ARG C 601 4.30 -60.66 -35.47
C ARG C 601 3.72 -59.26 -35.40
N VAL C 602 2.50 -59.13 -34.88
CA VAL C 602 1.84 -57.80 -34.90
C VAL C 602 1.84 -57.22 -33.49
N VAL C 603 2.32 -55.99 -33.33
CA VAL C 603 2.44 -55.37 -31.98
C VAL C 603 1.74 -54.02 -32.04
N VAL C 604 0.95 -53.71 -31.00
CA VAL C 604 0.23 -52.41 -30.96
C VAL C 604 0.36 -51.85 -29.55
N LEU C 605 0.67 -50.56 -29.42
CA LEU C 605 0.92 -49.96 -28.06
C LEU C 605 -0.23 -49.02 -27.69
N SER C 606 -0.86 -49.26 -26.52
CA SER C 606 -1.94 -48.36 -26.04
C SER C 606 -1.48 -47.69 -24.74
N PHE C 607 -1.68 -46.37 -24.62
CA PHE C 607 -1.15 -45.62 -23.45
C PHE C 607 -2.29 -45.16 -22.56
N GLU C 608 -2.02 -45.08 -21.25
CA GLU C 608 -3.10 -44.78 -20.28
C GLU C 608 -2.83 -43.49 -19.51
N LEU C 609 -3.83 -42.99 -18.80
CA LEU C 609 -3.67 -41.82 -17.91
C LEU C 609 -4.36 -42.22 -16.62
N LEU C 610 -3.69 -42.97 -15.77
CA LEU C 610 -4.36 -43.51 -14.55
C LEU C 610 -4.03 -42.61 -13.34
N HIS C 611 -4.54 -42.97 -12.16
CA HIS C 611 -4.29 -42.15 -10.96
C HIS C 611 -2.90 -42.56 -10.44
N ALA C 612 -1.91 -42.56 -11.32
CA ALA C 612 -0.53 -42.92 -10.93
C ALA C 612 0.41 -42.07 -11.76
N PRO C 613 1.63 -41.74 -11.28
CA PRO C 613 2.51 -40.86 -12.03
C PRO C 613 2.83 -41.41 -13.42
N ALA C 614 2.69 -40.56 -14.44
CA ALA C 614 3.03 -40.99 -15.81
C ALA C 614 4.55 -41.07 -15.91
N THR C 615 5.08 -42.26 -16.17
CA THR C 615 6.55 -42.41 -16.17
C THR C 615 6.99 -42.93 -17.53
N VAL C 616 6.05 -43.36 -18.36
CA VAL C 616 6.45 -43.78 -19.73
C VAL C 616 6.65 -42.47 -20.48
N CYS C 617 7.90 -42.04 -20.59
CA CYS C 617 8.17 -40.71 -21.17
C CYS C 617 9.22 -40.80 -22.28
N GLY C 618 9.30 -39.76 -23.10
CA GLY C 618 10.31 -39.74 -24.17
C GLY C 618 11.68 -39.49 -23.58
N PRO C 619 12.77 -39.74 -24.33
CA PRO C 619 14.10 -39.41 -23.82
C PRO C 619 14.23 -37.87 -23.72
N LYS C 620 15.09 -37.40 -22.82
CA LYS C 620 15.25 -35.94 -22.63
C LYS C 620 16.58 -35.49 -23.25
N LYS C 621 16.51 -34.51 -24.15
CA LYS C 621 17.74 -34.03 -24.84
C LYS C 621 18.49 -33.10 -23.90
N SER C 622 19.77 -33.36 -23.70
CA SER C 622 20.57 -32.51 -22.80
C SER C 622 21.63 -31.79 -23.62
N THR C 623 21.72 -30.47 -23.48
CA THR C 623 22.73 -29.69 -24.20
C THR C 623 24.03 -29.72 -23.41
N ASN C 624 25.04 -29.03 -23.90
CA ASN C 624 26.34 -29.01 -23.20
C ASN C 624 26.32 -27.97 -22.07
N LEU C 625 27.12 -28.21 -21.04
CA LEU C 625 27.22 -27.23 -19.92
C LEU C 625 28.27 -26.17 -20.30
N VAL C 626 27.80 -24.99 -20.69
CA VAL C 626 28.72 -23.90 -21.08
C VAL C 626 28.81 -22.93 -19.92
N LYS C 627 30.00 -22.72 -19.38
CA LYS C 627 30.13 -21.89 -18.15
C LYS C 627 30.77 -20.55 -18.48
N ASN C 628 30.83 -19.67 -17.49
CA ASN C 628 31.51 -18.37 -17.67
C ASN C 628 30.91 -17.57 -18.82
N LYS C 629 29.58 -17.59 -18.95
CA LYS C 629 28.89 -16.77 -19.98
C LYS C 629 27.45 -16.51 -19.55
N CYS C 630 26.84 -15.47 -20.11
CA CYS C 630 25.41 -15.21 -19.77
C CYS C 630 24.59 -16.11 -20.69
N VAL C 631 23.85 -17.04 -20.10
CA VAL C 631 23.11 -18.03 -20.92
C VAL C 631 21.75 -18.28 -20.28
N ASN C 632 20.80 -18.78 -21.07
CA ASN C 632 19.50 -19.18 -20.50
C ASN C 632 19.56 -20.68 -20.28
N PHE C 633 19.47 -21.11 -19.02
CA PHE C 633 19.66 -22.55 -18.72
C PHE C 633 18.34 -23.22 -18.36
N ASN C 634 18.29 -24.55 -18.42
CA ASN C 634 17.09 -25.29 -17.97
C ASN C 634 17.60 -26.56 -17.28
N PHE C 635 17.77 -26.50 -15.96
CA PHE C 635 18.33 -27.65 -15.20
C PHE C 635 17.20 -28.45 -14.58
N ASN C 636 16.72 -29.44 -15.32
CA ASN C 636 15.63 -30.31 -14.81
C ASN C 636 14.43 -29.47 -14.38
N GLY C 637 14.09 -28.45 -15.17
CA GLY C 637 12.88 -27.66 -14.88
C GLY C 637 13.21 -26.58 -13.89
N LEU C 638 14.32 -26.73 -13.17
CA LEU C 638 14.77 -25.61 -12.32
C LEU C 638 15.50 -24.74 -13.32
N THR C 639 14.82 -23.71 -13.81
CA THR C 639 15.40 -22.95 -14.94
C THR C 639 15.48 -21.47 -14.63
N GLY C 640 16.11 -20.74 -15.53
CA GLY C 640 16.31 -19.31 -15.30
C GLY C 640 17.50 -18.86 -16.12
N THR C 641 17.87 -17.60 -16.00
CA THR C 641 18.96 -17.06 -16.83
C THR C 641 20.05 -16.53 -15.92
N GLY C 642 21.29 -16.89 -16.20
CA GLY C 642 22.36 -16.48 -15.29
C GLY C 642 23.72 -16.81 -15.84
N VAL C 643 24.75 -16.57 -15.04
CA VAL C 643 26.12 -16.93 -15.45
C VAL C 643 26.60 -18.00 -14.49
N LEU C 644 27.12 -19.10 -15.02
CA LEU C 644 27.46 -20.26 -14.16
C LEU C 644 28.95 -20.30 -13.83
N THR C 645 29.27 -20.57 -12.57
CA THR C 645 30.69 -20.72 -12.18
C THR C 645 30.83 -21.88 -11.20
N GLU C 646 31.83 -22.72 -11.37
CA GLU C 646 32.06 -23.86 -10.46
C GLU C 646 32.36 -23.32 -9.08
N SER C 647 31.86 -23.99 -8.04
CA SER C 647 31.97 -23.40 -6.68
C SER C 647 32.80 -24.26 -5.75
N ASN C 648 33.31 -23.64 -4.70
CA ASN C 648 34.00 -24.41 -3.65
C ASN C 648 32.91 -24.92 -2.72
N LYS C 649 31.65 -24.52 -2.99
CA LYS C 649 30.56 -24.91 -2.08
C LYS C 649 30.31 -26.40 -2.28
N LYS C 650 30.09 -27.11 -1.16
CA LYS C 650 29.84 -28.55 -1.25
C LYS C 650 28.41 -28.85 -0.82
N PHE C 651 27.72 -29.65 -1.60
CA PHE C 651 26.34 -30.01 -1.27
C PHE C 651 26.33 -31.32 -0.51
N LEU C 652 25.16 -31.91 -0.40
CA LEU C 652 25.07 -33.26 0.17
C LEU C 652 24.73 -34.17 -1.01
N PRO C 653 25.11 -35.45 -1.00
CA PRO C 653 24.93 -36.27 -2.19
C PRO C 653 23.47 -36.39 -2.62
N PHE C 654 22.52 -35.93 -1.80
CA PHE C 654 21.10 -35.96 -2.22
C PHE C 654 20.58 -34.57 -2.59
N GLN C 655 21.44 -33.56 -2.53
CA GLN C 655 20.93 -32.17 -2.73
C GLN C 655 20.99 -31.76 -4.18
N GLN C 656 20.01 -30.98 -4.61
CA GLN C 656 19.95 -30.57 -6.02
C GLN C 656 20.42 -29.14 -6.25
N PHE C 657 19.99 -28.21 -5.43
CA PHE C 657 20.34 -26.80 -5.71
C PHE C 657 20.43 -25.99 -4.44
N GLY C 658 21.08 -24.83 -4.54
CA GLY C 658 21.25 -23.95 -3.38
C GLY C 658 20.26 -22.81 -3.36
N ARG C 659 20.27 -22.07 -2.26
CA ARG C 659 19.33 -20.93 -2.12
C ARG C 659 19.94 -19.87 -1.21
N ASP C 660 19.58 -18.62 -1.44
CA ASP C 660 20.14 -17.49 -0.67
C ASP C 660 19.33 -17.30 0.60
N ILE C 661 19.64 -16.24 1.35
CA ILE C 661 18.85 -15.91 2.56
C ILE C 661 17.43 -15.54 2.15
N ALA C 662 17.29 -14.82 1.04
CA ALA C 662 15.97 -14.33 0.61
C ALA C 662 15.27 -15.36 -0.28
N ASP C 663 15.68 -16.63 -0.20
CA ASP C 663 14.98 -17.72 -0.92
C ASP C 663 15.02 -17.55 -2.43
N THR C 664 16.22 -17.46 -2.99
CA THR C 664 16.31 -17.44 -4.46
C THR C 664 17.38 -18.44 -4.88
N THR C 665 17.29 -18.92 -6.13
CA THR C 665 18.30 -19.89 -6.61
C THR C 665 19.65 -19.21 -6.76
N ASP C 666 20.71 -19.82 -6.22
CA ASP C 666 22.05 -19.25 -6.44
C ASP C 666 23.04 -20.32 -6.87
N ALA C 667 22.81 -21.58 -6.49
CA ALA C 667 23.79 -22.63 -6.80
C ALA C 667 23.07 -23.87 -7.26
N VAL C 668 23.61 -24.52 -8.30
CA VAL C 668 22.90 -25.70 -8.89
C VAL C 668 23.91 -26.85 -8.99
N ARG C 669 23.40 -28.08 -9.10
CA ARG C 669 24.30 -29.25 -9.28
C ARG C 669 24.05 -29.83 -10.67
N ASP C 670 25.12 -29.91 -11.46
CA ASP C 670 24.96 -30.44 -12.83
C ASP C 670 24.57 -31.90 -12.73
N PRO C 671 23.51 -32.36 -13.40
CA PRO C 671 23.03 -33.72 -13.18
C PRO C 671 24.07 -34.77 -13.61
N GLN C 672 24.90 -34.44 -14.60
CA GLN C 672 25.83 -35.46 -15.11
C GLN C 672 27.11 -35.50 -14.28
N THR C 673 27.82 -34.39 -14.16
CA THR C 673 29.15 -34.42 -13.51
C THR C 673 29.06 -34.23 -12.00
N LEU C 674 27.86 -33.95 -11.48
CA LEU C 674 27.68 -33.81 -10.02
C LEU C 674 28.68 -32.80 -9.44
N GLU C 675 28.71 -31.61 -10.00
CA GLU C 675 29.56 -30.52 -9.48
C GLU C 675 28.65 -29.37 -9.06
N ILE C 676 29.13 -28.53 -8.17
CA ILE C 676 28.25 -27.45 -7.65
C ILE C 676 28.63 -26.18 -8.38
N LEU C 677 27.66 -25.56 -9.03
CA LEU C 677 27.95 -24.35 -9.83
C LEU C 677 27.32 -23.16 -9.13
N ASP C 678 27.89 -21.99 -9.30
CA ASP C 678 27.30 -20.76 -8.75
C ASP C 678 26.59 -20.02 -9.86
N ILE C 679 25.35 -19.64 -9.61
CA ILE C 679 24.56 -18.91 -10.62
C ILE C 679 24.58 -17.43 -10.24
N THR C 680 25.04 -16.61 -11.17
CA THR C 680 25.13 -15.16 -10.91
C THR C 680 24.26 -14.46 -11.93
N PRO C 681 23.56 -13.38 -11.56
CA PRO C 681 22.62 -12.77 -12.46
C PRO C 681 23.39 -12.27 -13.68
N CYS C 682 22.74 -12.29 -14.83
CA CYS C 682 23.41 -11.74 -16.03
C CYS C 682 23.70 -10.26 -15.75
N SER C 683 24.85 -9.75 -16.19
CA SER C 683 25.22 -8.37 -15.79
C SER C 683 24.11 -7.41 -16.16
N PHE C 684 23.79 -6.51 -15.25
CA PHE C 684 22.74 -5.51 -15.53
C PHE C 684 23.05 -4.23 -14.77
N GLY C 685 22.23 -3.22 -15.00
CA GLY C 685 22.45 -1.96 -14.30
C GLY C 685 21.88 -0.82 -15.09
N GLY C 686 22.31 0.39 -14.76
CA GLY C 686 21.73 1.57 -15.41
C GLY C 686 22.82 2.39 -16.05
N VAL C 687 22.48 3.07 -17.15
CA VAL C 687 23.45 3.95 -17.82
C VAL C 687 23.25 5.36 -17.32
N SER C 688 24.33 6.11 -17.16
CA SER C 688 24.22 7.53 -16.78
C SER C 688 25.02 8.36 -17.79
N VAL C 689 24.55 9.57 -18.06
CA VAL C 689 25.31 10.46 -18.97
C VAL C 689 25.85 11.64 -18.17
N ILE C 690 27.15 11.86 -18.23
CA ILE C 690 27.76 13.02 -17.55
C ILE C 690 28.01 14.06 -18.63
N THR C 691 27.44 15.24 -18.47
CA THR C 691 27.60 16.24 -19.54
C THR C 691 27.59 17.64 -18.98
N PRO C 692 28.43 18.55 -19.50
CA PRO C 692 28.35 19.92 -19.08
C PRO C 692 27.19 20.49 -19.88
N GLY C 693 26.76 21.69 -19.51
CA GLY C 693 25.58 22.22 -20.21
C GLY C 693 25.80 22.30 -21.69
N THR C 694 24.81 21.88 -22.47
CA THR C 694 24.89 21.98 -23.95
C THR C 694 24.95 23.46 -24.32
N ASN C 695 24.58 24.34 -23.39
CA ASN C 695 24.73 25.78 -23.65
C ASN C 695 26.22 26.04 -23.85
N THR C 696 27.07 25.26 -23.17
CA THR C 696 28.55 25.47 -23.27
C THR C 696 29.28 24.43 -24.13
N SER C 697 28.98 23.15 -23.99
CA SER C 697 29.74 22.12 -24.73
C SER C 697 28.84 20.97 -25.18
N ASN C 698 29.25 20.21 -26.18
CA ASN C 698 28.41 19.11 -26.74
C ASN C 698 29.05 17.75 -26.51
N GLN C 699 30.06 17.68 -25.65
CA GLN C 699 30.69 16.37 -25.35
C GLN C 699 30.04 15.75 -24.10
N VAL C 700 29.88 14.43 -24.10
CA VAL C 700 29.22 13.76 -22.96
C VAL C 700 30.08 12.56 -22.55
N ALA C 701 30.09 12.27 -21.26
CA ALA C 701 30.84 11.10 -20.75
C ALA C 701 29.79 10.16 -20.21
N VAL C 702 29.93 8.88 -20.53
CA VAL C 702 28.88 7.91 -20.13
C VAL C 702 29.39 7.03 -19.00
N LEU C 703 28.56 6.78 -18.01
CA LEU C 703 28.93 5.88 -16.89
C LEU C 703 27.98 4.70 -16.81
N TYR C 704 28.53 3.50 -16.85
CA TYR C 704 27.74 2.26 -16.70
C TYR C 704 27.83 1.88 -15.24
N GLN C 705 26.72 1.49 -14.66
CA GLN C 705 26.71 1.31 -13.20
C GLN C 705 27.03 -0.12 -12.76
N ASP C 706 27.92 -0.26 -11.78
CA ASP C 706 28.16 -1.58 -11.13
C ASP C 706 28.48 -2.65 -12.16
N VAL C 707 29.31 -2.31 -13.14
CA VAL C 707 29.70 -3.33 -14.13
C VAL C 707 31.22 -3.35 -14.33
N ASN C 708 31.75 -4.49 -14.72
CA ASN C 708 33.19 -4.59 -15.09
C ASN C 708 33.38 -3.98 -16.47
N CYS C 709 34.47 -3.27 -16.68
CA CYS C 709 34.68 -2.56 -17.95
C CYS C 709 34.81 -3.54 -19.10
N THR C 710 35.15 -4.78 -18.82
CA THR C 710 35.44 -5.72 -19.94
C THR C 710 34.23 -5.94 -20.84
N GLU C 711 33.05 -6.12 -20.26
CA GLU C 711 31.89 -6.56 -21.08
C GLU C 711 30.98 -5.42 -21.50
N VAL C 712 31.31 -4.19 -21.13
CA VAL C 712 30.36 -3.09 -21.43
C VAL C 712 30.06 -2.88 -22.91
N PRO C 713 31.00 -2.90 -23.87
CA PRO C 713 30.65 -2.54 -25.23
C PRO C 713 29.65 -3.51 -25.84
N VAL C 714 29.91 -4.81 -25.71
CA VAL C 714 29.04 -5.83 -26.34
C VAL C 714 27.73 -5.91 -25.55
N ALA C 715 27.79 -5.63 -24.25
CA ALA C 715 26.58 -5.65 -23.40
C ALA C 715 25.65 -4.48 -23.76
N ILE C 716 26.21 -3.38 -24.24
CA ILE C 716 25.35 -2.27 -24.75
C ILE C 716 25.19 -2.47 -26.26
N HIS C 717 25.54 -3.67 -26.76
CA HIS C 717 25.36 -3.98 -28.20
C HIS C 717 26.22 -3.06 -29.06
N ALA C 718 27.55 -3.15 -28.91
CA ALA C 718 28.47 -2.25 -29.62
C ALA C 718 28.28 -2.37 -31.14
N ASP C 719 28.29 -3.58 -31.67
CA ASP C 719 28.13 -3.78 -33.14
C ASP C 719 26.76 -3.27 -33.57
N GLN C 720 25.73 -3.52 -32.76
CA GLN C 720 24.36 -3.09 -33.13
C GLN C 720 24.11 -1.67 -32.65
N LEU C 721 24.97 -0.73 -33.06
CA LEU C 721 24.73 0.68 -32.71
C LEU C 721 25.32 1.58 -33.81
N THR C 722 24.82 2.80 -33.93
CA THR C 722 25.43 3.76 -34.88
C THR C 722 26.82 4.12 -34.38
N PRO C 723 27.77 4.49 -35.25
CA PRO C 723 29.13 4.80 -34.84
C PRO C 723 29.19 5.90 -33.75
N THR C 724 28.24 6.83 -33.77
CA THR C 724 28.21 7.87 -32.71
C THR C 724 28.01 7.20 -31.36
N TRP C 725 27.37 6.04 -31.34
CA TRP C 725 27.25 5.25 -30.09
C TRP C 725 28.51 4.39 -29.90
N ARG C 726 29.04 3.82 -30.98
CA ARG C 726 30.21 2.91 -30.85
C ARG C 726 31.45 3.68 -30.36
N VAL C 727 31.51 4.98 -30.63
CA VAL C 727 32.68 5.78 -30.19
C VAL C 727 32.73 5.76 -28.66
N TYR C 728 31.57 5.63 -28.02
CA TYR C 728 31.54 5.57 -26.53
C TYR C 728 31.24 4.14 -26.04
N SER C 729 30.83 3.21 -26.91
CA SER C 729 30.65 1.81 -26.46
C SER C 729 32.03 1.29 -26.07
N THR C 730 33.05 1.62 -26.85
CA THR C 730 34.44 1.29 -26.48
C THR C 730 35.15 2.64 -26.44
N GLY C 731 36.46 2.63 -26.22
CA GLY C 731 37.17 3.91 -26.30
C GLY C 731 38.62 3.78 -25.95
N SER C 732 39.34 4.90 -25.95
CA SER C 732 40.75 4.88 -25.48
C SER C 732 40.78 5.28 -24.00
N ASN C 733 39.62 5.62 -23.42
CA ASN C 733 39.58 6.11 -22.03
C ASN C 733 38.48 5.35 -21.30
N VAL C 734 38.80 4.15 -20.84
CA VAL C 734 37.82 3.37 -20.05
C VAL C 734 38.31 3.27 -18.61
N PHE C 735 37.57 3.85 -17.69
CA PHE C 735 38.00 3.88 -16.27
C PHE C 735 37.01 3.12 -15.41
N GLN C 736 37.52 2.30 -14.51
CA GLN C 736 36.64 1.52 -13.63
C GLN C 736 36.67 2.15 -12.24
N THR C 737 35.49 2.46 -11.72
CA THR C 737 35.37 3.10 -10.41
C THR C 737 34.61 2.15 -9.49
N ARG C 738 34.46 2.52 -8.23
CA ARG C 738 33.61 1.70 -7.34
C ARG C 738 32.16 1.79 -7.82
N ALA C 739 31.77 2.93 -8.39
CA ALA C 739 30.36 3.16 -8.78
C ALA C 739 30.05 2.50 -10.11
N GLY C 740 31.09 2.01 -10.78
CA GLY C 740 30.86 1.43 -12.10
C GLY C 740 32.02 1.66 -13.04
N CYS C 741 31.77 1.53 -14.33
CA CYS C 741 32.83 1.73 -15.33
C CYS C 741 32.52 3.00 -16.12
N LEU C 742 33.47 3.90 -16.19
CA LEU C 742 33.22 5.21 -16.84
C LEU C 742 33.96 5.26 -18.17
N ILE C 743 33.22 5.60 -19.23
CA ILE C 743 33.85 5.74 -20.56
C ILE C 743 33.67 7.18 -21.00
N GLY C 744 34.71 7.78 -21.58
CA GLY C 744 34.56 9.14 -22.12
C GLY C 744 35.17 10.22 -21.25
N ALA C 745 35.88 9.88 -20.19
CA ALA C 745 36.61 10.94 -19.46
C ALA C 745 37.95 10.40 -18.98
N GLU C 746 39.04 10.95 -19.49
CA GLU C 746 40.36 10.43 -19.10
C GLU C 746 40.62 10.84 -17.65
N HIS C 747 40.97 9.87 -16.82
CA HIS C 747 41.19 10.13 -15.39
C HIS C 747 42.45 10.94 -15.22
N VAL C 748 42.44 11.87 -14.29
CA VAL C 748 43.65 12.66 -13.99
C VAL C 748 44.04 12.38 -12.56
N ASN C 749 45.22 12.80 -12.16
CA ASN C 749 45.70 12.52 -10.79
C ASN C 749 45.71 13.78 -9.94
N ASN C 750 45.21 14.89 -10.47
CA ASN C 750 45.09 16.11 -9.64
C ASN C 750 43.77 16.02 -8.86
N SER C 751 43.45 17.06 -8.09
CA SER C 751 42.19 17.05 -7.33
C SER C 751 41.58 18.45 -7.37
N TYR C 752 40.29 18.54 -7.53
CA TYR C 752 39.61 19.84 -7.58
C TYR C 752 38.31 19.79 -6.75
N GLU C 753 37.71 20.95 -6.49
CA GLU C 753 36.43 20.93 -5.75
C GLU C 753 35.45 20.36 -6.77
N CYS C 754 35.12 19.10 -6.59
CA CYS C 754 34.36 18.39 -7.63
C CYS C 754 32.99 18.99 -7.92
N ASP C 755 32.67 19.06 -9.21
CA ASP C 755 31.44 19.76 -9.63
C ASP C 755 30.36 18.80 -10.09
N ILE C 756 30.66 17.86 -11.00
CA ILE C 756 29.62 16.87 -11.37
C ILE C 756 29.91 15.63 -10.56
N PRO C 757 29.16 15.36 -9.48
CA PRO C 757 29.49 14.22 -8.66
C PRO C 757 29.23 12.90 -9.37
N ILE C 758 30.19 12.00 -9.32
CA ILE C 758 30.02 10.67 -9.96
C ILE C 758 29.61 9.67 -8.89
N GLY C 759 30.38 9.58 -7.83
CA GLY C 759 30.10 8.57 -6.81
C GLY C 759 31.37 7.94 -6.30
N ALA C 760 31.35 7.40 -5.08
CA ALA C 760 32.53 6.79 -4.45
C ALA C 760 33.67 7.78 -4.42
N GLY C 761 33.36 9.05 -4.21
CA GLY C 761 34.39 10.09 -4.08
C GLY C 761 34.79 10.63 -5.42
N ILE C 762 34.48 9.90 -6.49
CA ILE C 762 34.90 10.32 -7.84
C ILE C 762 33.96 11.42 -8.30
N CYS C 763 34.50 12.44 -8.95
CA CYS C 763 33.63 13.46 -9.58
C CYS C 763 34.22 13.79 -10.95
N ALA C 764 33.43 14.43 -11.79
CA ALA C 764 33.92 14.77 -13.13
C ALA C 764 33.66 16.25 -13.40
N SER C 765 34.41 16.80 -14.34
CA SER C 765 34.20 18.21 -14.73
C SER C 765 34.77 18.42 -16.12
N TYR C 766 34.55 19.60 -16.70
CA TYR C 766 35.15 19.92 -18.00
C TYR C 766 36.38 20.78 -17.76
N GLN C 767 37.55 20.29 -18.19
CA GLN C 767 38.80 21.03 -17.90
C GLN C 767 39.77 20.86 -19.07
N THR C 768 40.97 21.45 -18.95
CA THR C 768 42.00 21.29 -20.02
C THR C 768 42.89 20.09 -19.73
N GLN C 782 40.03 20.99 -24.91
CA GLN C 782 39.68 20.67 -23.50
C GLN C 782 38.77 19.44 -23.46
N SER C 783 38.75 18.75 -22.33
CA SER C 783 37.97 17.48 -22.26
C SER C 783 37.36 17.30 -20.87
N ILE C 784 36.82 16.11 -20.59
CA ILE C 784 36.19 15.80 -19.27
C ILE C 784 37.18 14.98 -18.46
N ILE C 785 37.32 15.33 -17.21
CA ILE C 785 38.31 14.64 -16.35
C ILE C 785 37.58 13.90 -15.23
N ALA C 786 38.17 12.82 -14.72
CA ALA C 786 37.59 12.13 -13.57
C ALA C 786 38.63 12.12 -12.46
N TYR C 787 38.25 12.56 -11.28
CA TYR C 787 39.23 12.64 -10.18
C TYR C 787 38.57 12.39 -8.84
N THR C 788 39.38 12.28 -7.79
CA THR C 788 38.81 12.12 -6.44
C THR C 788 38.60 13.53 -5.93
N MET C 789 37.50 13.78 -5.26
CA MET C 789 37.24 15.18 -4.89
C MET C 789 38.24 15.65 -3.86
N SER C 790 38.66 16.91 -3.95
CA SER C 790 39.55 17.43 -2.89
C SER C 790 38.67 18.15 -1.88
N LEU C 791 38.59 17.65 -0.66
CA LEU C 791 37.63 18.20 0.31
C LEU C 791 37.87 19.70 0.53
N GLY C 792 39.11 20.14 0.44
CA GLY C 792 39.31 21.58 0.56
C GLY C 792 40.77 21.94 0.72
N ALA C 793 41.04 23.21 0.92
CA ALA C 793 42.44 23.64 1.05
C ALA C 793 43.07 23.03 2.29
N GLU C 794 44.26 22.47 2.15
CA GLU C 794 45.00 22.01 3.35
C GLU C 794 45.31 23.25 4.20
N ASN C 795 45.16 23.12 5.51
CA ASN C 795 45.48 24.28 6.37
C ASN C 795 46.07 23.80 7.69
N SER C 796 47.02 24.56 8.20
CA SER C 796 47.71 24.19 9.45
C SER C 796 47.69 25.40 10.37
N VAL C 797 47.13 25.22 11.55
CA VAL C 797 47.12 26.34 12.51
C VAL C 797 48.49 26.42 13.17
N ALA C 798 48.95 27.62 13.50
CA ALA C 798 50.22 27.79 14.21
C ALA C 798 49.99 27.70 15.71
N TYR C 799 49.51 26.56 16.16
CA TYR C 799 49.20 26.42 17.59
C TYR C 799 50.46 26.34 18.43
N SER C 800 50.34 26.74 19.68
CA SER C 800 51.47 26.66 20.63
C SER C 800 50.87 26.75 22.01
N ASN C 801 51.73 26.93 23.00
CA ASN C 801 51.24 26.99 24.40
C ASN C 801 51.20 28.44 24.85
N ASN C 802 51.77 29.35 24.07
CA ASN C 802 51.78 30.79 24.46
C ASN C 802 51.62 31.68 23.23
N SER C 803 50.86 31.27 22.24
CA SER C 803 50.62 32.13 21.07
C SER C 803 49.13 32.32 20.81
N ILE C 804 48.68 33.56 20.78
CA ILE C 804 47.27 33.87 20.47
C ILE C 804 47.25 34.79 19.26
N ALA C 805 46.21 34.70 18.46
CA ALA C 805 46.05 35.59 17.30
C ALA C 805 44.81 36.45 17.54
N ILE C 806 44.91 37.74 17.30
CA ILE C 806 43.78 38.64 17.65
C ILE C 806 43.40 39.41 16.41
N PRO C 807 42.10 39.59 16.12
CA PRO C 807 41.71 40.36 14.98
C PRO C 807 41.97 41.86 15.18
N THR C 808 42.33 42.54 14.10
CA THR C 808 42.57 44.00 14.18
C THR C 808 41.56 44.75 13.31
N ASN C 809 40.92 44.06 12.38
CA ASN C 809 39.88 44.72 11.54
C ASN C 809 38.67 43.82 11.55
N PHE C 810 37.66 44.17 10.76
CA PHE C 810 36.50 43.28 10.61
C PHE C 810 35.81 43.55 9.29
N THR C 811 34.99 42.58 8.88
CA THR C 811 34.19 42.78 7.67
C THR C 811 32.74 42.48 7.96
N ILE C 812 31.85 43.38 7.55
CA ILE C 812 30.39 43.13 7.68
C ILE C 812 29.98 42.33 6.48
N SER C 813 29.38 41.18 6.73
CA SER C 813 29.05 40.28 5.61
C SER C 813 27.55 40.16 5.51
N VAL C 814 27.03 40.26 4.30
CA VAL C 814 25.58 40.07 4.08
C VAL C 814 25.42 38.88 3.17
N THR C 815 24.65 37.90 3.61
CA THR C 815 24.48 36.67 2.82
C THR C 815 23.01 36.32 2.79
N THR C 816 22.59 35.58 1.77
CA THR C 816 21.15 35.32 1.60
C THR C 816 20.77 33.88 1.95
N GLU C 817 19.73 33.72 2.74
CA GLU C 817 19.23 32.36 3.02
C GLU C 817 17.81 32.27 2.47
N ILE C 818 17.49 31.17 1.81
CA ILE C 818 16.14 31.00 1.19
C ILE C 818 15.45 29.82 1.87
N LEU C 819 14.21 30.02 2.29
CA LEU C 819 13.44 28.88 2.82
C LEU C 819 12.07 28.81 2.16
N PRO C 820 11.69 27.68 1.54
CA PRO C 820 10.36 27.56 1.03
C PRO C 820 9.34 27.57 2.17
N VAL C 821 8.25 28.33 2.04
CA VAL C 821 7.27 28.49 3.13
C VAL C 821 5.93 27.89 2.75
N SER C 822 5.53 27.99 1.50
CA SER C 822 4.17 27.53 1.11
C SER C 822 4.21 26.66 -0.12
N MET C 823 3.08 26.10 -0.49
CA MET C 823 2.95 25.20 -1.65
C MET C 823 1.63 25.50 -2.34
N THR C 824 1.50 25.13 -3.59
CA THR C 824 0.27 25.44 -4.36
C THR C 824 -0.91 24.67 -3.80
N LYS C 825 -1.99 25.35 -3.45
CA LYS C 825 -3.14 24.66 -2.87
C LYS C 825 -3.98 24.13 -4.02
N THR C 826 -3.93 22.83 -4.26
CA THR C 826 -4.71 22.23 -5.35
C THR C 826 -5.70 21.27 -4.75
N SER C 827 -6.95 21.41 -5.12
CA SER C 827 -7.98 20.47 -4.65
C SER C 827 -8.56 19.74 -5.84
N VAL C 828 -8.64 18.43 -5.75
CA VAL C 828 -9.13 17.62 -6.90
C VAL C 828 -10.43 16.95 -6.51
N ASP C 829 -11.37 16.84 -7.44
CA ASP C 829 -12.61 16.07 -7.14
C ASP C 829 -12.43 14.66 -7.67
N CYS C 830 -12.66 13.68 -6.81
CA CYS C 830 -12.42 12.29 -7.22
C CYS C 830 -13.37 11.94 -8.36
N THR C 831 -14.64 12.29 -8.25
CA THR C 831 -15.61 11.78 -9.25
C THR C 831 -15.31 12.34 -10.62
N MET C 832 -15.04 13.63 -10.70
CA MET C 832 -14.85 14.23 -12.03
C MET C 832 -13.59 13.61 -12.64
N TYR C 833 -12.56 13.45 -11.83
CA TYR C 833 -11.31 12.85 -12.37
C TYR C 833 -11.54 11.39 -12.77
N ILE C 834 -12.24 10.62 -11.95
CA ILE C 834 -12.35 9.16 -12.20
C ILE C 834 -13.50 8.80 -13.13
N CYS C 835 -14.67 9.38 -12.89
CA CYS C 835 -15.80 9.14 -13.81
C CYS C 835 -15.95 10.28 -14.84
N GLY C 836 -16.05 11.51 -14.37
CA GLY C 836 -16.30 12.64 -15.28
C GLY C 836 -17.76 12.78 -15.65
N ASP C 837 -18.07 12.63 -16.93
CA ASP C 837 -19.46 12.76 -17.42
C ASP C 837 -20.36 11.62 -16.94
N SER C 838 -19.83 10.40 -16.85
CA SER C 838 -20.69 9.21 -16.61
C SER C 838 -21.49 9.23 -15.31
N THR C 839 -22.67 8.64 -15.35
CA THR C 839 -23.48 8.52 -14.11
C THR C 839 -23.44 7.05 -13.63
N GLU C 840 -23.47 6.10 -14.55
CA GLU C 840 -23.36 4.68 -14.16
C GLU C 840 -22.01 4.46 -13.48
N CYS C 841 -20.97 5.11 -13.98
CA CYS C 841 -19.64 4.98 -13.37
C CYS C 841 -19.74 5.44 -11.94
N SER C 842 -20.46 6.52 -11.69
CA SER C 842 -20.60 7.03 -10.31
C SER C 842 -21.33 6.03 -9.45
N ASN C 843 -22.35 5.37 -10.00
CA ASN C 843 -23.09 4.34 -9.21
C ASN C 843 -22.15 3.19 -8.84
N LEU C 844 -21.33 2.74 -9.78
CA LEU C 844 -20.33 1.71 -9.43
C LEU C 844 -19.36 2.28 -8.39
N LEU C 845 -18.93 3.53 -8.55
CA LEU C 845 -17.93 4.10 -7.64
C LEU C 845 -18.53 4.21 -6.25
N LEU C 846 -19.84 4.24 -6.14
CA LEU C 846 -20.48 4.28 -4.79
C LEU C 846 -20.14 3.00 -4.02
N GLN C 847 -19.75 1.94 -4.73
CA GLN C 847 -19.37 0.67 -4.08
C GLN C 847 -17.97 0.72 -3.47
N TYR C 848 -17.17 1.73 -3.81
CA TYR C 848 -15.77 1.78 -3.32
C TYR C 848 -15.72 2.53 -2.00
N GLY C 849 -16.87 2.88 -1.48
CA GLY C 849 -16.86 3.51 -0.17
C GLY C 849 -16.35 4.92 -0.22
N SER C 850 -15.86 5.41 0.91
CA SER C 850 -15.44 6.82 1.00
C SER C 850 -14.02 6.99 0.52
N PHE C 851 -13.70 6.47 -0.64
CA PHE C 851 -12.37 6.76 -1.22
C PHE C 851 -12.36 8.21 -1.65
N CYS C 852 -13.48 8.70 -2.18
CA CYS C 852 -13.54 10.14 -2.52
C CYS C 852 -13.40 10.99 -1.26
N THR C 853 -14.09 10.62 -0.20
CA THR C 853 -14.04 11.46 0.99
C THR C 853 -12.62 11.49 1.50
N GLN C 854 -11.94 10.34 1.50
CA GLN C 854 -10.60 10.33 2.13
C GLN C 854 -9.68 11.23 1.34
N LEU C 855 -9.71 11.12 0.02
CA LEU C 855 -8.73 11.90 -0.79
C LEU C 855 -9.04 13.38 -0.72
N ASN C 856 -10.31 13.72 -0.80
CA ASN C 856 -10.67 15.15 -0.79
C ASN C 856 -10.31 15.73 0.57
N ARG C 857 -10.57 14.97 1.62
CA ARG C 857 -10.31 15.50 2.96
C ARG C 857 -8.82 15.72 3.13
N ALA C 858 -8.02 14.80 2.66
CA ALA C 858 -6.56 14.93 2.82
C ALA C 858 -6.08 16.14 2.05
N LEU C 859 -6.56 16.33 0.84
CA LEU C 859 -6.10 17.45 -0.01
C LEU C 859 -6.51 18.79 0.61
N THR C 860 -7.72 18.89 1.16
CA THR C 860 -8.13 20.14 1.82
C THR C 860 -7.27 20.41 3.05
N GLY C 861 -6.84 19.36 3.73
CA GLY C 861 -5.97 19.54 4.92
C GLY C 861 -4.67 20.14 4.49
N ILE C 862 -4.17 19.69 3.36
CA ILE C 862 -2.91 20.26 2.82
C ILE C 862 -3.18 21.73 2.52
N ALA C 863 -4.34 22.03 1.97
CA ALA C 863 -4.60 23.43 1.59
C ALA C 863 -4.63 24.35 2.80
N VAL C 864 -5.33 23.96 3.85
CA VAL C 864 -5.43 24.84 5.04
C VAL C 864 -4.04 24.99 5.67
N GLU C 865 -3.26 23.93 5.67
CA GLU C 865 -1.90 23.96 6.26
C GLU C 865 -1.07 24.97 5.47
N GLN C 866 -1.23 25.05 4.16
CA GLN C 866 -0.37 25.94 3.35
C GLN C 866 -0.57 27.38 3.79
N ASP C 867 -1.77 27.74 4.23
CA ASP C 867 -2.02 29.11 4.73
C ASP C 867 -1.60 29.27 6.18
N LYS C 868 -1.74 28.23 6.98
CA LYS C 868 -1.29 28.28 8.39
C LYS C 868 0.21 28.54 8.42
N ASN C 869 0.95 27.93 7.51
CA ASN C 869 2.41 28.12 7.48
C ASN C 869 2.72 29.60 7.28
N THR C 870 2.16 30.21 6.25
CA THR C 870 2.52 31.61 5.93
C THR C 870 2.06 32.50 7.08
N GLN C 871 0.92 32.18 7.66
CA GLN C 871 0.41 33.06 8.72
C GLN C 871 1.42 33.05 9.84
N GLU C 872 1.92 31.89 10.22
CA GLU C 872 2.86 31.81 11.36
C GLU C 872 4.17 32.48 11.00
N VAL C 873 4.65 32.28 9.79
CA VAL C 873 5.96 32.85 9.39
C VAL C 873 5.92 34.35 9.36
N PHE C 874 4.90 34.95 8.72
CA PHE C 874 4.92 36.42 8.54
C PHE C 874 4.12 37.18 9.56
N ALA C 875 2.96 36.68 9.97
CA ALA C 875 2.11 37.49 10.86
C ALA C 875 2.61 37.35 12.28
N GLN C 876 3.81 37.83 12.53
CA GLN C 876 4.36 37.79 13.89
C GLN C 876 4.40 39.21 14.43
N VAL C 877 3.75 40.15 13.76
CA VAL C 877 3.68 41.51 14.34
C VAL C 877 2.23 41.92 14.52
N LYS C 878 1.87 42.32 15.74
CA LYS C 878 0.47 42.72 16.00
C LYS C 878 0.16 43.99 15.20
N GLN C 879 1.08 44.94 15.20
CA GLN C 879 0.83 46.22 14.51
C GLN C 879 1.51 46.23 13.15
N ILE C 880 1.46 47.37 12.46
CA ILE C 880 2.23 47.51 11.20
C ILE C 880 3.07 48.75 11.43
N TYR C 881 4.35 48.56 11.71
CA TYR C 881 5.25 49.71 11.94
C TYR C 881 5.65 50.28 10.60
N LYS C 882 5.82 51.59 10.54
CA LYS C 882 6.14 52.21 9.25
C LYS C 882 7.40 53.05 9.37
N THR C 883 8.23 53.02 8.33
CA THR C 883 9.53 53.74 8.35
C THR C 883 9.24 55.22 8.46
N PRO C 884 10.12 56.03 9.06
CA PRO C 884 9.91 57.47 9.08
C PRO C 884 10.01 58.03 7.66
N PRO C 885 9.35 59.16 7.36
CA PRO C 885 9.38 59.72 6.01
C PRO C 885 10.81 60.07 5.58
N ILE C 886 11.64 60.59 6.50
CA ILE C 886 13.06 60.83 6.14
C ILE C 886 13.89 59.60 6.48
N LYS C 887 14.51 58.99 5.46
CA LYS C 887 15.34 57.78 5.67
C LYS C 887 16.78 58.19 5.96
N ASP C 888 17.00 58.87 7.09
CA ASP C 888 18.37 59.26 7.47
C ASP C 888 18.74 58.40 8.66
N PHE C 889 19.46 57.30 8.41
CA PHE C 889 19.70 56.32 9.48
C PHE C 889 21.17 56.23 9.87
N GLY C 890 21.88 57.34 9.88
CA GLY C 890 23.25 57.28 10.39
C GLY C 890 24.17 56.69 9.37
N GLY C 891 23.73 56.60 8.13
CA GLY C 891 24.64 56.17 7.05
C GLY C 891 24.31 54.80 6.53
N PHE C 892 23.56 54.04 7.30
CA PHE C 892 23.14 52.73 6.78
C PHE C 892 22.00 52.94 5.78
N ASN C 893 22.25 52.58 4.53
CA ASN C 893 21.25 52.81 3.47
C ASN C 893 20.44 51.53 3.28
N PHE C 894 19.17 51.57 3.63
CA PHE C 894 18.30 50.39 3.50
C PHE C 894 17.44 50.49 2.24
N SER C 895 17.72 51.43 1.36
CA SER C 895 16.81 51.67 0.22
C SER C 895 16.67 50.43 -0.65
N GLN C 896 17.66 49.56 -0.61
CA GLN C 896 17.62 48.37 -1.48
C GLN C 896 16.67 47.35 -0.89
N ILE C 897 16.31 47.47 0.39
CA ILE C 897 15.48 46.41 1.01
C ILE C 897 14.11 46.92 1.40
N LEU C 898 13.89 48.23 1.48
CA LEU C 898 12.52 48.62 1.94
C LEU C 898 11.76 49.20 0.77
N PRO C 899 10.44 49.06 0.71
CA PRO C 899 9.72 49.38 -0.51
C PRO C 899 9.79 50.81 -1.00
N ASP C 900 9.68 50.97 -2.31
CA ASP C 900 9.68 52.32 -2.93
C ASP C 900 8.30 52.47 -3.56
N PRO C 901 7.59 53.60 -3.35
CA PRO C 901 6.22 53.69 -3.84
C PRO C 901 6.10 53.67 -5.37
N SER C 902 7.19 53.98 -6.07
CA SER C 902 7.15 54.05 -7.55
C SER C 902 6.77 52.70 -8.13
N LYS C 903 7.29 51.61 -7.58
CA LYS C 903 6.89 50.26 -8.03
C LYS C 903 5.41 50.09 -7.69
N PRO C 904 4.56 49.57 -8.60
CA PRO C 904 3.13 49.53 -8.29
C PRO C 904 2.88 48.71 -7.01
N SER C 905 3.44 47.49 -6.95
CA SER C 905 3.32 46.70 -5.72
C SER C 905 4.32 47.29 -4.75
N LYS C 906 4.00 47.34 -3.46
CA LYS C 906 4.92 48.00 -2.50
C LYS C 906 6.05 47.01 -2.26
N ARG C 907 7.00 46.97 -3.20
CA ARG C 907 8.08 45.97 -3.16
C ARG C 907 9.42 46.67 -3.26
N SER C 908 10.39 46.16 -2.51
CA SER C 908 11.77 46.69 -2.59
C SER C 908 12.41 46.18 -3.87
N PRO C 909 13.56 46.71 -4.29
CA PRO C 909 14.23 46.17 -5.47
C PRO C 909 14.56 44.68 -5.38
N ILE C 910 14.94 44.21 -4.20
CA ILE C 910 15.25 42.77 -4.03
C ILE C 910 14.01 41.95 -4.38
N GLU C 911 12.86 42.34 -3.84
CA GLU C 911 11.64 41.53 -4.06
C GLU C 911 11.26 41.54 -5.54
N ASP C 912 11.46 42.67 -6.20
CA ASP C 912 11.17 42.70 -7.65
C ASP C 912 12.08 41.73 -8.41
N LEU C 913 13.36 41.68 -8.04
CA LEU C 913 14.30 40.75 -8.70
C LEU C 913 13.77 39.35 -8.44
N LEU C 914 13.32 39.10 -7.21
CA LEU C 914 12.90 37.71 -6.85
C LEU C 914 11.69 37.28 -7.68
N PHE C 915 10.69 38.14 -7.75
CA PHE C 915 9.47 37.73 -8.49
C PHE C 915 9.79 37.55 -9.97
N ASN C 916 10.56 38.47 -10.51
CA ASN C 916 10.83 38.39 -11.96
C ASN C 916 11.61 37.12 -12.26
N LYS C 917 12.59 36.79 -11.43
CA LYS C 917 13.47 35.62 -11.72
C LYS C 917 12.73 34.29 -11.67
N VAL C 918 11.81 34.13 -10.75
CA VAL C 918 11.16 32.81 -10.52
C VAL C 918 10.05 32.60 -11.55
N THR C 919 10.31 31.75 -12.54
CA THR C 919 9.29 31.38 -13.55
C THR C 919 9.51 29.92 -13.97
N ASN C 948 -10.43 19.63 -15.57
CA ASN C 948 -10.56 18.16 -15.39
C ASN C 948 -10.74 17.81 -13.91
N GLY C 949 -11.36 18.72 -13.16
CA GLY C 949 -11.61 18.47 -11.72
C GLY C 949 -10.46 18.92 -10.88
N LEU C 950 -9.49 19.62 -11.47
CA LEU C 950 -8.34 20.13 -10.69
C LEU C 950 -8.46 21.63 -10.59
N THR C 951 -8.47 22.14 -9.39
CA THR C 951 -8.56 23.60 -9.18
C THR C 951 -7.44 24.05 -8.26
N VAL C 952 -6.77 25.12 -8.65
CA VAL C 952 -5.74 25.71 -7.76
C VAL C 952 -6.41 26.82 -6.98
N LEU C 953 -6.59 26.59 -5.69
CA LEU C 953 -7.27 27.61 -4.88
C LEU C 953 -6.32 28.79 -4.71
N PRO C 954 -6.83 30.02 -4.47
CA PRO C 954 -5.93 31.13 -4.23
C PRO C 954 -5.44 31.18 -2.80
N PRO C 955 -4.29 31.79 -2.52
CA PRO C 955 -3.84 31.90 -1.16
C PRO C 955 -4.71 32.86 -0.35
N LEU C 956 -4.75 32.68 0.94
CA LEU C 956 -5.52 33.62 1.77
C LEU C 956 -4.85 34.99 1.78
N LEU C 957 -3.53 35.05 1.55
CA LEU C 957 -2.83 36.35 1.57
C LEU C 957 -2.34 36.66 0.17
N THR C 958 -2.65 37.85 -0.34
CA THR C 958 -2.10 38.24 -1.66
C THR C 958 -0.63 38.61 -1.48
N ASP C 959 0.13 38.59 -2.56
CA ASP C 959 1.57 38.87 -2.42
C ASP C 959 1.73 40.27 -1.86
N GLU C 960 0.78 41.15 -2.13
CA GLU C 960 0.86 42.50 -1.52
C GLU C 960 0.80 42.39 -0.01
N MET C 961 -0.07 41.56 0.51
CA MET C 961 -0.18 41.43 1.97
C MET C 961 1.10 40.84 2.55
N ILE C 962 1.70 39.86 1.87
CA ILE C 962 2.96 39.26 2.40
C ILE C 962 4.04 40.32 2.42
N ALA C 963 4.10 41.13 1.37
CA ALA C 963 5.07 42.24 1.34
C ALA C 963 4.78 43.23 2.46
N GLN C 964 3.51 43.44 2.76
CA GLN C 964 3.18 44.40 3.82
C GLN C 964 3.74 43.91 5.14
N TYR C 965 3.63 42.61 5.42
CA TYR C 965 4.18 42.06 6.68
C TYR C 965 5.70 42.20 6.64
N THR C 966 6.31 41.97 5.49
CA THR C 966 7.78 42.03 5.39
C THR C 966 8.23 43.47 5.68
N SER C 967 7.55 44.46 5.13
CA SER C 967 7.90 45.86 5.41
C SER C 967 7.67 46.18 6.87
N ALA C 968 6.64 45.62 7.46
CA ALA C 968 6.34 45.97 8.86
C ALA C 968 7.47 45.45 9.73
N LEU C 969 7.95 44.24 9.47
CA LEU C 969 9.04 43.66 10.27
C LEU C 969 10.30 44.45 10.04
N LEU C 970 10.55 44.81 8.79
CA LEU C 970 11.79 45.52 8.44
C LEU C 970 11.76 46.88 9.13
N ALA C 971 10.63 47.56 9.12
CA ALA C 971 10.54 48.89 9.73
C ALA C 971 10.70 48.74 11.22
N GLY C 972 10.11 47.71 11.78
CA GLY C 972 10.16 47.57 13.23
C GLY C 972 11.58 47.37 13.66
N THR C 973 12.31 46.56 12.93
CA THR C 973 13.71 46.27 13.34
C THR C 973 14.57 47.49 13.12
N ILE C 974 14.39 48.18 11.99
CA ILE C 974 15.22 49.35 11.68
C ILE C 974 14.96 50.45 12.71
N THR C 975 13.73 50.66 13.10
CA THR C 975 13.43 51.80 13.99
C THR C 975 13.40 51.47 15.47
N SER C 976 13.20 50.23 15.85
CA SER C 976 13.04 49.90 17.28
C SER C 976 13.85 48.69 17.69
N GLY C 977 14.81 48.25 16.88
CA GLY C 977 15.65 47.11 17.24
C GLY C 977 14.86 45.85 17.46
N TRP C 978 15.17 45.11 18.51
CA TRP C 978 14.41 43.88 18.84
C TRP C 978 13.37 44.20 19.88
N THR C 979 13.25 45.47 20.29
CA THR C 979 12.35 45.82 21.41
C THR C 979 10.91 45.62 21.03
N PHE C 980 10.62 45.44 19.74
CA PHE C 980 9.21 45.37 19.30
C PHE C 980 8.69 43.95 19.19
N GLY C 981 9.56 42.98 19.02
CA GLY C 981 9.09 41.59 19.03
C GLY C 981 8.86 41.07 20.43
N ALA C 982 9.22 41.81 21.46
CA ALA C 982 9.12 41.31 22.84
C ALA C 982 8.37 42.30 23.71
N GLY C 983 7.77 43.31 23.12
CA GLY C 983 7.12 44.35 23.95
C GLY C 983 6.63 45.49 23.10
N PRO C 984 6.29 46.65 23.67
CA PRO C 984 5.91 47.77 22.86
C PRO C 984 7.14 48.23 22.06
N ALA C 985 6.91 48.75 20.86
CA ALA C 985 8.04 49.17 20.02
C ALA C 985 8.63 50.42 20.65
N LEU C 986 9.86 50.34 21.14
CA LEU C 986 10.53 51.49 21.74
C LEU C 986 11.57 52.00 20.75
N GLN C 987 11.47 53.26 20.36
CA GLN C 987 12.37 53.78 19.31
C GLN C 987 13.77 53.88 19.88
N ILE C 988 14.74 53.64 19.01
CA ILE C 988 16.16 53.70 19.44
C ILE C 988 16.97 54.15 18.23
N PRO C 989 17.98 55.02 18.38
CA PRO C 989 18.72 55.42 17.23
C PRO C 989 19.42 54.22 16.60
N PHE C 990 19.35 54.09 15.29
CA PHE C 990 19.91 52.89 14.62
C PHE C 990 21.38 52.72 14.87
N PRO C 991 22.25 53.75 14.84
CA PRO C 991 23.64 53.54 15.23
C PRO C 991 23.75 53.04 16.68
N MET C 992 22.93 53.57 17.55
CA MET C 992 22.94 53.07 18.94
C MET C 992 22.49 51.62 18.99
N GLN C 993 21.55 51.24 18.14
CA GLN C 993 21.09 49.84 18.11
C GLN C 993 22.23 48.96 17.68
N MET C 994 22.97 49.37 16.66
CA MET C 994 24.07 48.53 16.17
C MET C 994 25.13 48.46 17.26
N ALA C 995 25.30 49.50 18.07
CA ALA C 995 26.26 49.41 19.18
C ALA C 995 25.79 48.37 20.20
N TYR C 996 24.49 48.34 20.48
CA TYR C 996 23.95 47.33 21.40
C TYR C 996 24.29 45.96 20.83
N ARG C 997 24.12 45.79 19.53
CA ARG C 997 24.40 44.51 18.89
C ARG C 997 25.89 44.16 18.96
N PHE C 998 26.82 45.12 18.78
CA PHE C 998 28.23 44.74 18.91
C PHE C 998 28.49 44.30 20.34
N ASN C 999 27.88 44.97 21.30
CA ASN C 999 28.09 44.60 22.71
C ASN C 999 27.56 43.19 22.83
N GLY C 1000 26.59 42.84 22.02
CA GLY C 1000 26.01 41.49 22.04
C GLY C 1000 27.02 40.43 21.67
N ILE C 1001 27.90 40.70 20.74
CA ILE C 1001 28.86 39.67 20.25
C ILE C 1001 30.21 39.87 20.92
N GLY C 1002 30.26 40.56 22.04
CA GLY C 1002 31.52 40.68 22.79
C GLY C 1002 32.48 41.72 22.25
N VAL C 1003 32.01 42.63 21.40
CA VAL C 1003 32.86 43.75 20.94
C VAL C 1003 32.29 45.03 21.52
N THR C 1004 33.07 45.77 22.30
CA THR C 1004 32.54 46.96 23.00
C THR C 1004 32.00 47.97 22.00
N GLN C 1005 30.98 48.73 22.40
CA GLN C 1005 30.24 49.65 21.47
C GLN C 1005 31.12 50.71 20.84
N ASN C 1006 32.15 51.14 21.54
CA ASN C 1006 32.99 52.25 21.04
C ASN C 1006 33.61 51.90 19.70
N VAL C 1007 33.81 50.63 19.39
CA VAL C 1007 34.37 50.26 18.07
C VAL C 1007 33.45 50.75 16.97
N LEU C 1008 32.15 50.62 17.15
CA LEU C 1008 31.19 51.09 16.12
C LEU C 1008 31.20 52.61 16.03
N TYR C 1009 31.23 53.28 17.17
CA TYR C 1009 31.15 54.75 17.13
C TYR C 1009 32.40 55.29 16.45
N GLU C 1010 33.54 54.69 16.74
CA GLU C 1010 34.80 55.23 16.18
C GLU C 1010 35.00 54.81 14.73
N ASN C 1011 34.10 53.99 14.17
CA ASN C 1011 34.27 53.48 12.80
C ASN C 1011 32.94 53.55 12.04
N GLN C 1012 32.02 54.41 12.46
CA GLN C 1012 30.65 54.38 11.90
C GLN C 1012 30.71 54.58 10.41
N LYS C 1013 31.55 55.46 9.91
CA LYS C 1013 31.48 55.67 8.45
C LYS C 1013 31.88 54.39 7.73
N LEU C 1014 32.99 53.77 8.14
CA LEU C 1014 33.47 52.58 7.41
C LEU C 1014 32.44 51.46 7.59
N ILE C 1015 31.90 51.32 8.79
CA ILE C 1015 30.97 50.20 9.06
C ILE C 1015 29.73 50.33 8.19
N ALA C 1016 29.19 51.53 8.12
CA ALA C 1016 27.99 51.75 7.31
C ALA C 1016 28.35 51.53 5.83
N ASN C 1017 29.54 51.96 5.44
CA ASN C 1017 29.85 51.85 4.00
C ASN C 1017 29.93 50.36 3.63
N GLN C 1018 30.54 49.56 4.49
CA GLN C 1018 30.69 48.13 4.14
C GLN C 1018 29.30 47.53 4.12
N PHE C 1019 28.44 47.95 5.05
CA PHE C 1019 27.08 47.37 5.13
C PHE C 1019 26.35 47.71 3.84
N ASN C 1020 26.46 48.94 3.39
CA ASN C 1020 25.74 49.37 2.16
C ASN C 1020 26.26 48.58 0.96
N SER C 1021 27.57 48.46 0.85
CA SER C 1021 28.13 47.78 -0.34
C SER C 1021 27.72 46.32 -0.32
N ALA C 1022 27.73 45.71 0.86
CA ALA C 1022 27.38 44.26 0.99
C ALA C 1022 25.93 44.08 0.60
N ILE C 1023 25.08 45.02 1.00
CA ILE C 1023 23.64 44.92 0.67
C ILE C 1023 23.53 44.97 -0.84
N GLY C 1024 24.28 45.86 -1.44
CA GLY C 1024 24.13 46.01 -2.89
C GLY C 1024 24.56 44.79 -3.63
N LYS C 1025 25.62 44.13 -3.16
CA LYS C 1025 26.18 42.99 -3.94
C LYS C 1025 25.17 41.86 -4.03
N ILE C 1026 24.20 41.85 -3.12
CA ILE C 1026 23.22 40.72 -3.05
C ILE C 1026 22.43 40.66 -4.34
N GLN C 1027 22.05 41.81 -4.86
CA GLN C 1027 21.20 41.80 -6.07
C GLN C 1027 21.98 41.11 -7.19
N ASP C 1028 23.24 41.47 -7.37
CA ASP C 1028 24.04 40.90 -8.48
C ASP C 1028 24.28 39.42 -8.25
N SER C 1029 24.57 39.07 -7.01
CA SER C 1029 24.87 37.66 -6.68
C SER C 1029 23.62 36.81 -6.91
N LEU C 1030 22.44 37.42 -6.86
CA LEU C 1030 21.20 36.63 -7.02
C LEU C 1030 20.83 36.60 -8.49
N SER C 1031 20.77 37.75 -9.15
CA SER C 1031 20.26 37.78 -10.54
C SER C 1031 21.09 36.89 -11.48
N SER C 1032 22.41 37.03 -11.45
CA SER C 1032 23.25 36.26 -12.39
C SER C 1032 23.17 34.76 -12.09
N THR C 1033 23.19 34.40 -10.81
CA THR C 1033 23.24 32.95 -10.50
C THR C 1033 21.82 32.40 -10.44
N PRO C 1034 21.42 31.49 -11.35
CA PRO C 1034 20.06 31.02 -11.39
C PRO C 1034 19.73 29.97 -10.32
N SER C 1035 20.73 29.21 -9.86
CA SER C 1035 20.42 28.06 -8.95
C SER C 1035 20.44 28.51 -7.50
N ALA C 1036 20.66 29.79 -7.25
CA ALA C 1036 20.56 30.29 -5.86
C ALA C 1036 19.10 30.12 -5.39
N LEU C 1037 18.13 30.37 -6.27
CA LEU C 1037 16.70 30.32 -5.88
C LEU C 1037 16.17 28.92 -6.17
N GLY C 1038 17.06 27.93 -6.21
CA GLY C 1038 16.63 26.58 -6.54
C GLY C 1038 15.63 26.05 -5.53
N LYS C 1039 15.77 26.40 -4.27
CA LYS C 1039 14.86 25.79 -3.28
C LYS C 1039 13.44 26.22 -3.61
N LEU C 1040 13.22 27.48 -3.95
CA LEU C 1040 11.85 27.98 -4.17
C LEU C 1040 11.35 27.49 -5.53
N GLN C 1041 12.24 27.05 -6.39
CA GLN C 1041 11.84 26.65 -7.76
C GLN C 1041 11.57 25.16 -7.83
N ASP C 1042 12.35 24.34 -7.16
CA ASP C 1042 12.15 22.89 -7.27
C ASP C 1042 10.81 22.54 -6.68
N VAL C 1043 10.33 23.34 -5.74
CA VAL C 1043 9.02 23.05 -5.11
C VAL C 1043 7.93 23.17 -6.19
N VAL C 1044 7.95 24.24 -6.96
CA VAL C 1044 6.88 24.44 -7.98
C VAL C 1044 7.13 23.45 -9.11
N ASN C 1045 8.39 23.13 -9.36
CA ASN C 1045 8.69 22.11 -10.39
C ASN C 1045 8.05 20.79 -9.98
N GLN C 1046 8.23 20.39 -8.72
CA GLN C 1046 7.70 19.08 -8.28
C GLN C 1046 6.18 19.16 -8.31
N ASN C 1047 5.62 20.29 -7.91
CA ASN C 1047 4.14 20.38 -7.88
C ASN C 1047 3.59 20.23 -9.30
N ALA C 1048 4.18 20.94 -10.27
CA ALA C 1048 3.65 20.90 -11.64
C ALA C 1048 3.86 19.53 -12.23
N GLN C 1049 5.01 18.93 -11.95
CA GLN C 1049 5.31 17.61 -12.53
C GLN C 1049 4.33 16.58 -12.00
N ALA C 1050 4.02 16.66 -10.72
CA ALA C 1050 3.09 15.68 -10.14
C ALA C 1050 1.72 15.86 -10.77
N LEU C 1051 1.28 17.10 -10.94
CA LEU C 1051 -0.05 17.33 -11.53
C LEU C 1051 -0.04 16.81 -12.96
N ASN C 1052 1.04 17.08 -13.69
CA ASN C 1052 1.07 16.69 -15.12
C ASN C 1052 1.02 15.18 -15.25
N THR C 1053 1.76 14.50 -14.40
CA THR C 1053 1.80 13.03 -14.50
C THR C 1053 0.42 12.48 -14.15
N LEU C 1054 -0.23 13.06 -13.17
CA LEU C 1054 -1.58 12.60 -12.82
C LEU C 1054 -2.50 12.82 -14.02
N VAL C 1055 -2.38 13.97 -14.66
CA VAL C 1055 -3.32 14.27 -15.77
C VAL C 1055 -3.09 13.29 -16.92
N LYS C 1056 -1.84 13.05 -17.25
CA LYS C 1056 -1.53 12.14 -18.36
C LYS C 1056 -1.97 10.74 -18.01
N GLN C 1057 -2.00 10.40 -16.73
CA GLN C 1057 -2.34 9.00 -16.37
C GLN C 1057 -3.77 8.72 -16.79
N LEU C 1058 -4.58 9.76 -17.01
CA LEU C 1058 -5.98 9.56 -17.48
C LEU C 1058 -5.96 8.89 -18.87
N SER C 1059 -4.89 9.03 -19.62
CA SER C 1059 -4.86 8.49 -20.99
C SER C 1059 -4.15 7.14 -20.98
N SER C 1060 -4.26 6.42 -19.87
CA SER C 1060 -3.68 5.06 -19.81
C SER C 1060 -4.82 4.05 -19.69
N ASN C 1061 -4.76 3.00 -20.50
CA ASN C 1061 -5.83 1.98 -20.49
C ASN C 1061 -5.88 1.26 -19.15
N PHE C 1062 -4.73 1.04 -18.52
CA PHE C 1062 -4.69 0.18 -17.32
C PHE C 1062 -5.15 -1.20 -17.77
N GLY C 1063 -4.86 -1.54 -19.03
CA GLY C 1063 -5.17 -2.88 -19.55
C GLY C 1063 -6.61 -3.01 -20.03
N ALA C 1064 -7.38 -1.94 -19.93
CA ALA C 1064 -8.77 -1.98 -20.45
C ALA C 1064 -8.76 -1.78 -21.97
N ILE C 1065 -9.91 -1.97 -22.60
CA ILE C 1065 -10.02 -1.87 -24.08
C ILE C 1065 -9.84 -0.43 -24.56
N SER C 1066 -10.26 0.56 -23.78
CA SER C 1066 -10.15 1.96 -24.25
C SER C 1066 -9.92 2.92 -23.10
N SER C 1067 -9.23 4.02 -23.36
CA SER C 1067 -8.89 4.99 -22.30
C SER C 1067 -9.96 6.09 -22.20
N VAL C 1068 -10.96 6.04 -23.06
CA VAL C 1068 -12.08 7.02 -22.98
C VAL C 1068 -13.33 6.26 -22.59
N LEU C 1069 -13.95 6.66 -21.48
CA LEU C 1069 -15.11 5.92 -20.97
C LEU C 1069 -16.24 5.97 -21.99
N ASN C 1070 -16.44 7.11 -22.67
CA ASN C 1070 -17.56 7.23 -23.64
C ASN C 1070 -17.35 6.23 -24.76
N ASP C 1071 -16.13 6.11 -25.24
CA ASP C 1071 -15.85 5.20 -26.37
C ASP C 1071 -16.14 3.79 -25.93
N ILE C 1072 -15.85 3.46 -24.68
CA ILE C 1072 -16.20 2.10 -24.20
C ILE C 1072 -17.71 1.95 -24.21
N LEU C 1073 -18.42 2.96 -23.75
CA LEU C 1073 -19.89 2.80 -23.63
C LEU C 1073 -20.51 2.71 -25.02
N SER C 1074 -19.87 3.31 -26.01
CA SER C 1074 -20.37 3.26 -27.40
C SER C 1074 -20.25 1.85 -27.97
N ARG C 1075 -19.29 1.06 -27.48
CA ARG C 1075 -19.05 -0.25 -28.12
C ARG C 1075 -19.31 -1.45 -27.22
N LEU C 1076 -19.98 -1.26 -26.08
CA LEU C 1076 -20.33 -2.44 -25.25
C LEU C 1076 -21.67 -2.27 -24.55
N ASP C 1077 -22.38 -3.38 -24.34
CA ASP C 1077 -23.64 -3.36 -23.56
C ASP C 1077 -23.26 -3.22 -22.10
N PRO C 1078 -24.15 -2.71 -21.24
CA PRO C 1078 -23.77 -2.47 -19.85
C PRO C 1078 -23.24 -3.71 -19.12
N PRO C 1079 -23.80 -4.92 -19.29
CA PRO C 1079 -23.24 -6.05 -18.62
C PRO C 1079 -21.77 -6.32 -18.98
N GLU C 1080 -21.38 -6.10 -20.22
CA GLU C 1080 -19.96 -6.29 -20.61
C GLU C 1080 -19.15 -5.02 -20.39
N ALA C 1081 -19.78 -3.87 -20.23
CA ALA C 1081 -19.06 -2.62 -19.91
C ALA C 1081 -18.60 -2.62 -18.45
N GLU C 1082 -19.13 -3.52 -17.65
CA GLU C 1082 -18.75 -3.59 -16.21
C GLU C 1082 -17.26 -3.89 -16.08
N VAL C 1083 -16.73 -4.85 -16.83
CA VAL C 1083 -15.30 -5.20 -16.65
C VAL C 1083 -14.43 -4.02 -17.07
N GLN C 1084 -14.75 -3.40 -18.20
CA GLN C 1084 -13.87 -2.32 -18.68
C GLN C 1084 -13.93 -1.13 -17.75
N ILE C 1085 -15.14 -0.77 -17.37
CA ILE C 1085 -15.29 0.37 -16.47
C ILE C 1085 -14.57 0.04 -15.15
N ASP C 1086 -14.67 -1.20 -14.68
CA ASP C 1086 -14.07 -1.52 -13.38
C ASP C 1086 -12.56 -1.37 -13.47
N ARG C 1087 -11.96 -1.87 -14.54
CA ARG C 1087 -10.49 -1.83 -14.63
C ARG C 1087 -10.03 -0.37 -14.74
N LEU C 1088 -10.74 0.42 -15.54
CA LEU C 1088 -10.35 1.84 -15.69
C LEU C 1088 -10.50 2.52 -14.34
N ILE C 1089 -11.58 2.23 -13.61
CA ILE C 1089 -11.81 2.96 -12.33
C ILE C 1089 -10.71 2.57 -11.35
N THR C 1090 -10.36 1.29 -11.34
CA THR C 1090 -9.31 0.85 -10.40
C THR C 1090 -8.03 1.60 -10.74
N GLY C 1091 -7.69 1.69 -12.02
CA GLY C 1091 -6.41 2.33 -12.38
C GLY C 1091 -6.43 3.78 -12.02
N ARG C 1092 -7.53 4.45 -12.33
CA ARG C 1092 -7.55 5.93 -12.13
C ARG C 1092 -7.51 6.21 -10.64
N LEU C 1093 -8.21 5.40 -9.87
CA LEU C 1093 -8.25 5.60 -8.42
C LEU C 1093 -6.82 5.41 -7.91
N GLN C 1094 -6.10 4.44 -8.42
CA GLN C 1094 -4.75 4.20 -7.87
C GLN C 1094 -3.87 5.40 -8.18
N SER C 1095 -4.01 5.95 -9.37
CA SER C 1095 -3.18 7.11 -9.76
C SER C 1095 -3.47 8.28 -8.83
N LEU C 1096 -4.75 8.51 -8.54
CA LEU C 1096 -5.14 9.62 -7.64
C LEU C 1096 -4.57 9.34 -6.27
N GLN C 1097 -4.62 8.09 -5.82
CA GLN C 1097 -4.14 7.78 -4.45
C GLN C 1097 -2.65 8.05 -4.36
N THR C 1098 -1.90 7.64 -5.36
CA THR C 1098 -0.44 7.86 -5.38
C THR C 1098 -0.18 9.36 -5.36
N TYR C 1099 -0.95 10.13 -6.13
CA TYR C 1099 -0.70 11.58 -6.19
C TYR C 1099 -0.92 12.16 -4.81
N VAL C 1100 -2.00 11.77 -4.16
CA VAL C 1100 -2.34 12.39 -2.86
C VAL C 1100 -1.24 12.02 -1.89
N THR C 1101 -0.78 10.78 -1.93
CA THR C 1101 0.21 10.35 -0.90
C THR C 1101 1.48 11.14 -1.07
N GLN C 1102 1.94 11.31 -2.31
CA GLN C 1102 3.20 12.03 -2.52
C GLN C 1102 3.04 13.48 -2.10
N GLN C 1103 1.88 14.06 -2.41
CA GLN C 1103 1.63 15.46 -2.04
C GLN C 1103 1.64 15.59 -0.51
N LEU C 1104 1.08 14.63 0.20
CA LEU C 1104 1.05 14.72 1.68
C LEU C 1104 2.47 14.69 2.22
N ILE C 1105 3.32 13.84 1.67
CA ILE C 1105 4.72 13.75 2.16
C ILE C 1105 5.45 15.05 1.86
N ARG C 1106 5.28 15.57 0.65
CA ARG C 1106 5.94 16.83 0.27
C ARG C 1106 5.41 17.98 1.13
N ALA C 1107 4.13 17.97 1.44
CA ALA C 1107 3.58 19.02 2.32
C ALA C 1107 4.18 18.96 3.70
N ALA C 1108 4.46 17.77 4.21
CA ALA C 1108 5.12 17.67 5.53
C ALA C 1108 6.50 18.27 5.45
N GLU C 1109 7.21 18.02 4.36
CA GLU C 1109 8.55 18.62 4.20
C GLU C 1109 8.43 20.14 4.18
N ILE C 1110 7.46 20.65 3.46
CA ILE C 1110 7.23 22.12 3.38
C ILE C 1110 6.85 22.64 4.76
N ARG C 1111 6.10 21.88 5.53
CA ARG C 1111 5.73 22.34 6.88
C ARG C 1111 6.97 22.47 7.74
N ALA C 1112 7.87 21.52 7.65
CA ALA C 1112 9.11 21.62 8.44
C ALA C 1112 9.87 22.86 8.01
N SER C 1113 9.94 23.13 6.71
CA SER C 1113 10.71 24.28 6.21
C SER C 1113 10.09 25.57 6.69
N ALA C 1114 8.78 25.66 6.65
CA ALA C 1114 8.08 26.87 7.11
C ALA C 1114 8.25 27.04 8.58
N ASN C 1115 8.24 25.96 9.35
CA ASN C 1115 8.47 26.08 10.81
C ASN C 1115 9.89 26.60 11.07
N LEU C 1116 10.86 26.10 10.33
CA LEU C 1116 12.24 26.60 10.50
C LEU C 1116 12.29 28.06 10.11
N ALA C 1117 11.58 28.43 9.06
CA ALA C 1117 11.56 29.84 8.64
C ALA C 1117 10.95 30.70 9.74
N ALA C 1118 9.92 30.20 10.38
CA ALA C 1118 9.27 31.03 11.40
C ALA C 1118 10.20 31.21 12.58
N THR C 1119 10.89 30.15 12.97
CA THR C 1119 11.82 30.27 14.09
C THR C 1119 12.94 31.22 13.69
N LYS C 1120 13.39 31.13 12.45
CA LYS C 1120 14.46 32.02 11.99
C LYS C 1120 13.96 33.43 12.02
N MET C 1121 12.73 33.67 11.60
CA MET C 1121 12.21 35.06 11.68
C MET C 1121 12.19 35.52 13.13
N SER C 1122 11.67 34.70 14.02
CA SER C 1122 11.54 35.16 15.41
C SER C 1122 12.91 35.34 16.03
N GLU C 1123 13.88 34.49 15.72
CA GLU C 1123 15.17 34.51 16.44
C GLU C 1123 16.25 35.30 15.73
N CYS C 1124 16.20 35.46 14.43
CA CYS C 1124 17.19 36.33 13.76
C CYS C 1124 16.64 37.74 13.55
N VAL C 1125 15.37 37.89 13.23
CA VAL C 1125 14.85 39.25 12.92
C VAL C 1125 14.43 39.95 14.20
N LEU C 1126 13.64 39.30 15.05
CA LEU C 1126 13.10 40.03 16.22
C LEU C 1126 14.08 39.95 17.35
N GLY C 1127 15.26 39.42 17.11
CA GLY C 1127 16.28 39.39 18.17
C GLY C 1127 17.67 39.08 17.64
N GLN C 1128 18.68 39.05 18.50
CA GLN C 1128 20.05 38.67 18.09
C GLN C 1128 20.29 37.23 18.56
N SER C 1129 20.85 36.40 17.70
CA SER C 1129 20.99 34.97 18.04
C SER C 1129 22.42 34.64 18.44
N LYS C 1130 22.60 34.00 19.60
CA LYS C 1130 23.95 33.56 19.99
C LYS C 1130 24.18 32.17 19.39
N ARG C 1131 23.17 31.59 18.76
CA ARG C 1131 23.30 30.24 18.22
C ARG C 1131 24.30 30.37 17.10
N VAL C 1132 25.26 29.46 17.04
CA VAL C 1132 26.30 29.53 15.99
C VAL C 1132 25.74 29.06 14.66
N ASP C 1133 25.98 29.81 13.59
CA ASP C 1133 25.66 29.37 12.21
C ASP C 1133 24.17 29.22 11.99
N PHE C 1134 23.36 29.75 12.89
CA PHE C 1134 21.90 29.69 12.66
C PHE C 1134 21.48 30.84 11.76
N CYS C 1135 21.77 32.09 12.15
CA CYS C 1135 21.44 33.24 11.29
C CYS C 1135 22.69 33.64 10.51
N GLY C 1136 23.03 32.86 9.50
CA GLY C 1136 24.18 33.20 8.65
C GLY C 1136 25.49 32.72 9.22
N LYS C 1137 26.53 32.68 8.40
CA LYS C 1137 27.85 32.23 8.90
C LYS C 1137 28.62 33.39 9.51
N GLY C 1138 28.88 33.32 10.81
CA GLY C 1138 29.61 34.38 11.50
C GLY C 1138 28.90 34.79 12.77
N TYR C 1139 29.25 35.94 13.30
CA TYR C 1139 28.57 36.45 14.49
C TYR C 1139 27.37 37.26 14.03
N HIS C 1140 26.19 36.73 14.27
CA HIS C 1140 24.97 37.37 13.72
C HIS C 1140 24.74 38.72 14.38
N LEU C 1141 24.37 39.70 13.57
CA LEU C 1141 24.06 41.04 14.11
C LEU C 1141 22.58 41.31 13.91
N MET C 1142 22.07 41.19 12.67
CA MET C 1142 20.63 41.43 12.38
C MET C 1142 20.26 40.72 11.08
N SER C 1143 18.99 40.45 10.86
CA SER C 1143 18.57 39.85 9.57
C SER C 1143 17.35 40.60 9.04
N PHE C 1144 17.37 40.94 7.76
CA PHE C 1144 16.24 41.68 7.15
C PHE C 1144 15.47 40.74 6.23
N PRO C 1145 14.21 40.44 6.54
CA PRO C 1145 13.48 39.48 5.76
C PRO C 1145 13.07 40.00 4.39
N GLN C 1146 12.85 39.12 3.45
CA GLN C 1146 12.34 39.51 2.13
C GLN C 1146 11.37 38.43 1.64
N SER C 1147 10.30 38.83 0.97
CA SER C 1147 9.29 37.88 0.51
C SER C 1147 9.74 37.25 -0.79
N ALA C 1148 9.07 36.19 -1.19
CA ALA C 1148 9.40 35.51 -2.44
C ALA C 1148 8.20 34.70 -2.88
N PRO C 1149 8.17 34.12 -4.09
CA PRO C 1149 7.05 33.30 -4.43
C PRO C 1149 7.07 32.02 -3.60
N HIS C 1150 6.04 31.85 -2.78
CA HIS C 1150 5.96 30.65 -1.91
C HIS C 1150 7.22 30.51 -1.06
N GLY C 1151 7.67 31.57 -0.41
CA GLY C 1151 8.83 31.42 0.48
C GLY C 1151 9.22 32.70 1.16
N VAL C 1152 10.43 32.75 1.70
CA VAL C 1152 10.95 33.99 2.32
C VAL C 1152 12.46 34.01 2.13
N VAL C 1153 13.03 35.19 2.06
CA VAL C 1153 14.47 35.34 1.85
C VAL C 1153 15.01 36.15 3.01
N PHE C 1154 16.06 35.65 3.63
CA PHE C 1154 16.62 36.35 4.77
C PHE C 1154 17.98 36.87 4.38
N LEU C 1155 18.18 38.17 4.54
CA LEU C 1155 19.51 38.72 4.31
C LEU C 1155 20.13 38.79 5.70
N HIS C 1156 21.27 38.15 5.87
CA HIS C 1156 21.86 38.07 7.21
C HIS C 1156 22.98 39.07 7.36
N VAL C 1157 23.00 39.80 8.47
CA VAL C 1157 24.12 40.74 8.73
C VAL C 1157 24.99 40.11 9.81
N THR C 1158 26.26 39.97 9.52
CA THR C 1158 27.18 39.29 10.44
C THR C 1158 28.45 40.10 10.63
N TYR C 1159 29.16 39.90 11.73
CA TYR C 1159 30.46 40.55 11.96
C TYR C 1159 31.49 39.45 11.87
N VAL C 1160 32.41 39.57 10.94
CA VAL C 1160 33.44 38.52 10.71
C VAL C 1160 34.79 39.15 10.99
N PRO C 1161 35.54 38.66 11.99
CA PRO C 1161 36.83 39.21 12.26
C PRO C 1161 37.80 39.06 11.09
N ALA C 1162 38.65 40.05 10.86
CA ALA C 1162 39.63 40.01 9.75
C ALA C 1162 40.95 40.64 10.13
N GLN C 1163 42.00 40.38 9.34
CA GLN C 1163 43.34 40.97 9.59
C GLN C 1163 43.87 40.60 10.97
N GLU C 1164 44.01 39.31 11.22
CA GLU C 1164 44.55 38.83 12.51
C GLU C 1164 46.05 39.06 12.62
N LYS C 1165 46.59 38.91 13.83
CA LYS C 1165 48.04 39.12 14.04
C LYS C 1165 48.52 38.21 15.17
N ASN C 1166 49.74 37.70 15.05
CA ASN C 1166 50.29 36.79 16.08
C ASN C 1166 50.54 37.59 17.35
N PHE C 1167 50.37 36.96 18.49
CA PHE C 1167 50.71 37.65 19.75
C PHE C 1167 51.14 36.62 20.77
N THR C 1168 51.77 37.11 21.82
CA THR C 1168 52.18 36.20 22.91
C THR C 1168 51.19 36.43 24.03
N THR C 1169 50.76 35.36 24.68
CA THR C 1169 49.71 35.53 25.67
C THR C 1169 50.20 35.11 27.05
N ALA C 1170 49.34 35.19 28.05
CA ALA C 1170 49.71 34.74 29.40
C ALA C 1170 48.45 34.45 30.17
N PRO C 1171 48.38 33.39 30.99
CA PRO C 1171 47.17 33.07 31.68
C PRO C 1171 46.95 34.11 32.75
N ALA C 1172 48.03 34.65 33.26
CA ALA C 1172 47.93 35.64 34.33
C ALA C 1172 49.17 36.51 34.36
N ILE C 1173 49.14 37.58 35.16
CA ILE C 1173 50.36 38.39 35.35
C ILE C 1173 50.59 38.56 36.85
N CYS C 1174 51.77 38.20 37.34
CA CYS C 1174 52.10 38.31 38.78
C CYS C 1174 52.71 39.69 39.05
N HIS C 1175 52.19 40.38 40.08
CA HIS C 1175 52.64 41.78 40.34
C HIS C 1175 53.32 41.88 41.70
N ASP C 1176 52.63 41.49 42.76
CA ASP C 1176 53.19 41.59 44.13
C ASP C 1176 53.11 40.20 44.75
N GLY C 1177 53.38 39.19 43.95
CA GLY C 1177 53.24 37.83 44.46
C GLY C 1177 51.81 37.36 44.35
N LYS C 1178 50.96 38.15 43.71
CA LYS C 1178 49.53 37.78 43.56
C LYS C 1178 49.22 37.53 42.08
N ALA C 1179 48.22 36.69 41.83
CA ALA C 1179 47.89 36.35 40.43
C ALA C 1179 46.77 37.24 39.90
N HIS C 1180 46.97 37.82 38.72
CA HIS C 1180 45.95 38.76 38.18
C HIS C 1180 45.40 38.21 36.86
N PHE C 1181 44.08 38.24 36.69
CA PHE C 1181 43.48 37.67 35.47
C PHE C 1181 42.63 38.71 34.79
N PRO C 1182 42.48 38.65 33.45
CA PRO C 1182 41.77 39.69 32.76
C PRO C 1182 40.29 39.60 33.05
N ARG C 1183 39.70 40.73 33.43
CA ARG C 1183 38.27 40.72 33.77
C ARG C 1183 37.50 40.47 32.49
N GLU C 1184 37.91 41.12 31.40
CA GLU C 1184 37.04 41.03 30.22
C GLU C 1184 37.84 40.75 28.96
N GLY C 1185 39.08 40.34 29.10
CA GLY C 1185 39.91 40.26 27.91
C GLY C 1185 40.99 39.23 27.99
N VAL C 1186 42.13 39.52 27.38
CA VAL C 1186 43.22 38.53 27.32
C VAL C 1186 44.54 39.29 27.30
N PHE C 1187 45.52 38.83 28.06
CA PHE C 1187 46.80 39.57 28.11
C PHE C 1187 47.60 39.25 26.86
N VAL C 1188 48.07 40.30 26.22
CA VAL C 1188 48.90 40.10 25.00
C VAL C 1188 50.15 40.96 25.12
N SER C 1189 51.18 40.61 24.36
CA SER C 1189 52.46 41.33 24.47
C SER C 1189 53.06 41.53 23.09
N ASN C 1190 53.31 42.78 22.73
CA ASN C 1190 53.93 43.11 21.42
C ASN C 1190 55.43 42.88 21.58
N GLY C 1191 55.87 42.55 22.80
CA GLY C 1191 57.28 42.25 23.09
C GLY C 1191 57.81 43.14 24.18
N THR C 1192 57.41 44.41 24.15
CA THR C 1192 57.94 45.38 25.13
C THR C 1192 57.03 45.41 26.33
N HIS C 1193 55.73 45.56 26.09
CA HIS C 1193 54.81 45.72 27.23
C HIS C 1193 53.72 44.67 27.18
N TRP C 1194 52.98 44.54 28.27
CA TRP C 1194 51.85 43.59 28.31
C TRP C 1194 50.54 44.37 28.37
N PHE C 1195 49.59 44.01 27.52
CA PHE C 1195 48.33 44.78 27.45
C PHE C 1195 47.17 43.81 27.56
N VAL C 1196 46.00 44.33 27.92
CA VAL C 1196 44.78 43.51 27.92
C VAL C 1196 43.92 44.04 26.80
N THR C 1197 43.42 43.16 25.95
CA THR C 1197 42.61 43.59 24.80
C THR C 1197 41.33 42.78 24.73
N GLN C 1198 40.53 42.99 23.69
CA GLN C 1198 39.26 42.26 23.52
C GLN C 1198 39.55 40.90 22.92
N ARG C 1199 38.65 39.95 23.13
CA ARG C 1199 38.89 38.59 22.65
C ARG C 1199 38.66 38.59 21.15
N ASN C 1200 38.05 39.63 20.60
CA ASN C 1200 37.68 39.59 19.16
C ASN C 1200 38.16 40.80 18.33
N PHE C 1201 38.83 41.77 18.94
CA PHE C 1201 39.32 42.95 18.19
C PHE C 1201 40.51 43.52 18.93
N TYR C 1202 41.61 43.80 18.23
CA TYR C 1202 42.82 44.19 18.97
C TYR C 1202 42.80 45.65 19.35
N GLU C 1203 42.45 45.95 20.59
CA GLU C 1203 42.64 47.32 21.09
C GLU C 1203 43.42 47.18 22.39
N PRO C 1204 44.77 47.22 22.36
CA PRO C 1204 45.52 46.98 23.55
C PRO C 1204 45.33 48.09 24.56
N GLN C 1205 45.38 47.75 25.83
CA GLN C 1205 45.19 48.74 26.90
C GLN C 1205 46.34 48.62 27.90
N ILE C 1206 46.26 49.31 29.03
CA ILE C 1206 47.33 49.13 30.05
C ILE C 1206 46.75 48.37 31.23
N ILE C 1207 47.48 47.38 31.73
CA ILE C 1207 46.90 46.52 32.80
C ILE C 1207 46.80 47.31 34.10
N THR C 1208 45.58 47.53 34.54
CA THR C 1208 45.38 48.33 35.76
C THR C 1208 44.72 47.45 36.79
N THR C 1209 44.32 48.04 37.90
CA THR C 1209 43.59 47.25 38.92
C THR C 1209 42.10 47.26 38.58
N ASP C 1210 41.74 47.88 37.45
CA ASP C 1210 40.32 47.85 36.99
C ASP C 1210 40.18 46.93 35.78
N ASN C 1211 41.26 46.68 35.05
CA ASN C 1211 41.22 45.78 33.88
C ASN C 1211 41.40 44.34 34.34
N THR C 1212 41.77 44.13 35.60
CA THR C 1212 42.05 42.75 36.07
C THR C 1212 41.54 42.53 37.48
N PHE C 1213 41.64 41.30 37.94
CA PHE C 1213 41.23 40.96 39.32
C PHE C 1213 42.21 39.96 39.86
N VAL C 1214 42.36 39.92 41.17
CA VAL C 1214 43.42 39.08 41.76
C VAL C 1214 42.86 37.80 42.35
N SER C 1215 43.61 36.72 42.17
CA SER C 1215 43.23 35.43 42.81
C SER C 1215 44.45 34.73 43.40
N GLY C 1216 44.64 34.76 44.72
CA GLY C 1216 45.71 33.97 45.36
C GLY C 1216 47.14 34.35 45.05
N ASN C 1217 48.06 33.39 45.22
CA ASN C 1217 49.50 33.64 44.98
C ASN C 1217 49.93 33.10 43.62
N CYS C 1218 51.18 33.37 43.24
CA CYS C 1218 51.62 33.03 41.88
C CYS C 1218 52.31 31.67 41.82
N ASP C 1219 52.06 30.81 42.79
CA ASP C 1219 52.77 29.51 42.81
C ASP C 1219 51.91 28.43 42.15
N VAL C 1220 50.70 28.77 41.72
CA VAL C 1220 49.77 27.72 41.19
C VAL C 1220 49.61 27.84 39.68
N VAL C 1221 49.33 29.03 39.18
CA VAL C 1221 49.04 29.18 37.74
C VAL C 1221 50.25 28.75 36.91
N ILE C 1222 50.01 28.06 35.81
CA ILE C 1222 51.11 27.59 34.95
C ILE C 1222 51.23 28.62 33.85
N GLY C 1223 52.43 29.08 33.57
CA GLY C 1223 52.64 30.03 32.46
C GLY C 1223 52.50 31.46 32.90
N ILE C 1224 52.32 31.69 34.20
CA ILE C 1224 52.11 33.08 34.68
C ILE C 1224 53.39 33.86 34.45
N VAL C 1225 53.29 35.15 34.18
CA VAL C 1225 54.49 35.94 33.86
C VAL C 1225 54.56 37.13 34.79
N ASN C 1226 55.68 37.84 34.73
CA ASN C 1226 55.90 38.96 35.67
C ASN C 1226 55.69 40.29 34.98
N ASN C 1227 54.82 41.11 35.54
CA ASN C 1227 54.63 42.48 35.00
C ASN C 1227 53.98 43.32 36.09
N THR C 1228 53.87 44.61 35.83
CA THR C 1228 53.36 45.53 36.86
C THR C 1228 51.89 45.81 36.66
N VAL C 1229 51.12 45.72 37.74
CA VAL C 1229 49.70 46.12 37.68
C VAL C 1229 49.63 47.55 38.19
N TYR C 1230 49.62 48.50 37.27
CA TYR C 1230 49.61 49.93 37.65
C TYR C 1230 48.29 50.26 38.31
N ASP C 1231 48.34 51.12 39.31
CA ASP C 1231 47.08 51.56 39.96
C ASP C 1231 46.95 53.06 39.76
N PRO C 1232 45.89 53.55 39.11
CA PRO C 1232 45.69 54.99 38.98
C PRO C 1232 45.45 55.69 40.33
N LEU C 1233 45.10 54.94 41.36
CA LEU C 1233 44.86 55.56 42.69
C LEU C 1233 46.15 56.16 43.24
N GLN C 1234 47.31 55.58 42.93
CA GLN C 1234 48.60 56.09 43.50
C GLN C 1234 48.88 57.52 43.03
N PRO C 1235 48.76 57.90 41.74
CA PRO C 1235 48.94 59.30 41.35
C PRO C 1235 47.91 60.23 42.00
N GLU C 1236 46.67 59.75 42.13
CA GLU C 1236 45.61 60.59 42.75
C GLU C 1236 45.86 60.76 44.24
N LEU C 1237 46.50 59.79 44.86
CA LEU C 1237 46.86 59.94 46.29
C LEU C 1237 48.14 60.76 46.38
N ASP C 1238 48.90 60.81 45.27
CA ASP C 1238 50.15 61.63 45.26
C ASP C 1238 49.81 63.10 45.45
N SER C 1239 48.78 63.58 44.76
CA SER C 1239 48.41 65.01 44.84
C SER C 1239 46.93 65.17 45.17
N GLN D 17 -20.65 -43.26 -56.02
CA GLN D 17 -19.61 -43.78 -56.95
C GLN D 17 -18.41 -42.81 -57.01
N VAL D 18 -17.20 -43.34 -56.80
CA VAL D 18 -15.99 -42.47 -56.81
C VAL D 18 -15.20 -42.82 -58.07
N GLN D 19 -14.91 -41.80 -58.86
CA GLN D 19 -14.10 -42.03 -60.09
C GLN D 19 -12.66 -41.62 -59.82
N LEU D 20 -11.87 -42.55 -59.30
CA LEU D 20 -10.45 -42.24 -59.02
C LEU D 20 -9.74 -42.36 -60.36
N VAL D 21 -9.27 -41.23 -60.91
CA VAL D 21 -8.74 -41.19 -62.29
C VAL D 21 -7.22 -41.08 -62.26
N GLU D 22 -6.57 -41.84 -63.13
CA GLU D 22 -5.08 -41.85 -63.14
C GLU D 22 -4.53 -41.51 -64.53
N SER D 23 -3.39 -40.82 -64.56
CA SER D 23 -2.69 -40.54 -65.84
C SER D 23 -1.22 -40.28 -65.49
N GLY D 24 -0.34 -40.31 -66.50
CA GLY D 24 1.10 -40.15 -66.21
C GLY D 24 1.95 -41.38 -66.46
N GLY D 25 1.45 -42.35 -67.25
CA GLY D 25 2.30 -43.50 -67.65
C GLY D 25 3.34 -43.06 -68.68
N GLY D 26 4.41 -43.84 -68.86
CA GLY D 26 5.41 -43.51 -69.91
C GLY D 26 6.09 -44.74 -70.52
N LEU D 27 6.58 -44.64 -71.76
CA LEU D 27 7.27 -45.77 -72.44
C LEU D 27 8.77 -45.53 -72.37
N VAL D 28 9.18 -44.56 -71.55
CA VAL D 28 10.62 -44.16 -71.52
C VAL D 28 11.51 -45.23 -70.87
N GLN D 29 12.78 -45.23 -71.25
CA GLN D 29 13.74 -46.23 -70.71
C GLN D 29 14.28 -45.72 -69.36
N ALA D 30 15.24 -46.44 -68.78
CA ALA D 30 15.73 -46.04 -67.44
C ALA D 30 16.23 -44.59 -67.43
N GLY D 31 15.76 -43.80 -66.46
CA GLY D 31 16.15 -42.38 -66.33
C GLY D 31 15.02 -41.39 -66.57
N GLY D 32 14.00 -41.74 -67.35
CA GLY D 32 12.96 -40.74 -67.63
C GLY D 32 12.09 -40.50 -66.41
N SER D 33 11.81 -39.24 -66.09
CA SER D 33 11.04 -38.94 -64.84
C SER D 33 9.58 -38.67 -65.21
N LEU D 34 8.66 -39.35 -64.54
CA LEU D 34 7.22 -39.14 -64.82
C LEU D 34 6.41 -38.99 -63.52
N ARG D 35 5.16 -38.52 -63.64
CA ARG D 35 4.31 -38.29 -62.44
C ARG D 35 3.05 -39.15 -62.50
N LEU D 36 2.45 -39.42 -61.34
CA LEU D 36 1.23 -40.27 -61.29
C LEU D 36 0.11 -39.50 -60.55
N SER D 37 -0.69 -38.73 -61.28
CA SER D 37 -1.83 -38.00 -60.69
C SER D 37 -2.98 -38.97 -60.41
N CYS D 38 -3.65 -38.79 -59.27
CA CYS D 38 -4.79 -39.65 -58.91
C CYS D 38 -5.97 -38.72 -58.59
N ALA D 39 -6.71 -38.29 -59.62
CA ALA D 39 -7.84 -37.36 -59.46
C ALA D 39 -9.17 -38.10 -59.19
N ALA D 40 -9.97 -37.60 -58.24
CA ALA D 40 -11.28 -38.23 -57.94
C ALA D 40 -12.28 -37.05 -57.94
N SER D 41 -13.58 -37.34 -58.05
CA SER D 41 -14.62 -36.29 -58.03
C SER D 41 -15.86 -36.80 -57.32
N GLY D 42 -16.67 -35.91 -56.74
CA GLY D 42 -17.92 -36.33 -56.07
C GLY D 42 -17.63 -36.69 -54.62
N ARG D 43 -16.39 -36.55 -54.17
CA ARG D 43 -16.02 -36.96 -52.79
C ARG D 43 -15.02 -36.06 -52.06
N THR D 44 -14.94 -36.16 -50.73
CA THR D 44 -13.91 -35.39 -49.98
C THR D 44 -12.50 -35.74 -50.45
N PHE D 45 -11.63 -34.76 -50.68
CA PHE D 45 -10.30 -35.08 -51.27
C PHE D 45 -9.18 -34.61 -50.35
N SER D 46 -9.12 -33.32 -50.02
CA SER D 46 -7.95 -32.84 -49.24
C SER D 46 -7.76 -33.70 -47.98
N SER D 47 -8.85 -34.06 -47.32
CA SER D 47 -8.76 -34.84 -46.07
C SER D 47 -8.34 -36.29 -46.32
N TYR D 48 -8.50 -36.79 -47.54
CA TYR D 48 -8.23 -38.25 -47.75
C TYR D 48 -6.73 -38.52 -47.83
N SER D 49 -6.22 -39.24 -46.83
CA SER D 49 -4.79 -39.60 -46.85
C SER D 49 -4.71 -40.83 -47.74
N MET D 50 -4.08 -40.67 -48.89
CA MET D 50 -4.10 -41.80 -49.85
C MET D 50 -2.68 -42.15 -50.31
N GLY D 51 -2.43 -43.44 -50.49
CA GLY D 51 -1.09 -43.94 -50.86
C GLY D 51 -1.14 -44.79 -52.10
N TRP D 52 0.00 -45.01 -52.74
CA TRP D 52 -0.03 -45.69 -54.06
C TRP D 52 0.28 -47.18 -53.98
N PHE D 53 -0.42 -47.97 -54.80
CA PHE D 53 -0.16 -49.43 -54.87
C PHE D 53 0.06 -49.82 -56.31
N ARG D 54 0.32 -51.10 -56.53
CA ARG D 54 0.47 -51.60 -57.92
C ARG D 54 0.10 -53.07 -57.94
N GLN D 55 -0.22 -53.59 -59.13
CA GLN D 55 -0.47 -55.04 -59.24
C GLN D 55 0.52 -55.59 -60.27
N ALA D 56 1.70 -55.99 -59.80
CA ALA D 56 2.70 -56.62 -60.69
C ALA D 56 2.15 -57.97 -61.15
N GLN D 57 2.12 -58.23 -62.47
CA GLN D 57 1.68 -59.56 -62.98
C GLN D 57 2.75 -60.57 -62.59
N GLY D 58 2.36 -61.77 -62.14
CA GLY D 58 3.35 -62.72 -61.58
C GLY D 58 3.52 -62.45 -60.09
N LYS D 59 2.74 -61.51 -59.56
CA LYS D 59 2.79 -61.17 -58.11
C LYS D 59 1.38 -60.79 -57.68
N GLU D 60 1.17 -60.58 -56.38
CA GLU D 60 -0.15 -60.15 -55.89
C GLU D 60 -0.12 -58.66 -55.51
N ARG D 61 -1.26 -58.14 -55.03
CA ARG D 61 -1.36 -56.70 -54.69
C ARG D 61 -0.23 -56.34 -53.74
N GLU D 62 0.49 -55.26 -54.03
CA GLU D 62 1.68 -54.95 -53.20
C GLU D 62 1.76 -53.48 -52.83
N PHE D 63 2.47 -53.19 -51.76
CA PHE D 63 2.63 -51.79 -51.31
C PHE D 63 3.91 -51.20 -51.92
N VAL D 64 3.83 -49.95 -52.38
CA VAL D 64 5.03 -49.27 -52.94
C VAL D 64 5.46 -48.15 -51.99
N ALA D 65 4.60 -47.16 -51.78
CA ALA D 65 4.92 -46.03 -50.88
C ALA D 65 3.62 -45.28 -50.60
N THR D 66 3.68 -44.30 -49.69
CA THR D 66 2.43 -43.57 -49.35
C THR D 66 2.73 -42.14 -48.91
N ILE D 67 1.73 -41.27 -49.00
CA ILE D 67 1.87 -39.87 -48.51
C ILE D 67 0.63 -39.61 -47.68
N ASN D 68 0.59 -38.46 -47.01
CA ASN D 68 -0.57 -38.18 -46.12
C ASN D 68 -1.20 -36.84 -46.49
N GLY D 69 -2.35 -36.51 -45.91
CA GLY D 69 -3.11 -35.32 -46.34
C GLY D 69 -2.34 -34.00 -46.29
N ASN D 70 -1.58 -33.75 -45.24
CA ASN D 70 -0.82 -32.47 -45.15
C ASN D 70 0.57 -32.64 -45.79
N GLY D 71 0.83 -33.78 -46.46
CA GLY D 71 2.19 -34.04 -46.97
C GLY D 71 3.08 -34.17 -45.77
N ARG D 72 2.50 -34.59 -44.64
CA ARG D 72 3.23 -34.71 -43.35
C ARG D 72 4.27 -35.83 -43.32
N ASP D 73 3.95 -37.05 -43.77
CA ASP D 73 4.89 -38.20 -43.59
C ASP D 73 5.03 -38.98 -44.89
N THR D 74 6.05 -39.84 -44.96
CA THR D 74 6.20 -40.74 -46.12
C THR D 74 6.71 -42.10 -45.63
N TYR D 75 6.41 -43.19 -46.34
CA TYR D 75 7.03 -44.50 -46.00
C TYR D 75 7.34 -45.21 -47.30
N TYR D 76 8.60 -45.56 -47.50
CA TYR D 76 9.00 -46.17 -48.80
C TYR D 76 9.46 -47.60 -48.52
N THR D 77 8.99 -48.53 -49.36
CA THR D 77 9.36 -49.95 -49.18
C THR D 77 10.80 -50.11 -49.67
N ASN D 78 11.35 -51.32 -49.55
CA ASN D 78 12.79 -51.47 -49.85
C ASN D 78 13.06 -51.76 -51.35
N SER D 79 12.02 -51.84 -52.19
CA SER D 79 12.25 -51.98 -53.65
C SER D 79 12.13 -50.61 -54.33
N VAL D 80 11.58 -49.60 -53.65
CA VAL D 80 11.51 -48.22 -54.20
C VAL D 80 12.17 -47.30 -53.18
N LYS D 81 13.20 -47.79 -52.48
CA LYS D 81 13.79 -46.98 -51.38
C LYS D 81 14.30 -45.64 -51.91
N GLY D 82 15.02 -45.64 -53.05
CA GLY D 82 15.46 -44.35 -53.64
C GLY D 82 14.74 -44.04 -54.94
N ARG D 83 14.05 -45.03 -55.50
CA ARG D 83 13.42 -44.81 -56.83
C ARG D 83 12.23 -43.86 -56.75
N PHE D 84 11.38 -44.01 -55.75
CA PHE D 84 10.11 -43.22 -55.74
C PHE D 84 10.03 -42.23 -54.60
N THR D 85 9.59 -41.02 -54.90
CA THR D 85 9.33 -40.01 -53.86
C THR D 85 7.89 -39.59 -54.06
N ILE D 86 7.23 -39.04 -53.04
CA ILE D 86 5.79 -38.73 -53.22
C ILE D 86 5.53 -37.27 -52.83
N SER D 87 4.73 -36.56 -53.63
CA SER D 87 4.40 -35.14 -53.33
C SER D 87 2.96 -34.87 -53.76
N ARG D 88 2.26 -34.05 -52.99
CA ARG D 88 0.81 -33.86 -53.26
C ARG D 88 0.51 -32.56 -54.02
N ASP D 89 -0.79 -32.25 -54.16
CA ASP D 89 -1.18 -30.94 -54.76
C ASP D 89 -2.35 -30.43 -53.91
N ASP D 90 -2.64 -29.13 -54.00
CA ASP D 90 -3.71 -28.56 -53.17
C ASP D 90 -4.88 -28.05 -54.01
N ALA D 91 -4.63 -27.25 -55.04
CA ALA D 91 -5.76 -26.62 -55.76
C ALA D 91 -6.64 -27.60 -56.53
N THR D 92 -6.04 -28.51 -57.31
CA THR D 92 -6.83 -29.45 -58.17
C THR D 92 -7.13 -30.72 -57.37
N ASN D 93 -6.74 -30.73 -56.10
CA ASN D 93 -7.11 -31.86 -55.22
C ASN D 93 -6.58 -33.19 -55.75
N THR D 94 -5.25 -33.32 -55.76
CA THR D 94 -4.66 -34.57 -56.29
C THR D 94 -3.31 -34.86 -55.62
N VAL D 95 -2.90 -36.13 -55.59
CA VAL D 95 -1.54 -36.49 -55.09
C VAL D 95 -0.79 -37.09 -56.29
N TYR D 96 0.52 -36.89 -56.34
CA TYR D 96 1.33 -37.47 -57.44
C TYR D 96 2.22 -38.59 -56.89
N LEU D 97 2.75 -39.42 -57.78
CA LEU D 97 3.78 -40.38 -57.36
C LEU D 97 5.05 -40.03 -58.17
N GLN D 98 5.96 -39.27 -57.55
CA GLN D 98 7.20 -38.87 -58.24
C GLN D 98 8.05 -40.13 -58.37
N MET D 99 8.96 -40.15 -59.34
CA MET D 99 9.71 -41.39 -59.57
C MET D 99 11.05 -41.11 -60.25
N ASN D 100 12.01 -42.01 -60.09
CA ASN D 100 13.32 -41.91 -60.79
C ASN D 100 13.94 -43.31 -60.79
N SER D 101 14.96 -43.53 -61.62
CA SER D 101 15.68 -44.83 -61.63
C SER D 101 14.75 -46.01 -61.94
N LEU D 102 14.17 -46.04 -63.14
CA LEU D 102 13.21 -47.12 -63.51
C LEU D 102 13.86 -48.50 -63.46
N LYS D 103 13.06 -49.53 -63.15
CA LYS D 103 13.56 -50.92 -63.12
C LYS D 103 12.95 -51.65 -64.31
N PRO D 104 13.64 -52.61 -64.94
CA PRO D 104 13.08 -53.36 -66.05
C PRO D 104 11.79 -54.11 -65.71
N GLU D 105 11.66 -54.68 -64.51
CA GLU D 105 10.46 -55.48 -64.13
C GLU D 105 9.36 -54.56 -63.61
N ASP D 106 9.69 -53.29 -63.38
CA ASP D 106 8.73 -52.37 -62.70
C ASP D 106 7.43 -52.15 -63.50
N THR D 107 7.41 -52.43 -64.81
CA THR D 107 6.18 -52.15 -65.57
C THR D 107 5.03 -53.01 -65.04
N ALA D 108 3.88 -52.38 -64.75
CA ALA D 108 2.71 -53.12 -64.22
C ALA D 108 1.53 -52.15 -64.20
N ILE D 109 0.41 -52.61 -63.65
CA ILE D 109 -0.74 -51.69 -63.50
C ILE D 109 -0.57 -50.98 -62.14
N TYR D 110 -0.54 -49.64 -62.15
CA TYR D 110 -0.27 -48.90 -60.89
C TYR D 110 -1.58 -48.37 -60.35
N TYR D 111 -1.93 -48.81 -59.15
CA TYR D 111 -3.26 -48.44 -58.62
C TYR D 111 -3.18 -47.62 -57.34
N CYS D 112 -3.35 -46.31 -57.47
CA CYS D 112 -3.49 -45.51 -56.24
C CYS D 112 -4.92 -45.81 -55.80
N ALA D 113 -5.18 -45.73 -54.50
CA ALA D 113 -6.53 -46.00 -54.00
C ALA D 113 -6.84 -45.00 -52.89
N ALA D 114 -8.01 -45.13 -52.26
CA ALA D 114 -8.41 -44.18 -51.21
C ALA D 114 -8.79 -44.91 -49.91
N ASP D 115 -8.54 -44.27 -48.78
CA ASP D 115 -8.94 -44.86 -47.47
C ASP D 115 -9.49 -43.72 -46.64
N LYS D 116 -10.42 -44.03 -45.72
CA LYS D 116 -11.02 -42.99 -44.86
C LYS D 116 -9.87 -42.29 -44.13
N ASP D 117 -10.00 -41.00 -43.82
CA ASP D 117 -8.83 -40.24 -43.28
C ASP D 117 -8.21 -40.86 -42.02
N VAL D 118 -6.88 -40.94 -41.98
CA VAL D 118 -6.17 -41.51 -40.78
C VAL D 118 -5.59 -40.33 -40.00
N TYR D 119 -5.41 -40.48 -38.69
CA TYR D 119 -4.95 -39.33 -37.88
C TYR D 119 -3.63 -38.88 -38.49
N TYR D 120 -2.73 -39.83 -38.71
CA TYR D 120 -1.43 -39.50 -39.32
C TYR D 120 -0.81 -40.75 -39.91
N GLY D 121 0.25 -40.57 -40.70
CA GLY D 121 1.03 -41.75 -41.09
C GLY D 121 0.42 -42.68 -42.09
N TYR D 122 0.91 -43.90 -42.07
CA TYR D 122 0.53 -44.75 -43.20
C TYR D 122 0.08 -46.14 -42.88
N THR D 123 -0.73 -46.78 -43.71
CA THR D 123 -1.00 -48.22 -43.52
C THR D 123 -0.47 -48.89 -44.79
N SER D 124 0.39 -49.89 -44.66
CA SER D 124 1.06 -50.47 -45.85
C SER D 124 0.50 -51.81 -46.34
N PHE D 125 -0.64 -52.27 -45.83
CA PHE D 125 -1.18 -53.53 -46.41
C PHE D 125 -1.94 -53.18 -47.70
N PRO D 126 -1.61 -53.80 -48.85
CA PRO D 126 -2.26 -53.44 -50.11
C PRO D 126 -3.80 -53.52 -50.07
N ASN D 127 -4.37 -54.33 -49.19
CA ASN D 127 -5.85 -54.40 -49.01
C ASN D 127 -6.36 -53.17 -48.23
N GLU D 128 -5.50 -52.47 -47.47
CA GLU D 128 -5.98 -51.39 -46.57
C GLU D 128 -6.70 -50.29 -47.35
N TYR D 129 -6.38 -50.15 -48.62
CA TYR D 129 -7.13 -49.18 -49.46
C TYR D 129 -8.40 -49.82 -50.00
N GLU D 130 -9.54 -49.19 -49.78
CA GLU D 130 -10.83 -49.85 -50.13
C GLU D 130 -11.36 -49.36 -51.49
N TYR D 131 -11.38 -48.05 -51.71
CA TYR D 131 -11.88 -47.52 -53.01
C TYR D 131 -10.71 -47.54 -53.97
N TRP D 132 -10.84 -48.27 -55.05
CA TRP D 132 -9.71 -48.47 -55.99
C TRP D 132 -10.00 -47.73 -57.27
N GLY D 133 -8.96 -47.17 -57.89
CA GLY D 133 -9.18 -46.35 -59.10
C GLY D 133 -9.16 -47.11 -60.41
N GLN D 134 -8.73 -46.45 -61.48
CA GLN D 134 -8.61 -47.10 -62.81
C GLN D 134 -7.15 -47.48 -63.08
N GLY D 135 -6.22 -46.63 -62.65
CA GLY D 135 -4.79 -46.97 -62.79
C GLY D 135 -4.07 -46.22 -63.89
N THR D 136 -2.77 -45.98 -63.70
CA THR D 136 -1.92 -45.36 -64.75
C THR D 136 -0.77 -46.35 -64.98
N GLN D 137 -0.59 -46.79 -66.22
CA GLN D 137 0.40 -47.88 -66.42
C GLN D 137 1.68 -47.29 -67.01
N VAL D 138 2.78 -47.42 -66.28
CA VAL D 138 4.09 -46.99 -66.84
C VAL D 138 4.62 -48.16 -67.66
N THR D 139 5.52 -47.87 -68.58
CA THR D 139 6.08 -48.96 -69.42
C THR D 139 7.61 -48.94 -69.38
N VAL D 140 8.22 -50.09 -69.15
CA VAL D 140 9.70 -50.20 -69.26
C VAL D 140 9.95 -51.35 -70.24
N SER D 141 10.70 -51.10 -71.31
CA SER D 141 10.93 -52.16 -72.33
C SER D 141 12.41 -52.55 -72.35
N SER D 142 12.70 -53.82 -72.06
CA SER D 142 14.10 -54.31 -72.09
C SER D 142 14.24 -55.49 -73.06
N GLN E 17 -36.09 -56.71 -25.26
CA GLN E 17 -37.13 -57.29 -24.38
C GLN E 17 -36.47 -57.51 -23.04
N VAL E 18 -37.18 -57.25 -21.93
CA VAL E 18 -36.51 -57.35 -20.60
C VAL E 18 -36.71 -58.77 -20.08
N GLN E 19 -35.62 -59.45 -19.76
CA GLN E 19 -35.77 -60.81 -19.18
C GLN E 19 -35.98 -60.61 -17.68
N LEU E 20 -37.18 -60.15 -17.32
CA LEU E 20 -37.47 -59.90 -15.89
C LEU E 20 -37.98 -61.22 -15.29
N VAL E 21 -37.21 -61.80 -14.36
CA VAL E 21 -37.58 -63.14 -13.81
C VAL E 21 -37.31 -63.13 -12.30
N GLU E 22 -38.01 -63.97 -11.55
CA GLU E 22 -37.83 -64.01 -10.08
C GLU E 22 -37.75 -65.46 -9.61
N SER E 23 -37.06 -65.69 -8.50
CA SER E 23 -36.90 -67.06 -7.93
C SER E 23 -36.84 -66.96 -6.41
N GLY E 24 -36.74 -68.11 -5.71
CA GLY E 24 -36.61 -68.09 -4.25
C GLY E 24 -37.89 -68.39 -3.50
N GLY E 25 -38.65 -69.41 -3.96
CA GLY E 25 -39.95 -69.73 -3.33
C GLY E 25 -40.07 -71.14 -2.77
N GLY E 26 -40.55 -71.26 -1.52
CA GLY E 26 -40.79 -72.58 -0.91
C GLY E 26 -41.70 -72.50 0.31
N LEU E 27 -42.30 -73.63 0.73
CA LEU E 27 -43.13 -73.64 1.96
C LEU E 27 -42.22 -73.51 3.19
N VAL E 28 -42.64 -72.70 4.15
CA VAL E 28 -41.80 -72.46 5.35
C VAL E 28 -42.74 -72.11 6.50
N GLN E 29 -42.29 -72.31 7.73
CA GLN E 29 -43.09 -71.91 8.91
C GLN E 29 -43.10 -70.39 9.03
N ALA E 30 -43.95 -69.86 9.91
CA ALA E 30 -43.96 -68.41 10.13
C ALA E 30 -42.59 -67.95 10.64
N GLY E 31 -42.09 -66.81 10.16
CA GLY E 31 -40.84 -66.23 10.69
C GLY E 31 -39.57 -66.70 10.01
N GLY E 32 -39.66 -67.60 9.04
CA GLY E 32 -38.45 -67.98 8.29
C GLY E 32 -37.94 -66.81 7.44
N SER E 33 -36.62 -66.56 7.46
CA SER E 33 -36.04 -65.42 6.70
C SER E 33 -35.69 -65.87 5.28
N LEU E 34 -36.51 -65.49 4.29
CA LEU E 34 -36.28 -65.94 2.88
C LEU E 34 -36.20 -64.69 2.01
N ARG E 35 -35.54 -64.78 0.86
CA ARG E 35 -35.30 -63.56 0.06
C ARG E 35 -35.82 -63.70 -1.37
N LEU E 36 -35.88 -62.58 -2.09
CA LEU E 36 -36.35 -62.59 -3.50
C LEU E 36 -35.21 -62.11 -4.39
N SER E 37 -35.45 -62.15 -5.70
CA SER E 37 -34.40 -61.70 -6.64
C SER E 37 -35.07 -61.07 -7.86
N CYS E 38 -34.87 -59.78 -8.07
CA CYS E 38 -35.40 -59.15 -9.31
C CYS E 38 -34.26 -59.14 -10.33
N ALA E 39 -34.45 -59.84 -11.44
CA ALA E 39 -33.41 -59.88 -12.49
C ALA E 39 -33.85 -58.96 -13.63
N ALA E 40 -33.01 -57.98 -13.97
CA ALA E 40 -33.35 -57.06 -15.07
C ALA E 40 -32.24 -56.97 -16.11
N SER E 41 -32.49 -57.47 -17.32
CA SER E 41 -31.53 -57.32 -18.45
C SER E 41 -32.25 -56.46 -19.48
N GLY E 42 -31.59 -56.10 -20.56
CA GLY E 42 -32.21 -55.22 -21.57
C GLY E 42 -32.16 -53.77 -21.12
N ARG E 43 -33.20 -53.29 -20.45
CA ARG E 43 -33.28 -51.86 -20.07
C ARG E 43 -32.52 -51.59 -18.76
N THR E 44 -32.66 -50.36 -18.23
CA THR E 44 -31.93 -49.97 -17.01
C THR E 44 -32.65 -50.37 -15.73
N PHE E 45 -31.92 -50.96 -14.77
CA PHE E 45 -32.51 -51.24 -13.43
C PHE E 45 -31.82 -50.32 -12.43
N SER E 46 -30.67 -49.76 -12.82
CA SER E 46 -29.89 -48.85 -11.94
C SER E 46 -30.63 -47.53 -11.67
N SER E 47 -31.31 -46.99 -12.68
CA SER E 47 -31.94 -45.65 -12.48
C SER E 47 -33.41 -45.77 -12.12
N TYR E 48 -34.08 -46.81 -12.60
CA TYR E 48 -35.55 -46.81 -12.42
C TYR E 48 -36.00 -47.00 -10.98
N SER E 49 -37.17 -46.45 -10.65
CA SER E 49 -37.79 -46.74 -9.34
C SER E 49 -38.72 -47.90 -9.63
N MET E 50 -38.78 -48.90 -8.74
CA MET E 50 -39.58 -50.10 -9.06
C MET E 50 -40.48 -50.52 -7.90
N GLY E 51 -41.35 -51.51 -8.14
CA GLY E 51 -42.28 -51.99 -7.11
C GLY E 51 -42.46 -53.50 -7.19
N TRP E 52 -43.02 -54.10 -6.14
CA TRP E 52 -43.22 -55.57 -6.10
C TRP E 52 -44.71 -55.87 -6.05
N PHE E 53 -45.14 -56.97 -6.68
CA PHE E 53 -46.59 -57.27 -6.79
C PHE E 53 -46.91 -58.75 -6.58
N ARG E 54 -48.19 -59.04 -6.34
CA ARG E 54 -48.64 -60.45 -6.21
C ARG E 54 -50.06 -60.56 -6.76
N GLN E 55 -50.47 -61.77 -7.16
CA GLN E 55 -51.87 -62.00 -7.58
C GLN E 55 -52.51 -62.92 -6.53
N ALA E 56 -53.15 -62.33 -5.51
CA ALA E 56 -53.70 -63.14 -4.40
C ALA E 56 -54.79 -64.06 -4.95
N GLN E 57 -54.78 -65.32 -4.52
CA GLN E 57 -55.76 -66.31 -5.03
C GLN E 57 -57.07 -66.05 -4.30
N GLY E 58 -58.15 -65.84 -5.07
CA GLY E 58 -59.44 -65.51 -4.46
C GLY E 58 -59.56 -64.01 -4.17
N LYS E 59 -58.53 -63.23 -4.52
CA LYS E 59 -58.56 -61.75 -4.34
C LYS E 59 -58.01 -61.14 -5.62
N GLU E 60 -57.69 -59.84 -5.60
CA GLU E 60 -57.14 -59.16 -6.80
C GLU E 60 -55.66 -58.80 -6.59
N ARG E 61 -55.03 -58.23 -7.62
CA ARG E 61 -53.60 -57.85 -7.53
C ARG E 61 -53.45 -56.78 -6.46
N GLU E 62 -52.44 -56.94 -5.61
CA GLU E 62 -52.26 -55.98 -4.49
C GLU E 62 -50.78 -55.64 -4.35
N PHE E 63 -50.47 -54.43 -3.88
CA PHE E 63 -49.07 -53.93 -3.84
C PHE E 63 -48.23 -54.60 -2.75
N VAL E 64 -46.93 -54.68 -3.00
CA VAL E 64 -46.03 -55.33 -2.00
C VAL E 64 -45.04 -54.33 -1.43
N ALA E 65 -44.17 -53.78 -2.29
CA ALA E 65 -43.12 -52.85 -1.81
C ALA E 65 -42.64 -51.98 -2.95
N THR E 66 -41.92 -50.92 -2.64
CA THR E 66 -41.37 -50.04 -3.70
C THR E 66 -40.06 -49.41 -3.23
N ILE E 67 -39.28 -48.91 -4.20
CA ILE E 67 -37.98 -48.27 -3.87
C ILE E 67 -37.63 -47.29 -4.98
N ASN E 68 -36.75 -46.33 -4.69
CA ASN E 68 -36.22 -45.47 -5.78
C ASN E 68 -34.87 -46.06 -6.21
N GLY E 69 -34.22 -45.46 -7.20
CA GLY E 69 -32.99 -46.08 -7.68
C GLY E 69 -31.88 -46.19 -6.63
N ASN E 70 -31.60 -45.14 -5.88
CA ASN E 70 -30.41 -45.15 -4.98
C ASN E 70 -30.80 -45.54 -3.56
N GLY E 71 -32.02 -46.02 -3.37
CA GLY E 71 -32.49 -46.41 -2.02
C GLY E 71 -32.55 -45.21 -1.09
N ARG E 72 -33.09 -44.10 -1.58
CA ARG E 72 -33.26 -42.91 -0.72
C ARG E 72 -34.69 -42.82 -0.20
N ASP E 73 -35.58 -43.74 -0.62
CA ASP E 73 -36.95 -43.77 -0.03
C ASP E 73 -37.52 -45.18 -0.13
N THR E 74 -38.49 -45.51 0.71
CA THR E 74 -39.19 -46.82 0.60
C THR E 74 -40.68 -46.60 0.87
N TYR E 75 -41.54 -47.50 0.39
CA TYR E 75 -42.98 -47.42 0.77
C TYR E 75 -43.58 -48.82 0.68
N TYR E 76 -44.63 -49.05 1.47
CA TYR E 76 -45.26 -50.38 1.51
C TYR E 76 -46.76 -50.22 1.72
N THR E 77 -47.47 -51.35 1.68
CA THR E 77 -48.93 -51.33 1.91
C THR E 77 -49.28 -51.45 3.39
N ASN E 78 -50.57 -51.54 3.73
CA ASN E 78 -51.03 -51.51 5.15
C ASN E 78 -50.64 -52.69 6.03
N SER E 79 -50.71 -53.93 5.54
CA SER E 79 -50.55 -55.09 6.45
C SER E 79 -49.09 -55.51 6.60
N VAL E 80 -48.17 -54.70 6.13
CA VAL E 80 -46.73 -55.11 6.15
C VAL E 80 -45.97 -54.15 7.06
N LYS E 81 -46.61 -53.72 8.15
CA LYS E 81 -46.01 -52.70 9.06
C LYS E 81 -44.67 -53.16 9.65
N GLY E 82 -44.52 -54.42 10.04
CA GLY E 82 -43.19 -54.84 10.55
C GLY E 82 -42.55 -56.01 9.83
N ARG E 83 -43.22 -56.58 8.83
CA ARG E 83 -42.68 -57.82 8.21
C ARG E 83 -41.75 -57.54 7.02
N PHE E 84 -41.74 -56.31 6.51
CA PHE E 84 -41.03 -56.09 5.24
C PHE E 84 -39.90 -55.06 5.28
N THR E 85 -38.94 -55.21 4.37
CA THR E 85 -37.89 -54.17 4.17
C THR E 85 -37.39 -54.32 2.74
N ILE E 86 -37.15 -53.19 2.07
CA ILE E 86 -36.72 -53.24 0.64
C ILE E 86 -35.30 -52.68 0.54
N SER E 87 -34.42 -53.42 -0.13
CA SER E 87 -33.00 -53.01 -0.22
C SER E 87 -32.45 -53.47 -1.56
N ARG E 88 -31.38 -52.84 -2.02
CA ARG E 88 -30.94 -53.12 -3.41
C ARG E 88 -29.64 -53.91 -3.48
N ASP E 89 -29.54 -54.81 -4.47
CA ASP E 89 -28.26 -55.50 -4.77
C ASP E 89 -27.71 -54.74 -5.98
N ASP E 90 -26.42 -54.41 -5.96
CA ASP E 90 -25.87 -53.60 -7.07
C ASP E 90 -25.07 -54.47 -8.04
N ALA E 91 -24.56 -55.61 -7.60
CA ALA E 91 -23.70 -56.39 -8.52
C ALA E 91 -24.54 -56.86 -9.71
N THR E 92 -25.73 -57.38 -9.44
CA THR E 92 -26.58 -57.92 -10.52
C THR E 92 -27.81 -57.03 -10.66
N ASN E 93 -27.79 -55.87 -10.01
CA ASN E 93 -28.95 -54.95 -10.08
C ASN E 93 -30.20 -55.72 -9.66
N THR E 94 -30.16 -56.26 -8.44
CA THR E 94 -31.33 -57.01 -7.91
C THR E 94 -31.86 -56.25 -6.71
N VAL E 95 -33.15 -56.41 -6.42
CA VAL E 95 -33.67 -55.80 -5.18
C VAL E 95 -34.16 -56.94 -4.29
N TYR E 96 -33.67 -56.98 -3.06
CA TYR E 96 -34.10 -58.01 -2.11
C TYR E 96 -35.41 -57.63 -1.44
N LEU E 97 -36.04 -58.62 -0.80
CA LEU E 97 -37.25 -58.36 0.01
C LEU E 97 -37.03 -59.20 1.26
N GLN E 98 -36.33 -58.63 2.24
CA GLN E 98 -36.00 -59.40 3.46
C GLN E 98 -37.29 -59.40 4.28
N MET E 99 -37.91 -60.56 4.34
CA MET E 99 -39.24 -60.61 5.02
C MET E 99 -39.23 -61.71 6.08
N ASN E 100 -39.96 -61.47 7.17
CA ASN E 100 -39.98 -62.42 8.31
C ASN E 100 -41.33 -62.28 9.02
N SER E 101 -41.46 -62.97 10.17
CA SER E 101 -42.72 -62.86 10.95
C SER E 101 -43.89 -63.20 10.02
N LEU E 102 -43.82 -64.34 9.33
CA LEU E 102 -44.83 -64.70 8.28
C LEU E 102 -46.24 -64.91 8.80
N LYS E 103 -47.23 -64.65 7.94
CA LYS E 103 -48.66 -64.90 8.30
C LYS E 103 -49.27 -65.84 7.25
N PRO E 104 -50.04 -66.87 7.62
CA PRO E 104 -50.57 -67.83 6.64
C PRO E 104 -51.42 -67.20 5.52
N GLU E 105 -51.73 -65.91 5.62
CA GLU E 105 -52.56 -65.23 4.58
C GLU E 105 -51.65 -64.66 3.51
N ASP E 106 -50.35 -64.90 3.59
CA ASP E 106 -49.38 -64.27 2.64
C ASP E 106 -49.10 -65.14 1.42
N THR E 107 -49.77 -66.28 1.26
CA THR E 107 -49.39 -67.16 0.11
C THR E 107 -49.77 -66.53 -1.22
N ALA E 108 -48.78 -66.28 -2.07
CA ALA E 108 -49.02 -65.71 -3.43
C ALA E 108 -47.73 -65.81 -4.26
N ILE E 109 -47.80 -65.42 -5.53
CA ILE E 109 -46.56 -65.40 -6.36
C ILE E 109 -46.11 -63.95 -6.49
N TYR E 110 -44.87 -63.64 -6.13
CA TYR E 110 -44.43 -62.23 -6.07
C TYR E 110 -43.83 -61.75 -7.39
N TYR E 111 -44.22 -60.56 -7.86
CA TYR E 111 -43.78 -60.03 -9.17
C TYR E 111 -43.11 -58.68 -9.02
N CYS E 112 -41.88 -58.53 -9.51
CA CYS E 112 -41.24 -57.19 -9.50
C CYS E 112 -41.52 -56.54 -10.84
N ALA E 113 -41.72 -55.23 -10.86
CA ALA E 113 -42.15 -54.57 -12.12
C ALA E 113 -41.19 -53.47 -12.58
N ALA E 114 -41.63 -52.67 -13.56
CA ALA E 114 -40.79 -51.59 -14.12
C ALA E 114 -41.58 -50.29 -14.26
N ASP E 115 -40.91 -49.16 -14.04
CA ASP E 115 -41.56 -47.84 -14.14
C ASP E 115 -40.74 -46.90 -15.01
N LYS E 116 -41.35 -45.79 -15.41
CA LYS E 116 -40.61 -44.78 -16.19
C LYS E 116 -39.69 -44.01 -15.23
N ASP E 117 -38.92 -43.05 -15.75
CA ASP E 117 -37.93 -42.36 -14.89
C ASP E 117 -38.65 -41.72 -13.71
N VAL E 118 -38.13 -41.95 -12.51
CA VAL E 118 -38.72 -41.33 -11.29
C VAL E 118 -37.59 -40.55 -10.62
N TYR E 119 -37.87 -39.29 -10.29
CA TYR E 119 -36.83 -38.55 -9.55
C TYR E 119 -36.95 -38.91 -8.08
N TYR E 120 -38.13 -38.62 -7.49
CA TYR E 120 -38.35 -39.03 -6.09
C TYR E 120 -39.84 -39.15 -5.82
N GLY E 121 -40.21 -40.24 -5.17
CA GLY E 121 -41.62 -40.40 -4.80
C GLY E 121 -42.08 -41.85 -4.86
N TYR E 122 -43.16 -42.17 -4.15
CA TYR E 122 -43.65 -43.57 -4.08
C TYR E 122 -45.00 -43.80 -4.75
N THR E 123 -45.12 -44.86 -5.55
CA THR E 123 -46.39 -45.21 -6.22
C THR E 123 -46.67 -46.69 -5.95
N SER E 124 -47.95 -47.13 -5.93
CA SER E 124 -48.26 -48.52 -5.51
C SER E 124 -49.20 -49.26 -6.47
N PHE E 125 -49.76 -48.59 -7.46
CA PHE E 125 -50.81 -49.25 -8.28
C PHE E 125 -50.28 -50.49 -8.99
N PRO E 126 -51.05 -51.60 -9.00
CA PRO E 126 -50.64 -52.81 -9.71
C PRO E 126 -50.47 -52.54 -11.21
N ASN E 127 -51.25 -51.61 -11.77
CA ASN E 127 -51.21 -51.36 -13.24
C ASN E 127 -50.33 -50.15 -13.59
N GLU E 128 -49.89 -49.39 -12.59
CA GLU E 128 -48.99 -48.21 -12.84
C GLU E 128 -47.68 -48.74 -13.40
N TYR E 129 -47.44 -50.04 -13.21
CA TYR E 129 -46.14 -50.63 -13.61
C TYR E 129 -46.28 -51.19 -15.03
N GLU E 130 -45.46 -50.67 -15.95
CA GLU E 130 -45.55 -51.09 -17.37
C GLU E 130 -45.15 -52.56 -17.59
N TYR E 131 -44.08 -53.04 -16.94
CA TYR E 131 -43.56 -54.40 -17.24
C TYR E 131 -43.72 -55.32 -16.03
N TRP E 132 -43.98 -56.61 -16.26
CA TRP E 132 -44.14 -57.58 -15.15
C TRP E 132 -43.17 -58.73 -15.37
N GLY E 133 -42.82 -59.43 -14.30
CA GLY E 133 -41.85 -60.53 -14.41
C GLY E 133 -42.47 -61.91 -14.45
N GLN E 134 -41.65 -62.93 -14.20
CA GLN E 134 -42.15 -64.32 -14.17
C GLN E 134 -42.76 -64.64 -12.81
N GLY E 135 -42.12 -64.20 -11.72
CA GLY E 135 -42.70 -64.38 -10.38
C GLY E 135 -42.04 -65.41 -9.48
N THR E 136 -42.39 -65.37 -8.19
CA THR E 136 -41.90 -66.40 -7.23
C THR E 136 -43.07 -66.76 -6.32
N GLN E 137 -43.41 -68.04 -6.20
CA GLN E 137 -44.62 -68.42 -5.41
C GLN E 137 -44.25 -68.50 -3.93
N VAL E 138 -44.44 -67.41 -3.20
CA VAL E 138 -44.16 -67.45 -1.74
C VAL E 138 -45.31 -68.14 -1.01
N THR E 139 -45.00 -68.79 0.10
CA THR E 139 -46.05 -69.54 0.84
C THR E 139 -45.79 -69.46 2.34
N VAL E 140 -46.85 -69.57 3.16
CA VAL E 140 -46.68 -69.53 4.64
C VAL E 140 -47.46 -70.66 5.27
N SER E 141 -46.92 -71.27 6.33
CA SER E 141 -47.65 -72.33 7.09
C SER E 141 -47.35 -72.09 8.57
N SER E 142 -48.25 -72.47 9.47
CA SER E 142 -48.06 -72.24 10.92
C SER E 142 -46.84 -73.03 11.44
#